data_4TWD
#
_entry.id   4TWD
#
_cell.length_a   105.482
_cell.length_b   265.284
_cell.length_c   111.098
_cell.angle_alpha   90.00
_cell.angle_beta   110.28
_cell.angle_gamma   90.00
#
_symmetry.space_group_name_H-M   'P 1 21 1'
#
loop_
_entity.id
_entity.type
_entity.pdbx_description
1 polymer 'Cys-loop ligand-gated ion channel'
2 non-polymer Memantine
#
_entity_poly.entity_id   1
_entity_poly.type   'polypeptide(L)'
_entity_poly.pdbx_seq_one_letter_code
;PVDVSVSIFINKIYGVNTLEQTYKVDGYIVAQWTGKPRKTPGDKPLIVENTQIERWINNGLWVPALEFINVVGSPDTGNK
RLMLFPDGRVIYNARFLGSFSNDMDFRLFPFDRQQFVLELEPFSYNNQQLRFSDIQVYTENADNEEIDEWWIRGKASTHI
SDIRYDHLSSVQPNQNEFSRITVRIDAVRNPSYYLWSFILPLGLIIAASWSVFWLESFSERLQTSFTLMLTVVAYASYTS
NILPRLPYTTVIDQMIIAGYGSIFAAILLIIFAHHRQANGVEDDLLIQRCRLAFPLGFLAIGCVLVI
;
_entity_poly.pdbx_strand_id   A,B,C,D,E,F,G,H,I,J
#
# COMPACT_ATOMS: atom_id res chain seq x y z
N PRO A 1 59.67 -1.49 5.87
CA PRO A 1 58.61 -1.72 4.87
C PRO A 1 57.26 -1.96 5.53
N VAL A 2 56.39 -0.97 5.48
CA VAL A 2 55.09 -1.05 6.14
C VAL A 2 54.29 -2.18 5.49
N ASP A 3 53.83 -3.14 6.29
CA ASP A 3 52.92 -4.13 5.74
C ASP A 3 51.54 -3.50 5.71
N VAL A 4 50.95 -3.39 4.53
CA VAL A 4 49.55 -2.96 4.42
C VAL A 4 48.68 -4.09 3.85
N SER A 5 47.64 -4.48 4.60
CA SER A 5 46.66 -5.43 4.10
C SER A 5 45.47 -4.70 3.53
N VAL A 6 45.03 -5.14 2.37
CA VAL A 6 43.98 -4.43 1.65
C VAL A 6 42.77 -5.37 1.52
N SER A 7 41.56 -4.82 1.57
CA SER A 7 40.34 -5.59 1.32
C SER A 7 39.38 -4.80 0.45
N ILE A 8 38.87 -5.43 -0.62
CA ILE A 8 37.94 -4.76 -1.53
C ILE A 8 36.56 -5.41 -1.44
N PHE A 9 35.50 -4.62 -1.29
CA PHE A 9 34.13 -5.16 -1.34
C PHE A 9 33.44 -4.68 -2.64
N ILE A 10 33.23 -5.55 -3.61
CA ILE A 10 32.65 -5.13 -4.91
C ILE A 10 31.15 -5.18 -4.88
N ASN A 11 30.48 -4.06 -5.09
CA ASN A 11 29.02 -4.00 -4.94
C ASN A 11 28.23 -4.14 -6.21
N LYS A 12 28.74 -3.54 -7.28
CA LYS A 12 28.02 -3.49 -8.55
C LYS A 12 29.11 -3.29 -9.57
N ILE A 13 29.09 -4.08 -10.64
CA ILE A 13 29.94 -3.81 -11.79
C ILE A 13 28.96 -3.52 -12.92
N TYR A 14 29.00 -2.33 -13.49
CA TYR A 14 27.95 -1.99 -14.42
C TYR A 14 28.41 -0.94 -15.42
N GLY A 15 27.54 -0.63 -16.38
CA GLY A 15 27.82 0.41 -17.36
C GLY A 15 29.07 0.23 -18.21
N VAL A 16 29.25 -0.94 -18.79
CA VAL A 16 30.39 -1.15 -19.66
C VAL A 16 30.26 -0.16 -20.79
N ASN A 17 31.35 0.54 -21.15
CA ASN A 17 31.39 1.41 -22.33
C ASN A 17 32.33 0.85 -23.39
N THR A 18 31.74 0.25 -24.43
CA THR A 18 32.49 -0.47 -25.47
C THR A 18 33.46 0.36 -26.29
N LEU A 19 33.07 1.56 -26.70
CA LEU A 19 33.99 2.36 -27.48
C LEU A 19 35.23 2.73 -26.64
N GLU A 20 34.99 3.07 -25.39
CA GLU A 20 36.05 3.46 -24.45
C GLU A 20 36.82 2.31 -23.77
N GLN A 21 36.26 1.09 -23.78
CA GLN A 21 36.82 -0.02 -23.03
C GLN A 21 36.95 0.32 -21.55
N THR A 22 35.78 0.41 -20.93
CA THR A 22 35.55 1.01 -19.63
C THR A 22 34.34 0.32 -18.95
N TYR A 23 34.38 0.23 -17.63
CA TYR A 23 33.24 -0.32 -16.88
C TYR A 23 33.29 0.30 -15.49
N LYS A 24 32.14 0.37 -14.81
CA LYS A 24 32.00 1.00 -13.49
C LYS A 24 32.06 0.01 -12.38
N VAL A 25 32.77 0.35 -11.31
CA VAL A 25 32.80 -0.50 -10.12
C VAL A 25 32.43 0.29 -8.87
N ASP A 26 31.41 -0.17 -8.13
CA ASP A 26 31.06 0.43 -6.84
C ASP A 26 31.46 -0.53 -5.75
N GLY A 27 32.12 -0.05 -4.70
CA GLY A 27 32.51 -0.91 -3.59
C GLY A 27 33.26 -0.21 -2.48
N TYR A 28 33.83 -0.95 -1.51
CA TYR A 28 34.58 -0.30 -0.42
C TYR A 28 36.06 -0.77 -0.52
N ILE A 29 37.03 0.13 -0.26
CA ILE A 29 38.44 -0.28 -0.11
C ILE A 29 38.70 -0.28 1.37
N VAL A 30 39.48 -1.25 1.82
CA VAL A 30 39.95 -1.22 3.20
C VAL A 30 41.43 -1.52 3.30
N ALA A 31 42.17 -0.60 3.92
CA ALA A 31 43.61 -0.74 4.11
C ALA A 31 43.96 -0.71 5.59
N GLN A 32 44.83 -1.60 6.00
CA GLN A 32 45.21 -1.73 7.40
C GLN A 32 46.71 -1.90 7.58
N TRP A 33 47.26 -1.24 8.60
CA TRP A 33 48.69 -1.34 8.89
C TRP A 33 48.95 -0.92 10.33
N THR A 34 50.16 -1.14 10.81
CA THR A 34 50.51 -0.73 12.15
C THR A 34 51.60 0.33 12.23
N GLY A 35 51.29 1.43 12.91
CA GLY A 35 52.25 2.50 13.18
C GLY A 35 52.70 2.42 14.62
N LYS A 36 53.23 3.53 15.15
CA LYS A 36 53.66 3.54 16.55
C LYS A 36 52.47 3.84 17.44
N PRO A 37 52.39 3.14 18.59
CA PRO A 37 51.27 3.16 19.55
C PRO A 37 50.77 4.55 19.97
N ARG A 38 49.46 4.67 20.13
CA ARG A 38 48.81 5.95 20.42
C ARG A 38 47.96 5.80 21.68
N LYS A 39 47.66 6.92 22.32
CA LYS A 39 46.74 6.97 23.45
C LYS A 39 45.40 7.38 22.90
N THR A 40 44.42 6.49 23.01
CA THR A 40 43.09 6.78 22.51
C THR A 40 42.20 7.11 23.71
N PRO A 41 41.08 7.83 23.48
CA PRO A 41 40.10 8.01 24.55
C PRO A 41 39.75 6.67 25.19
N GLY A 42 39.96 6.57 26.50
CA GLY A 42 39.88 5.29 27.18
C GLY A 42 41.08 4.48 26.73
N ASP A 43 40.79 3.45 25.94
CA ASP A 43 41.84 2.65 25.33
C ASP A 43 41.11 1.83 24.30
N LYS A 44 39.85 2.22 24.11
CA LYS A 44 39.04 1.68 23.02
C LYS A 44 39.42 2.39 21.72
N PRO A 45 39.35 1.65 20.60
CA PRO A 45 39.72 2.18 19.29
C PRO A 45 38.98 3.46 18.99
N LEU A 46 39.66 4.38 18.34
CA LEU A 46 39.12 5.68 18.01
C LEU A 46 38.59 5.77 16.58
N ILE A 47 37.39 6.32 16.42
CA ILE A 47 36.84 6.50 15.09
C ILE A 47 36.96 7.95 14.59
N VAL A 48 37.44 8.08 13.36
CA VAL A 48 37.62 9.38 12.74
C VAL A 48 36.95 9.30 11.37
N GLU A 49 35.87 10.05 11.24
CA GLU A 49 35.12 9.99 10.00
C GLU A 49 35.41 11.21 9.12
N ASN A 50 35.17 11.05 7.82
CA ASN A 50 35.26 12.10 6.82
C ASN A 50 36.16 13.34 7.06
N THR A 51 35.53 14.48 7.33
CA THR A 51 36.23 15.75 7.57
C THR A 51 37.39 15.69 8.56
N GLN A 52 37.19 14.97 9.65
CA GLN A 52 38.17 14.88 10.71
C GLN A 52 39.42 14.10 10.35
N ILE A 53 39.40 13.43 9.19
CA ILE A 53 40.57 12.64 8.82
C ILE A 53 41.68 13.57 8.43
N GLU A 54 41.32 14.58 7.66
CA GLU A 54 42.31 15.54 7.24
C GLU A 54 42.95 16.18 8.45
N ARG A 55 42.13 16.51 9.43
CA ARG A 55 42.72 17.13 10.59
C ARG A 55 43.79 16.24 11.17
N TRP A 56 43.55 14.93 11.17
CA TRP A 56 44.55 14.00 11.69
C TRP A 56 45.79 13.92 10.79
N ILE A 57 45.58 14.08 9.50
CA ILE A 57 46.69 14.05 8.57
C ILE A 57 47.60 15.27 8.75
N ASN A 58 46.99 16.44 8.82
CA ASN A 58 47.73 17.70 8.97
C ASN A 58 48.62 17.68 10.18
N ASN A 59 48.22 16.93 11.20
CA ASN A 59 49.06 16.79 12.37
C ASN A 59 50.05 15.61 12.30
N GLY A 60 50.18 14.99 11.14
CA GLY A 60 51.25 14.02 10.97
C GLY A 60 50.84 12.56 11.00
N LEU A 61 49.56 12.29 10.78
CA LEU A 61 49.15 10.91 10.70
C LEU A 61 49.65 10.44 9.37
N TRP A 62 50.35 9.32 9.33
CA TRP A 62 50.77 8.79 8.04
C TRP A 62 49.61 8.05 7.38
N VAL A 63 49.03 8.67 6.37
CA VAL A 63 47.99 8.00 5.62
C VAL A 63 48.36 7.93 4.16
N PRO A 64 48.94 6.81 3.72
CA PRO A 64 49.50 6.73 2.36
C PRO A 64 48.41 6.67 1.32
N ALA A 65 48.61 7.39 0.21
CA ALA A 65 47.70 7.34 -0.93
C ALA A 65 47.91 6.07 -1.74
N LEU A 66 46.88 5.22 -1.79
CA LEU A 66 46.89 4.01 -2.63
C LEU A 66 46.02 4.22 -3.87
N GLU A 67 46.65 4.33 -5.04
CA GLU A 67 45.95 4.71 -6.30
C GLU A 67 45.39 3.58 -7.15
N PHE A 68 44.22 3.77 -7.74
CA PHE A 68 43.72 2.77 -8.66
C PHE A 68 44.37 2.99 -10.04
N ILE A 69 45.39 2.20 -10.35
CA ILE A 69 46.13 2.39 -11.58
C ILE A 69 45.22 2.51 -12.79
N ASN A 70 44.29 1.58 -12.94
CA ASN A 70 43.52 1.52 -14.16
C ASN A 70 42.22 2.27 -14.07
N VAL A 71 42.15 3.27 -13.20
CA VAL A 71 40.94 4.09 -13.17
C VAL A 71 40.98 5.30 -14.12
N VAL A 72 39.91 5.48 -14.87
CA VAL A 72 39.78 6.57 -15.78
C VAL A 72 39.12 7.77 -15.17
N GLY A 73 39.91 8.81 -14.90
CA GLY A 73 39.35 9.89 -14.13
C GLY A 73 39.55 9.55 -12.69
N SER A 74 39.07 10.40 -11.81
CA SER A 74 39.27 10.14 -10.41
C SER A 74 37.94 9.63 -9.82
N PRO A 75 38.00 8.61 -8.95
CA PRO A 75 36.84 7.90 -8.42
C PRO A 75 35.96 8.80 -7.56
N ASP A 76 34.64 8.60 -7.55
CA ASP A 76 33.74 9.28 -6.62
C ASP A 76 33.90 8.65 -5.26
N THR A 77 34.29 9.42 -4.25
CA THR A 77 34.37 8.83 -2.93
C THR A 77 33.20 9.22 -2.02
N GLY A 78 32.60 8.22 -1.37
CA GLY A 78 31.55 8.45 -0.36
C GLY A 78 32.20 8.60 1.01
N ASN A 79 31.65 7.97 2.04
CA ASN A 79 32.22 8.12 3.37
C ASN A 79 33.61 7.52 3.60
N LYS A 80 34.41 8.17 4.43
CA LYS A 80 35.72 7.62 4.78
C LYS A 80 35.74 7.47 6.29
N ARG A 81 36.51 6.53 6.79
CA ARG A 81 36.61 6.37 8.21
C ARG A 81 38.03 5.93 8.56
N LEU A 82 38.58 6.51 9.61
CA LEU A 82 39.83 6.02 10.15
C LEU A 82 39.49 5.45 11.49
N MET A 83 39.97 4.24 11.73
CA MET A 83 39.88 3.57 13.03
C MET A 83 41.29 3.45 13.60
N LEU A 84 41.52 4.21 14.67
CA LEU A 84 42.82 4.24 15.34
C LEU A 84 42.76 3.41 16.61
N PHE A 85 43.46 2.28 16.61
CA PHE A 85 43.56 1.42 17.78
C PHE A 85 44.79 1.82 18.56
N PRO A 86 44.76 1.61 19.90
CA PRO A 86 45.84 2.09 20.78
C PRO A 86 47.21 1.42 20.57
N ASP A 87 47.22 0.16 20.14
CA ASP A 87 48.46 -0.58 19.97
C ASP A 87 49.28 -0.11 18.77
N GLY A 88 48.72 0.82 18.00
CA GLY A 88 49.41 1.37 16.85
C GLY A 88 48.66 1.24 15.55
N ARG A 89 47.95 0.13 15.38
CA ARG A 89 47.32 -0.19 14.11
C ARG A 89 46.31 0.87 13.66
N VAL A 90 46.19 0.99 12.35
CA VAL A 90 45.33 1.98 11.75
C VAL A 90 44.50 1.29 10.70
N ILE A 91 43.21 1.61 10.67
CA ILE A 91 42.34 1.07 9.63
C ILE A 91 41.67 2.15 8.78
N TYR A 92 41.97 2.14 7.49
CA TYR A 92 41.34 3.06 6.60
C TYR A 92 40.18 2.41 5.88
N ASN A 93 39.08 3.10 5.82
CA ASN A 93 37.88 2.54 5.23
C ASN A 93 37.10 3.57 4.40
N ALA A 94 36.90 3.27 3.13
CA ALA A 94 36.20 4.23 2.29
C ALA A 94 35.44 3.55 1.17
N ARG A 95 34.30 4.16 0.83
CA ARG A 95 33.51 3.72 -0.31
C ARG A 95 33.88 4.51 -1.56
N PHE A 96 33.82 3.82 -2.70
CA PHE A 96 34.21 4.39 -3.97
C PHE A 96 33.31 3.97 -5.14
N LEU A 97 33.24 4.83 -6.15
CA LEU A 97 32.61 4.48 -7.40
C LEU A 97 33.52 4.94 -8.52
N GLY A 98 33.99 4.03 -9.35
CA GLY A 98 34.99 4.38 -10.32
C GLY A 98 34.69 3.82 -11.69
N SER A 99 35.25 4.49 -12.70
CA SER A 99 35.19 4.01 -14.05
C SER A 99 36.55 3.37 -14.34
N PHE A 100 36.59 2.06 -14.57
CA PHE A 100 37.87 1.40 -14.72
C PHE A 100 38.07 0.96 -16.16
N SER A 101 39.36 0.83 -16.50
CA SER A 101 39.79 0.60 -17.86
C SER A 101 40.44 -0.76 -17.95
N ASN A 102 40.17 -1.47 -19.04
CA ASN A 102 40.85 -2.72 -19.30
C ASN A 102 40.57 -3.07 -20.73
N ASP A 103 41.49 -3.86 -21.29
CA ASP A 103 41.44 -4.30 -22.66
C ASP A 103 40.20 -5.10 -22.89
N MET A 104 39.34 -4.66 -23.80
CA MET A 104 38.09 -5.39 -24.04
C MET A 104 37.84 -5.68 -25.51
N ASP A 105 37.96 -6.96 -25.83
CA ASP A 105 37.72 -7.50 -27.16
C ASP A 105 36.24 -7.79 -27.26
N PHE A 106 35.53 -7.16 -28.19
CA PHE A 106 34.09 -7.36 -28.28
C PHE A 106 33.72 -8.08 -29.56
N ARG A 107 34.69 -8.72 -30.19
CA ARG A 107 34.40 -9.21 -31.53
C ARG A 107 33.37 -10.35 -31.60
N LEU A 108 33.30 -11.24 -30.62
CA LEU A 108 32.25 -12.26 -30.72
C LEU A 108 30.95 -11.90 -30.02
N PHE A 109 30.67 -10.60 -29.95
CA PHE A 109 29.40 -10.09 -29.46
C PHE A 109 28.31 -10.74 -30.30
N PRO A 110 27.22 -11.18 -29.65
CA PRO A 110 26.95 -11.04 -28.23
C PRO A 110 27.43 -12.22 -27.40
N PHE A 111 28.53 -12.86 -27.77
CA PHE A 111 28.93 -14.02 -26.98
C PHE A 111 30.30 -13.81 -26.37
N ASP A 112 30.61 -12.55 -26.08
CA ASP A 112 31.91 -12.17 -25.55
C ASP A 112 32.08 -12.55 -24.11
N ARG A 113 33.34 -12.81 -23.74
CA ARG A 113 33.73 -13.02 -22.36
C ARG A 113 34.57 -11.80 -22.02
N GLN A 114 34.32 -11.16 -20.89
CA GLN A 114 35.10 -10.00 -20.49
C GLN A 114 35.68 -10.19 -19.09
N GLN A 115 36.73 -9.46 -18.72
CA GLN A 115 37.18 -9.52 -17.33
C GLN A 115 37.35 -8.15 -16.65
N PHE A 116 36.56 -7.94 -15.62
CA PHE A 116 36.59 -6.70 -14.90
C PHE A 116 37.83 -6.70 -13.98
N VAL A 117 38.65 -5.65 -14.08
CA VAL A 117 39.93 -5.60 -13.37
C VAL A 117 40.08 -4.38 -12.47
N LEU A 118 40.66 -4.60 -11.30
CA LEU A 118 41.06 -3.51 -10.45
C LEU A 118 42.57 -3.61 -10.22
N GLU A 119 43.28 -2.51 -10.34
CA GLU A 119 44.71 -2.49 -10.02
C GLU A 119 45.06 -1.43 -9.01
N LEU A 120 45.65 -1.84 -7.89
CA LEU A 120 45.92 -0.95 -6.80
C LEU A 120 47.41 -0.87 -6.56
N GLU A 121 47.94 0.34 -6.49
CA GLU A 121 49.37 0.54 -6.34
C GLU A 121 49.59 1.90 -5.69
N PRO A 122 50.44 1.92 -4.66
CA PRO A 122 50.75 3.15 -3.95
C PRO A 122 51.27 4.23 -4.89
N PHE A 123 50.87 5.46 -4.62
CA PHE A 123 51.21 6.61 -5.45
C PHE A 123 52.61 7.13 -5.15
N SER A 124 53.09 6.98 -3.91
CA SER A 124 54.37 7.59 -3.58
C SER A 124 55.42 6.67 -2.95
N TYR A 125 55.00 5.49 -2.45
CA TYR A 125 55.96 4.61 -1.77
C TYR A 125 56.28 3.30 -2.50
N ASN A 126 57.58 3.02 -2.65
CA ASN A 126 58.04 1.81 -3.34
C ASN A 126 57.93 0.56 -2.46
N ASN A 127 58.17 -0.61 -3.05
CA ASN A 127 58.02 -1.88 -2.33
C ASN A 127 58.86 -2.00 -1.06
N GLN A 128 59.90 -1.18 -0.94
CA GLN A 128 60.71 -1.15 0.28
C GLN A 128 60.14 -0.22 1.35
N GLN A 129 59.18 0.61 0.98
CA GLN A 129 58.52 1.50 1.93
C GLN A 129 57.16 0.95 2.37
N LEU A 130 56.34 0.58 1.39
CA LEU A 130 54.97 0.10 1.62
C LEU A 130 54.79 -1.13 0.75
N ARG A 131 54.43 -2.25 1.39
CA ARG A 131 54.31 -3.52 0.70
C ARG A 131 52.90 -4.07 0.95
N PHE A 132 52.28 -4.63 -0.09
CA PHE A 132 50.98 -5.25 0.11
C PHE A 132 51.12 -6.64 0.69
N SER A 133 50.67 -6.80 1.93
CA SER A 133 50.88 -8.05 2.66
C SER A 133 49.94 -9.17 2.23
N ASP A 134 48.68 -8.84 1.95
CA ASP A 134 47.72 -9.81 1.42
C ASP A 134 46.49 -9.07 0.92
N ILE A 135 45.60 -9.76 0.22
CA ILE A 135 44.34 -9.12 -0.16
C ILE A 135 43.16 -10.05 -0.43
N GLN A 136 42.06 -9.85 0.29
CA GLN A 136 40.81 -10.54 -0.04
C GLN A 136 39.80 -9.65 -0.70
N VAL A 137 39.05 -10.23 -1.60
CA VAL A 137 38.05 -9.50 -2.34
C VAL A 137 36.78 -10.24 -2.10
N TYR A 138 35.75 -9.54 -1.68
CA TYR A 138 34.45 -10.16 -1.48
C TYR A 138 33.51 -9.72 -2.58
N THR A 139 33.05 -10.70 -3.35
CA THR A 139 32.06 -10.45 -4.38
C THR A 139 30.72 -10.91 -3.87
N GLU A 140 30.04 -9.99 -3.20
CA GLU A 140 28.71 -10.22 -2.63
C GLU A 140 27.68 -10.46 -3.74
N ASN A 141 28.02 -11.37 -4.65
CA ASN A 141 27.22 -11.61 -5.83
C ASN A 141 26.54 -12.99 -5.74
N ALA A 142 25.47 -13.17 -6.52
CA ALA A 142 24.65 -14.39 -6.49
C ALA A 142 23.40 -14.24 -7.37
N ASP A 143 22.72 -15.37 -7.57
CA ASP A 143 21.35 -15.50 -8.14
C ASP A 143 21.00 -14.79 -9.44
N ASN A 144 19.73 -14.95 -9.81
CA ASN A 144 19.07 -14.11 -10.82
C ASN A 144 19.83 -13.61 -12.03
N GLU A 145 20.72 -14.41 -12.62
CA GLU A 145 21.52 -13.91 -13.75
C GLU A 145 20.59 -13.38 -14.84
N GLU A 146 19.48 -14.08 -14.98
CA GLU A 146 18.56 -13.90 -16.09
C GLU A 146 18.01 -12.48 -16.18
N ILE A 147 18.17 -11.74 -15.08
CA ILE A 147 17.68 -10.39 -14.85
C ILE A 147 18.74 -9.35 -15.14
N ASP A 148 20.00 -9.79 -15.07
CA ASP A 148 21.20 -8.96 -15.16
C ASP A 148 21.86 -8.99 -16.55
N GLU A 149 22.53 -7.91 -16.91
CA GLU A 149 23.21 -7.79 -18.20
C GLU A 149 24.41 -8.73 -18.31
N TRP A 150 25.18 -8.83 -17.23
CA TRP A 150 26.39 -9.64 -17.18
C TRP A 150 26.30 -10.80 -16.23
N TRP A 151 26.89 -11.93 -16.60
CA TRP A 151 26.92 -13.08 -15.71
C TRP A 151 28.28 -13.27 -15.09
N ILE A 152 28.41 -12.83 -13.82
CA ILE A 152 29.67 -12.94 -13.12
C ILE A 152 29.84 -14.40 -12.90
N ARG A 153 31.03 -14.89 -13.17
CA ARG A 153 31.30 -16.30 -13.12
C ARG A 153 32.21 -16.76 -11.99
N GLY A 154 33.39 -16.19 -11.90
CA GLY A 154 34.34 -16.71 -10.92
C GLY A 154 34.19 -16.13 -9.53
N LYS A 155 35.15 -16.40 -8.66
CA LYS A 155 35.05 -15.83 -7.34
C LYS A 155 36.09 -14.75 -7.16
N ALA A 156 36.72 -14.39 -8.28
CA ALA A 156 37.73 -13.31 -8.40
C ALA A 156 39.18 -13.76 -8.25
N SER A 157 39.97 -13.49 -9.27
CA SER A 157 41.37 -13.87 -9.29
C SER A 157 42.13 -12.77 -8.58
N THR A 158 43.15 -13.16 -7.82
CA THR A 158 43.91 -12.21 -7.04
C THR A 158 45.38 -12.46 -7.12
N HIS A 159 46.13 -11.39 -7.24
CA HIS A 159 47.57 -11.48 -7.30
C HIS A 159 48.23 -10.23 -6.74
N ILE A 160 49.05 -10.44 -5.72
CA ILE A 160 49.95 -9.42 -5.27
C ILE A 160 51.25 -9.66 -5.99
N SER A 161 51.81 -8.57 -6.52
CA SER A 161 52.96 -8.66 -7.42
C SER A 161 53.87 -7.47 -7.24
N ASP A 162 55.01 -7.51 -7.92
CA ASP A 162 55.97 -6.42 -7.91
C ASP A 162 56.15 -5.85 -9.32
N ILE A 163 55.86 -4.56 -9.44
CA ILE A 163 55.96 -3.85 -10.71
C ILE A 163 57.26 -3.03 -10.77
N ARG A 164 58.04 -3.26 -11.80
CA ARG A 164 59.31 -2.54 -11.90
C ARG A 164 59.23 -1.41 -12.91
N TYR A 165 59.58 -0.22 -12.46
CA TYR A 165 59.61 0.95 -13.33
C TYR A 165 61.07 1.29 -13.62
N ASP A 166 61.41 1.39 -14.91
CA ASP A 166 62.80 1.61 -15.33
C ASP A 166 63.23 3.08 -15.37
N HIS A 167 62.28 4.01 -15.35
CA HIS A 167 62.64 5.41 -15.52
C HIS A 167 62.14 6.38 -14.45
N LEU A 168 63.04 6.70 -13.52
CA LEU A 168 62.78 7.69 -12.46
C LEU A 168 64.01 8.57 -12.18
N SER A 169 64.32 8.78 -10.89
CA SER A 169 65.37 9.72 -10.47
C SER A 169 66.82 9.25 -10.64
N SER A 170 67.71 9.99 -9.98
CA SER A 170 69.14 9.66 -9.89
C SER A 170 69.38 8.63 -8.78
N VAL A 171 68.44 7.70 -8.64
CA VAL A 171 68.47 6.69 -7.60
C VAL A 171 68.95 5.33 -8.12
N GLN A 172 69.91 4.74 -7.41
CA GLN A 172 70.53 3.48 -7.81
C GLN A 172 70.22 2.25 -6.92
N PRO A 173 70.17 2.42 -5.57
CA PRO A 173 70.02 1.22 -4.73
C PRO A 173 68.89 0.26 -5.10
N ASN A 174 67.64 0.66 -4.87
CA ASN A 174 66.52 -0.22 -5.19
C ASN A 174 65.13 0.48 -5.24
N GLN A 175 65.10 1.81 -5.32
CA GLN A 175 63.83 2.54 -5.17
C GLN A 175 62.96 2.62 -6.43
N ASN A 176 62.73 1.49 -7.09
CA ASN A 176 62.03 1.53 -8.38
C ASN A 176 61.05 0.39 -8.62
N GLU A 177 60.72 -0.33 -7.55
CA GLU A 177 59.74 -1.40 -7.61
C GLU A 177 58.59 -1.05 -6.66
N PHE A 178 57.40 -0.92 -7.22
CA PHE A 178 56.21 -0.65 -6.42
C PHE A 178 55.39 -1.93 -6.27
N SER A 179 54.74 -2.13 -5.13
CA SER A 179 53.95 -3.35 -4.99
C SER A 179 52.51 -3.18 -5.47
N ARG A 180 52.01 -4.12 -6.26
CA ARG A 180 50.68 -3.98 -6.85
C ARG A 180 49.67 -5.09 -6.57
N ILE A 181 48.47 -4.70 -6.16
CA ILE A 181 47.34 -5.60 -6.04
C ILE A 181 46.50 -5.65 -7.33
N THR A 182 46.25 -6.87 -7.81
CA THR A 182 45.40 -7.07 -8.99
C THR A 182 44.20 -7.98 -8.76
N VAL A 183 43.02 -7.44 -8.99
CA VAL A 183 41.77 -8.17 -8.87
C VAL A 183 41.19 -8.48 -10.26
N ARG A 184 40.87 -9.74 -10.48
CA ARG A 184 40.26 -10.13 -11.74
C ARG A 184 38.93 -10.79 -11.46
N ILE A 185 37.88 -10.37 -12.15
CA ILE A 185 36.56 -10.98 -11.99
C ILE A 185 36.01 -11.31 -13.39
N ASP A 186 35.80 -12.59 -13.70
CA ASP A 186 35.37 -13.00 -15.05
C ASP A 186 33.87 -12.92 -15.32
N ALA A 187 33.49 -12.59 -16.55
CA ALA A 187 32.07 -12.52 -16.89
C ALA A 187 31.74 -12.94 -18.34
N VAL A 188 30.48 -13.26 -18.57
CA VAL A 188 30.02 -13.57 -19.92
C VAL A 188 28.83 -12.70 -20.24
N ARG A 189 28.66 -12.34 -21.50
CA ARG A 189 27.51 -11.51 -21.83
C ARG A 189 26.23 -12.37 -21.79
N ASN A 190 25.13 -11.82 -21.30
CA ASN A 190 23.85 -12.51 -21.41
C ASN A 190 23.33 -12.37 -22.83
N PRO A 191 23.41 -13.44 -23.61
CA PRO A 191 23.15 -13.30 -25.03
C PRO A 191 21.68 -13.33 -25.35
N SER A 192 20.84 -13.67 -24.38
CA SER A 192 19.46 -14.05 -24.68
C SER A 192 18.70 -13.02 -25.50
N TYR A 193 18.80 -11.73 -25.15
CA TYR A 193 18.05 -10.74 -25.91
C TYR A 193 18.42 -10.74 -27.38
N TYR A 194 19.72 -10.77 -27.65
CA TYR A 194 20.21 -10.64 -29.00
C TYR A 194 19.91 -11.93 -29.75
N LEU A 195 19.99 -13.06 -29.06
CA LEU A 195 19.68 -14.30 -29.71
C LEU A 195 18.27 -14.24 -30.25
N TRP A 196 17.32 -13.89 -29.40
CA TRP A 196 15.91 -13.99 -29.78
C TRP A 196 15.42 -12.90 -30.68
N SER A 197 15.94 -11.70 -30.48
CA SER A 197 15.51 -10.51 -31.23
C SER A 197 16.47 -9.99 -32.32
N PHE A 198 17.66 -10.56 -32.42
CA PHE A 198 18.57 -10.19 -33.50
C PHE A 198 18.87 -11.39 -34.40
N ILE A 199 19.47 -12.45 -33.87
CA ILE A 199 19.80 -13.60 -34.69
C ILE A 199 18.58 -14.27 -35.35
N LEU A 200 17.59 -14.75 -34.58
CA LEU A 200 16.42 -15.48 -35.12
C LEU A 200 15.66 -14.74 -36.20
N PRO A 201 15.24 -13.49 -35.92
CA PRO A 201 14.53 -12.86 -37.03
C PRO A 201 15.45 -12.69 -38.25
N LEU A 202 16.73 -12.38 -38.03
CA LEU A 202 17.69 -12.19 -39.11
C LEU A 202 17.80 -13.43 -39.95
N GLY A 203 17.88 -14.58 -39.30
CA GLY A 203 17.90 -15.82 -40.04
C GLY A 203 16.68 -15.96 -40.91
N LEU A 204 15.50 -15.72 -40.34
CA LEU A 204 14.26 -15.81 -41.10
C LEU A 204 14.21 -14.86 -42.31
N ILE A 205 14.80 -13.67 -42.17
CA ILE A 205 14.94 -12.75 -43.29
C ILE A 205 15.74 -13.45 -44.39
N ILE A 206 16.94 -13.90 -44.02
CA ILE A 206 17.83 -14.60 -44.94
C ILE A 206 17.10 -15.79 -45.57
N ALA A 207 16.48 -16.63 -44.75
CA ALA A 207 15.78 -17.79 -45.27
C ALA A 207 14.69 -17.34 -46.22
N ALA A 208 13.79 -16.47 -45.79
CA ALA A 208 12.68 -16.10 -46.65
C ALA A 208 13.18 -15.46 -47.95
N SER A 209 14.35 -14.83 -47.89
CA SER A 209 15.02 -14.31 -49.09
C SER A 209 15.24 -15.37 -50.23
N TRP A 210 15.61 -16.58 -49.84
CA TRP A 210 15.93 -17.60 -50.81
C TRP A 210 14.64 -18.03 -51.51
N SER A 211 13.49 -17.63 -50.99
CA SER A 211 12.24 -18.05 -51.63
C SER A 211 11.96 -17.19 -52.87
N VAL A 212 12.92 -16.33 -53.21
CA VAL A 212 12.80 -15.53 -54.42
C VAL A 212 12.78 -16.48 -55.62
N PHE A 213 13.38 -17.66 -55.47
CA PHE A 213 13.52 -18.60 -56.58
C PHE A 213 12.24 -19.37 -56.84
N TRP A 214 11.32 -19.41 -55.89
CA TRP A 214 10.03 -20.08 -56.10
C TRP A 214 9.03 -19.23 -56.86
N LEU A 215 9.50 -18.08 -57.34
CA LEU A 215 8.69 -17.22 -58.17
C LEU A 215 8.67 -17.74 -59.61
N GLU A 216 7.54 -17.64 -60.26
CA GLU A 216 7.41 -18.24 -61.57
C GLU A 216 8.18 -17.48 -62.68
N SER A 217 7.88 -16.20 -62.84
CA SER A 217 8.50 -15.34 -63.86
C SER A 217 9.91 -14.83 -63.54
N PHE A 218 10.55 -14.22 -64.52
CA PHE A 218 11.82 -13.55 -64.33
C PHE A 218 11.67 -12.18 -63.68
N SER A 219 10.64 -11.42 -64.07
CA SER A 219 10.38 -10.09 -63.50
C SER A 219 10.28 -10.25 -62.04
N GLU A 220 9.47 -11.22 -61.68
CA GLU A 220 9.20 -11.44 -60.30
C GLU A 220 10.54 -11.75 -59.64
N ARG A 221 11.33 -12.62 -60.26
CA ARG A 221 12.60 -13.02 -59.66
C ARG A 221 13.55 -11.87 -59.46
N LEU A 222 13.66 -11.01 -60.45
CA LEU A 222 14.57 -9.90 -60.34
C LEU A 222 13.93 -8.78 -59.50
N GLN A 223 12.68 -8.39 -59.81
CA GLN A 223 12.05 -7.27 -59.11
C GLN A 223 11.88 -7.54 -57.61
N THR A 224 11.45 -8.75 -57.27
CA THR A 224 11.32 -9.05 -55.87
C THR A 224 12.67 -8.95 -55.14
N SER A 225 13.76 -9.34 -55.78
CA SER A 225 15.02 -9.32 -55.04
C SER A 225 15.46 -7.93 -54.60
N PHE A 226 14.92 -6.89 -55.23
CA PHE A 226 15.16 -5.52 -54.79
C PHE A 226 14.39 -5.18 -53.52
N THR A 227 13.21 -5.78 -53.40
CA THR A 227 12.37 -5.66 -52.23
C THR A 227 13.08 -6.34 -51.08
N LEU A 228 13.67 -7.50 -51.37
CA LEU A 228 14.38 -8.30 -50.37
C LEU A 228 15.57 -7.54 -49.82
N MET A 229 16.26 -6.88 -50.75
CA MET A 229 17.42 -6.04 -50.51
C MET A 229 17.19 -4.90 -49.53
N LEU A 230 16.07 -4.20 -49.78
CA LEU A 230 15.62 -3.05 -49.01
C LEU A 230 15.34 -3.55 -47.61
N THR A 231 14.80 -4.75 -47.52
CA THR A 231 14.56 -5.40 -46.25
C THR A 231 15.83 -5.61 -45.44
N VAL A 232 16.89 -6.12 -46.05
CA VAL A 232 18.14 -6.31 -45.34
C VAL A 232 18.66 -4.98 -44.80
N VAL A 233 18.56 -3.93 -45.62
CA VAL A 233 18.99 -2.60 -45.21
C VAL A 233 18.19 -2.08 -44.01
N ALA A 234 16.86 -2.23 -44.08
CA ALA A 234 15.96 -1.86 -43.00
C ALA A 234 16.32 -2.62 -41.73
N TYR A 235 16.66 -3.88 -41.88
CA TYR A 235 17.06 -4.63 -40.73
C TYR A 235 18.37 -4.09 -40.23
N ALA A 236 19.27 -3.78 -41.13
CA ALA A 236 20.58 -3.29 -40.72
C ALA A 236 20.48 -2.04 -39.83
N SER A 237 19.60 -1.09 -40.20
CA SER A 237 19.45 0.18 -39.47
C SER A 237 18.92 -0.05 -38.07
N TYR A 238 17.84 -0.83 -38.00
CA TYR A 238 17.28 -1.23 -36.73
C TYR A 238 18.35 -1.79 -35.77
N THR A 239 19.19 -2.68 -36.28
CA THR A 239 20.30 -3.24 -35.51
C THR A 239 21.29 -2.22 -34.97
N SER A 240 21.80 -1.36 -35.85
CA SER A 240 22.81 -0.31 -35.56
C SER A 240 22.33 0.68 -34.53
N ASN A 241 21.05 0.99 -34.64
CA ASN A 241 20.38 1.96 -33.81
C ASN A 241 20.55 1.54 -32.36
N ILE A 242 20.58 0.22 -32.17
CA ILE A 242 20.56 -0.47 -30.90
C ILE A 242 21.86 -1.10 -30.42
N LEU A 243 22.59 -1.77 -31.30
CA LEU A 243 23.86 -2.42 -30.94
C LEU A 243 24.95 -1.44 -30.46
N PRO A 244 25.90 -1.95 -29.63
CA PRO A 244 26.97 -1.11 -29.10
C PRO A 244 27.95 -0.59 -30.20
N ARG A 245 28.45 0.64 -30.04
CA ARG A 245 29.43 1.16 -30.97
C ARG A 245 30.82 0.52 -30.79
N LEU A 246 31.37 -0.01 -31.89
CA LEU A 246 32.69 -0.63 -31.90
C LEU A 246 33.52 -0.18 -33.13
N PRO A 247 34.85 -0.45 -33.12
CA PRO A 247 35.67 -0.12 -34.29
C PRO A 247 35.97 -1.36 -35.12
N TYR A 248 35.21 -2.41 -34.90
CA TYR A 248 35.39 -3.65 -35.63
C TYR A 248 34.03 -4.33 -35.81
N THR A 249 33.98 -5.35 -36.65
CA THR A 249 32.75 -6.09 -36.84
C THR A 249 32.49 -7.05 -35.70
N THR A 250 31.20 -7.24 -35.40
CA THR A 250 30.75 -8.28 -34.47
C THR A 250 30.18 -9.45 -35.28
N VAL A 251 29.78 -10.51 -34.58
CA VAL A 251 29.17 -11.68 -35.23
C VAL A 251 27.92 -11.26 -35.98
N ILE A 252 27.09 -10.46 -35.30
CA ILE A 252 25.87 -9.96 -35.87
C ILE A 252 26.19 -9.15 -37.11
N ASP A 253 27.24 -8.35 -37.04
CA ASP A 253 27.64 -7.54 -38.18
C ASP A 253 27.90 -8.44 -39.36
N GLN A 254 28.60 -9.53 -39.10
CA GLN A 254 28.96 -10.45 -40.15
C GLN A 254 27.70 -11.07 -40.72
N MET A 255 26.71 -11.28 -39.87
CA MET A 255 25.44 -11.79 -40.35
C MET A 255 24.78 -10.82 -41.34
N ILE A 256 24.81 -9.54 -41.01
CA ILE A 256 24.23 -8.52 -41.86
C ILE A 256 24.92 -8.51 -43.21
N ILE A 257 26.25 -8.56 -43.21
CA ILE A 257 27.04 -8.66 -44.43
C ILE A 257 26.59 -9.85 -45.24
N ALA A 258 26.45 -10.99 -44.56
CA ALA A 258 26.01 -12.21 -45.23
C ALA A 258 24.63 -12.06 -45.91
N GLY A 259 23.73 -11.33 -45.25
CA GLY A 259 22.42 -11.05 -45.80
C GLY A 259 22.54 -10.29 -47.10
N TYR A 260 23.38 -9.25 -47.08
CA TYR A 260 23.81 -8.52 -48.26
C TYR A 260 24.53 -9.50 -49.22
N GLY A 261 25.36 -10.36 -48.65
CA GLY A 261 26.08 -11.34 -49.44
C GLY A 261 25.13 -12.29 -50.16
N SER A 262 24.17 -12.84 -49.42
CA SER A 262 23.21 -13.76 -50.03
C SER A 262 22.45 -13.11 -51.18
N ILE A 263 21.90 -11.92 -50.94
CA ILE A 263 21.06 -11.26 -51.94
C ILE A 263 21.78 -10.86 -53.21
N PHE A 264 22.95 -10.25 -53.10
CA PHE A 264 23.69 -9.84 -54.29
C PHE A 264 24.12 -11.02 -55.17
N ALA A 265 24.41 -12.16 -54.55
CA ALA A 265 24.76 -13.39 -55.28
C ALA A 265 23.54 -13.87 -56.03
N ALA A 266 22.41 -13.81 -55.34
CA ALA A 266 21.14 -14.24 -55.91
C ALA A 266 20.76 -13.43 -57.14
N ILE A 267 20.91 -12.12 -57.07
CA ILE A 267 20.63 -11.24 -58.20
C ILE A 267 21.43 -11.71 -59.41
N LEU A 268 22.73 -11.91 -59.20
CA LEU A 268 23.62 -12.32 -60.28
C LEU A 268 23.09 -13.57 -60.92
N LEU A 269 22.84 -14.56 -60.08
CA LEU A 269 22.30 -15.85 -60.52
C LEU A 269 20.99 -15.72 -61.32
N ILE A 270 20.05 -14.96 -60.78
CA ILE A 270 18.73 -14.75 -61.38
C ILE A 270 18.84 -14.15 -62.78
N ILE A 271 19.73 -13.19 -62.94
CA ILE A 271 20.03 -12.67 -64.28
C ILE A 271 20.75 -13.73 -65.14
N PHE A 272 21.70 -14.43 -64.53
CA PHE A 272 22.48 -15.42 -65.25
C PHE A 272 21.55 -16.51 -65.76
N ALA A 273 20.68 -17.04 -64.90
CA ALA A 273 19.66 -18.02 -65.30
C ALA A 273 18.90 -17.52 -66.49
N HIS A 274 18.55 -16.24 -66.47
CA HIS A 274 17.75 -15.70 -67.55
C HIS A 274 18.51 -15.58 -68.89
N HIS A 275 19.63 -14.87 -68.88
CA HIS A 275 20.32 -14.53 -70.13
C HIS A 275 21.42 -15.48 -70.53
N ARG A 276 21.77 -16.44 -69.67
CA ARG A 276 22.72 -17.48 -70.08
C ARG A 276 21.89 -18.48 -70.82
N GLN A 277 21.91 -18.42 -72.15
CA GLN A 277 20.90 -19.13 -72.92
C GLN A 277 21.34 -19.62 -74.28
N ALA A 278 20.43 -20.31 -74.94
CA ALA A 278 20.61 -20.68 -76.31
C ALA A 278 19.42 -20.14 -77.10
N ASN A 279 18.73 -19.15 -76.54
CA ASN A 279 17.55 -18.64 -77.20
C ASN A 279 17.17 -17.21 -76.90
N GLY A 280 16.92 -16.94 -75.63
CA GLY A 280 16.46 -15.66 -75.14
C GLY A 280 15.86 -15.86 -73.77
N VAL A 281 15.01 -16.89 -73.66
CA VAL A 281 14.36 -17.26 -72.40
C VAL A 281 14.66 -18.70 -71.98
N GLU A 282 15.78 -19.27 -72.42
CA GLU A 282 16.21 -20.56 -71.90
C GLU A 282 16.56 -20.21 -70.48
N ASP A 283 15.57 -20.10 -69.61
CA ASP A 283 15.94 -19.89 -68.24
C ASP A 283 16.46 -21.23 -67.83
N ASP A 284 17.64 -21.23 -67.21
CA ASP A 284 18.16 -22.47 -66.73
C ASP A 284 17.14 -23.02 -65.75
N LEU A 285 16.23 -23.85 -66.27
CA LEU A 285 15.21 -24.48 -65.47
C LEU A 285 15.85 -25.15 -64.26
N LEU A 286 17.10 -25.58 -64.40
CA LEU A 286 17.84 -26.17 -63.28
C LEU A 286 18.51 -25.16 -62.37
N ILE A 287 19.17 -24.14 -62.92
CA ILE A 287 19.85 -23.20 -62.06
C ILE A 287 18.80 -22.35 -61.32
N GLN A 288 17.64 -22.10 -61.92
CA GLN A 288 16.54 -21.43 -61.21
C GLN A 288 15.98 -22.40 -60.20
N ARG A 289 16.39 -23.67 -60.32
CA ARG A 289 16.05 -24.70 -59.33
C ARG A 289 17.24 -24.94 -58.39
N CYS A 290 18.00 -23.86 -58.14
CA CYS A 290 18.98 -23.79 -57.06
C CYS A 290 18.26 -23.24 -55.83
N ARG A 291 17.05 -23.74 -55.63
CA ARG A 291 16.22 -23.39 -54.49
C ARG A 291 16.69 -23.96 -53.14
N LEU A 292 17.40 -25.09 -53.19
CA LEU A 292 18.01 -25.69 -52.00
C LEU A 292 19.53 -25.71 -52.13
N ALA A 293 20.02 -25.44 -53.35
CA ALA A 293 21.45 -25.44 -53.62
C ALA A 293 22.20 -24.51 -52.67
N PHE A 294 22.06 -23.20 -52.86
CA PHE A 294 22.80 -22.27 -52.02
C PHE A 294 22.23 -21.87 -50.62
N PRO A 295 21.07 -22.44 -50.22
CA PRO A 295 20.78 -22.52 -48.78
C PRO A 295 21.78 -23.40 -47.98
N LEU A 296 22.24 -24.53 -48.53
CA LEU A 296 23.22 -25.35 -47.80
C LEU A 296 24.65 -24.90 -48.07
N GLY A 297 24.83 -24.08 -49.10
CA GLY A 297 26.12 -23.44 -49.36
C GLY A 297 26.38 -22.27 -48.41
N PHE A 298 25.31 -21.60 -48.03
CA PHE A 298 25.42 -20.53 -47.06
C PHE A 298 25.65 -21.18 -45.72
N LEU A 299 25.08 -22.37 -45.55
CA LEU A 299 25.22 -23.17 -44.35
C LEU A 299 26.62 -23.77 -44.22
N ALA A 300 27.24 -24.10 -45.35
CA ALA A 300 28.59 -24.66 -45.36
C ALA A 300 29.60 -23.57 -45.04
N ILE A 301 29.47 -22.44 -45.74
CA ILE A 301 30.31 -21.28 -45.52
C ILE A 301 30.12 -20.68 -44.11
N GLY A 302 28.95 -20.90 -43.52
CA GLY A 302 28.72 -20.48 -42.14
C GLY A 302 29.47 -21.29 -41.09
N CYS A 303 29.57 -22.59 -41.31
CA CYS A 303 30.24 -23.49 -40.35
C CYS A 303 31.76 -23.53 -40.53
N VAL A 304 32.22 -23.14 -41.72
CA VAL A 304 33.64 -23.14 -42.06
C VAL A 304 34.36 -21.97 -41.38
N LEU A 305 33.61 -20.91 -41.06
CA LEU A 305 34.19 -19.76 -40.40
C LEU A 305 34.82 -20.07 -39.04
N VAL A 306 34.41 -21.20 -38.45
CA VAL A 306 34.99 -21.67 -37.19
C VAL A 306 36.35 -22.38 -37.39
N ILE A 307 36.58 -22.89 -38.60
CA ILE A 307 37.87 -23.49 -38.97
C ILE A 307 38.93 -22.40 -39.22
N PRO B 1 24.44 1.98 23.77
CA PRO B 1 23.98 1.88 22.36
C PRO B 1 22.96 2.94 22.11
N VAL B 2 23.41 3.94 21.37
CA VAL B 2 22.69 5.16 21.05
C VAL B 2 21.50 4.87 20.15
N ASP B 3 20.31 5.23 20.60
CA ASP B 3 19.10 4.98 19.83
C ASP B 3 18.90 6.13 18.87
N VAL B 4 18.88 5.86 17.56
CA VAL B 4 18.61 6.90 16.56
C VAL B 4 17.28 6.71 15.83
N SER B 5 16.42 7.73 15.90
CA SER B 5 15.17 7.75 15.17
C SER B 5 15.36 8.44 13.84
N VAL B 6 14.86 7.82 12.79
CA VAL B 6 15.07 8.29 11.42
C VAL B 6 13.75 8.65 10.77
N SER B 7 13.75 9.68 9.93
CA SER B 7 12.61 10.01 9.08
C SER B 7 13.06 10.37 7.66
N ILE B 8 12.44 9.74 6.66
CA ILE B 8 12.74 10.03 5.27
C ILE B 8 11.49 10.62 4.68
N PHE B 9 11.65 11.75 3.99
CA PHE B 9 10.59 12.39 3.26
C PHE B 9 10.88 12.22 1.77
N ILE B 10 10.08 11.42 1.06
CA ILE B 10 10.34 11.11 -0.33
C ILE B 10 9.61 12.13 -1.20
N ASN B 11 10.38 12.99 -1.89
CA ASN B 11 9.84 14.09 -2.70
C ASN B 11 9.58 13.75 -4.14
N LYS B 12 10.49 13.02 -4.76
CA LYS B 12 10.30 12.68 -6.16
C LYS B 12 11.00 11.34 -6.40
N ILE B 13 10.31 10.41 -7.06
CA ILE B 13 10.98 9.20 -7.55
C ILE B 13 10.87 9.25 -9.06
N TYR B 14 12.00 9.36 -9.71
CA TYR B 14 12.03 9.55 -11.14
C TYR B 14 13.37 9.00 -11.67
N GLY B 15 13.61 9.15 -12.96
CA GLY B 15 14.85 8.69 -13.56
C GLY B 15 15.25 7.21 -13.56
N VAL B 16 14.29 6.33 -13.85
CA VAL B 16 14.60 4.91 -13.88
C VAL B 16 15.62 4.60 -14.97
N ASN B 17 16.69 3.87 -14.65
CA ASN B 17 17.64 3.43 -15.69
C ASN B 17 17.69 1.93 -15.84
N THR B 18 16.94 1.39 -16.80
CA THR B 18 16.72 -0.05 -16.93
C THR B 18 18.00 -0.84 -17.17
N LEU B 19 18.90 -0.34 -17.99
CA LEU B 19 20.14 -1.06 -18.13
C LEU B 19 20.91 -1.11 -16.81
N GLU B 20 20.94 0.01 -16.08
CA GLU B 20 21.67 0.12 -14.82
C GLU B 20 20.97 -0.41 -13.57
N GLN B 21 19.66 -0.65 -13.66
CA GLN B 21 18.83 -1.06 -12.52
C GLN B 21 19.01 -0.06 -11.38
N THR B 22 18.40 1.11 -11.61
CA THR B 22 18.68 2.33 -10.91
C THR B 22 17.50 3.30 -11.00
N TYR B 23 17.32 4.12 -9.97
CA TYR B 23 16.26 5.15 -9.96
C TYR B 23 16.69 6.35 -9.12
N LYS B 24 16.01 7.47 -9.33
CA LYS B 24 16.35 8.68 -8.59
C LYS B 24 15.33 9.02 -7.50
N VAL B 25 15.82 9.35 -6.31
CA VAL B 25 14.95 9.74 -5.22
C VAL B 25 15.40 11.10 -4.74
N ASP B 26 14.45 12.03 -4.68
CA ASP B 26 14.71 13.31 -4.02
C ASP B 26 14.00 13.32 -2.68
N GLY B 27 14.73 13.63 -1.61
CA GLY B 27 14.10 13.75 -0.31
C GLY B 27 14.98 14.20 0.83
N TYR B 28 14.43 14.20 2.05
CA TYR B 28 15.15 14.71 3.20
C TYR B 28 15.38 13.57 4.18
N ILE B 29 16.56 13.49 4.81
CA ILE B 29 16.75 12.55 5.91
C ILE B 29 16.60 13.39 7.14
N VAL B 30 16.00 12.83 8.19
CA VAL B 30 16.00 13.44 9.50
C VAL B 30 16.47 12.35 10.47
N ALA B 31 17.52 12.61 11.23
CA ALA B 31 18.02 11.67 12.21
C ALA B 31 17.94 12.40 13.54
N GLN B 32 17.56 11.72 14.62
CA GLN B 32 17.45 12.34 15.94
C GLN B 32 18.09 11.43 16.98
N TRP B 33 18.87 12.01 17.90
CA TRP B 33 19.48 11.20 18.95
C TRP B 33 19.82 12.08 20.16
N THR B 34 20.14 11.49 21.31
CA THR B 34 20.45 12.27 22.52
C THR B 34 21.87 12.19 23.04
N GLY B 35 22.49 13.35 23.21
CA GLY B 35 23.81 13.43 23.79
C GLY B 35 23.67 13.96 25.20
N LYS B 36 24.76 14.46 25.76
CA LYS B 36 24.72 15.03 27.12
C LYS B 36 24.31 16.49 26.95
N PRO B 37 23.58 17.05 27.92
CA PRO B 37 23.11 18.44 27.88
C PRO B 37 24.19 19.46 27.46
N ARG B 38 23.74 20.51 26.78
CA ARG B 38 24.60 21.52 26.19
C ARG B 38 24.04 22.82 26.73
N LYS B 39 24.82 23.92 26.71
CA LYS B 39 24.23 25.23 26.98
C LYS B 39 23.98 25.99 25.68
N THR B 40 22.71 26.26 25.40
CA THR B 40 22.39 27.00 24.21
C THR B 40 21.97 28.42 24.60
N PRO B 41 22.27 29.39 23.72
CA PRO B 41 21.84 30.78 23.87
C PRO B 41 20.36 30.91 24.20
N GLY B 42 20.06 31.66 25.25
CA GLY B 42 18.74 31.74 25.85
C GLY B 42 18.53 30.47 26.63
N ASP B 43 17.67 29.62 26.10
CA ASP B 43 17.55 28.26 26.59
C ASP B 43 16.71 27.61 25.53
N LYS B 44 16.46 28.39 24.47
CA LYS B 44 15.80 27.86 23.31
C LYS B 44 16.77 27.04 22.49
N PRO B 45 16.22 26.05 21.78
CA PRO B 45 17.04 25.17 20.97
C PRO B 45 17.87 26.00 20.01
N LEU B 46 19.07 25.50 19.70
CA LEU B 46 20.06 26.18 18.85
C LEU B 46 20.12 25.70 17.37
N ILE B 47 20.08 26.61 16.40
CA ILE B 47 20.14 26.13 15.00
C ILE B 47 21.51 26.30 14.33
N VAL B 48 21.94 25.23 13.69
CA VAL B 48 23.20 25.19 12.98
C VAL B 48 22.97 24.62 11.60
N GLU B 49 23.04 25.52 10.62
CA GLU B 49 22.78 25.20 9.22
C GLU B 49 24.10 25.03 8.47
N ASN B 50 24.00 24.26 7.39
CA ASN B 50 25.10 24.00 6.49
C ASN B 50 26.50 24.12 7.04
N THR B 51 27.18 25.17 6.58
CA THR B 51 28.58 25.40 6.86
C THR B 51 28.94 25.25 8.33
N GLN B 52 28.11 25.74 9.23
CA GLN B 52 28.52 25.71 10.61
C GLN B 52 28.62 24.33 11.23
N ILE B 53 28.05 23.35 10.55
CA ILE B 53 27.95 22.02 11.14
C ILE B 53 29.29 21.36 11.29
N GLU B 54 30.10 21.48 10.26
CA GLU B 54 31.43 20.89 10.27
C GLU B 54 32.25 21.52 11.41
N ARG B 55 32.10 22.82 11.60
CA ARG B 55 32.83 23.50 12.65
C ARG B 55 32.48 22.94 14.02
N TRP B 56 31.23 22.55 14.22
CA TRP B 56 30.83 21.97 15.50
C TRP B 56 31.49 20.63 15.68
N ILE B 57 31.61 19.90 14.57
CA ILE B 57 32.24 18.59 14.56
C ILE B 57 33.73 18.71 14.88
N ASN B 58 34.38 19.75 14.36
CA ASN B 58 35.77 19.98 14.67
C ASN B 58 35.95 20.14 16.18
N ASN B 59 34.98 20.75 16.86
CA ASN B 59 35.12 20.84 18.32
C ASN B 59 34.58 19.60 19.04
N GLY B 60 34.28 18.56 18.28
CA GLY B 60 34.01 17.24 18.84
C GLY B 60 32.58 16.76 18.93
N LEU B 61 31.65 17.42 18.23
CA LEU B 61 30.27 16.97 18.26
C LEU B 61 30.19 15.67 17.53
N TRP B 62 29.54 14.72 18.16
CA TRP B 62 29.35 13.45 17.51
C TRP B 62 28.21 13.58 16.52
N VAL B 63 28.55 13.64 15.23
CA VAL B 63 27.51 13.56 14.22
C VAL B 63 27.85 12.32 13.37
N PRO B 64 27.26 11.16 13.67
CA PRO B 64 27.67 9.89 13.07
C PRO B 64 27.25 9.78 11.61
N ALA B 65 28.12 9.20 10.79
CA ALA B 65 27.81 9.01 9.39
C ALA B 65 26.78 7.93 9.13
N LEU B 66 25.60 8.30 8.63
CA LEU B 66 24.65 7.29 8.24
C LEU B 66 24.68 7.16 6.70
N GLU B 67 25.18 6.03 6.19
CA GLU B 67 25.34 5.81 4.74
C GLU B 67 24.13 5.18 4.07
N PHE B 68 23.84 5.63 2.86
CA PHE B 68 22.87 5.00 2.01
C PHE B 68 23.57 3.80 1.39
N ILE B 69 23.22 2.61 1.85
CA ILE B 69 23.80 1.31 1.43
C ILE B 69 23.82 1.07 -0.07
N ASN B 70 22.68 1.31 -0.70
CA ASN B 70 22.44 1.01 -2.11
C ASN B 70 22.48 2.22 -3.07
N VAL B 71 23.16 3.28 -2.65
CA VAL B 71 23.26 4.44 -3.51
C VAL B 71 24.38 4.27 -4.55
N VAL B 72 24.10 4.61 -5.80
CA VAL B 72 25.15 4.54 -6.80
C VAL B 72 25.90 5.87 -6.90
N GLY B 73 27.12 5.91 -6.42
CA GLY B 73 27.80 7.19 -6.37
C GLY B 73 27.25 7.99 -5.20
N SER B 74 27.89 9.11 -4.83
CA SER B 74 27.45 9.76 -3.60
C SER B 74 26.50 10.93 -3.83
N PRO B 75 25.42 10.97 -3.05
CA PRO B 75 24.18 11.71 -3.31
C PRO B 75 24.41 13.18 -3.30
N ASP B 76 23.68 13.90 -4.14
CA ASP B 76 23.72 15.35 -4.12
C ASP B 76 23.04 15.84 -2.87
N THR B 77 23.79 16.54 -2.02
CA THR B 77 23.26 17.02 -0.77
C THR B 77 22.81 18.48 -0.86
N GLY B 78 21.64 18.77 -0.30
CA GLY B 78 21.14 20.13 -0.24
C GLY B 78 21.62 20.80 1.04
N ASN B 79 20.71 21.49 1.71
CA ASN B 79 21.08 22.09 2.99
C ASN B 79 21.16 21.08 4.17
N LYS B 80 22.09 21.29 5.08
CA LYS B 80 22.11 20.40 6.22
C LYS B 80 21.83 21.33 7.34
N ARG B 81 21.25 20.81 8.41
CA ARG B 81 20.97 21.58 9.59
C ARG B 81 21.09 20.73 10.84
N LEU B 82 21.59 21.33 11.92
CA LEU B 82 21.57 20.71 13.25
C LEU B 82 20.70 21.53 14.16
N MET B 83 19.80 20.89 14.88
CA MET B 83 19.13 21.60 15.96
C MET B 83 19.66 21.00 17.23
N LEU B 84 20.45 21.77 17.97
CA LEU B 84 21.04 21.31 19.23
C LEU B 84 20.16 21.78 20.37
N PHE B 85 19.57 20.80 21.08
CA PHE B 85 18.74 21.09 22.23
C PHE B 85 19.59 21.07 23.47
N PRO B 86 19.24 21.92 24.46
CA PRO B 86 19.95 22.11 25.73
C PRO B 86 19.73 20.89 26.59
N ASP B 87 18.58 20.25 26.41
CA ASP B 87 18.24 19.06 27.20
C ASP B 87 19.06 17.82 26.77
N GLY B 88 19.89 17.95 25.74
CA GLY B 88 20.77 16.88 25.31
C GLY B 88 20.59 16.46 23.85
N ARG B 89 19.34 16.36 23.39
CA ARG B 89 19.12 15.89 22.03
C ARG B 89 19.72 16.78 20.91
N VAL B 90 19.93 16.09 19.81
CA VAL B 90 20.48 16.59 18.56
C VAL B 90 19.54 16.11 17.44
N ILE B 91 19.21 16.99 16.52
CA ILE B 91 18.46 16.59 15.33
C ILE B 91 19.19 16.97 14.06
N TYR B 92 19.54 15.97 13.25
CA TYR B 92 20.18 16.20 11.96
C TYR B 92 19.14 16.19 10.81
N ASN B 93 19.28 17.14 9.88
CA ASN B 93 18.27 17.36 8.87
C ASN B 93 18.96 17.66 7.55
N ALA B 94 18.58 16.96 6.49
CA ALA B 94 19.34 17.06 5.26
C ALA B 94 18.49 16.81 4.01
N ARG B 95 18.75 17.54 2.93
CA ARG B 95 18.15 17.15 1.68
C ARG B 95 19.14 16.33 0.85
N PHE B 96 18.60 15.38 0.08
CA PHE B 96 19.40 14.53 -0.79
C PHE B 96 18.69 14.29 -2.09
N LEU B 97 19.49 14.08 -3.12
CA LEU B 97 19.05 13.62 -4.41
C LEU B 97 20.03 12.51 -4.66
N GLY B 98 19.55 11.29 -4.86
CA GLY B 98 20.49 10.19 -4.94
C GLY B 98 20.09 9.27 -6.05
N SER B 99 21.09 8.59 -6.63
CA SER B 99 20.83 7.55 -7.60
C SER B 99 20.97 6.26 -6.85
N PHE B 100 19.85 5.58 -6.67
CA PHE B 100 19.81 4.38 -5.84
C PHE B 100 19.70 3.11 -6.68
N SER B 101 20.18 2.03 -6.08
CA SER B 101 20.33 0.76 -6.77
C SER B 101 19.40 -0.27 -6.22
N ASN B 102 18.79 -1.04 -7.11
CA ASN B 102 17.96 -2.17 -6.67
C ASN B 102 17.64 -3.13 -7.78
N ASP B 103 17.47 -4.40 -7.44
CA ASP B 103 17.15 -5.39 -8.44
C ASP B 103 15.83 -5.04 -9.16
N MET B 104 15.88 -4.97 -10.49
CA MET B 104 14.68 -4.65 -11.25
C MET B 104 14.43 -5.60 -12.42
N ASP B 105 13.36 -6.40 -12.33
CA ASP B 105 12.97 -7.30 -13.41
C ASP B 105 12.10 -6.52 -14.42
N PHE B 106 12.49 -6.48 -15.69
CA PHE B 106 11.72 -5.74 -16.68
C PHE B 106 10.99 -6.60 -17.73
N ARG B 107 10.96 -7.92 -17.52
CA ARG B 107 10.46 -8.84 -18.53
C ARG B 107 8.99 -8.66 -18.89
N LEU B 108 8.16 -8.17 -17.98
CA LEU B 108 6.80 -7.92 -18.44
C LEU B 108 6.45 -6.48 -18.80
N PHE B 109 7.48 -5.74 -19.20
CA PHE B 109 7.36 -4.38 -19.75
C PHE B 109 6.41 -4.43 -20.90
N PRO B 110 5.50 -3.45 -21.00
CA PRO B 110 5.30 -2.26 -20.21
C PRO B 110 4.32 -2.51 -19.07
N PHE B 111 4.28 -3.74 -18.60
CA PHE B 111 3.38 -4.05 -17.51
C PHE B 111 4.13 -4.50 -16.29
N ASP B 112 5.35 -4.01 -16.09
CA ASP B 112 6.11 -4.46 -14.94
C ASP B 112 5.66 -3.74 -13.66
N ARG B 113 5.82 -4.39 -12.52
CA ARG B 113 5.65 -3.72 -11.24
C ARG B 113 7.06 -3.69 -10.75
N GLN B 114 7.45 -2.55 -10.20
CA GLN B 114 8.79 -2.37 -9.67
C GLN B 114 8.75 -1.97 -8.21
N GLN B 115 9.83 -2.17 -7.46
CA GLN B 115 9.84 -1.52 -6.15
C GLN B 115 11.13 -0.75 -5.83
N PHE B 116 10.96 0.55 -5.61
CA PHE B 116 12.02 1.49 -5.33
C PHE B 116 12.41 1.37 -3.86
N VAL B 117 13.71 1.22 -3.59
CA VAL B 117 14.18 0.90 -2.25
C VAL B 117 15.25 1.86 -1.71
N LEU B 118 15.18 2.22 -0.44
CA LEU B 118 16.23 2.95 0.21
C LEU B 118 16.77 2.06 1.31
N GLU B 119 18.09 1.96 1.43
CA GLU B 119 18.72 1.21 2.51
C GLU B 119 19.70 2.08 3.29
N LEU B 120 19.45 2.25 4.60
CA LEU B 120 20.19 3.18 5.46
C LEU B 120 20.96 2.41 6.51
N GLU B 121 22.23 2.72 6.69
CA GLU B 121 23.08 1.98 7.64
C GLU B 121 24.31 2.77 8.03
N PRO B 122 24.55 2.91 9.33
CA PRO B 122 25.73 3.64 9.76
C PRO B 122 27.04 3.07 9.20
N PHE B 123 27.94 3.99 8.87
CA PHE B 123 29.20 3.69 8.20
C PHE B 123 30.27 3.23 9.19
N SER B 124 30.19 3.70 10.43
CA SER B 124 31.25 3.41 11.40
C SER B 124 30.83 2.81 12.79
N TYR B 125 29.55 2.85 13.12
CA TYR B 125 29.12 2.34 14.40
C TYR B 125 28.19 1.14 14.29
N ASN B 126 28.52 0.08 15.00
CA ASN B 126 27.70 -1.13 14.97
C ASN B 126 26.47 -1.00 15.85
N ASN B 127 25.61 -2.02 15.79
CA ASN B 127 24.33 -2.08 16.54
C ASN B 127 24.43 -2.02 18.08
N GLN B 128 25.61 -2.27 18.62
CA GLN B 128 25.76 -2.08 20.03
C GLN B 128 26.28 -0.69 20.34
N GLN B 129 26.75 0.02 19.32
CA GLN B 129 27.17 1.42 19.44
C GLN B 129 26.05 2.37 19.02
N LEU B 130 25.43 2.05 17.88
CA LEU B 130 24.33 2.84 17.34
C LEU B 130 23.25 1.90 16.76
N ARG B 131 22.00 2.07 17.19
CA ARG B 131 20.87 1.19 16.83
C ARG B 131 19.68 2.00 16.29
N PHE B 132 19.05 1.56 15.21
CA PHE B 132 17.92 2.35 14.68
C PHE B 132 16.68 2.03 15.46
N SER B 133 16.28 2.99 16.26
CA SER B 133 15.18 2.77 17.18
C SER B 133 13.89 2.68 16.42
N ASP B 134 13.78 3.44 15.34
CA ASP B 134 12.58 3.38 14.49
C ASP B 134 12.77 4.11 13.17
N ILE B 135 11.82 3.95 12.27
CA ILE B 135 11.83 4.78 11.08
C ILE B 135 10.51 4.96 10.40
N GLN B 136 10.03 6.19 10.30
CA GLN B 136 8.82 6.47 9.52
C GLN B 136 9.16 7.23 8.23
N VAL B 137 8.42 6.92 7.18
CA VAL B 137 8.63 7.48 5.87
C VAL B 137 7.37 8.11 5.33
N TYR B 138 7.49 9.37 4.94
CA TYR B 138 6.34 10.06 4.41
C TYR B 138 6.52 10.19 2.90
N THR B 139 5.57 9.64 2.14
CA THR B 139 5.48 9.89 0.74
C THR B 139 4.35 10.85 0.55
N GLU B 140 4.72 12.13 0.46
CA GLU B 140 3.75 13.20 0.26
C GLU B 140 2.97 12.95 -1.07
N ASN B 141 2.03 12.00 -0.99
CA ASN B 141 1.39 11.53 -2.18
C ASN B 141 -0.05 11.89 -2.43
N ALA B 142 -0.45 11.73 -3.69
CA ALA B 142 -1.77 12.04 -4.24
C ALA B 142 -1.84 11.96 -5.77
N ASP B 143 -3.10 11.98 -6.26
CA ASP B 143 -3.58 12.44 -7.59
C ASP B 143 -2.83 12.11 -8.89
N ASN B 144 -3.24 12.80 -9.97
CA ASN B 144 -2.49 12.84 -11.24
C ASN B 144 -1.80 11.59 -11.72
N GLU B 145 -2.29 10.40 -11.45
CA GLU B 145 -1.50 9.29 -11.89
C GLU B 145 -1.39 9.38 -13.39
N GLU B 146 -2.47 9.79 -14.03
CA GLU B 146 -2.55 9.74 -15.48
C GLU B 146 -1.49 10.60 -16.20
N ILE B 147 -0.87 11.48 -15.45
CA ILE B 147 0.13 12.42 -15.89
C ILE B 147 1.54 11.84 -15.75
N ASP B 148 1.67 10.85 -14.88
CA ASP B 148 2.99 10.36 -14.46
C ASP B 148 3.40 9.04 -15.03
N GLU B 149 4.70 8.88 -15.14
CA GLU B 149 5.30 7.70 -15.71
C GLU B 149 5.05 6.49 -14.80
N TRP B 150 5.24 6.69 -13.48
CA TRP B 150 5.06 5.62 -12.50
C TRP B 150 3.91 5.79 -11.53
N TRP B 151 3.26 4.67 -11.24
CA TRP B 151 2.18 4.70 -10.29
C TRP B 151 2.62 4.13 -8.95
N ILE B 152 2.83 4.99 -7.97
CA ILE B 152 3.17 4.50 -6.63
C ILE B 152 1.93 3.85 -6.08
N ARG B 153 2.05 2.69 -5.46
CA ARG B 153 0.86 2.05 -4.93
C ARG B 153 0.76 2.00 -3.42
N GLY B 154 1.84 1.57 -2.78
CA GLY B 154 1.71 1.42 -1.36
C GLY B 154 1.78 2.74 -0.63
N LYS B 155 2.06 2.67 0.65
CA LYS B 155 2.27 3.87 1.35
C LYS B 155 3.68 3.96 1.84
N ALA B 156 4.44 2.89 1.60
CA ALA B 156 5.88 2.71 1.93
C ALA B 156 5.98 1.69 3.03
N SER B 157 6.87 0.74 2.81
CA SER B 157 7.08 -0.37 3.69
C SER B 157 8.32 -0.09 4.46
N THR B 158 8.49 -0.79 5.56
CA THR B 158 9.63 -0.61 6.44
C THR B 158 10.37 -1.97 6.77
N HIS B 159 11.60 -1.81 7.24
CA HIS B 159 12.35 -2.91 7.79
C HIS B 159 13.45 -2.30 8.67
N ILE B 160 13.37 -2.46 9.99
CA ILE B 160 14.57 -2.30 10.81
C ILE B 160 15.06 -3.70 11.13
N SER B 161 16.36 -3.91 10.96
CA SER B 161 17.00 -5.22 11.04
C SER B 161 18.46 -5.12 11.40
N ASP B 162 19.06 -6.27 11.57
CA ASP B 162 20.46 -6.35 11.92
C ASP B 162 21.15 -7.09 10.81
N ILE B 163 22.18 -6.48 10.25
CA ILE B 163 22.92 -7.16 9.21
C ILE B 163 24.15 -7.70 9.85
N ARG B 164 24.38 -9.00 9.67
CA ARG B 164 25.52 -9.65 10.27
C ARG B 164 26.61 -9.81 9.20
N TYR B 165 27.80 -9.28 9.44
CA TYR B 165 28.89 -9.43 8.46
C TYR B 165 29.88 -10.45 9.05
N ASP B 166 30.25 -11.46 8.27
CA ASP B 166 31.10 -12.50 8.81
C ASP B 166 32.59 -12.18 8.72
N HIS B 167 32.97 -11.28 7.81
CA HIS B 167 34.37 -10.94 7.62
C HIS B 167 34.62 -9.45 7.68
N LEU B 168 35.24 -9.02 8.79
CA LEU B 168 35.57 -7.62 9.06
C LEU B 168 36.98 -7.39 9.66
N SER B 169 37.02 -6.61 10.75
CA SER B 169 38.26 -6.13 11.36
C SER B 169 39.09 -7.15 12.15
N SER B 170 40.05 -6.62 12.93
CA SER B 170 40.88 -7.40 13.83
C SER B 170 40.11 -7.66 15.11
N VAL B 171 38.89 -7.14 15.15
CA VAL B 171 37.96 -7.33 16.27
C VAL B 171 36.85 -8.30 15.85
N GLN B 172 36.58 -9.31 16.68
CA GLN B 172 35.68 -10.41 16.30
C GLN B 172 34.32 -10.59 17.02
N PRO B 173 34.27 -10.44 18.37
CA PRO B 173 33.07 -10.84 19.13
C PRO B 173 31.71 -10.37 18.59
N ASN B 174 31.46 -9.07 18.47
CA ASN B 174 30.16 -8.64 17.96
C ASN B 174 30.16 -7.29 17.24
N GLN B 175 31.35 -6.80 16.88
CA GLN B 175 31.43 -5.58 16.08
C GLN B 175 31.20 -5.98 14.64
N ASN B 176 30.16 -6.75 14.41
CA ASN B 176 29.93 -7.31 13.10
C ASN B 176 28.45 -7.34 12.76
N GLU B 177 27.66 -6.69 13.60
CA GLU B 177 26.24 -6.61 13.32
C GLU B 177 25.89 -5.12 13.31
N PHE B 178 25.49 -4.61 12.15
CA PHE B 178 25.14 -3.21 12.03
C PHE B 178 23.65 -3.06 11.87
N SER B 179 23.06 -1.98 12.37
CA SER B 179 21.61 -1.93 12.17
C SER B 179 21.16 -1.22 10.88
N ARG B 180 20.25 -1.86 10.15
CA ARG B 180 19.84 -1.30 8.86
C ARG B 180 18.34 -1.01 8.67
N ILE B 181 18.06 0.22 8.19
CA ILE B 181 16.74 0.60 7.71
C ILE B 181 16.54 0.35 6.22
N THR B 182 15.46 -0.32 5.89
CA THR B 182 15.08 -0.59 4.54
C THR B 182 13.69 0.02 4.30
N VAL B 183 13.63 0.99 3.39
CA VAL B 183 12.35 1.62 3.04
C VAL B 183 11.87 1.11 1.69
N ARG B 184 10.65 0.62 1.62
CA ARG B 184 10.16 0.06 0.35
C ARG B 184 8.92 0.72 -0.24
N ILE B 185 9.01 1.14 -1.50
CA ILE B 185 7.89 1.81 -2.14
C ILE B 185 7.45 1.05 -3.39
N ASP B 186 6.19 0.64 -3.45
CA ASP B 186 5.72 -0.13 -4.61
C ASP B 186 5.25 0.70 -5.79
N ALA B 187 5.54 0.23 -6.99
CA ALA B 187 5.07 0.96 -8.17
C ALA B 187 4.69 0.12 -9.39
N VAL B 188 3.79 0.68 -10.16
CA VAL B 188 3.32 0.10 -11.41
C VAL B 188 3.61 1.09 -12.53
N ARG B 189 3.98 0.58 -13.70
CA ARG B 189 4.22 1.45 -14.82
C ARG B 189 2.93 1.97 -15.45
N ASN B 190 2.87 3.26 -15.77
CA ASN B 190 1.75 3.76 -16.56
C ASN B 190 1.96 3.25 -17.98
N PRO B 191 1.18 2.22 -18.36
CA PRO B 191 1.33 1.42 -19.57
C PRO B 191 0.65 2.01 -20.79
N SER B 192 -0.11 3.08 -20.58
CA SER B 192 -1.03 3.57 -21.61
C SER B 192 -0.36 3.93 -22.93
N TYR B 193 0.78 4.60 -22.92
CA TYR B 193 1.44 4.95 -24.20
C TYR B 193 1.76 3.69 -25.02
N TYR B 194 2.36 2.72 -24.38
CA TYR B 194 2.82 1.51 -25.06
C TYR B 194 1.59 0.68 -25.46
N LEU B 195 0.51 0.82 -24.72
CA LEU B 195 -0.73 0.20 -25.13
C LEU B 195 -1.29 0.72 -26.43
N TRP B 196 -1.51 2.01 -26.50
CA TRP B 196 -2.15 2.58 -27.68
C TRP B 196 -1.18 2.81 -28.82
N SER B 197 0.07 3.13 -28.52
CA SER B 197 1.00 3.47 -29.58
C SER B 197 1.93 2.35 -30.07
N PHE B 198 2.07 1.30 -29.29
CA PHE B 198 2.91 0.19 -29.73
C PHE B 198 2.08 -1.09 -29.86
N ILE B 199 1.42 -1.52 -28.80
CA ILE B 199 0.66 -2.76 -28.88
C ILE B 199 -0.39 -2.78 -30.00
N LEU B 200 -1.31 -1.82 -29.96
CA LEU B 200 -2.43 -1.78 -30.89
C LEU B 200 -1.97 -1.84 -32.36
N PRO B 201 -1.17 -0.84 -32.82
CA PRO B 201 -0.80 -0.91 -34.24
C PRO B 201 -0.04 -2.18 -34.53
N LEU B 202 0.81 -2.64 -33.63
CA LEU B 202 1.53 -3.89 -33.85
C LEU B 202 0.52 -4.99 -34.05
N GLY B 203 -0.55 -4.97 -33.26
CA GLY B 203 -1.64 -5.89 -33.49
C GLY B 203 -2.32 -5.76 -34.85
N LEU B 204 -2.71 -4.54 -35.21
CA LEU B 204 -3.34 -4.30 -36.52
C LEU B 204 -2.47 -4.74 -37.69
N ILE B 205 -1.14 -4.55 -37.58
CA ILE B 205 -0.21 -5.03 -38.61
C ILE B 205 -0.34 -6.53 -38.71
N ILE B 206 -0.14 -7.23 -37.58
CA ILE B 206 -0.22 -8.70 -37.58
C ILE B 206 -1.55 -9.17 -38.15
N ALA B 207 -2.63 -8.54 -37.71
CA ALA B 207 -3.97 -8.85 -38.17
C ALA B 207 -4.05 -8.70 -39.67
N ALA B 208 -3.75 -7.50 -40.17
CA ALA B 208 -3.83 -7.23 -41.62
C ALA B 208 -2.85 -8.06 -42.43
N SER B 209 -1.76 -8.49 -41.80
CA SER B 209 -0.82 -9.44 -42.41
C SER B 209 -1.51 -10.70 -42.88
N TRP B 210 -2.46 -11.16 -42.08
CA TRP B 210 -3.18 -12.38 -42.39
C TRP B 210 -4.09 -12.24 -43.58
N SER B 211 -4.30 -11.01 -44.02
CA SER B 211 -5.19 -10.83 -45.15
C SER B 211 -4.49 -11.24 -46.46
N VAL B 212 -3.28 -11.77 -46.35
CA VAL B 212 -2.56 -12.26 -47.53
C VAL B 212 -3.27 -13.40 -48.23
N PHE B 213 -4.07 -14.14 -47.48
CA PHE B 213 -4.71 -15.33 -48.02
C PHE B 213 -5.93 -14.94 -48.84
N TRP B 214 -6.33 -13.67 -48.77
CA TRP B 214 -7.41 -13.21 -49.62
C TRP B 214 -7.00 -12.80 -51.04
N LEU B 215 -5.70 -12.86 -51.34
CA LEU B 215 -5.19 -12.51 -52.68
C LEU B 215 -5.40 -13.68 -53.64
N GLU B 216 -5.83 -13.42 -54.87
CA GLU B 216 -6.20 -14.54 -55.76
C GLU B 216 -4.97 -15.31 -56.23
N SER B 217 -4.02 -14.59 -56.81
CA SER B 217 -2.81 -15.18 -57.37
C SER B 217 -1.77 -15.61 -56.33
N PHE B 218 -0.84 -16.46 -56.76
CA PHE B 218 0.30 -16.88 -55.96
C PHE B 218 1.38 -15.83 -55.93
N SER B 219 1.64 -15.20 -57.08
CA SER B 219 2.59 -14.09 -57.09
C SER B 219 2.07 -13.05 -56.15
N GLU B 220 0.78 -12.75 -56.23
CA GLU B 220 0.26 -11.72 -55.34
C GLU B 220 0.53 -12.16 -53.91
N ARG B 221 0.24 -13.42 -53.62
CA ARG B 221 0.41 -13.96 -52.29
C ARG B 221 1.85 -13.97 -51.77
N LEU B 222 2.81 -14.42 -52.60
CA LEU B 222 4.21 -14.50 -52.17
C LEU B 222 4.93 -13.17 -52.17
N GLN B 223 4.69 -12.36 -53.18
CA GLN B 223 5.32 -11.05 -53.18
C GLN B 223 4.76 -10.15 -52.06
N THR B 224 3.45 -10.19 -51.83
CA THR B 224 2.88 -9.33 -50.81
C THR B 224 3.48 -9.64 -49.46
N SER B 225 3.76 -10.91 -49.20
CA SER B 225 4.32 -11.27 -47.91
C SER B 225 5.74 -10.75 -47.69
N PHE B 226 6.43 -10.39 -48.77
CA PHE B 226 7.74 -9.75 -48.62
C PHE B 226 7.62 -8.34 -48.11
N THR B 227 6.55 -7.65 -48.50
CA THR B 227 6.23 -6.31 -48.02
C THR B 227 5.91 -6.39 -46.56
N LEU B 228 5.14 -7.42 -46.23
CA LEU B 228 4.74 -7.63 -44.87
C LEU B 228 5.98 -7.78 -44.02
N MET B 229 6.93 -8.57 -44.50
CA MET B 229 8.17 -8.82 -43.78
C MET B 229 8.92 -7.51 -43.53
N LEU B 230 8.98 -6.67 -44.56
CA LEU B 230 9.63 -5.34 -44.51
C LEU B 230 8.88 -4.42 -43.54
N THR B 231 7.55 -4.52 -43.52
CA THR B 231 6.74 -3.71 -42.62
C THR B 231 7.11 -4.04 -41.21
N VAL B 232 7.19 -5.34 -40.88
CA VAL B 232 7.55 -5.73 -39.51
C VAL B 232 8.97 -5.28 -39.12
N VAL B 233 9.97 -5.37 -40.02
CA VAL B 233 11.29 -4.82 -39.67
C VAL B 233 11.17 -3.31 -39.43
N ALA B 234 10.49 -2.61 -40.31
CA ALA B 234 10.29 -1.18 -40.13
C ALA B 234 9.66 -0.93 -38.77
N TYR B 235 8.71 -1.78 -38.42
CA TYR B 235 8.05 -1.65 -37.15
C TYR B 235 9.03 -1.97 -36.04
N ALA B 236 9.85 -2.98 -36.25
CA ALA B 236 10.85 -3.34 -35.24
C ALA B 236 11.75 -2.13 -35.01
N SER B 237 12.20 -1.50 -36.09
CA SER B 237 13.12 -0.38 -35.97
C SER B 237 12.48 0.76 -35.24
N TYR B 238 11.23 1.07 -35.60
CA TYR B 238 10.44 2.15 -35.01
C TYR B 238 10.45 2.06 -33.52
N THR B 239 10.12 0.87 -33.04
CA THR B 239 10.08 0.50 -31.63
C THR B 239 11.37 0.64 -30.82
N SER B 240 12.44 0.02 -31.32
CA SER B 240 13.74 -0.10 -30.66
C SER B 240 14.32 1.21 -30.20
N ASN B 241 14.13 2.23 -31.01
CA ASN B 241 14.61 3.56 -30.77
C ASN B 241 13.96 4.12 -29.48
N ILE B 242 12.79 3.64 -29.18
CA ILE B 242 12.01 4.18 -28.10
C ILE B 242 12.03 3.30 -26.86
N LEU B 243 12.05 1.99 -27.08
CA LEU B 243 12.01 1.08 -25.94
C LEU B 243 13.34 1.15 -25.15
N PRO B 244 13.30 0.82 -23.85
CA PRO B 244 14.46 0.81 -22.95
C PRO B 244 15.50 -0.29 -23.25
N ARG B 245 16.79 -0.04 -23.08
CA ARG B 245 17.71 -1.16 -23.30
C ARG B 245 17.71 -2.15 -22.13
N LEU B 246 17.39 -3.40 -22.43
CA LEU B 246 17.38 -4.45 -21.42
C LEU B 246 18.19 -5.54 -22.05
N PRO B 247 18.66 -6.51 -21.27
CA PRO B 247 19.37 -7.66 -21.82
C PRO B 247 18.47 -8.91 -22.00
N TYR B 248 17.17 -8.70 -22.10
CA TYR B 248 16.20 -9.77 -22.32
C TYR B 248 15.04 -9.24 -23.13
N THR B 249 14.21 -10.14 -23.65
CA THR B 249 13.05 -9.70 -24.38
C THR B 249 11.95 -9.26 -23.46
N THR B 250 11.15 -8.31 -23.94
CA THR B 250 9.92 -7.95 -23.27
C THR B 250 8.76 -8.53 -24.03
N VAL B 251 7.58 -8.24 -23.50
CA VAL B 251 6.31 -8.60 -24.12
C VAL B 251 6.16 -8.02 -25.54
N ILE B 252 6.49 -6.75 -25.70
CA ILE B 252 6.47 -6.16 -27.00
C ILE B 252 7.46 -6.86 -27.90
N ASP B 253 8.66 -7.09 -27.40
CA ASP B 253 9.74 -7.76 -28.14
C ASP B 253 9.25 -9.12 -28.69
N GLN B 254 8.39 -9.79 -27.95
CA GLN B 254 7.80 -11.08 -28.37
C GLN B 254 6.72 -10.98 -29.42
N MET B 255 5.85 -9.99 -29.28
CA MET B 255 4.84 -9.75 -30.30
C MET B 255 5.53 -9.55 -31.65
N ILE B 256 6.67 -8.87 -31.62
CA ILE B 256 7.48 -8.70 -32.79
C ILE B 256 7.90 -10.08 -33.37
N ILE B 257 8.57 -10.90 -32.56
CA ILE B 257 8.98 -12.25 -32.99
C ILE B 257 7.76 -13.00 -33.51
N ALA B 258 6.65 -12.87 -32.80
CA ALA B 258 5.42 -13.51 -33.22
C ALA B 258 5.05 -13.08 -34.63
N GLY B 259 5.21 -11.79 -34.92
CA GLY B 259 4.90 -11.27 -36.23
C GLY B 259 5.77 -11.83 -37.32
N TYR B 260 7.09 -11.82 -37.10
CA TYR B 260 8.04 -12.40 -38.04
C TYR B 260 7.65 -13.86 -38.27
N GLY B 261 7.23 -14.54 -37.21
CA GLY B 261 6.81 -15.91 -37.33
C GLY B 261 5.59 -16.05 -38.23
N SER B 262 4.53 -15.31 -37.93
CA SER B 262 3.29 -15.39 -38.69
C SER B 262 3.53 -15.11 -40.17
N ILE B 263 4.40 -14.15 -40.45
CA ILE B 263 4.73 -13.83 -41.83
C ILE B 263 5.58 -14.96 -42.48
N PHE B 264 6.60 -15.43 -41.74
CA PHE B 264 7.49 -16.51 -42.20
C PHE B 264 6.69 -17.79 -42.35
N ALA B 265 5.65 -17.92 -41.53
CA ALA B 265 4.80 -19.10 -41.60
C ALA B 265 4.05 -19.13 -42.93
N ALA B 266 3.44 -18.01 -43.30
CA ALA B 266 2.70 -17.91 -44.56
C ALA B 266 3.59 -18.07 -45.83
N ILE B 267 4.80 -17.51 -45.80
CA ILE B 267 5.74 -17.67 -46.91
C ILE B 267 5.83 -19.14 -47.21
N LEU B 268 6.08 -19.94 -46.18
CA LEU B 268 6.13 -21.40 -46.38
C LEU B 268 4.79 -21.97 -46.88
N LEU B 269 3.68 -21.69 -46.19
CA LEU B 269 2.36 -22.17 -46.65
C LEU B 269 2.00 -21.77 -48.09
N ILE B 270 2.28 -20.52 -48.45
CA ILE B 270 1.98 -20.05 -49.79
C ILE B 270 2.81 -20.80 -50.86
N ILE B 271 4.10 -20.98 -50.57
CA ILE B 271 4.97 -21.77 -51.44
C ILE B 271 4.44 -23.19 -51.46
N PHE B 272 4.13 -23.72 -50.28
CA PHE B 272 3.67 -25.11 -50.19
C PHE B 272 2.42 -25.35 -50.97
N ALA B 273 1.40 -24.53 -50.74
CA ALA B 273 0.12 -24.67 -51.43
C ALA B 273 0.33 -24.83 -52.93
N HIS B 274 1.21 -24.00 -53.48
CA HIS B 274 1.44 -23.96 -54.92
C HIS B 274 2.29 -25.13 -55.44
N HIS B 275 3.50 -25.31 -54.91
CA HIS B 275 4.49 -26.19 -55.56
C HIS B 275 4.41 -27.66 -55.15
N ARG B 276 3.59 -27.95 -54.16
CA ARG B 276 3.21 -29.33 -53.89
C ARG B 276 2.07 -29.53 -54.84
N GLN B 277 2.38 -30.21 -55.94
CA GLN B 277 1.45 -30.33 -57.05
C GLN B 277 1.60 -31.60 -57.88
N ALA B 278 0.71 -31.72 -58.85
CA ALA B 278 0.84 -32.74 -59.87
C ALA B 278 0.85 -32.00 -61.21
N ASN B 279 1.10 -30.69 -61.16
CA ASN B 279 1.15 -29.84 -62.37
C ASN B 279 2.06 -28.59 -62.30
N GLY B 280 1.79 -27.71 -61.33
CA GLY B 280 2.49 -26.44 -61.23
C GLY B 280 1.71 -25.47 -60.36
N VAL B 281 0.39 -25.44 -60.57
CA VAL B 281 -0.51 -24.61 -59.78
C VAL B 281 -1.60 -25.47 -59.07
N GLU B 282 -1.34 -26.75 -58.84
CA GLU B 282 -2.26 -27.54 -58.03
C GLU B 282 -2.13 -27.06 -56.60
N ASP B 283 -2.77 -25.95 -56.32
CA ASP B 283 -2.87 -25.45 -54.96
C ASP B 283 -3.89 -26.37 -54.32
N ASP B 284 -3.64 -26.84 -53.08
CA ASP B 284 -4.62 -27.71 -52.42
C ASP B 284 -5.88 -26.87 -52.51
N LEU B 285 -6.75 -27.23 -53.45
CA LEU B 285 -7.91 -26.41 -53.84
C LEU B 285 -8.57 -25.69 -52.68
N LEU B 286 -8.42 -26.23 -51.47
CA LEU B 286 -8.89 -25.45 -50.36
C LEU B 286 -7.79 -24.73 -49.56
N ILE B 287 -6.69 -25.41 -49.18
CA ILE B 287 -5.65 -24.85 -48.24
C ILE B 287 -5.32 -23.34 -48.28
N GLN B 288 -5.42 -22.78 -49.47
CA GLN B 288 -5.17 -21.37 -49.74
C GLN B 288 -6.23 -20.53 -49.06
N ARG B 289 -7.34 -21.17 -48.73
CA ARG B 289 -8.48 -20.58 -48.08
C ARG B 289 -8.49 -20.94 -46.60
N CYS B 290 -7.28 -20.90 -46.04
CA CYS B 290 -7.00 -20.89 -44.59
C CYS B 290 -7.03 -19.44 -44.03
N ARG B 291 -8.01 -18.68 -44.51
CA ARG B 291 -8.26 -17.32 -44.10
C ARG B 291 -8.76 -17.25 -42.66
N LEU B 292 -9.22 -18.38 -42.16
CA LEU B 292 -9.64 -18.46 -40.77
C LEU B 292 -8.73 -19.38 -40.00
N ALA B 293 -8.07 -20.30 -40.70
CA ALA B 293 -7.24 -21.30 -40.03
C ALA B 293 -6.17 -20.67 -39.17
N PHE B 294 -5.09 -20.22 -39.79
CA PHE B 294 -4.02 -19.73 -38.94
C PHE B 294 -4.11 -18.27 -38.46
N PRO B 295 -5.14 -17.50 -38.90
CA PRO B 295 -5.38 -16.33 -38.05
C PRO B 295 -5.86 -16.71 -36.65
N LEU B 296 -6.78 -17.67 -36.57
CA LEU B 296 -7.23 -18.12 -35.26
C LEU B 296 -6.40 -19.31 -34.76
N GLY B 297 -5.63 -19.93 -35.65
CA GLY B 297 -4.62 -20.88 -35.23
C GLY B 297 -3.48 -20.14 -34.56
N PHE B 298 -3.23 -18.89 -35.01
CA PHE B 298 -2.21 -18.01 -34.42
C PHE B 298 -2.69 -17.58 -33.06
N LEU B 299 -3.99 -17.36 -32.92
CA LEU B 299 -4.54 -16.89 -31.65
C LEU B 299 -4.43 -17.99 -30.59
N ALA B 300 -4.45 -19.25 -31.03
CA ALA B 300 -4.31 -20.38 -30.13
C ALA B 300 -2.89 -20.48 -29.56
N ILE B 301 -1.91 -20.31 -30.42
CA ILE B 301 -0.51 -20.32 -30.01
C ILE B 301 -0.26 -19.12 -29.06
N GLY B 302 -1.08 -18.09 -29.22
CA GLY B 302 -1.02 -16.89 -28.40
C GLY B 302 -1.44 -17.03 -26.96
N CYS B 303 -2.47 -17.83 -26.71
CA CYS B 303 -2.99 -17.98 -25.34
C CYS B 303 -2.18 -19.00 -24.55
N VAL B 304 -1.53 -19.89 -25.29
CA VAL B 304 -0.69 -20.93 -24.72
C VAL B 304 0.63 -20.32 -24.28
N LEU B 305 1.09 -19.32 -25.03
CA LEU B 305 2.30 -18.58 -24.70
C LEU B 305 2.16 -17.77 -23.41
N VAL B 306 0.91 -17.55 -23.00
CA VAL B 306 0.58 -16.87 -21.73
C VAL B 306 0.67 -17.84 -20.51
N ILE B 307 0.91 -19.13 -20.81
CA ILE B 307 1.18 -20.11 -19.77
C ILE B 307 2.61 -19.96 -19.22
N PRO C 1 10.16 38.09 15.38
CA PRO C 1 9.91 37.36 14.11
C PRO C 1 10.32 38.16 12.89
N VAL C 2 11.50 37.87 12.33
CA VAL C 2 12.13 38.64 11.22
C VAL C 2 11.41 38.71 9.86
N ASP C 3 11.16 39.93 9.40
CA ASP C 3 10.61 40.17 8.07
C ASP C 3 11.70 40.02 7.01
N VAL C 4 11.52 39.08 6.10
CA VAL C 4 12.45 38.93 4.98
C VAL C 4 11.73 39.26 3.69
N SER C 5 12.24 40.26 2.97
CA SER C 5 11.71 40.61 1.66
C SER C 5 12.62 40.08 0.57
N VAL C 6 11.98 39.52 -0.46
CA VAL C 6 12.66 38.79 -1.52
C VAL C 6 12.37 39.29 -2.95
N SER C 7 13.38 39.16 -3.81
CA SER C 7 13.24 39.37 -5.25
C SER C 7 13.92 38.30 -6.08
N ILE C 8 13.16 37.81 -7.05
CA ILE C 8 13.62 36.86 -8.01
C ILE C 8 13.72 37.56 -9.36
N PHE C 9 14.87 37.39 -10.01
CA PHE C 9 15.04 37.85 -11.36
C PHE C 9 15.16 36.61 -12.26
N ILE C 10 14.17 36.39 -13.12
CA ILE C 10 14.19 35.25 -14.02
C ILE C 10 14.97 35.62 -15.31
N ASN C 11 16.06 34.90 -15.60
CA ASN C 11 16.85 35.20 -16.81
C ASN C 11 16.47 34.40 -18.05
N LYS C 12 16.29 33.11 -17.84
CA LYS C 12 16.05 32.14 -18.90
C LYS C 12 15.29 30.95 -18.26
N ILE C 13 14.21 30.52 -18.90
CA ILE C 13 13.58 29.25 -18.56
C ILE C 13 13.78 28.36 -19.78
N TYR C 14 14.37 27.21 -19.56
CA TYR C 14 14.75 26.42 -20.70
C TYR C 14 14.93 24.95 -20.27
N GLY C 15 15.22 24.09 -21.20
CA GLY C 15 15.41 22.68 -20.92
C GLY C 15 14.28 21.83 -20.33
N VAL C 16 13.04 22.05 -20.74
CA VAL C 16 11.95 21.24 -20.18
C VAL C 16 12.22 19.76 -20.39
N ASN C 17 12.06 18.95 -19.36
CA ASN C 17 12.19 17.50 -19.52
C ASN C 17 10.87 16.86 -19.30
N THR C 18 10.21 16.47 -20.37
CA THR C 18 8.87 15.95 -20.30
C THR C 18 8.73 14.69 -19.43
N LEU C 19 9.65 13.76 -19.63
CA LEU C 19 9.59 12.55 -18.84
C LEU C 19 9.75 12.85 -17.38
N GLU C 20 10.66 13.78 -17.07
CA GLU C 20 10.92 14.18 -15.69
C GLU C 20 10.02 15.24 -15.12
N GLN C 21 9.28 15.94 -15.95
CA GLN C 21 8.49 17.11 -15.51
C GLN C 21 9.37 18.17 -14.80
N THR C 22 10.20 18.80 -15.60
CA THR C 22 11.34 19.51 -15.13
C THR C 22 11.61 20.63 -16.11
N TYR C 23 12.21 21.71 -15.63
CA TYR C 23 12.66 22.82 -16.46
C TYR C 23 13.78 23.56 -15.75
N LYS C 24 14.59 24.28 -16.51
CA LYS C 24 15.75 24.98 -15.97
C LYS C 24 15.46 26.45 -15.84
N VAL C 25 15.89 27.03 -14.72
CA VAL C 25 15.78 28.47 -14.51
C VAL C 25 17.14 29.03 -14.09
N ASP C 26 17.53 30.09 -14.79
CA ASP C 26 18.69 30.91 -14.46
C ASP C 26 18.15 32.20 -13.87
N GLY C 27 18.71 32.64 -12.75
CA GLY C 27 18.29 33.91 -12.22
C GLY C 27 18.96 34.28 -10.93
N TYR C 28 18.47 35.37 -10.35
CA TYR C 28 19.02 35.92 -9.13
C TYR C 28 18.01 35.92 -7.95
N ILE C 29 18.46 35.54 -6.75
CA ILE C 29 17.62 35.74 -5.58
C ILE C 29 18.23 36.92 -4.88
N VAL C 30 17.35 37.75 -4.35
CA VAL C 30 17.75 38.85 -3.52
C VAL C 30 16.92 38.72 -2.29
N ALA C 31 17.56 38.57 -1.14
CA ALA C 31 16.83 38.47 0.12
C ALA C 31 17.31 39.56 1.03
N GLN C 32 16.38 40.25 1.69
CA GLN C 32 16.73 41.37 2.57
C GLN C 32 16.01 41.31 3.92
N TRP C 33 16.72 41.73 4.97
CA TRP C 33 16.16 41.85 6.32
C TRP C 33 16.99 42.88 7.14
N THR C 34 16.50 43.29 8.31
CA THR C 34 17.23 44.30 9.09
C THR C 34 17.72 43.71 10.40
N GLY C 35 18.99 43.88 10.70
CA GLY C 35 19.53 43.35 11.94
C GLY C 35 19.75 44.46 12.92
N LYS C 36 20.58 44.21 13.91
CA LYS C 36 20.89 45.27 14.83
C LYS C 36 22.01 46.03 14.08
N PRO C 37 22.03 47.37 14.14
CA PRO C 37 23.00 48.23 13.45
C PRO C 37 24.49 47.87 13.64
N ARG C 38 25.27 48.11 12.59
CA ARG C 38 26.69 47.74 12.57
C ARG C 38 27.49 49.02 12.38
N LYS C 39 28.75 49.00 12.78
CA LYS C 39 29.61 50.13 12.48
C LYS C 39 30.37 49.65 11.26
N THR C 40 30.13 50.27 10.13
CA THR C 40 30.76 49.86 8.89
C THR C 40 31.84 50.86 8.55
N PRO C 41 32.90 50.42 7.81
CA PRO C 41 34.00 51.24 7.27
C PRO C 41 33.51 52.46 6.52
N GLY C 42 34.02 53.61 6.90
CA GLY C 42 33.48 54.83 6.35
C GLY C 42 32.11 54.96 6.96
N ASP C 43 31.10 54.70 6.15
CA ASP C 43 29.75 54.68 6.62
C ASP C 43 28.81 54.20 5.53
N LYS C 44 29.37 53.94 4.36
CA LYS C 44 28.59 53.36 3.30
C LYS C 44 28.57 51.85 3.44
N PRO C 45 27.52 51.22 2.91
CA PRO C 45 27.34 49.79 3.07
C PRO C 45 28.54 48.96 2.71
N LEU C 46 28.73 47.86 3.44
CA LEU C 46 29.90 47.03 3.29
C LEU C 46 29.55 45.99 2.27
N ILE C 47 30.46 45.77 1.34
CA ILE C 47 30.19 44.73 0.37
C ILE C 47 31.06 43.52 0.69
N VAL C 48 30.40 42.37 0.65
CA VAL C 48 31.06 41.09 0.85
C VAL C 48 30.71 40.09 -0.31
N GLU C 49 31.73 39.68 -1.05
CA GLU C 49 31.42 38.84 -2.17
C GLU C 49 31.90 37.42 -1.93
N ASN C 50 31.17 36.47 -2.49
CA ASN C 50 31.54 35.07 -2.40
C ASN C 50 32.36 34.55 -1.17
N THR C 51 33.62 34.15 -1.43
CA THR C 51 34.47 33.49 -0.43
C THR C 51 34.42 34.15 0.97
N GLN C 52 34.35 35.47 0.99
CA GLN C 52 34.29 36.18 2.26
C GLN C 52 32.93 36.07 3.01
N ILE C 53 31.86 35.63 2.35
CA ILE C 53 30.57 35.64 3.03
C ILE C 53 30.61 34.59 4.11
N GLU C 54 31.25 33.46 3.82
CA GLU C 54 31.41 32.40 4.82
C GLU C 54 32.11 32.93 6.04
N ARG C 55 33.16 33.71 5.85
CA ARG C 55 33.91 34.23 6.98
C ARG C 55 33.02 35.01 7.97
N TRP C 56 32.06 35.76 7.46
CA TRP C 56 31.12 36.53 8.29
C TRP C 56 30.16 35.57 8.98
N ILE C 57 29.81 34.52 8.27
CA ILE C 57 28.91 33.52 8.80
C ILE C 57 29.56 32.76 9.94
N ASN C 58 30.82 32.34 9.75
CA ASN C 58 31.63 31.70 10.81
C ASN C 58 31.84 32.53 12.07
N ASN C 59 31.77 33.83 11.93
CA ASN C 59 31.79 34.66 13.10
C ASN C 59 30.44 35.14 13.57
N GLY C 60 29.36 34.55 13.09
CA GLY C 60 28.08 34.82 13.70
C GLY C 60 27.11 35.72 12.95
N LEU C 61 27.33 35.88 11.64
CA LEU C 61 26.38 36.65 10.89
C LEU C 61 25.21 35.74 10.68
N TRP C 62 24.03 36.20 11.00
CA TRP C 62 22.86 35.39 10.76
C TRP C 62 22.50 35.53 9.30
N VAL C 63 22.76 34.48 8.53
CA VAL C 63 22.30 34.46 7.15
C VAL C 63 21.35 33.25 6.98
N PRO C 64 20.06 33.52 7.05
CA PRO C 64 19.21 32.33 7.10
C PRO C 64 19.15 31.67 5.74
N ALA C 65 19.32 30.35 5.69
CA ALA C 65 19.21 29.59 4.45
C ALA C 65 17.80 29.53 3.87
N LEU C 66 17.57 30.15 2.73
CA LEU C 66 16.27 30.00 2.07
C LEU C 66 16.36 28.94 0.93
N GLU C 67 15.69 27.80 1.10
CA GLU C 67 15.78 26.71 0.14
C GLU C 67 14.74 26.80 -0.93
N PHE C 68 15.13 26.37 -2.13
CA PHE C 68 14.22 26.23 -3.23
C PHE C 68 13.46 24.91 -3.08
N ILE C 69 12.20 24.97 -2.66
CA ILE C 69 11.42 23.73 -2.43
C ILE C 69 11.50 22.79 -3.59
N ASN C 70 11.10 23.27 -4.76
CA ASN C 70 10.90 22.37 -5.87
C ASN C 70 12.08 22.25 -6.82
N VAL C 71 13.28 22.52 -6.31
CA VAL C 71 14.49 22.29 -7.04
C VAL C 71 14.90 20.78 -7.06
N VAL C 72 15.24 20.26 -8.23
CA VAL C 72 15.72 18.89 -8.27
C VAL C 72 17.23 18.87 -8.33
N GLY C 73 17.88 18.39 -7.29
CA GLY C 73 19.32 18.58 -7.15
C GLY C 73 19.67 19.92 -6.54
N SER C 74 20.93 20.12 -6.18
CA SER C 74 21.24 21.39 -5.55
C SER C 74 21.77 22.33 -6.60
N PRO C 75 21.19 23.53 -6.66
CA PRO C 75 21.36 24.44 -7.79
C PRO C 75 22.79 24.93 -7.94
N ASP C 76 23.18 25.23 -9.18
CA ASP C 76 24.48 25.84 -9.46
C ASP C 76 24.45 27.32 -9.06
N THR C 77 25.30 27.67 -8.09
CA THR C 77 25.27 29.03 -7.63
C THR C 77 26.46 29.83 -8.11
N GLY C 78 26.16 31.01 -8.64
CA GLY C 78 27.16 31.93 -9.11
C GLY C 78 27.73 32.88 -8.06
N ASN C 79 27.89 34.15 -8.39
CA ASN C 79 28.45 35.03 -7.41
C ASN C 79 27.44 35.35 -6.37
N LYS C 80 27.95 35.48 -5.15
CA LYS C 80 27.13 35.85 -4.02
C LYS C 80 27.74 37.12 -3.49
N ARG C 81 26.88 37.95 -2.91
CA ARG C 81 27.27 39.21 -2.37
C ARG C 81 26.48 39.40 -1.07
N LEU C 82 27.17 39.92 -0.06
CA LEU C 82 26.49 40.43 1.11
C LEU C 82 26.74 41.91 1.12
N MET C 83 25.65 42.65 1.23
CA MET C 83 25.70 44.09 1.46
C MET C 83 25.19 44.45 2.86
N LEU C 84 26.09 44.90 3.72
CA LEU C 84 25.75 45.26 5.09
C LEU C 84 25.61 46.75 5.20
N PHE C 85 24.40 47.24 5.42
CA PHE C 85 24.22 48.66 5.57
C PHE C 85 24.44 49.03 7.04
N PRO C 86 24.76 50.30 7.31
CA PRO C 86 25.00 50.68 8.71
C PRO C 86 23.71 50.71 9.59
N ASP C 87 22.55 51.05 9.00
CA ASP C 87 21.33 51.18 9.80
C ASP C 87 20.79 49.81 10.24
N GLY C 88 21.47 48.75 9.85
CA GLY C 88 21.12 47.41 10.30
C GLY C 88 20.86 46.41 9.19
N ARG C 89 20.21 46.89 8.14
CA ARG C 89 19.74 46.02 7.07
C ARG C 89 20.85 45.27 6.30
N VAL C 90 20.49 44.08 5.85
CA VAL C 90 21.40 43.16 5.19
C VAL C 90 20.73 42.67 3.91
N ILE C 91 21.48 42.68 2.81
CA ILE C 91 20.93 42.15 1.58
C ILE C 91 21.80 41.04 1.04
N TYR C 92 21.19 39.88 0.87
CA TYR C 92 21.85 38.76 0.23
C TYR C 92 21.41 38.68 -1.22
N ASN C 93 22.43 38.51 -2.07
CA ASN C 93 22.32 38.59 -3.51
C ASN C 93 23.08 37.44 -4.15
N ALA C 94 22.42 36.65 -4.97
CA ALA C 94 23.18 35.56 -5.57
C ALA C 94 22.59 35.08 -6.89
N ARG C 95 23.45 34.53 -7.73
CA ARG C 95 22.92 33.98 -8.94
C ARG C 95 22.73 32.48 -8.84
N PHE C 96 21.74 31.98 -9.59
CA PHE C 96 21.48 30.54 -9.64
C PHE C 96 21.07 30.04 -11.04
N LEU C 97 21.40 28.77 -11.28
CA LEU C 97 20.82 27.98 -12.36
C LEU C 97 20.37 26.67 -11.67
N GLY C 98 19.09 26.34 -11.82
CA GLY C 98 18.51 25.21 -11.14
C GLY C 98 17.47 24.50 -11.96
N SER C 99 17.24 23.22 -11.67
CA SER C 99 16.16 22.47 -12.29
C SER C 99 14.95 22.30 -11.35
N PHE C 100 13.83 22.88 -11.76
CA PHE C 100 12.66 22.92 -10.94
C PHE C 100 11.59 21.95 -11.40
N SER C 101 10.77 21.51 -10.46
CA SER C 101 9.83 20.43 -10.73
C SER C 101 8.44 20.99 -10.57
N ASN C 102 7.52 20.58 -11.43
CA ASN C 102 6.14 20.98 -11.29
C ASN C 102 5.39 20.05 -12.15
N ASP C 103 4.14 19.86 -11.80
CA ASP C 103 3.28 18.97 -12.51
C ASP C 103 3.16 19.43 -13.91
N MET C 104 3.53 18.56 -14.84
CA MET C 104 3.42 18.95 -16.23
C MET C 104 2.62 17.93 -17.07
N ASP C 105 1.41 18.38 -17.43
CA ASP C 105 0.47 17.64 -18.23
C ASP C 105 0.76 17.96 -19.70
N PHE C 106 1.25 16.98 -20.47
CA PHE C 106 1.64 17.23 -21.86
C PHE C 106 0.64 16.62 -22.85
N ARG C 107 -0.56 16.31 -22.40
CA ARG C 107 -1.46 15.57 -23.27
C ARG C 107 -1.97 16.30 -24.53
N LEU C 108 -2.15 17.63 -24.50
CA LEU C 108 -2.54 18.30 -25.74
C LEU C 108 -1.37 18.89 -26.49
N PHE C 109 -0.20 18.29 -26.32
CA PHE C 109 0.97 18.59 -27.13
C PHE C 109 0.58 18.44 -28.57
N PRO C 110 1.05 19.35 -29.44
CA PRO C 110 1.92 20.48 -29.19
C PRO C 110 1.15 21.75 -28.86
N PHE C 111 0.01 21.60 -28.20
CA PHE C 111 -0.77 22.76 -27.84
C PHE C 111 -0.94 22.87 -26.31
N ASP C 112 0.08 22.48 -25.55
CA ASP C 112 0.00 22.54 -24.10
C ASP C 112 0.17 23.93 -23.56
N ARG C 113 -0.39 24.15 -22.37
CA ARG C 113 -0.05 25.32 -21.60
C ARG C 113 0.72 24.73 -20.42
N GLN C 114 1.86 25.29 -20.07
CA GLN C 114 2.63 24.76 -18.95
C GLN C 114 2.70 25.87 -17.91
N GLN C 115 3.09 25.57 -16.67
CA GLN C 115 3.39 26.67 -15.75
C GLN C 115 4.69 26.49 -14.98
N PHE C 116 5.66 27.34 -15.26
CA PHE C 116 6.95 27.24 -14.61
C PHE C 116 6.79 27.87 -13.26
N VAL C 117 7.18 27.11 -12.23
CA VAL C 117 6.99 27.48 -10.84
C VAL C 117 8.26 27.49 -10.00
N LEU C 118 8.40 28.51 -9.16
CA LEU C 118 9.48 28.57 -8.18
C LEU C 118 8.82 28.66 -6.84
N GLU C 119 9.27 27.84 -5.90
CA GLU C 119 8.74 27.82 -4.51
C GLU C 119 9.84 28.02 -3.46
N LEU C 120 9.69 29.04 -2.61
CA LEU C 120 10.77 29.45 -1.71
C LEU C 120 10.35 29.26 -0.28
N GLU C 121 11.24 28.71 0.54
CA GLU C 121 10.88 28.48 1.94
C GLU C 121 12.14 28.35 2.78
N PRO C 122 12.21 29.02 3.93
CA PRO C 122 13.36 28.91 4.83
C PRO C 122 13.57 27.46 5.25
N PHE C 123 14.81 27.04 5.39
CA PHE C 123 15.12 25.65 5.67
C PHE C 123 14.93 25.33 7.14
N SER C 124 15.19 26.30 8.02
CA SER C 124 15.12 26.04 9.47
C SER C 124 14.25 26.97 10.29
N TYR C 125 13.78 28.09 9.74
CA TYR C 125 13.00 29.05 10.54
C TYR C 125 11.54 29.09 10.15
N ASN C 126 10.67 28.85 11.13
CA ASN C 126 9.25 28.88 10.94
C ASN C 126 8.68 30.28 11.02
N ASN C 127 7.41 30.40 10.63
CA ASN C 127 6.74 31.69 10.55
C ASN C 127 6.74 32.49 11.84
N GLN C 128 7.10 31.86 12.95
CA GLN C 128 7.28 32.65 14.15
C GLN C 128 8.72 33.16 14.25
N GLN C 129 9.63 32.58 13.50
CA GLN C 129 11.03 33.05 13.51
C GLN C 129 11.39 33.98 12.34
N LEU C 130 11.01 33.55 11.12
CA LEU C 130 11.30 34.23 9.86
C LEU C 130 10.07 34.21 8.94
N ARG C 131 9.68 35.38 8.47
CA ARG C 131 8.46 35.56 7.71
C ARG C 131 8.80 36.26 6.43
N PHE C 132 8.16 35.84 5.34
CA PHE C 132 8.29 36.54 4.06
C PHE C 132 7.35 37.74 3.99
N SER C 133 7.95 38.93 3.97
CA SER C 133 7.19 40.17 4.01
C SER C 133 6.56 40.59 2.67
N ASP C 134 7.23 40.34 1.55
CA ASP C 134 6.64 40.56 0.22
C ASP C 134 7.55 39.99 -0.87
N ILE C 135 7.06 39.90 -2.10
CA ILE C 135 7.96 39.47 -3.18
C ILE C 135 7.59 39.94 -4.56
N GLN C 136 8.55 40.63 -5.21
CA GLN C 136 8.42 40.94 -6.64
C GLN C 136 9.32 40.06 -7.48
N VAL C 137 8.80 39.72 -8.65
CA VAL C 137 9.55 38.90 -9.60
C VAL C 137 9.60 39.60 -10.95
N TYR C 138 10.79 39.81 -11.47
CA TYR C 138 10.90 40.50 -12.74
C TYR C 138 11.25 39.50 -13.82
N THR C 139 10.40 39.43 -14.83
CA THR C 139 10.72 38.66 -16.00
C THR C 139 11.14 39.66 -16.98
N GLU C 140 12.45 39.74 -17.14
CA GLU C 140 13.11 40.64 -18.09
C GLU C 140 12.74 40.27 -19.54
N ASN C 141 11.44 40.18 -19.78
CA ASN C 141 10.91 39.58 -20.99
C ASN C 141 10.31 40.57 -22.00
N ALA C 142 10.20 40.06 -23.22
CA ALA C 142 9.74 40.78 -24.41
C ALA C 142 9.98 39.93 -25.67
N ASP C 143 9.46 40.43 -26.80
CA ASP C 143 9.87 40.05 -28.17
C ASP C 143 10.12 38.60 -28.61
N ASN C 144 10.52 38.49 -29.89
CA ASN C 144 10.99 37.26 -30.52
C ASN C 144 10.33 35.95 -30.15
N GLU C 145 9.02 35.94 -29.88
CA GLU C 145 8.38 34.69 -29.49
C GLU C 145 8.67 33.67 -30.57
N GLU C 146 8.58 34.16 -31.81
CA GLU C 146 8.61 33.31 -32.99
C GLU C 146 9.93 32.57 -33.09
N ILE C 147 10.91 33.05 -32.34
CA ILE C 147 12.29 32.55 -32.30
C ILE C 147 12.47 31.48 -31.23
N ASP C 148 11.54 31.52 -30.29
CA ASP C 148 11.53 30.75 -29.05
C ASP C 148 10.57 29.56 -29.00
N GLU C 149 10.97 28.56 -28.21
CA GLU C 149 10.23 27.30 -28.03
C GLU C 149 8.94 27.48 -27.27
N TRP C 150 8.99 28.26 -26.18
CA TRP C 150 7.86 28.55 -25.28
C TRP C 150 7.45 30.01 -25.35
N TRP C 151 6.15 30.34 -25.33
CA TRP C 151 5.76 31.76 -25.26
C TRP C 151 5.19 32.12 -23.87
N ILE C 152 5.93 32.88 -23.08
CA ILE C 152 5.46 33.32 -21.75
C ILE C 152 4.27 34.24 -21.87
N ARG C 153 3.27 34.09 -21.02
CA ARG C 153 2.06 34.89 -21.16
C ARG C 153 1.80 36.01 -20.14
N GLY C 154 1.85 35.68 -18.86
CA GLY C 154 1.49 36.68 -17.88
C GLY C 154 2.68 37.53 -17.51
N LYS C 155 2.59 38.21 -16.38
CA LYS C 155 3.75 38.96 -15.94
C LYS C 155 4.47 38.22 -14.83
N ALA C 156 3.73 37.29 -14.20
CA ALA C 156 4.19 36.37 -13.16
C ALA C 156 3.29 36.53 -11.99
N SER C 157 2.90 35.40 -11.44
CA SER C 157 2.04 35.31 -10.31
C SER C 157 2.90 35.24 -9.04
N THR C 158 2.42 35.83 -7.95
CA THR C 158 3.12 35.74 -6.66
C THR C 158 2.14 35.42 -5.54
N HIS C 159 2.58 34.60 -4.61
CA HIS C 159 1.77 34.35 -3.43
C HIS C 159 2.61 33.98 -2.23
N ILE C 160 2.52 34.78 -1.18
CA ILE C 160 3.09 34.36 0.08
C ILE C 160 2.00 33.65 0.88
N SER C 161 2.33 32.48 1.43
CA SER C 161 1.33 31.68 2.11
C SER C 161 1.99 30.97 3.25
N ASP C 162 1.19 30.35 4.12
CA ASP C 162 1.78 29.66 5.25
C ASP C 162 1.48 28.17 5.24
N ILE C 163 2.54 27.37 5.17
CA ILE C 163 2.44 25.92 5.03
C ILE C 163 2.60 25.27 6.38
N ARG C 164 1.61 24.47 6.75
CA ARG C 164 1.66 23.83 8.05
C ARG C 164 1.99 22.35 7.91
N TYR C 165 3.03 21.91 8.60
CA TYR C 165 3.45 20.53 8.49
C TYR C 165 3.01 19.76 9.71
N ASP C 166 2.32 18.62 9.51
CA ASP C 166 1.81 17.90 10.66
C ASP C 166 2.76 16.85 11.25
N HIS C 167 3.74 16.37 10.50
CA HIS C 167 4.64 15.36 11.04
C HIS C 167 6.12 15.72 10.92
N LEU C 168 6.73 16.05 12.04
CA LEU C 168 8.17 16.34 12.05
C LEU C 168 8.88 15.65 13.21
N SER C 169 9.76 16.44 13.82
CA SER C 169 10.63 16.07 14.93
C SER C 169 9.89 16.08 16.27
N SER C 170 10.66 16.22 17.35
CA SER C 170 10.10 16.42 18.68
C SER C 170 9.72 17.88 18.95
N VAL C 171 9.35 18.63 17.91
CA VAL C 171 8.89 20.01 18.10
C VAL C 171 7.38 20.18 17.78
N GLN C 172 6.62 20.70 18.76
CA GLN C 172 5.15 20.82 18.60
C GLN C 172 4.47 22.22 18.71
N PRO C 173 4.82 23.06 19.72
CA PRO C 173 4.00 24.21 20.15
C PRO C 173 3.29 24.97 19.03
N ASN C 174 4.03 25.51 18.08
CA ASN C 174 3.45 26.05 16.86
C ASN C 174 4.54 26.17 15.79
N GLN C 175 5.64 25.46 16.01
CA GLN C 175 6.78 25.54 15.11
C GLN C 175 6.58 24.62 13.92
N ASN C 176 5.44 24.74 13.27
CA ASN C 176 5.08 23.81 12.22
C ASN C 176 4.42 24.49 11.06
N GLU C 177 4.48 25.82 11.07
CA GLU C 177 3.94 26.62 9.99
C GLU C 177 5.15 27.38 9.45
N PHE C 178 5.50 27.14 8.19
CA PHE C 178 6.60 27.86 7.52
C PHE C 178 6.05 28.86 6.51
N SER C 179 6.72 29.99 6.32
CA SER C 179 6.20 30.97 5.36
C SER C 179 6.72 30.67 3.97
N ARG C 180 5.85 30.69 2.98
CA ARG C 180 6.24 30.30 1.64
C ARG C 180 6.00 31.30 0.50
N ILE C 181 7.06 31.54 -0.29
CA ILE C 181 6.96 32.27 -1.54
C ILE C 181 6.72 31.30 -2.72
N THR C 182 5.67 31.58 -3.49
CA THR C 182 5.37 30.84 -4.71
C THR C 182 5.28 31.74 -5.94
N VAL C 183 6.14 31.47 -6.92
CA VAL C 183 6.13 32.20 -8.17
C VAL C 183 5.53 31.40 -9.36
N ARG C 184 4.60 32.00 -10.09
CA ARG C 184 4.11 31.30 -11.27
C ARG C 184 4.29 32.04 -12.59
N ILE C 185 4.90 31.39 -13.57
CA ILE C 185 5.08 32.00 -14.87
C ILE C 185 4.36 31.12 -15.90
N ASP C 186 3.37 31.67 -16.59
CA ASP C 186 2.54 30.95 -17.56
C ASP C 186 3.21 30.81 -18.93
N ALA C 187 2.96 29.71 -19.61
CA ALA C 187 3.58 29.53 -20.92
C ALA C 187 2.71 28.76 -21.88
N VAL C 188 2.95 28.95 -23.16
CA VAL C 188 2.30 28.16 -24.18
C VAL C 188 3.36 27.67 -25.10
N ARG C 189 3.14 26.49 -25.69
CA ARG C 189 4.08 25.92 -26.66
C ARG C 189 3.98 26.62 -28.03
N ASN C 190 5.13 26.79 -28.65
CA ASN C 190 5.14 27.24 -30.01
C ASN C 190 4.77 26.03 -30.88
N PRO C 191 3.52 26.00 -31.40
CA PRO C 191 2.95 24.81 -32.05
C PRO C 191 3.32 24.68 -33.53
N SER C 192 3.70 25.82 -34.09
CA SER C 192 3.87 25.99 -35.51
C SER C 192 4.84 24.97 -36.08
N TYR C 193 5.97 24.71 -35.41
CA TYR C 193 6.88 23.71 -35.98
C TYR C 193 6.17 22.41 -36.20
N TYR C 194 5.44 21.99 -35.18
CA TYR C 194 4.77 20.71 -35.19
C TYR C 194 3.56 20.72 -36.14
N LEU C 195 2.87 21.86 -36.23
CA LEU C 195 1.79 21.95 -37.21
C LEU C 195 2.31 21.66 -38.60
N TRP C 196 3.35 22.37 -39.03
CA TRP C 196 3.78 22.27 -40.42
C TRP C 196 4.61 21.04 -40.79
N SER C 197 5.47 20.57 -39.90
CA SER C 197 6.33 19.43 -40.23
C SER C 197 5.86 18.09 -39.67
N PHE C 198 4.84 18.09 -38.82
CA PHE C 198 4.27 16.82 -38.34
C PHE C 198 2.80 16.68 -38.70
N ILE C 199 1.97 17.61 -38.24
CA ILE C 199 0.54 17.51 -38.46
C ILE C 199 0.11 17.47 -39.91
N LEU C 200 0.51 18.50 -40.66
CA LEU C 200 0.14 18.64 -42.08
C LEU C 200 0.56 17.44 -42.93
N PRO C 201 1.87 17.14 -43.02
CA PRO C 201 2.15 15.97 -43.83
C PRO C 201 1.50 14.70 -43.30
N LEU C 202 1.41 14.48 -41.98
CA LEU C 202 0.74 13.28 -41.50
C LEU C 202 -0.68 13.34 -42.07
N GLY C 203 -1.27 14.53 -42.07
CA GLY C 203 -2.57 14.77 -42.68
C GLY C 203 -2.72 14.44 -44.17
N LEU C 204 -1.73 14.80 -44.99
CA LEU C 204 -1.69 14.43 -46.41
C LEU C 204 -1.63 12.92 -46.65
N ILE C 205 -0.77 12.23 -45.91
CA ILE C 205 -0.67 10.78 -46.00
C ILE C 205 -2.05 10.16 -45.72
N ILE C 206 -2.70 10.57 -44.64
CA ILE C 206 -3.99 10.00 -44.29
C ILE C 206 -4.95 10.11 -45.46
N ALA C 207 -5.08 11.30 -46.02
CA ALA C 207 -5.97 11.54 -47.15
C ALA C 207 -5.55 10.74 -48.39
N ALA C 208 -4.30 10.86 -48.80
CA ALA C 208 -3.83 10.17 -49.99
C ALA C 208 -3.91 8.68 -49.80
N SER C 209 -3.80 8.24 -48.57
CA SER C 209 -4.07 6.85 -48.30
C SER C 209 -5.44 6.49 -48.88
N TRP C 210 -6.43 7.37 -48.70
CA TRP C 210 -7.79 7.02 -49.15
C TRP C 210 -7.94 6.90 -50.64
N SER C 211 -6.92 7.31 -51.37
CA SER C 211 -7.04 7.25 -52.80
C SER C 211 -6.94 5.80 -53.30
N VAL C 212 -6.74 4.88 -52.37
CA VAL C 212 -6.62 3.48 -52.74
C VAL C 212 -7.92 3.00 -53.40
N PHE C 213 -9.05 3.63 -53.08
CA PHE C 213 -10.32 3.18 -53.62
C PHE C 213 -10.49 3.67 -55.05
N TRP C 214 -9.66 4.61 -55.48
CA TRP C 214 -9.69 5.00 -56.88
C TRP C 214 -8.96 4.04 -57.80
N LEU C 215 -8.40 2.98 -57.24
CA LEU C 215 -7.75 1.95 -58.05
C LEU C 215 -8.84 1.08 -58.66
N GLU C 216 -8.61 0.68 -59.91
CA GLU C 216 -9.62 -0.02 -60.69
C GLU C 216 -9.81 -1.46 -60.24
N SER C 217 -8.68 -2.17 -60.15
CA SER C 217 -8.60 -3.59 -59.79
C SER C 217 -8.84 -3.92 -58.29
N PHE C 218 -9.14 -5.18 -57.97
CA PHE C 218 -9.17 -5.58 -56.58
C PHE C 218 -7.76 -5.82 -56.11
N SER C 219 -6.98 -6.55 -56.90
CA SER C 219 -5.60 -6.86 -56.54
C SER C 219 -4.78 -5.63 -56.30
N GLU C 220 -4.99 -4.60 -57.12
CA GLU C 220 -4.32 -3.32 -56.92
C GLU C 220 -4.73 -2.69 -55.60
N ARG C 221 -6.04 -2.75 -55.33
CA ARG C 221 -6.58 -2.14 -54.11
C ARG C 221 -5.93 -2.73 -52.87
N LEU C 222 -5.97 -4.04 -52.76
CA LEU C 222 -5.49 -4.68 -51.56
C LEU C 222 -3.97 -4.61 -51.42
N GLN C 223 -3.25 -4.91 -52.49
CA GLN C 223 -1.79 -4.94 -52.42
C GLN C 223 -1.29 -3.54 -52.05
N THR C 224 -1.96 -2.52 -52.59
CA THR C 224 -1.54 -1.12 -52.36
C THR C 224 -1.66 -0.59 -50.91
N SER C 225 -2.71 -0.99 -50.20
CA SER C 225 -2.86 -0.51 -48.82
C SER C 225 -1.77 -1.10 -47.93
N PHE C 226 -1.07 -2.12 -48.40
CA PHE C 226 0.10 -2.57 -47.65
C PHE C 226 1.28 -1.59 -47.75
N THR C 227 1.44 -0.92 -48.89
CA THR C 227 2.46 0.12 -48.96
C THR C 227 2.02 1.29 -48.11
N LEU C 228 0.73 1.61 -48.19
CA LEU C 228 0.14 2.68 -47.40
C LEU C 228 0.43 2.39 -45.92
N MET C 229 0.23 1.13 -45.52
CA MET C 229 0.50 0.67 -44.16
C MET C 229 1.97 0.86 -43.79
N LEU C 230 2.89 0.44 -44.66
CA LEU C 230 4.34 0.57 -44.43
C LEU C 230 4.76 2.03 -44.33
N THR C 231 4.10 2.92 -45.09
CA THR C 231 4.33 4.37 -45.00
C THR C 231 4.04 4.96 -43.62
N VAL C 232 2.87 4.64 -43.08
CA VAL C 232 2.51 5.07 -41.74
C VAL C 232 3.50 4.55 -40.69
N VAL C 233 4.02 3.33 -40.84
CA VAL C 233 5.02 2.87 -39.88
C VAL C 233 6.27 3.73 -39.98
N ALA C 234 6.73 3.93 -41.20
CA ALA C 234 7.88 4.78 -41.46
C ALA C 234 7.64 6.18 -40.93
N TYR C 235 6.42 6.67 -41.05
CA TYR C 235 6.11 7.99 -40.52
C TYR C 235 6.11 8.03 -39.01
N ALA C 236 5.52 7.00 -38.41
CA ALA C 236 5.42 6.88 -36.98
C ALA C 236 6.81 6.96 -36.38
N SER C 237 7.76 6.23 -36.97
CA SER C 237 9.13 6.23 -36.45
C SER C 237 9.80 7.59 -36.59
N TYR C 238 9.56 8.26 -37.71
CA TYR C 238 10.09 9.59 -37.91
C TYR C 238 9.66 10.42 -36.72
N THR C 239 8.36 10.44 -36.47
CA THR C 239 7.79 11.16 -35.35
C THR C 239 8.46 10.80 -34.01
N SER C 240 8.53 9.49 -33.72
CA SER C 240 9.10 8.94 -32.49
C SER C 240 10.48 9.41 -32.14
N ASN C 241 11.36 9.40 -33.13
CA ASN C 241 12.74 9.78 -32.90
C ASN C 241 12.83 11.24 -32.55
N ILE C 242 11.83 12.01 -32.93
CA ILE C 242 11.90 13.44 -32.75
C ILE C 242 11.10 14.03 -31.61
N LEU C 243 9.88 13.54 -31.44
CA LEU C 243 8.96 14.00 -30.41
C LEU C 243 9.46 13.69 -28.98
N PRO C 244 8.92 14.43 -27.99
CA PRO C 244 9.31 14.29 -26.58
C PRO C 244 8.89 12.96 -26.03
N ARG C 245 9.68 12.33 -25.14
CA ARG C 245 9.26 11.08 -24.51
C ARG C 245 8.15 11.30 -23.39
N LEU C 246 7.03 10.60 -23.48
CA LEU C 246 5.94 10.78 -22.50
C LEU C 246 5.39 9.41 -22.04
N PRO C 247 4.51 9.42 -21.02
CA PRO C 247 3.91 8.12 -20.73
C PRO C 247 2.51 8.04 -21.23
N TYR C 248 2.08 8.92 -22.11
CA TYR C 248 0.72 8.85 -22.65
C TYR C 248 0.74 9.31 -24.08
N THR C 249 -0.30 9.02 -24.83
CA THR C 249 -0.31 9.49 -26.20
C THR C 249 -0.62 10.97 -26.26
N THR C 250 -0.01 11.64 -27.25
CA THR C 250 -0.33 13.03 -27.59
C THR C 250 -1.30 13.07 -28.76
N VAL C 251 -1.78 14.25 -29.10
CA VAL C 251 -2.65 14.42 -30.26
C VAL C 251 -2.02 13.88 -31.56
N ILE C 252 -0.74 14.14 -31.77
CA ILE C 252 -0.03 13.53 -32.91
C ILE C 252 -0.05 11.99 -32.83
N ASP C 253 0.28 11.45 -31.66
CA ASP C 253 0.32 10.00 -31.44
C ASP C 253 -0.97 9.37 -31.86
N GLN C 254 -2.06 10.07 -31.58
CA GLN C 254 -3.38 9.62 -31.94
C GLN C 254 -3.63 9.68 -33.43
N MET C 255 -3.10 10.72 -34.07
CA MET C 255 -3.23 10.85 -35.52
C MET C 255 -2.60 9.64 -36.18
N ILE C 256 -1.42 9.25 -35.71
CA ILE C 256 -0.84 8.02 -36.19
C ILE C 256 -1.71 6.80 -35.90
N ILE C 257 -2.25 6.64 -34.69
CA ILE C 257 -3.18 5.53 -34.43
C ILE C 257 -4.32 5.54 -35.48
N ALA C 258 -4.91 6.70 -35.71
CA ALA C 258 -5.97 6.83 -36.71
C ALA C 258 -5.47 6.44 -38.09
N GLY C 259 -4.26 6.83 -38.39
CA GLY C 259 -3.70 6.49 -39.69
C GLY C 259 -3.61 5.00 -39.90
N TYR C 260 -3.05 4.31 -38.92
CA TYR C 260 -3.03 2.87 -38.96
C TYR C 260 -4.46 2.40 -39.11
N GLY C 261 -5.33 2.98 -38.29
CA GLY C 261 -6.73 2.58 -38.23
C GLY C 261 -7.45 2.73 -39.55
N SER C 262 -7.29 3.86 -40.21
CA SER C 262 -7.97 4.05 -41.49
C SER C 262 -7.53 2.97 -42.49
N ILE C 263 -6.24 2.71 -42.53
CA ILE C 263 -5.68 1.73 -43.46
C ILE C 263 -6.21 0.32 -43.28
N PHE C 264 -6.31 -0.13 -42.03
CA PHE C 264 -6.83 -1.46 -41.65
C PHE C 264 -8.33 -1.66 -41.98
N ALA C 265 -9.12 -0.60 -41.84
CA ALA C 265 -10.54 -0.61 -42.19
C ALA C 265 -10.67 -0.73 -43.69
N ALA C 266 -9.78 -0.01 -44.39
CA ALA C 266 -9.71 -0.06 -45.86
C ALA C 266 -9.42 -1.49 -46.34
N ILE C 267 -8.49 -2.17 -45.67
CA ILE C 267 -8.24 -3.57 -45.97
C ILE C 267 -9.56 -4.30 -45.89
N LEU C 268 -10.30 -4.10 -44.80
CA LEU C 268 -11.58 -4.77 -44.61
C LEU C 268 -12.57 -4.41 -45.71
N LEU C 269 -12.80 -3.12 -45.89
CA LEU C 269 -13.71 -2.68 -46.93
C LEU C 269 -13.34 -3.24 -48.29
N ILE C 270 -12.06 -3.19 -48.62
CA ILE C 270 -11.57 -3.72 -49.89
C ILE C 270 -11.78 -5.23 -50.04
N ILE C 271 -11.44 -6.01 -49.01
CA ILE C 271 -11.73 -7.46 -49.02
C ILE C 271 -13.22 -7.73 -48.98
N PHE C 272 -13.94 -6.97 -48.18
CA PHE C 272 -15.38 -7.18 -48.06
C PHE C 272 -16.05 -7.05 -49.42
N ALA C 273 -15.66 -6.00 -50.15
CA ALA C 273 -16.14 -5.74 -51.50
C ALA C 273 -16.02 -6.93 -52.44
N HIS C 274 -14.85 -7.57 -52.38
CA HIS C 274 -14.51 -8.64 -53.29
C HIS C 274 -15.25 -9.94 -53.09
N HIS C 275 -15.19 -10.46 -51.87
CA HIS C 275 -15.64 -11.81 -51.59
C HIS C 275 -17.07 -11.84 -51.11
N ARG C 276 -17.66 -10.67 -50.92
CA ARG C 276 -19.10 -10.61 -50.68
C ARG C 276 -19.74 -10.51 -52.06
N GLN C 277 -20.20 -11.64 -52.59
CA GLN C 277 -20.55 -11.65 -54.01
C GLN C 277 -21.70 -12.56 -54.48
N ALA C 278 -21.99 -12.44 -55.78
CA ALA C 278 -22.92 -13.28 -56.48
C ALA C 278 -22.19 -13.95 -57.66
N ASN C 279 -20.86 -13.98 -57.58
CA ASN C 279 -20.02 -14.63 -58.58
C ASN C 279 -18.67 -15.09 -58.02
N GLY C 280 -17.90 -14.15 -57.49
CA GLY C 280 -16.58 -14.41 -56.98
C GLY C 280 -15.83 -13.09 -56.96
N VAL C 281 -16.00 -12.35 -58.05
CA VAL C 281 -15.37 -11.06 -58.25
C VAL C 281 -16.38 -9.91 -58.41
N GLU C 282 -17.60 -10.08 -57.89
CA GLU C 282 -18.56 -8.97 -57.83
C GLU C 282 -18.14 -7.97 -56.77
N ASP C 283 -17.27 -7.03 -57.12
CA ASP C 283 -16.93 -5.98 -56.17
C ASP C 283 -18.13 -5.01 -56.14
N ASP C 284 -18.67 -4.74 -54.94
CA ASP C 284 -19.83 -3.87 -54.83
C ASP C 284 -19.52 -2.55 -55.50
N LEU C 285 -20.06 -2.35 -56.70
CA LEU C 285 -19.86 -1.07 -57.41
C LEU C 285 -20.08 0.11 -56.46
N LEU C 286 -20.96 -0.08 -55.49
CA LEU C 286 -21.27 0.96 -54.54
C LEU C 286 -20.22 0.98 -53.41
N ILE C 287 -19.91 -0.18 -52.85
CA ILE C 287 -18.97 -0.19 -51.72
C ILE C 287 -17.56 0.13 -52.19
N GLN C 288 -17.21 -0.22 -53.43
CA GLN C 288 -15.89 0.16 -53.93
C GLN C 288 -15.93 1.67 -54.18
N ARG C 289 -17.15 2.22 -54.31
CA ARG C 289 -17.34 3.67 -54.44
C ARG C 289 -17.65 4.27 -53.07
N CYS C 290 -17.01 3.71 -52.05
CA CYS C 290 -16.89 4.36 -50.75
C CYS C 290 -15.61 5.21 -50.79
N ARG C 291 -15.33 5.77 -51.96
CA ARG C 291 -14.22 6.70 -52.17
C ARG C 291 -14.61 8.01 -51.53
N LEU C 292 -15.89 8.18 -51.28
CA LEU C 292 -16.33 9.40 -50.64
C LEU C 292 -16.81 9.09 -49.24
N ALA C 293 -17.18 7.84 -49.00
CA ALA C 293 -17.69 7.40 -47.70
C ALA C 293 -16.72 7.66 -46.54
N PHE C 294 -15.70 6.82 -46.41
CA PHE C 294 -14.83 6.97 -45.23
C PHE C 294 -13.68 8.01 -45.29
N PRO C 295 -13.50 8.73 -46.43
CA PRO C 295 -12.75 9.97 -46.28
C PRO C 295 -13.48 11.04 -45.44
N LEU C 296 -14.79 11.18 -45.65
CA LEU C 296 -15.60 12.11 -44.85
C LEU C 296 -16.19 11.39 -43.63
N GLY C 297 -16.08 10.05 -43.63
CA GLY C 297 -16.42 9.27 -42.45
C GLY C 297 -15.34 9.45 -41.40
N PHE C 298 -14.11 9.65 -41.85
CA PHE C 298 -12.96 9.90 -40.97
C PHE C 298 -13.01 11.28 -40.33
N LEU C 299 -13.56 12.25 -41.06
CA LEU C 299 -13.69 13.61 -40.56
C LEU C 299 -14.80 13.73 -39.48
N ALA C 300 -15.82 12.89 -39.58
CA ALA C 300 -16.91 12.87 -38.61
C ALA C 300 -16.43 12.26 -37.30
N ILE C 301 -15.80 11.09 -37.40
CA ILE C 301 -15.20 10.43 -36.24
C ILE C 301 -14.02 11.23 -35.66
N GLY C 302 -13.37 12.02 -36.50
CA GLY C 302 -12.31 12.92 -36.07
C GLY C 302 -12.87 14.06 -35.23
N CYS C 303 -14.05 14.55 -35.61
CA CYS C 303 -14.70 15.65 -34.90
C CYS C 303 -15.44 15.18 -33.64
N VAL C 304 -15.58 13.87 -33.50
CA VAL C 304 -16.22 13.27 -32.33
C VAL C 304 -15.24 13.35 -31.13
N LEU C 305 -13.93 13.30 -31.41
CA LEU C 305 -12.88 13.47 -30.40
C LEU C 305 -12.81 14.86 -29.74
N VAL C 306 -13.62 15.81 -30.23
CA VAL C 306 -13.69 17.17 -29.66
C VAL C 306 -14.54 17.28 -28.35
N ILE C 307 -15.44 16.33 -28.09
CA ILE C 307 -16.23 16.33 -26.85
C ILE C 307 -15.41 15.94 -25.63
N PRO D 1 35.89 56.51 -8.85
CA PRO D 1 35.46 55.25 -9.50
C PRO D 1 36.61 54.52 -10.10
N VAL D 2 36.94 53.32 -9.60
CA VAL D 2 38.10 52.56 -10.08
C VAL D 2 37.95 52.15 -11.56
N ASP D 3 38.90 52.59 -12.38
CA ASP D 3 38.87 52.25 -13.79
C ASP D 3 39.42 50.86 -13.98
N VAL D 4 38.61 49.94 -14.47
CA VAL D 4 39.10 48.61 -14.73
C VAL D 4 39.13 48.47 -16.23
N SER D 5 40.32 48.15 -16.74
CA SER D 5 40.54 47.83 -18.12
C SER D 5 40.51 46.32 -18.26
N VAL D 6 39.78 45.85 -19.27
CA VAL D 6 39.51 44.44 -19.42
C VAL D 6 40.08 44.00 -20.75
N SER D 7 40.41 42.70 -20.82
CA SER D 7 40.80 42.00 -22.04
C SER D 7 40.19 40.61 -22.10
N ILE D 8 39.60 40.26 -23.23
CA ILE D 8 39.09 38.92 -23.43
C ILE D 8 39.94 38.29 -24.52
N PHE D 9 40.44 37.07 -24.27
CA PHE D 9 41.10 36.30 -25.31
C PHE D 9 40.24 35.08 -25.73
N ILE D 10 39.59 35.13 -26.88
CA ILE D 10 38.70 34.06 -27.31
C ILE D 10 39.51 32.96 -28.00
N ASN D 11 39.58 31.76 -27.40
CA ASN D 11 40.36 30.62 -27.91
C ASN D 11 39.61 29.66 -28.83
N LYS D 12 38.32 29.56 -28.61
CA LYS D 12 37.51 28.66 -29.40
C LYS D 12 36.12 29.16 -29.16
N ILE D 13 35.31 29.26 -30.20
CA ILE D 13 33.89 29.42 -29.98
C ILE D 13 33.39 28.13 -30.62
N TYR D 14 32.67 27.32 -29.88
CA TYR D 14 32.26 26.05 -30.40
C TYR D 14 30.98 25.55 -29.71
N GLY D 15 30.55 24.36 -30.08
CA GLY D 15 29.42 23.74 -29.44
C GLY D 15 28.08 24.42 -29.42
N VAL D 16 27.64 25.03 -30.51
CA VAL D 16 26.35 25.70 -30.47
C VAL D 16 25.17 24.76 -30.16
N ASN D 17 24.32 25.14 -29.19
CA ASN D 17 23.11 24.40 -28.91
C ASN D 17 21.87 25.14 -29.42
N THR D 18 21.31 24.71 -30.55
CA THR D 18 20.20 25.48 -31.13
C THR D 18 18.95 25.53 -30.27
N LEU D 19 18.60 24.40 -29.65
CA LEU D 19 17.41 24.43 -28.83
C LEU D 19 17.57 25.36 -27.66
N GLU D 20 18.75 25.30 -27.04
CA GLU D 20 19.03 26.14 -25.87
C GLU D 20 19.39 27.57 -26.18
N GLN D 21 19.80 27.86 -27.43
CA GLN D 21 20.36 29.17 -27.87
C GLN D 21 21.60 29.54 -27.02
N THR D 22 22.66 28.81 -27.28
CA THR D 22 23.78 28.68 -26.40
C THR D 22 25.02 28.36 -27.23
N TYR D 23 26.20 28.83 -26.84
CA TYR D 23 27.43 28.47 -27.57
C TYR D 23 28.56 28.47 -26.56
N LYS D 24 29.59 27.66 -26.78
CA LYS D 24 30.66 27.50 -25.80
C LYS D 24 31.87 28.35 -26.13
N VAL D 25 32.41 29.07 -25.14
CA VAL D 25 33.61 29.87 -25.39
C VAL D 25 34.75 29.47 -24.48
N ASP D 26 35.91 29.21 -25.05
CA ASP D 26 37.12 28.97 -24.26
C ASP D 26 38.01 30.19 -24.40
N GLY D 27 38.51 30.71 -23.28
CA GLY D 27 39.42 31.84 -23.32
C GLY D 27 39.94 32.40 -22.01
N TYR D 28 40.60 33.55 -22.06
CA TYR D 28 41.13 34.15 -20.86
C TYR D 28 40.46 35.46 -20.57
N ILE D 29 40.25 35.79 -19.28
CA ILE D 29 39.86 37.14 -18.90
C ILE D 29 41.11 37.80 -18.41
N VAL D 30 41.30 39.08 -18.75
CA VAL D 30 42.35 39.88 -18.12
C VAL D 30 41.76 41.18 -17.62
N ALA D 31 41.87 41.41 -16.32
CA ALA D 31 41.38 42.64 -15.74
C ALA D 31 42.51 43.36 -15.08
N GLN D 32 42.58 44.68 -15.28
CA GLN D 32 43.64 45.45 -14.68
C GLN D 32 43.08 46.77 -14.10
N TRP D 33 43.60 47.16 -12.93
CA TRP D 33 43.28 48.44 -12.29
C TRP D 33 44.38 48.83 -11.33
N THR D 34 44.36 50.08 -10.90
CA THR D 34 45.40 50.53 -10.00
C THR D 34 44.92 50.86 -8.59
N GLY D 35 45.51 50.19 -7.59
CA GLY D 35 45.23 50.43 -6.18
C GLY D 35 46.29 51.30 -5.52
N LYS D 36 46.42 51.17 -4.20
CA LYS D 36 47.48 51.89 -3.52
C LYS D 36 48.73 51.04 -3.57
N PRO D 37 49.87 51.69 -3.76
CA PRO D 37 51.18 51.05 -3.90
C PRO D 37 51.53 50.07 -2.80
N ARG D 38 52.27 49.04 -3.14
CA ARG D 38 52.60 47.94 -2.25
C ARG D 38 54.10 47.79 -2.16
N LYS D 39 54.56 47.10 -1.12
CA LYS D 39 55.96 46.65 -1.11
C LYS D 39 56.01 45.16 -1.45
N THR D 40 56.70 44.87 -2.55
CA THR D 40 56.89 43.53 -3.02
C THR D 40 58.35 43.08 -2.84
N PRO D 41 58.56 41.75 -2.72
CA PRO D 41 59.89 41.12 -2.65
C PRO D 41 60.80 41.60 -3.75
N GLY D 42 62.01 42.02 -3.39
CA GLY D 42 62.90 42.66 -4.34
C GLY D 42 62.26 44.00 -4.59
N ASP D 43 61.76 44.19 -5.80
CA ASP D 43 60.96 45.36 -6.10
C ASP D 43 60.40 45.06 -7.45
N LYS D 44 60.65 43.83 -7.86
CA LYS D 44 60.05 43.25 -9.03
C LYS D 44 58.63 42.82 -8.68
N PRO D 45 57.71 42.90 -9.64
CA PRO D 45 56.28 42.64 -9.42
C PRO D 45 56.05 41.29 -8.79
N LEU D 46 54.99 41.15 -7.99
CA LEU D 46 54.74 39.89 -7.29
C LEU D 46 53.68 38.97 -7.93
N ILE D 47 54.00 37.67 -8.07
CA ILE D 47 53.05 36.69 -8.60
C ILE D 47 52.35 35.83 -7.53
N VAL D 48 51.03 35.75 -7.67
CA VAL D 48 50.15 35.02 -6.78
C VAL D 48 49.22 34.13 -7.63
N GLU D 49 49.39 32.82 -7.57
CA GLU D 49 48.59 31.95 -8.43
C GLU D 49 47.48 31.27 -7.64
N ASN D 50 46.42 30.89 -8.35
CA ASN D 50 45.31 30.14 -7.77
C ASN D 50 45.01 30.27 -6.28
N THR D 51 45.32 29.19 -5.56
CA THR D 51 44.99 29.08 -4.14
C THR D 51 45.36 30.30 -3.29
N GLN D 52 46.55 30.85 -3.52
CA GLN D 52 47.04 31.94 -2.73
C GLN D 52 46.28 33.23 -2.92
N ILE D 53 45.44 33.29 -3.94
CA ILE D 53 44.72 34.52 -4.23
C ILE D 53 43.72 34.74 -3.16
N GLU D 54 43.10 33.64 -2.72
CA GLU D 54 42.13 33.72 -1.62
C GLU D 54 42.83 34.16 -0.34
N ARG D 55 44.01 33.62 -0.05
CA ARG D 55 44.77 34.11 1.10
C ARG D 55 45.01 35.63 1.05
N TRP D 56 45.29 36.15 -0.13
CA TRP D 56 45.50 37.58 -0.30
C TRP D 56 44.19 38.32 -0.14
N ILE D 57 43.11 37.70 -0.60
CA ILE D 57 41.81 38.34 -0.54
C ILE D 57 41.36 38.49 0.90
N ASN D 58 41.63 37.45 1.69
CA ASN D 58 41.33 37.43 3.12
C ASN D 58 42.00 38.52 3.90
N ASN D 59 43.28 38.77 3.67
CA ASN D 59 43.91 39.79 4.49
C ASN D 59 43.60 41.16 3.95
N GLY D 60 42.65 41.21 3.01
CA GLY D 60 42.04 42.44 2.51
C GLY D 60 42.25 43.03 1.12
N LEU D 61 42.79 42.26 0.17
CA LEU D 61 42.99 42.72 -1.21
C LEU D 61 41.67 42.80 -1.98
N TRP D 62 41.38 43.95 -2.59
CA TRP D 62 40.15 44.13 -3.37
C TRP D 62 40.27 43.57 -4.76
N VAL D 63 39.63 42.43 -5.00
CA VAL D 63 39.61 41.81 -6.32
C VAL D 63 38.16 41.71 -6.74
N PRO D 64 37.62 42.71 -7.42
CA PRO D 64 36.16 42.74 -7.58
C PRO D 64 35.63 41.60 -8.45
N ALA D 65 34.47 41.04 -8.11
CA ALA D 65 33.91 39.98 -8.93
C ALA D 65 33.37 40.49 -10.26
N LEU D 66 33.91 40.04 -11.38
CA LEU D 66 33.25 40.43 -12.60
C LEU D 66 32.45 39.26 -13.14
N GLU D 67 31.13 39.34 -13.13
CA GLU D 67 30.29 38.25 -13.60
C GLU D 67 30.04 38.23 -15.12
N PHE D 68 30.01 37.05 -15.73
CA PHE D 68 29.60 37.02 -17.14
C PHE D 68 28.08 37.07 -17.17
N ILE D 69 27.50 38.25 -17.41
CA ILE D 69 26.05 38.43 -17.43
C ILE D 69 25.29 37.33 -18.20
N ASN D 70 25.74 36.98 -19.39
CA ASN D 70 24.99 36.05 -20.23
C ASN D 70 25.58 34.66 -20.25
N VAL D 71 26.27 34.25 -19.18
CA VAL D 71 26.67 32.84 -19.08
C VAL D 71 25.52 31.91 -18.51
N VAL D 72 25.28 30.77 -19.15
CA VAL D 72 24.25 29.87 -18.61
C VAL D 72 24.88 28.83 -17.75
N GLY D 73 24.69 28.95 -16.46
CA GLY D 73 25.47 28.15 -15.54
C GLY D 73 26.74 28.93 -15.27
N SER D 74 27.54 28.43 -14.36
CA SER D 74 28.72 29.16 -13.95
C SER D 74 29.93 28.44 -14.46
N PRO D 75 30.83 29.19 -15.10
CA PRO D 75 31.91 28.70 -15.98
C PRO D 75 33.01 27.92 -15.30
N ASP D 76 33.57 26.98 -16.05
CA ASP D 76 34.75 26.27 -15.61
C ASP D 76 35.95 27.24 -15.67
N THR D 77 36.51 27.54 -14.50
CA THR D 77 37.66 28.42 -14.42
C THR D 77 38.94 27.62 -14.20
N GLY D 78 39.96 27.88 -15.01
CA GLY D 78 41.23 27.19 -14.90
C GLY D 78 42.16 27.88 -13.93
N ASN D 79 43.41 28.12 -14.30
CA ASN D 79 44.32 28.82 -13.39
C ASN D 79 43.93 30.27 -13.24
N LYS D 80 44.18 30.80 -12.05
CA LYS D 80 43.97 32.19 -11.75
C LYS D 80 45.33 32.69 -11.34
N ARG D 81 45.56 33.98 -11.51
CA ARG D 81 46.84 34.56 -11.14
C ARG D 81 46.66 35.99 -10.80
N LEU D 82 47.41 36.49 -9.82
CA LEU D 82 47.49 37.92 -9.55
C LEU D 82 48.90 38.40 -9.88
N MET D 83 49.00 39.51 -10.61
CA MET D 83 50.28 40.17 -10.67
C MET D 83 50.11 41.41 -9.85
N LEU D 84 50.85 41.49 -8.75
CA LEU D 84 50.83 42.70 -7.96
C LEU D 84 52.10 43.52 -8.24
N PHE D 85 51.87 44.73 -8.72
CA PHE D 85 52.93 45.71 -8.92
C PHE D 85 53.05 46.62 -7.70
N PRO D 86 54.28 47.07 -7.41
CA PRO D 86 54.56 47.92 -6.27
C PRO D 86 53.99 49.30 -6.48
N ASP D 87 53.90 49.74 -7.75
CA ASP D 87 53.39 51.07 -8.02
C ASP D 87 51.89 51.17 -7.76
N GLY D 88 51.29 50.04 -7.38
CA GLY D 88 49.89 50.00 -6.98
C GLY D 88 49.02 49.09 -7.81
N ARG D 89 49.26 49.09 -9.12
CA ARG D 89 48.39 48.43 -10.07
C ARG D 89 48.26 46.93 -9.87
N VAL D 90 47.12 46.41 -10.30
CA VAL D 90 46.80 45.02 -10.05
C VAL D 90 46.36 44.36 -11.34
N ILE D 91 46.91 43.18 -11.65
CA ILE D 91 46.43 42.49 -12.83
C ILE D 91 45.87 41.14 -12.46
N TYR D 92 44.59 40.94 -12.77
CA TYR D 92 43.89 39.66 -12.61
C TYR D 92 43.88 38.89 -13.92
N ASN D 93 44.29 37.63 -13.89
CA ASN D 93 44.47 36.80 -15.09
C ASN D 93 43.92 35.38 -14.91
N ALA D 94 42.96 34.99 -15.73
CA ALA D 94 42.30 33.71 -15.47
C ALA D 94 41.79 33.02 -16.74
N ARG D 95 41.81 31.69 -16.75
CA ARG D 95 41.23 31.01 -17.89
C ARG D 95 39.80 30.58 -17.64
N PHE D 96 38.96 30.64 -18.67
CA PHE D 96 37.57 30.24 -18.50
C PHE D 96 37.04 29.44 -19.71
N LEU D 97 36.12 28.54 -19.41
CA LEU D 97 35.33 27.86 -20.42
C LEU D 97 33.93 27.94 -19.94
N GLY D 98 33.09 28.61 -20.71
CA GLY D 98 31.75 28.90 -20.26
C GLY D 98 30.77 28.65 -21.38
N SER D 99 29.52 28.42 -21.02
CA SER D 99 28.49 28.28 -22.00
C SER D 99 27.69 29.54 -21.96
N PHE D 100 27.71 30.27 -23.08
CA PHE D 100 27.09 31.58 -23.15
C PHE D 100 25.74 31.58 -23.92
N SER D 101 24.98 32.64 -23.67
CA SER D 101 23.62 32.74 -24.15
C SER D 101 23.36 33.93 -25.04
N ASN D 102 22.64 33.70 -26.13
CA ASN D 102 22.22 34.80 -26.98
C ASN D 102 21.06 34.43 -27.85
N ASP D 103 20.23 35.40 -28.20
CA ASP D 103 19.09 35.21 -29.08
C ASP D 103 19.61 34.59 -30.35
N MET D 104 19.12 33.44 -30.78
CA MET D 104 19.68 32.92 -32.04
C MET D 104 18.60 32.49 -33.02
N ASP D 105 18.42 33.26 -34.09
CA ASP D 105 17.38 32.97 -35.08
C ASP D 105 17.98 31.97 -36.05
N PHE D 106 17.38 30.80 -36.14
CA PHE D 106 17.90 29.71 -36.97
C PHE D 106 17.01 29.34 -38.17
N ARG D 107 16.00 30.18 -38.44
CA ARG D 107 14.99 29.94 -39.48
C ARG D 107 15.49 29.95 -40.94
N LEU D 108 16.63 30.58 -41.23
CA LEU D 108 17.19 30.30 -42.55
C LEU D 108 18.35 29.37 -42.53
N PHE D 109 18.37 28.47 -41.56
CA PHE D 109 19.31 27.37 -41.56
C PHE D 109 19.06 26.72 -42.90
N PRO D 110 20.12 26.25 -43.61
CA PRO D 110 21.54 26.24 -43.24
C PRO D 110 22.27 27.45 -43.80
N PHE D 111 21.56 28.56 -43.94
CA PHE D 111 22.13 29.77 -44.46
C PHE D 111 22.05 30.89 -43.45
N ASP D 112 22.10 30.53 -42.17
CA ASP D 112 21.96 31.52 -41.09
C ASP D 112 23.24 32.31 -40.81
N ARG D 113 22.99 33.52 -40.31
CA ARG D 113 24.02 34.38 -39.81
C ARG D 113 23.76 34.38 -38.31
N GLN D 114 24.80 34.23 -37.52
CA GLN D 114 24.68 34.28 -36.08
C GLN D 114 25.61 35.36 -35.51
N GLN D 115 25.39 35.80 -34.26
CA GLN D 115 26.44 36.57 -33.54
C GLN D 115 26.73 36.12 -32.11
N PHE D 116 27.97 35.73 -31.89
CA PHE D 116 28.43 35.30 -30.61
C PHE D 116 28.66 36.55 -29.71
N VAL D 117 28.09 36.56 -28.52
CA VAL D 117 28.14 37.72 -27.67
C VAL D 117 28.69 37.38 -26.29
N LEU D 118 29.49 38.26 -25.71
CA LEU D 118 29.92 38.17 -24.33
C LEU D 118 29.45 39.44 -23.66
N GLU D 119 28.89 39.33 -22.45
CA GLU D 119 28.42 40.48 -21.66
C GLU D 119 29.08 40.40 -20.31
N LEU D 120 29.79 41.45 -19.90
CA LEU D 120 30.56 41.43 -18.66
C LEU D 120 30.09 42.57 -17.87
N GLU D 121 29.86 42.37 -16.57
CA GLU D 121 29.38 43.43 -15.67
C GLU D 121 29.71 43.02 -14.24
N PRO D 122 30.28 43.93 -13.46
CA PRO D 122 30.67 43.69 -12.08
C PRO D 122 29.45 43.24 -11.30
N PHE D 123 29.63 42.31 -10.34
CA PHE D 123 28.50 41.72 -9.64
C PHE D 123 28.01 42.68 -8.58
N SER D 124 28.91 43.41 -7.94
CA SER D 124 28.50 44.22 -6.79
C SER D 124 28.81 45.73 -6.86
N TYR D 125 29.69 46.17 -7.77
CA TYR D 125 30.04 47.60 -7.76
C TYR D 125 29.46 48.35 -8.94
N ASN D 126 28.84 49.48 -8.64
CA ASN D 126 28.26 50.33 -9.66
C ASN D 126 29.28 51.30 -10.30
N ASN D 127 28.83 51.97 -11.36
CA ASN D 127 29.68 52.86 -12.14
C ASN D 127 30.33 53.95 -11.31
N GLN D 128 29.80 54.18 -10.13
CA GLN D 128 30.48 55.15 -9.29
C GLN D 128 31.51 54.46 -8.43
N GLN D 129 31.50 53.15 -8.41
CA GLN D 129 32.58 52.44 -7.72
C GLN D 129 33.61 51.86 -8.68
N LEU D 130 33.13 51.18 -9.71
CA LEU D 130 34.01 50.49 -10.62
C LEU D 130 33.46 50.78 -11.99
N ARG D 131 34.33 51.31 -12.85
CA ARG D 131 33.99 51.73 -14.21
C ARG D 131 34.91 51.04 -15.26
N PHE D 132 34.32 50.55 -16.36
CA PHE D 132 35.13 49.90 -17.39
C PHE D 132 35.77 50.90 -18.29
N SER D 133 37.08 51.00 -18.19
CA SER D 133 37.83 52.00 -18.93
C SER D 133 37.98 51.63 -20.41
N ASP D 134 38.18 50.35 -20.70
CA ASP D 134 38.26 49.92 -22.09
C ASP D 134 38.22 48.42 -22.17
N ILE D 135 38.13 47.91 -23.39
CA ILE D 135 38.24 46.48 -23.53
C ILE D 135 38.84 46.05 -24.82
N GLN D 136 39.93 45.29 -24.79
CA GLN D 136 40.36 44.64 -26.01
C GLN D 136 40.04 43.17 -26.08
N VAL D 137 39.65 42.76 -27.27
CA VAL D 137 39.25 41.41 -27.50
C VAL D 137 40.18 40.87 -28.57
N TYR D 138 40.88 39.79 -28.25
CA TYR D 138 41.77 39.20 -29.24
C TYR D 138 41.07 37.93 -29.67
N THR D 139 40.69 37.91 -30.94
CA THR D 139 40.11 36.72 -31.53
C THR D 139 41.27 36.14 -32.29
N GLU D 140 42.06 35.30 -31.63
CA GLU D 140 43.30 34.79 -32.24
C GLU D 140 43.03 33.96 -33.52
N ASN D 141 42.23 34.54 -34.41
CA ASN D 141 41.70 33.81 -35.56
C ASN D 141 42.08 34.32 -36.99
N ALA D 142 41.85 33.44 -37.95
CA ALA D 142 42.00 33.67 -39.40
C ALA D 142 41.90 32.31 -40.18
N ASP D 143 41.71 32.41 -41.50
CA ASP D 143 41.93 31.32 -42.49
C ASP D 143 41.40 29.89 -42.25
N ASN D 144 41.88 28.94 -43.09
CA ASN D 144 41.47 27.52 -43.11
C ASN D 144 39.96 27.31 -43.01
N GLU D 145 39.24 28.20 -43.69
CA GLU D 145 37.79 28.36 -43.57
C GLU D 145 36.84 27.21 -43.98
N GLU D 146 37.08 26.54 -45.10
CA GLU D 146 36.11 25.53 -45.57
C GLU D 146 36.02 24.24 -44.71
N ILE D 147 37.05 24.01 -43.92
CA ILE D 147 37.02 22.92 -42.96
C ILE D 147 36.25 23.45 -41.77
N ASP D 148 36.10 24.77 -41.73
CA ASP D 148 35.47 25.36 -40.58
C ASP D 148 33.98 25.51 -40.85
N GLU D 149 33.22 25.22 -39.79
CA GLU D 149 31.75 25.22 -39.82
C GLU D 149 31.15 26.61 -39.96
N TRP D 150 31.72 27.55 -39.20
CA TRP D 150 31.29 28.95 -39.17
C TRP D 150 32.30 29.89 -39.73
N TRP D 151 31.85 30.87 -40.52
CA TRP D 151 32.74 31.89 -41.07
C TRP D 151 32.69 33.19 -40.28
N ILE D 152 33.75 33.46 -39.50
CA ILE D 152 33.80 34.69 -38.71
C ILE D 152 34.05 35.90 -39.64
N ARG D 153 33.24 36.95 -39.52
CA ARG D 153 33.24 38.06 -40.48
C ARG D 153 34.07 39.18 -39.95
N GLY D 154 33.84 39.49 -38.69
CA GLY D 154 34.45 40.61 -38.02
C GLY D 154 35.80 40.35 -37.39
N LYS D 155 36.10 41.16 -36.40
CA LYS D 155 37.29 40.99 -35.64
C LYS D 155 36.90 41.54 -34.32
N ALA D 156 35.72 41.16 -33.85
CA ALA D 156 35.25 41.48 -32.50
C ALA D 156 34.93 42.95 -32.32
N SER D 157 33.65 43.20 -32.45
CA SER D 157 33.07 44.51 -32.38
C SER D 157 32.70 44.72 -30.89
N THR D 158 32.76 45.97 -30.42
CA THR D 158 32.71 46.19 -28.98
C THR D 158 31.91 47.40 -28.53
N HIS D 159 31.24 47.30 -27.36
CA HIS D 159 30.49 48.44 -26.84
C HIS D 159 30.47 48.51 -25.30
N ILE D 160 31.08 49.55 -24.75
CA ILE D 160 31.01 49.79 -23.31
C ILE D 160 29.87 50.76 -23.01
N SER D 161 29.08 50.41 -21.98
CA SER D 161 27.90 51.20 -21.62
C SER D 161 27.61 51.17 -20.16
N ASP D 162 26.57 51.92 -19.81
CA ASP D 162 26.03 52.01 -18.46
C ASP D 162 24.62 51.44 -18.45
N ILE D 163 24.41 50.40 -17.64
CA ILE D 163 23.10 49.78 -17.57
C ILE D 163 22.41 50.34 -16.34
N ARG D 164 21.20 50.85 -16.54
CA ARG D 164 20.40 51.41 -15.47
C ARG D 164 19.28 50.45 -15.14
N TYR D 165 19.15 50.14 -13.86
CA TYR D 165 18.12 49.23 -13.39
C TYR D 165 17.05 50.00 -12.68
N ASP D 166 15.80 49.91 -13.08
CA ASP D 166 14.79 50.76 -12.43
C ASP D 166 14.33 50.16 -11.13
N HIS D 167 14.53 48.85 -10.98
CA HIS D 167 14.12 48.15 -9.77
C HIS D 167 15.30 47.44 -9.10
N LEU D 168 15.73 48.04 -8.00
CA LEU D 168 16.82 47.55 -7.14
C LEU D 168 16.54 47.63 -5.64
N SER D 169 17.60 48.05 -4.93
CA SER D 169 17.67 48.20 -3.46
C SER D 169 17.06 49.48 -2.91
N SER D 170 17.49 49.79 -1.68
CA SER D 170 17.16 51.01 -0.92
C SER D 170 18.07 52.18 -1.34
N VAL D 171 18.38 52.23 -2.64
CA VAL D 171 19.30 53.20 -3.23
C VAL D 171 18.62 54.36 -3.98
N GLN D 172 18.99 55.61 -3.64
CA GLN D 172 18.29 56.77 -4.20
C GLN D 172 19.04 57.77 -5.11
N PRO D 173 20.23 58.27 -4.71
CA PRO D 173 20.83 59.37 -5.50
C PRO D 173 20.99 59.09 -7.00
N ASN D 174 21.91 58.20 -7.35
CA ASN D 174 22.14 57.83 -8.73
C ASN D 174 22.89 56.51 -8.84
N GLN D 175 22.94 55.78 -7.73
CA GLN D 175 23.73 54.53 -7.62
C GLN D 175 23.03 53.25 -8.12
N ASN D 176 22.59 53.29 -9.37
CA ASN D 176 21.75 52.26 -9.93
C ASN D 176 22.17 51.95 -11.36
N GLU D 177 23.38 52.40 -11.68
CA GLU D 177 23.97 52.16 -12.98
C GLU D 177 25.27 51.42 -12.78
N PHE D 178 25.41 50.29 -13.47
CA PHE D 178 26.61 49.46 -13.51
C PHE D 178 27.26 49.54 -14.85
N SER D 179 28.58 49.47 -14.95
CA SER D 179 29.13 49.54 -16.34
C SER D 179 29.22 48.18 -16.99
N ARG D 180 28.91 48.13 -18.29
CA ARG D 180 28.92 46.85 -19.00
C ARG D 180 29.80 46.83 -20.27
N ILE D 181 30.62 45.80 -20.38
CA ILE D 181 31.33 45.46 -21.60
C ILE D 181 30.52 44.48 -22.45
N THR D 182 30.23 44.82 -23.69
CA THR D 182 29.54 43.87 -24.58
C THR D 182 30.41 43.58 -25.78
N VAL D 183 30.79 42.33 -25.93
CA VAL D 183 31.65 41.88 -27.00
C VAL D 183 30.87 41.15 -28.05
N ARG D 184 30.99 41.52 -29.32
CA ARG D 184 30.28 40.78 -30.38
C ARG D 184 31.19 40.16 -31.43
N ILE D 185 30.92 38.93 -31.83
CA ILE D 185 31.65 38.34 -32.91
C ILE D 185 30.66 37.87 -33.98
N ASP D 186 30.71 38.43 -35.20
CA ASP D 186 29.73 38.07 -36.25
C ASP D 186 30.12 36.81 -37.04
N ALA D 187 29.14 35.97 -37.39
CA ALA D 187 29.46 34.73 -38.12
C ALA D 187 28.43 34.24 -39.15
N VAL D 188 28.91 33.53 -40.15
CA VAL D 188 28.01 32.93 -41.15
C VAL D 188 28.23 31.46 -41.24
N ARG D 189 27.13 30.73 -41.37
CA ARG D 189 27.21 29.27 -41.46
C ARG D 189 27.73 28.86 -42.83
N ASN D 190 28.67 27.92 -42.84
CA ASN D 190 29.18 27.41 -44.09
C ASN D 190 28.18 26.39 -44.69
N PRO D 191 27.39 26.80 -45.68
CA PRO D 191 26.25 25.96 -46.07
C PRO D 191 26.58 24.78 -46.97
N SER D 192 27.82 24.59 -47.38
CA SER D 192 28.15 23.56 -48.36
C SER D 192 27.68 22.16 -47.93
N TYR D 193 27.94 21.81 -46.66
CA TYR D 193 27.62 20.48 -46.14
C TYR D 193 26.17 20.19 -46.34
N TYR D 194 25.35 21.19 -46.14
CA TYR D 194 23.93 20.98 -46.32
C TYR D 194 23.56 21.01 -47.81
N LEU D 195 24.30 21.78 -48.58
CA LEU D 195 24.02 21.84 -50.00
C LEU D 195 24.18 20.47 -50.66
N TRP D 196 25.35 19.86 -50.46
CA TRP D 196 25.67 18.61 -51.12
C TRP D 196 24.97 17.38 -50.60
N SER D 197 24.81 17.32 -49.29
CA SER D 197 24.30 16.11 -48.63
C SER D 197 22.82 16.12 -48.23
N PHE D 198 22.19 17.28 -48.16
CA PHE D 198 20.79 17.31 -47.74
C PHE D 198 19.95 17.95 -48.84
N ILE D 199 20.29 19.16 -49.23
CA ILE D 199 19.59 19.89 -50.28
C ILE D 199 19.60 19.09 -51.63
N LEU D 200 20.80 18.70 -52.10
CA LEU D 200 20.93 18.05 -53.42
C LEU D 200 20.09 16.78 -53.56
N PRO D 201 20.39 15.74 -52.76
CA PRO D 201 19.56 14.55 -52.95
C PRO D 201 18.09 14.82 -52.66
N LEU D 202 17.75 15.66 -51.68
CA LEU D 202 16.33 15.94 -51.49
C LEU D 202 15.72 16.41 -52.82
N GLY D 203 16.47 17.25 -53.55
CA GLY D 203 16.08 17.70 -54.87
C GLY D 203 15.95 16.61 -55.92
N LEU D 204 16.95 15.73 -56.04
CA LEU D 204 16.92 14.58 -56.97
C LEU D 204 15.70 13.68 -56.72
N ILE D 205 15.37 13.48 -55.44
CA ILE D 205 14.17 12.78 -55.04
C ILE D 205 12.94 13.49 -55.57
N ILE D 206 12.80 14.77 -55.20
CA ILE D 206 11.66 15.57 -55.64
C ILE D 206 11.57 15.55 -57.15
N ALA D 207 12.73 15.68 -57.82
CA ALA D 207 12.83 15.71 -59.31
C ALA D 207 12.26 14.44 -59.94
N ALA D 208 12.78 13.29 -59.52
CA ALA D 208 12.34 12.01 -60.02
C ALA D 208 10.86 11.75 -59.70
N SER D 209 10.35 12.37 -58.62
CA SER D 209 8.91 12.34 -58.36
C SER D 209 8.10 12.71 -59.61
N TRP D 210 8.61 13.68 -60.36
CA TRP D 210 7.92 14.18 -61.53
C TRP D 210 7.89 13.17 -62.67
N SER D 211 8.78 12.19 -62.59
CA SER D 211 8.87 11.19 -63.65
C SER D 211 7.73 10.20 -63.54
N VAL D 212 6.84 10.43 -62.60
CA VAL D 212 5.69 9.58 -62.48
C VAL D 212 4.81 9.72 -63.72
N PHE D 213 4.88 10.88 -64.38
CA PHE D 213 4.01 11.17 -65.51
C PHE D 213 4.50 10.51 -66.81
N TRP D 214 5.76 10.08 -66.79
CA TRP D 214 6.30 9.31 -67.90
C TRP D 214 5.87 7.83 -67.85
N LEU D 215 5.04 7.50 -66.87
CA LEU D 215 4.49 6.14 -66.77
C LEU D 215 3.26 5.93 -67.64
N GLU D 216 3.20 4.73 -68.23
CA GLU D 216 2.24 4.37 -69.27
C GLU D 216 0.78 4.20 -68.81
N SER D 217 0.54 3.33 -67.83
CA SER D 217 -0.80 3.08 -67.30
C SER D 217 -1.23 4.08 -66.21
N PHE D 218 -2.51 4.08 -65.86
CA PHE D 218 -2.98 4.81 -64.67
C PHE D 218 -2.63 4.04 -63.40
N SER D 219 -2.82 2.72 -63.40
CA SER D 219 -2.40 1.85 -62.30
C SER D 219 -0.93 2.02 -61.99
N GLU D 220 -0.11 2.17 -63.03
CA GLU D 220 1.30 2.44 -62.83
C GLU D 220 1.52 3.82 -62.21
N ARG D 221 0.81 4.81 -62.72
CA ARG D 221 0.98 6.19 -62.29
C ARG D 221 0.60 6.41 -60.83
N LEU D 222 -0.56 5.86 -60.45
CA LEU D 222 -1.11 6.05 -59.12
C LEU D 222 -0.39 5.23 -58.09
N GLN D 223 -0.09 3.98 -58.42
CA GLN D 223 0.61 3.11 -57.49
C GLN D 223 2.03 3.58 -57.18
N THR D 224 2.74 4.10 -58.17
CA THR D 224 4.08 4.62 -57.94
C THR D 224 4.17 5.87 -57.05
N SER D 225 3.21 6.79 -57.13
CA SER D 225 3.32 7.98 -56.30
C SER D 225 3.22 7.64 -54.80
N PHE D 226 2.68 6.47 -54.49
CA PHE D 226 2.64 5.98 -53.12
C PHE D 226 4.01 5.60 -52.65
N THR D 227 4.81 5.03 -53.53
CA THR D 227 6.19 4.75 -53.20
C THR D 227 6.97 6.05 -53.00
N LEU D 228 6.69 6.99 -53.90
CA LEU D 228 7.34 8.29 -53.92
C LEU D 228 7.09 8.96 -52.59
N MET D 229 5.84 8.86 -52.16
CA MET D 229 5.38 9.40 -50.89
C MET D 229 6.16 8.77 -49.72
N LEU D 230 6.30 7.44 -49.78
CA LEU D 230 7.02 6.71 -48.75
C LEU D 230 8.49 7.15 -48.74
N THR D 231 9.02 7.45 -49.91
CA THR D 231 10.40 7.94 -50.02
C THR D 231 10.64 9.33 -49.37
N VAL D 232 9.75 10.30 -49.60
CA VAL D 232 9.92 11.62 -48.99
C VAL D 232 9.92 11.46 -47.46
N VAL D 233 9.00 10.63 -46.95
CA VAL D 233 8.94 10.28 -45.53
C VAL D 233 10.21 9.61 -45.06
N ALA D 234 10.67 8.65 -45.84
CA ALA D 234 11.92 8.00 -45.55
C ALA D 234 13.02 9.06 -45.46
N TYR D 235 12.98 10.04 -46.36
CA TYR D 235 13.96 11.11 -46.36
C TYR D 235 13.83 12.00 -45.11
N ALA D 236 12.60 12.36 -44.73
CA ALA D 236 12.39 13.23 -43.57
C ALA D 236 13.04 12.61 -42.35
N SER D 237 12.85 11.30 -42.17
CA SER D 237 13.40 10.61 -41.01
C SER D 237 14.92 10.63 -41.02
N TYR D 238 15.52 10.38 -42.18
CA TYR D 238 16.97 10.46 -42.35
C TYR D 238 17.46 11.83 -41.89
N THR D 239 16.82 12.85 -42.46
CA THR D 239 17.07 14.26 -42.17
C THR D 239 16.98 14.68 -40.73
N SER D 240 15.80 14.45 -40.15
CA SER D 240 15.46 14.89 -38.80
C SER D 240 16.43 14.43 -37.76
N ASN D 241 16.85 13.18 -37.86
CA ASN D 241 17.70 12.62 -36.83
C ASN D 241 19.04 13.34 -36.75
N ILE D 242 19.48 13.93 -37.87
CA ILE D 242 20.81 14.52 -37.97
C ILE D 242 20.87 16.04 -37.76
N LEU D 243 19.92 16.75 -38.36
CA LEU D 243 19.79 18.20 -38.30
C LEU D 243 19.47 18.78 -36.90
N PRO D 244 19.84 20.07 -36.64
CA PRO D 244 19.63 20.70 -35.32
C PRO D 244 18.17 20.75 -34.93
N ARG D 245 17.89 20.54 -33.64
CA ARG D 245 16.51 20.64 -33.18
C ARG D 245 16.08 22.08 -32.89
N LEU D 246 15.00 22.52 -33.52
CA LEU D 246 14.50 23.89 -33.38
C LEU D 246 13.02 23.86 -33.08
N PRO D 247 12.46 25.00 -32.69
CA PRO D 247 11.02 24.94 -32.50
C PRO D 247 10.36 25.53 -33.73
N TYR D 248 11.09 25.59 -34.85
CA TYR D 248 10.52 26.14 -36.07
C TYR D 248 11.02 25.39 -37.27
N THR D 249 10.40 25.62 -38.42
CA THR D 249 10.91 25.03 -39.66
C THR D 249 12.14 25.77 -40.21
N THR D 250 13.02 25.04 -40.86
CA THR D 250 14.08 25.66 -41.63
C THR D 250 13.74 25.60 -43.11
N VAL D 251 14.63 26.13 -43.91
CA VAL D 251 14.47 26.09 -45.35
C VAL D 251 14.41 24.61 -45.77
N ILE D 252 15.32 23.80 -45.25
CA ILE D 252 15.28 22.37 -45.53
C ILE D 252 13.92 21.73 -45.16
N ASP D 253 13.33 22.10 -44.02
CA ASP D 253 12.04 21.52 -43.65
C ASP D 253 11.00 21.81 -44.74
N GLN D 254 11.01 23.05 -45.21
CA GLN D 254 10.02 23.46 -46.18
C GLN D 254 10.22 22.71 -47.49
N MET D 255 11.46 22.47 -47.89
CA MET D 255 11.67 21.65 -49.06
C MET D 255 11.01 20.28 -48.86
N ILE D 256 11.12 19.72 -47.65
CA ILE D 256 10.45 18.46 -47.42
C ILE D 256 8.93 18.65 -47.57
N ILE D 257 8.36 19.62 -46.87
CA ILE D 257 6.92 19.84 -46.99
C ILE D 257 6.51 19.94 -48.45
N ALA D 258 7.27 20.72 -49.22
CA ALA D 258 7.00 20.92 -50.64
C ALA D 258 7.05 19.60 -51.43
N GLY D 259 7.99 18.74 -51.08
CA GLY D 259 8.05 17.42 -51.68
C GLY D 259 6.80 16.61 -51.39
N TYR D 260 6.34 16.67 -50.14
CA TYR D 260 5.06 16.09 -49.75
C TYR D 260 3.94 16.71 -50.58
N GLY D 261 4.02 18.03 -50.74
CA GLY D 261 3.06 18.75 -51.54
C GLY D 261 3.06 18.35 -53.01
N SER D 262 4.23 18.29 -53.62
CA SER D 262 4.36 17.90 -55.02
C SER D 262 3.74 16.56 -55.37
N ILE D 263 4.09 15.55 -54.56
CA ILE D 263 3.64 14.18 -54.75
C ILE D 263 2.15 14.06 -54.47
N PHE D 264 1.67 14.71 -53.41
CA PHE D 264 0.25 14.69 -53.12
C PHE D 264 -0.55 15.43 -54.21
N ALA D 265 0.05 16.46 -54.80
CA ALA D 265 -0.57 17.17 -55.92
C ALA D 265 -0.65 16.28 -57.18
N ALA D 266 0.44 15.58 -57.50
CA ALA D 266 0.47 14.65 -58.63
C ALA D 266 -0.59 13.56 -58.42
N ILE D 267 -0.75 13.09 -57.18
CA ILE D 267 -1.83 12.16 -56.85
C ILE D 267 -3.14 12.74 -57.35
N LEU D 268 -3.45 13.98 -56.97
CA LEU D 268 -4.67 14.62 -57.46
C LEU D 268 -4.73 14.64 -58.99
N LEU D 269 -3.68 15.13 -59.63
CA LEU D 269 -3.67 15.13 -61.09
C LEU D 269 -3.83 13.74 -61.70
N ILE D 270 -3.09 12.78 -61.17
CA ILE D 270 -3.12 11.41 -61.70
C ILE D 270 -4.53 10.84 -61.60
N ILE D 271 -5.16 11.03 -60.44
CA ILE D 271 -6.54 10.62 -60.26
C ILE D 271 -7.47 11.45 -61.11
N PHE D 272 -7.32 12.76 -61.11
CA PHE D 272 -8.26 13.58 -61.87
C PHE D 272 -8.21 13.30 -63.38
N ALA D 273 -7.00 13.21 -63.93
CA ALA D 273 -6.81 12.91 -65.34
C ALA D 273 -7.67 11.73 -65.79
N HIS D 274 -7.75 10.72 -64.95
CA HIS D 274 -8.44 9.49 -65.30
C HIS D 274 -9.98 9.61 -65.36
N HIS D 275 -10.58 10.15 -64.32
CA HIS D 275 -12.04 10.09 -64.18
C HIS D 275 -12.81 11.29 -64.73
N ARG D 276 -12.12 12.32 -65.20
CA ARG D 276 -12.82 13.41 -65.88
C ARG D 276 -12.93 13.00 -67.34
N GLN D 277 -14.14 12.65 -67.77
CA GLN D 277 -14.27 11.95 -69.03
C GLN D 277 -15.45 12.30 -69.93
N ALA D 278 -15.42 11.70 -71.12
CA ALA D 278 -16.50 11.77 -72.09
C ALA D 278 -16.92 10.32 -72.33
N ASN D 279 -16.48 9.47 -71.41
CA ASN D 279 -16.80 8.04 -71.42
C ASN D 279 -16.62 7.35 -70.06
N GLY D 280 -15.41 7.44 -69.51
CA GLY D 280 -15.07 6.76 -68.27
C GLY D 280 -13.56 6.66 -68.06
N VAL D 281 -12.85 6.31 -69.13
CA VAL D 281 -11.39 6.15 -69.09
C VAL D 281 -10.68 7.12 -70.05
N GLU D 282 -11.30 8.25 -70.34
CA GLU D 282 -10.69 9.32 -71.15
C GLU D 282 -9.53 10.01 -70.43
N ASP D 283 -8.32 9.48 -70.55
CA ASP D 283 -7.17 10.17 -69.97
C ASP D 283 -6.80 11.37 -70.83
N ASP D 284 -6.92 12.56 -70.25
CA ASP D 284 -6.68 13.81 -70.96
C ASP D 284 -5.29 13.91 -71.59
N LEU D 285 -5.23 13.70 -72.91
CA LEU D 285 -3.99 13.73 -73.71
C LEU D 285 -3.08 14.91 -73.38
N LEU D 286 -3.69 16.02 -72.98
CA LEU D 286 -2.98 17.26 -72.68
C LEU D 286 -2.51 17.30 -71.21
N ILE D 287 -3.40 16.94 -70.29
CA ILE D 287 -3.07 16.95 -68.86
C ILE D 287 -2.09 15.84 -68.48
N GLN D 288 -2.14 14.71 -69.19
CA GLN D 288 -1.22 13.61 -68.92
C GLN D 288 0.21 14.00 -69.32
N ARG D 289 0.33 14.98 -70.23
CA ARG D 289 1.61 15.57 -70.62
C ARG D 289 1.94 16.85 -69.86
N CYS D 290 1.62 16.90 -68.58
CA CYS D 290 2.17 17.93 -67.72
C CYS D 290 3.49 17.44 -67.12
N ARG D 291 4.23 16.67 -67.91
CA ARG D 291 5.49 16.12 -67.48
C ARG D 291 6.53 17.23 -67.40
N LEU D 292 6.26 18.31 -68.10
CA LEU D 292 7.20 19.40 -68.12
C LEU D 292 6.53 20.59 -67.50
N ALA D 293 5.19 20.55 -67.46
CA ALA D 293 4.41 21.65 -66.93
C ALA D 293 4.87 21.96 -65.53
N PHE D 294 4.49 21.12 -64.58
CA PHE D 294 4.78 21.44 -63.20
C PHE D 294 6.16 21.08 -62.55
N PRO D 295 7.09 20.48 -63.31
CA PRO D 295 8.46 20.59 -62.76
C PRO D 295 8.91 22.05 -62.74
N LEU D 296 8.54 22.80 -63.78
CA LEU D 296 8.88 24.22 -63.84
C LEU D 296 7.83 25.10 -63.16
N GLY D 297 6.67 24.54 -62.85
CA GLY D 297 5.70 25.24 -62.01
C GLY D 297 6.16 25.20 -60.55
N PHE D 298 6.83 24.11 -60.22
CA PHE D 298 7.42 23.91 -58.92
C PHE D 298 8.63 24.84 -58.88
N LEU D 299 9.28 24.97 -60.03
CA LEU D 299 10.45 25.84 -60.20
C LEU D 299 10.09 27.33 -60.10
N ALA D 300 8.86 27.65 -60.50
CA ALA D 300 8.36 29.02 -60.40
C ALA D 300 8.01 29.34 -58.95
N ILE D 301 7.26 28.44 -58.32
CA ILE D 301 6.87 28.56 -56.90
C ILE D 301 8.10 28.47 -55.99
N GLY D 302 9.14 27.80 -56.49
CA GLY D 302 10.41 27.68 -55.80
C GLY D 302 11.06 29.04 -55.65
N CYS D 303 10.84 29.90 -56.64
CA CYS D 303 11.38 31.25 -56.62
C CYS D 303 10.48 32.25 -55.89
N VAL D 304 9.20 31.92 -55.84
CA VAL D 304 8.19 32.81 -55.27
C VAL D 304 8.24 32.75 -53.74
N LEU D 305 8.53 31.57 -53.20
CA LEU D 305 8.70 31.43 -51.76
C LEU D 305 9.97 32.10 -51.24
N VAL D 306 10.95 32.27 -52.13
CA VAL D 306 12.22 32.90 -51.77
C VAL D 306 12.10 34.42 -51.75
N ILE D 307 11.13 34.95 -52.49
CA ILE D 307 10.81 36.38 -52.42
C ILE D 307 10.01 36.74 -51.15
N PRO E 1 67.06 32.22 -13.88
CA PRO E 1 66.10 31.59 -14.82
C PRO E 1 66.00 30.09 -14.59
N VAL E 2 65.00 29.66 -13.82
CA VAL E 2 64.81 28.28 -13.34
C VAL E 2 64.57 27.25 -14.44
N ASP E 3 65.44 26.24 -14.53
CA ASP E 3 65.31 25.17 -15.53
C ASP E 3 64.37 24.08 -15.07
N VAL E 4 63.30 23.86 -15.81
CA VAL E 4 62.34 22.80 -15.49
C VAL E 4 62.36 21.62 -16.45
N SER E 5 62.64 20.44 -15.91
CA SER E 5 62.57 19.21 -16.65
C SER E 5 61.17 18.60 -16.48
N VAL E 6 60.60 18.12 -17.58
CA VAL E 6 59.23 17.63 -17.60
C VAL E 6 59.14 16.18 -18.14
N SER E 7 58.18 15.40 -17.66
CA SER E 7 57.85 14.09 -18.25
C SER E 7 56.34 13.87 -18.34
N ILE E 8 55.87 13.40 -19.49
CA ILE E 8 54.46 13.07 -19.62
C ILE E 8 54.37 11.57 -19.79
N PHE E 9 53.50 10.91 -19.03
CA PHE E 9 53.26 9.48 -19.23
C PHE E 9 51.87 9.34 -19.80
N ILE E 10 51.76 8.90 -21.04
CA ILE E 10 50.44 8.79 -21.64
C ILE E 10 49.88 7.42 -21.35
N ASN E 11 48.79 7.42 -20.60
CA ASN E 11 48.15 6.17 -20.20
C ASN E 11 47.10 5.78 -21.20
N LYS E 12 46.36 6.77 -21.66
CA LYS E 12 45.25 6.50 -22.55
C LYS E 12 44.89 7.74 -23.41
N ILE E 13 44.70 7.52 -24.70
CA ILE E 13 44.10 8.51 -25.57
C ILE E 13 42.84 7.81 -26.02
N TYR E 14 41.71 8.46 -25.83
CA TYR E 14 40.46 7.83 -26.16
C TYR E 14 39.42 8.93 -26.27
N GLY E 15 38.20 8.56 -26.58
CA GLY E 15 37.09 9.49 -26.61
C GLY E 15 37.18 10.68 -27.54
N VAL E 16 37.66 10.49 -28.77
CA VAL E 16 37.65 11.61 -29.72
C VAL E 16 36.20 12.12 -29.96
N ASN E 17 36.03 13.43 -29.92
CA ASN E 17 34.75 14.03 -30.27
C ASN E 17 34.95 14.71 -31.61
N THR E 18 34.41 14.13 -32.67
CA THR E 18 34.62 14.69 -34.00
C THR E 18 34.06 16.11 -34.14
N LEU E 19 32.87 16.35 -33.62
CA LEU E 19 32.28 17.67 -33.73
C LEU E 19 33.07 18.71 -32.96
N GLU E 20 33.53 18.34 -31.78
CA GLU E 20 34.30 19.28 -30.97
C GLU E 20 35.77 19.32 -31.32
N GLN E 21 36.24 18.35 -32.09
CA GLN E 21 37.67 18.26 -32.39
C GLN E 21 38.45 18.21 -31.09
N THR E 22 38.28 17.08 -30.42
CA THR E 22 38.58 16.92 -29.03
C THR E 22 38.97 15.48 -28.84
N TYR E 23 39.84 15.20 -27.89
CA TYR E 23 40.14 13.81 -27.56
C TYR E 23 40.57 13.76 -26.11
N LYS E 24 40.43 12.60 -25.46
CA LYS E 24 40.78 12.47 -24.04
C LYS E 24 42.17 11.85 -23.80
N VAL E 25 42.93 12.45 -22.88
CA VAL E 25 44.23 11.89 -22.52
C VAL E 25 44.34 11.65 -21.01
N ASP E 26 44.67 10.42 -20.62
CA ASP E 26 44.95 10.07 -19.24
C ASP E 26 46.44 9.90 -19.06
N GLY E 27 47.00 10.52 -18.02
CA GLY E 27 48.41 10.37 -17.77
C GLY E 27 48.97 11.05 -16.55
N TYR E 28 50.29 11.11 -16.46
CA TYR E 28 50.93 11.76 -15.32
C TYR E 28 51.83 12.88 -15.81
N ILE E 29 51.85 14.04 -15.14
CA ILE E 29 52.91 15.03 -15.40
C ILE E 29 53.91 14.89 -14.29
N VAL E 30 55.17 14.99 -14.65
CA VAL E 30 56.23 15.10 -13.68
C VAL E 30 57.09 16.30 -14.06
N ALA E 31 57.24 17.24 -13.14
CA ALA E 31 58.04 18.42 -13.38
C ALA E 31 59.11 18.42 -12.34
N GLN E 32 60.33 18.74 -12.72
CA GLN E 32 61.39 18.78 -11.72
C GLN E 32 62.19 20.07 -11.88
N TRP E 33 62.58 20.69 -10.77
CA TRP E 33 63.42 21.90 -10.80
C TRP E 33 64.26 21.95 -9.55
N THR E 34 65.26 22.82 -9.51
CA THR E 34 66.07 22.84 -8.31
C THR E 34 65.95 24.14 -7.52
N GLY E 35 65.57 24.01 -6.25
CA GLY E 35 65.46 25.18 -5.41
C GLY E 35 66.61 25.27 -4.42
N LYS E 36 66.42 26.11 -3.41
CA LYS E 36 67.43 26.31 -2.38
C LYS E 36 67.24 25.21 -1.38
N PRO E 37 68.35 24.65 -0.89
CA PRO E 37 68.38 23.48 0.01
C PRO E 37 67.45 23.54 1.24
N ARG E 38 66.93 22.38 1.62
CA ARG E 38 65.93 22.28 2.69
C ARG E 38 66.44 21.35 3.79
N LYS E 39 65.87 21.48 4.99
CA LYS E 39 66.15 20.48 6.01
C LYS E 39 64.95 19.54 6.07
N THR E 40 65.16 18.31 5.64
CA THR E 40 64.12 17.32 5.66
C THR E 40 64.44 16.34 6.77
N PRO E 41 63.40 15.72 7.35
CA PRO E 41 63.59 14.69 8.39
C PRO E 41 64.65 13.66 7.99
N GLY E 42 65.64 13.49 8.85
CA GLY E 42 66.80 12.67 8.53
C GLY E 42 67.65 13.40 7.53
N ASP E 43 67.66 12.90 6.30
CA ASP E 43 68.33 13.58 5.20
C ASP E 43 67.84 12.86 3.94
N LYS E 44 66.94 11.91 4.15
CA LYS E 44 66.28 11.28 3.02
C LYS E 44 65.18 12.21 2.53
N PRO E 45 64.88 12.14 1.22
CA PRO E 45 63.88 13.04 0.63
C PRO E 45 62.58 12.95 1.38
N LEU E 46 61.83 14.04 1.48
CA LEU E 46 60.53 14.04 2.14
C LEU E 46 59.41 13.93 1.09
N ILE E 47 58.44 13.04 1.31
CA ILE E 47 57.33 12.91 0.39
C ILE E 47 56.16 13.70 0.94
N VAL E 48 55.47 14.45 0.09
CA VAL E 48 54.31 15.24 0.51
C VAL E 48 53.13 15.05 -0.47
N GLU E 49 52.06 14.39 -0.02
CA GLU E 49 50.96 14.03 -0.93
C GLU E 49 49.77 14.96 -0.79
N ASN E 50 48.95 15.05 -1.82
CA ASN E 50 47.71 15.85 -1.85
C ASN E 50 47.46 17.08 -0.95
N THR E 51 46.54 16.91 0.00
CA THR E 51 46.10 17.99 0.87
C THR E 51 47.28 18.85 1.42
N GLN E 52 48.37 18.18 1.79
CA GLN E 52 49.54 18.77 2.37
C GLN E 52 50.39 19.64 1.44
N ILE E 53 50.15 19.54 0.15
CA ILE E 53 50.97 20.33 -0.75
C ILE E 53 50.61 21.79 -0.59
N GLU E 54 49.31 22.08 -0.44
CA GLU E 54 48.87 23.47 -0.25
C GLU E 54 49.55 24.04 0.97
N ARG E 55 49.61 23.25 2.04
CA ARG E 55 50.18 23.73 3.29
C ARG E 55 51.60 24.24 3.07
N TRP E 56 52.37 23.51 2.26
CA TRP E 56 53.74 23.92 1.95
C TRP E 56 53.75 25.14 1.08
N ILE E 57 52.77 25.23 0.21
CA ILE E 57 52.65 26.39 -0.64
C ILE E 57 52.27 27.60 0.20
N ASN E 58 51.38 27.40 1.18
CA ASN E 58 50.99 28.47 2.10
C ASN E 58 52.17 29.06 2.85
N ASN E 59 53.17 28.23 3.11
CA ASN E 59 54.37 28.74 3.79
C ASN E 59 55.41 29.26 2.83
N GLY E 60 55.08 29.36 1.55
CA GLY E 60 55.98 30.01 0.62
C GLY E 60 56.80 29.11 -0.33
N LEU E 61 56.38 27.85 -0.48
CA LEU E 61 57.06 26.95 -1.42
C LEU E 61 56.65 27.35 -2.81
N TRP E 62 57.63 27.51 -3.69
CA TRP E 62 57.32 27.82 -5.07
C TRP E 62 57.01 26.54 -5.82
N VAL E 63 55.73 26.33 -6.11
CA VAL E 63 55.33 25.27 -7.00
C VAL E 63 54.56 25.95 -8.15
N PRO E 64 55.25 26.20 -9.28
CA PRO E 64 54.75 27.06 -10.35
C PRO E 64 53.64 26.41 -11.15
N ALA E 65 52.62 27.15 -11.57
CA ALA E 65 51.54 26.57 -12.41
C ALA E 65 51.89 26.29 -13.88
N LEU E 66 51.91 25.03 -14.29
CA LEU E 66 52.16 24.71 -15.70
C LEU E 66 50.86 24.37 -16.42
N GLU E 67 50.38 25.24 -17.31
CA GLU E 67 49.07 25.04 -17.97
C GLU E 67 49.16 24.21 -19.24
N PHE E 68 48.17 23.36 -19.45
CA PHE E 68 48.05 22.65 -20.69
C PHE E 68 47.35 23.64 -21.62
N ILE E 69 48.09 24.27 -22.52
CA ILE E 69 47.54 25.32 -23.37
C ILE E 69 46.25 24.90 -24.04
N ASN E 70 46.23 23.68 -24.56
CA ASN E 70 45.11 23.22 -25.37
C ASN E 70 44.09 22.34 -24.74
N VAL E 71 43.98 22.30 -23.41
CA VAL E 71 42.93 21.48 -22.79
C VAL E 71 41.54 22.14 -22.64
N VAL E 72 40.47 21.42 -22.98
CA VAL E 72 39.12 22.03 -22.93
C VAL E 72 38.42 21.77 -21.62
N GLY E 73 38.26 22.81 -20.82
CA GLY E 73 37.81 22.65 -19.45
C GLY E 73 39.00 22.24 -18.60
N SER E 74 38.83 22.26 -17.28
CA SER E 74 40.00 22.05 -16.46
C SER E 74 40.09 20.60 -16.08
N PRO E 75 41.30 20.05 -16.17
CA PRO E 75 41.47 18.60 -16.11
C PRO E 75 41.13 18.08 -14.76
N ASP E 76 40.58 16.87 -14.76
CA ASP E 76 40.42 16.09 -13.56
C ASP E 76 41.78 15.58 -13.09
N THR E 77 42.16 16.02 -11.89
CA THR E 77 43.42 15.61 -11.31
C THR E 77 43.27 14.52 -10.23
N GLY E 78 44.12 13.50 -10.30
CA GLY E 78 44.16 12.45 -9.29
C GLY E 78 45.12 12.81 -8.19
N ASN E 79 45.98 11.89 -7.79
CA ASN E 79 46.92 12.20 -6.71
C ASN E 79 48.02 13.17 -7.12
N LYS E 80 48.42 14.01 -6.18
CA LYS E 80 49.50 14.94 -6.42
C LYS E 80 50.52 14.56 -5.40
N ARG E 81 51.77 14.79 -5.70
CA ARG E 81 52.78 14.44 -4.75
C ARG E 81 53.85 15.47 -4.90
N LEU E 82 54.41 15.89 -3.76
CA LEU E 82 55.60 16.72 -3.79
C LEU E 82 56.74 15.92 -3.23
N MET E 83 57.85 15.89 -3.96
CA MET E 83 59.05 15.31 -3.42
C MET E 83 60.07 16.43 -3.18
N LEU E 84 60.37 16.67 -1.91
CA LEU E 84 61.34 17.67 -1.49
C LEU E 84 62.60 16.94 -1.16
N PHE E 85 63.68 17.19 -1.90
CA PHE E 85 64.98 16.61 -1.60
C PHE E 85 65.76 17.60 -0.75
N PRO E 86 66.73 17.11 0.02
CA PRO E 86 67.54 17.98 0.89
C PRO E 86 68.54 18.86 0.11
N ASP E 87 69.03 18.37 -1.02
CA ASP E 87 69.99 19.12 -1.82
C ASP E 87 69.36 20.32 -2.55
N GLY E 88 68.05 20.45 -2.44
CA GLY E 88 67.35 21.59 -3.00
C GLY E 88 66.26 21.23 -3.98
N ARG E 89 66.51 20.22 -4.81
CA ARG E 89 65.61 19.89 -5.93
C ARG E 89 64.19 19.46 -5.54
N VAL E 90 63.22 19.77 -6.39
CA VAL E 90 61.81 19.53 -6.12
C VAL E 90 61.13 18.83 -7.28
N ILE E 91 60.42 17.77 -6.98
CA ILE E 91 59.72 17.04 -8.02
C ILE E 91 58.22 17.02 -7.78
N TYR E 92 57.50 17.59 -8.73
CA TYR E 92 56.05 17.57 -8.69
C TYR E 92 55.56 16.40 -9.53
N ASN E 93 54.60 15.69 -8.98
CA ASN E 93 54.09 14.46 -9.57
C ASN E 93 52.60 14.34 -9.47
N ALA E 94 51.92 14.13 -10.59
CA ALA E 94 50.45 14.11 -10.55
C ALA E 94 49.79 13.33 -11.68
N ARG E 95 48.63 12.78 -11.40
CA ARG E 95 47.87 12.15 -12.45
C ARG E 95 46.80 13.09 -12.96
N PHE E 96 46.50 12.99 -14.25
CA PHE E 96 45.53 13.87 -14.87
C PHE E 96 44.67 13.17 -15.92
N LEU E 97 43.48 13.70 -16.12
CA LEU E 97 42.69 13.30 -17.24
C LEU E 97 42.06 14.54 -17.82
N GLY E 98 42.34 14.85 -19.08
CA GLY E 98 41.80 16.07 -19.65
C GLY E 98 41.26 15.87 -21.05
N SER E 99 40.32 16.72 -21.43
CA SER E 99 39.84 16.74 -22.80
C SER E 99 40.56 17.87 -23.52
N PHE E 100 41.37 17.47 -24.50
CA PHE E 100 42.25 18.36 -25.19
C PHE E 100 41.66 18.71 -26.54
N SER E 101 42.08 19.86 -27.05
CA SER E 101 41.56 20.36 -28.31
C SER E 101 42.70 20.36 -29.27
N ASN E 102 42.36 20.07 -30.52
CA ASN E 102 43.27 20.17 -31.64
C ASN E 102 42.57 20.10 -32.99
N ASP E 103 43.17 20.69 -34.00
CA ASP E 103 42.63 20.70 -35.37
C ASP E 103 42.47 19.31 -35.94
N MET E 104 41.27 18.98 -36.39
CA MET E 104 41.07 17.66 -36.96
C MET E 104 40.26 17.69 -38.26
N ASP E 105 40.95 17.42 -39.36
CA ASP E 105 40.32 17.33 -40.67
C ASP E 105 39.82 15.90 -40.74
N PHE E 106 38.51 15.76 -40.90
CA PHE E 106 37.89 14.44 -40.92
C PHE E 106 37.39 14.12 -42.32
N ARG E 107 37.83 14.86 -43.34
CA ARG E 107 37.20 14.69 -44.66
C ARG E 107 37.42 13.33 -45.39
N LEU E 108 38.58 12.68 -45.23
CA LEU E 108 38.71 11.34 -45.83
C LEU E 108 38.43 10.22 -44.83
N PHE E 109 37.57 10.52 -43.88
CA PHE E 109 37.02 9.51 -43.03
C PHE E 109 36.41 8.49 -44.01
N PRO E 110 36.58 7.19 -43.73
CA PRO E 110 37.29 6.63 -42.58
C PRO E 110 38.76 6.27 -42.85
N PHE E 111 39.47 7.03 -43.69
CA PHE E 111 40.87 6.70 -43.94
C PHE E 111 41.75 7.86 -43.50
N ASP E 112 41.26 8.61 -42.52
CA ASP E 112 41.94 9.82 -42.08
C ASP E 112 43.12 9.54 -41.19
N ARG E 113 44.07 10.47 -41.19
CA ARG E 113 45.19 10.47 -40.28
C ARG E 113 44.93 11.61 -39.30
N GLN E 114 45.06 11.38 -38.00
CA GLN E 114 44.95 12.48 -37.02
C GLN E 114 46.16 12.55 -36.08
N GLN E 115 46.34 13.68 -35.41
CA GLN E 115 47.41 13.71 -34.43
C GLN E 115 47.03 14.29 -33.06
N PHE E 116 47.15 13.44 -32.04
CA PHE E 116 46.82 13.80 -30.68
C PHE E 116 47.97 14.62 -30.11
N VAL E 117 47.66 15.83 -29.65
CA VAL E 117 48.70 16.79 -29.26
C VAL E 117 48.55 17.32 -27.83
N LEU E 118 49.68 17.41 -27.13
CA LEU E 118 49.72 18.03 -25.83
C LEU E 118 50.57 19.31 -25.83
N GLU E 119 50.02 20.39 -25.28
CA GLU E 119 50.78 21.63 -25.14
C GLU E 119 50.88 22.21 -23.70
N LEU E 120 52.11 22.33 -23.19
CA LEU E 120 52.33 22.73 -21.80
C LEU E 120 53.09 24.05 -21.76
N GLU E 121 52.63 25.00 -20.95
CA GLU E 121 53.28 26.31 -20.89
C GLU E 121 52.95 26.95 -19.55
N PRO E 122 53.99 27.41 -18.82
CA PRO E 122 53.81 28.01 -17.51
C PRO E 122 52.79 29.11 -17.55
N PHE E 123 51.97 29.19 -16.51
CA PHE E 123 50.85 30.11 -16.53
C PHE E 123 51.33 31.51 -16.25
N SER E 124 52.33 31.65 -15.39
CA SER E 124 52.67 32.99 -14.94
C SER E 124 54.11 33.32 -15.08
N TYR E 125 54.93 32.34 -15.40
CA TYR E 125 56.35 32.61 -15.56
C TYR E 125 56.85 32.53 -17.01
N ASN E 126 57.49 33.63 -17.44
CA ASN E 126 58.02 33.75 -18.80
C ASN E 126 59.36 33.05 -18.86
N ASN E 127 59.90 32.90 -20.07
CA ASN E 127 61.18 32.20 -20.29
C ASN E 127 62.38 32.77 -19.57
N GLN E 128 62.25 33.94 -19.00
CA GLN E 128 63.37 34.44 -18.24
C GLN E 128 63.29 34.09 -16.78
N GLN E 129 62.10 33.68 -16.34
CA GLN E 129 61.90 33.22 -14.97
C GLN E 129 61.93 31.72 -14.90
N LEU E 130 61.21 31.10 -15.83
CA LEU E 130 61.06 29.66 -15.88
C LEU E 130 61.21 29.18 -17.32
N ARG E 131 62.16 28.27 -17.52
CA ARG E 131 62.53 27.72 -18.83
C ARG E 131 62.41 26.20 -18.83
N PHE E 132 61.88 25.63 -19.90
CA PHE E 132 61.82 24.18 -19.97
C PHE E 132 63.17 23.62 -20.45
N SER E 133 63.80 22.84 -19.57
CA SER E 133 65.14 22.28 -19.79
C SER E 133 65.16 21.09 -20.72
N ASP E 134 64.18 20.20 -20.58
CA ASP E 134 64.05 19.06 -21.47
C ASP E 134 62.71 18.41 -21.23
N ILE E 135 62.30 17.49 -22.09
CA ILE E 135 61.02 16.81 -21.87
C ILE E 135 60.87 15.40 -22.50
N GLN E 136 60.58 14.37 -21.70
CA GLN E 136 60.23 13.04 -22.25
C GLN E 136 58.75 12.63 -22.16
N VAL E 137 58.31 11.87 -23.17
CA VAL E 137 56.94 11.37 -23.24
C VAL E 137 56.97 9.85 -23.36
N TYR E 138 56.37 9.15 -22.40
CA TYR E 138 56.34 7.68 -22.40
C TYR E 138 54.94 7.13 -22.71
N THR E 139 54.80 6.43 -23.84
CA THR E 139 53.52 5.81 -24.17
C THR E 139 53.52 4.31 -23.96
N GLU E 140 53.16 3.92 -22.74
CA GLU E 140 53.18 2.52 -22.29
C GLU E 140 52.24 1.60 -23.10
N ASN E 141 52.26 1.82 -24.41
CA ASN E 141 51.38 1.15 -25.37
C ASN E 141 52.20 0.26 -26.31
N ALA E 142 51.50 -0.70 -26.93
CA ALA E 142 52.06 -1.73 -27.80
C ALA E 142 50.92 -2.69 -28.13
N ASP E 143 51.18 -3.63 -29.04
CA ASP E 143 50.32 -4.79 -29.28
C ASP E 143 48.84 -4.50 -29.55
N ASN E 144 48.04 -5.57 -29.59
CA ASN E 144 46.57 -5.52 -29.66
C ASN E 144 45.89 -4.44 -30.51
N GLU E 145 46.53 -4.01 -31.60
CA GLU E 145 45.99 -2.89 -32.36
C GLU E 145 44.59 -3.15 -32.91
N GLU E 146 44.42 -4.36 -33.45
CA GLU E 146 43.22 -4.74 -34.19
C GLU E 146 41.98 -4.72 -33.29
N ILE E 147 42.21 -4.47 -32.00
CA ILE E 147 41.18 -4.30 -30.99
C ILE E 147 40.84 -2.83 -30.75
N ASP E 148 41.79 -1.94 -31.06
CA ASP E 148 41.65 -0.51 -30.71
C ASP E 148 41.19 0.36 -31.90
N GLU E 149 40.51 1.47 -31.57
CA GLU E 149 39.92 2.35 -32.57
C GLU E 149 40.93 3.12 -33.38
N TRP E 150 41.97 3.60 -32.71
CA TRP E 150 43.03 4.34 -33.37
C TRP E 150 44.29 3.48 -33.28
N TRP E 151 45.06 3.46 -34.35
CA TRP E 151 46.31 2.72 -34.32
C TRP E 151 47.38 3.77 -34.22
N ILE E 152 47.97 3.91 -33.03
CA ILE E 152 49.09 4.84 -32.85
C ILE E 152 50.25 4.29 -33.66
N ARG E 153 50.87 5.13 -34.47
CA ARG E 153 51.87 4.63 -35.39
C ARG E 153 53.30 4.96 -35.05
N GLY E 154 53.60 6.23 -34.82
CA GLY E 154 54.97 6.60 -34.55
C GLY E 154 55.23 6.49 -33.07
N LYS E 155 56.28 7.17 -32.60
CA LYS E 155 56.48 7.23 -31.17
C LYS E 155 55.89 8.59 -30.85
N ALA E 156 56.56 9.42 -30.07
CA ALA E 156 55.96 10.73 -29.78
C ALA E 156 56.87 11.93 -30.08
N SER E 157 56.34 12.98 -30.68
CA SER E 157 57.16 14.14 -31.02
C SER E 157 57.23 15.16 -29.89
N THR E 158 58.38 15.82 -29.77
CA THR E 158 58.58 16.80 -28.72
C THR E 158 59.22 18.06 -29.27
N HIS E 159 58.80 19.22 -28.81
CA HIS E 159 59.45 20.47 -29.20
C HIS E 159 59.36 21.54 -28.13
N ILE E 160 60.52 21.89 -27.60
CA ILE E 160 60.59 22.98 -26.66
C ILE E 160 60.81 24.21 -27.48
N SER E 161 59.95 25.20 -27.32
CA SER E 161 60.00 26.39 -28.16
C SER E 161 59.57 27.60 -27.38
N ASP E 162 59.75 28.76 -27.96
CA ASP E 162 59.48 29.98 -27.24
C ASP E 162 58.39 30.75 -27.92
N ILE E 163 57.28 30.99 -27.23
CA ILE E 163 56.17 31.70 -27.85
C ILE E 163 56.23 33.17 -27.51
N ARG E 164 56.17 34.02 -28.52
CA ARG E 164 56.23 35.44 -28.29
C ARG E 164 54.82 36.01 -28.43
N TYR E 165 54.38 36.71 -27.39
CA TYR E 165 53.08 37.32 -27.39
C TYR E 165 53.33 38.80 -27.60
N ASP E 166 52.73 39.40 -28.64
CA ASP E 166 53.03 40.81 -28.90
C ASP E 166 52.14 41.77 -28.13
N HIS E 167 51.01 41.27 -27.72
CA HIS E 167 50.02 42.07 -27.04
C HIS E 167 49.53 41.33 -25.79
N LEU E 168 49.95 41.83 -24.63
CA LEU E 168 49.60 41.23 -23.34
C LEU E 168 49.05 42.33 -22.46
N SER E 169 49.58 42.35 -21.25
CA SER E 169 49.33 43.37 -20.26
C SER E 169 50.17 44.59 -20.65
N SER E 170 50.41 45.53 -19.73
CA SER E 170 51.27 46.68 -20.07
C SER E 170 52.78 46.41 -19.97
N VAL E 171 53.21 45.18 -20.22
CA VAL E 171 54.63 44.83 -20.09
C VAL E 171 55.36 44.65 -21.44
N GLN E 172 56.44 45.41 -21.63
CA GLN E 172 57.17 45.42 -22.92
C GLN E 172 58.63 44.92 -22.98
N PRO E 173 59.51 45.29 -21.98
CA PRO E 173 60.97 45.07 -22.12
C PRO E 173 61.39 43.72 -22.72
N ASN E 174 61.05 42.60 -22.08
CA ASN E 174 61.29 41.30 -22.67
C ASN E 174 60.39 40.24 -22.08
N GLN E 175 59.40 40.69 -21.32
CA GLN E 175 58.57 39.71 -20.65
C GLN E 175 57.42 39.17 -21.49
N ASN E 176 57.73 38.67 -22.68
CA ASN E 176 56.67 38.23 -23.57
C ASN E 176 57.02 36.99 -24.33
N GLU E 177 58.04 36.26 -23.86
CA GLU E 177 58.38 35.00 -24.48
C GLU E 177 58.18 33.91 -23.40
N PHE E 178 57.28 32.98 -23.65
CA PHE E 178 57.07 31.86 -22.71
C PHE E 178 57.57 30.56 -23.33
N SER E 179 58.15 29.66 -22.52
CA SER E 179 58.63 28.42 -23.15
C SER E 179 57.51 27.40 -23.18
N ARG E 180 57.35 26.76 -24.33
CA ARG E 180 56.24 25.84 -24.54
C ARG E 180 56.72 24.46 -24.94
N ILE E 181 56.23 23.45 -24.23
CA ILE E 181 56.41 22.06 -24.60
C ILE E 181 55.30 21.64 -25.51
N THR E 182 55.66 21.05 -26.66
CA THR E 182 54.63 20.52 -27.55
C THR E 182 54.82 19.01 -27.79
N VAL E 183 53.83 18.22 -27.42
CA VAL E 183 53.90 16.79 -27.64
C VAL E 183 53.03 16.35 -28.82
N ARG E 184 53.62 15.63 -29.75
CA ARG E 184 52.85 15.11 -30.88
C ARG E 184 52.86 13.58 -30.99
N ILE E 185 51.67 13.02 -31.20
CA ILE E 185 51.48 11.58 -31.36
C ILE E 185 50.67 11.28 -32.64
N ASP E 186 51.26 10.62 -33.62
CA ASP E 186 50.48 10.37 -34.84
C ASP E 186 49.63 9.14 -34.78
N ALA E 187 48.44 9.21 -35.35
CA ALA E 187 47.60 8.04 -35.37
C ALA E 187 46.75 7.96 -36.62
N VAL E 188 46.41 6.74 -36.99
CA VAL E 188 45.56 6.51 -38.12
C VAL E 188 44.42 5.73 -37.57
N ARG E 189 43.26 5.98 -38.17
CA ARG E 189 42.02 5.33 -37.78
C ARG E 189 41.96 3.90 -38.23
N ASN E 190 41.37 3.05 -37.40
CA ASN E 190 41.15 1.67 -37.76
C ASN E 190 40.01 1.62 -38.80
N PRO E 191 40.37 1.44 -40.08
CA PRO E 191 39.37 1.59 -41.15
C PRO E 191 38.55 0.33 -41.36
N SER E 192 38.97 -0.75 -40.71
CA SER E 192 38.42 -2.06 -41.01
C SER E 192 36.90 -2.11 -40.86
N TYR E 193 36.39 -1.63 -39.74
CA TYR E 193 34.96 -1.73 -39.49
C TYR E 193 34.14 -1.11 -40.60
N TYR E 194 34.59 0.03 -41.10
CA TYR E 194 33.82 0.76 -42.08
C TYR E 194 33.95 0.10 -43.44
N LEU E 195 35.12 -0.46 -43.72
CA LEU E 195 35.34 -1.15 -44.99
C LEU E 195 34.36 -2.30 -45.11
N TRP E 196 34.30 -3.16 -44.10
CA TRP E 196 33.42 -4.31 -44.13
C TRP E 196 31.94 -3.99 -43.94
N SER E 197 31.58 -3.09 -43.03
CA SER E 197 30.16 -2.93 -42.73
C SER E 197 29.43 -1.75 -43.37
N PHE E 198 30.19 -0.79 -43.90
CA PHE E 198 29.63 0.44 -44.51
C PHE E 198 29.96 0.58 -45.99
N ILE E 199 31.25 0.56 -46.34
CA ILE E 199 31.65 0.66 -47.76
C ILE E 199 31.09 -0.52 -48.57
N LEU E 200 31.39 -1.74 -48.11
CA LEU E 200 31.04 -3.00 -48.78
C LEU E 200 29.56 -3.16 -49.09
N PRO E 201 28.68 -3.13 -48.08
CA PRO E 201 27.30 -3.24 -48.54
C PRO E 201 26.86 -2.10 -49.46
N LEU E 202 27.35 -0.89 -49.25
CA LEU E 202 27.00 0.22 -50.14
C LEU E 202 27.41 -0.10 -51.59
N GLY E 203 28.60 -0.70 -51.78
CA GLY E 203 29.00 -1.13 -53.11
C GLY E 203 28.00 -2.12 -53.70
N LEU E 204 27.66 -3.14 -52.92
CA LEU E 204 26.65 -4.11 -53.31
C LEU E 204 25.32 -3.44 -53.61
N ILE E 205 24.96 -2.42 -52.83
CA ILE E 205 23.74 -1.67 -53.15
C ILE E 205 23.88 -1.01 -54.51
N ILE E 206 24.90 -0.19 -54.67
CA ILE E 206 25.10 0.54 -55.92
C ILE E 206 25.13 -0.39 -57.14
N ALA E 207 25.92 -1.47 -57.04
CA ALA E 207 26.11 -2.38 -58.15
C ALA E 207 24.77 -3.00 -58.54
N ALA E 208 24.12 -3.63 -57.59
CA ALA E 208 22.87 -4.29 -57.87
C ALA E 208 21.84 -3.28 -58.33
N SER E 209 22.04 -2.02 -57.97
CA SER E 209 21.18 -0.97 -58.54
C SER E 209 21.24 -0.96 -60.09
N TRP E 210 22.42 -1.18 -60.65
CA TRP E 210 22.61 -1.14 -62.12
C TRP E 210 21.97 -2.30 -62.87
N SER E 211 21.65 -3.37 -62.15
CA SER E 211 21.06 -4.54 -62.80
C SER E 211 19.62 -4.23 -63.15
N VAL E 212 19.20 -2.99 -62.90
CA VAL E 212 17.86 -2.60 -63.29
C VAL E 212 17.73 -2.67 -64.80
N PHE E 213 18.85 -2.59 -65.52
CA PHE E 213 18.83 -2.58 -66.99
C PHE E 213 18.64 -3.96 -67.60
N TRP E 214 18.85 -5.00 -66.80
CA TRP E 214 18.56 -6.33 -67.27
C TRP E 214 17.06 -6.64 -67.28
N LEU E 215 16.26 -5.65 -66.95
CA LEU E 215 14.81 -5.80 -67.01
C LEU E 215 14.24 -5.61 -68.42
N GLU E 216 13.25 -6.43 -68.75
CA GLU E 216 12.70 -6.52 -70.10
C GLU E 216 11.88 -5.30 -70.52
N SER E 217 10.88 -4.94 -69.73
CA SER E 217 9.99 -3.80 -70.04
C SER E 217 10.51 -2.42 -69.64
N PHE E 218 9.77 -1.38 -70.01
CA PHE E 218 10.01 -0.01 -69.54
C PHE E 218 9.50 0.15 -68.12
N SER E 219 8.30 -0.36 -67.85
CA SER E 219 7.75 -0.30 -66.50
C SER E 219 8.68 -0.92 -65.51
N GLU E 220 9.16 -2.13 -65.81
CA GLU E 220 10.03 -2.81 -64.87
C GLU E 220 11.23 -1.92 -64.61
N ARG E 221 11.78 -1.36 -65.69
CA ARG E 221 12.95 -0.50 -65.59
C ARG E 221 12.74 0.81 -64.81
N LEU E 222 11.64 1.51 -65.06
CA LEU E 222 11.44 2.80 -64.43
C LEU E 222 11.00 2.68 -62.99
N GLN E 223 9.96 1.88 -62.76
CA GLN E 223 9.37 1.75 -61.42
C GLN E 223 10.35 1.13 -60.43
N THR E 224 11.10 0.13 -60.88
CA THR E 224 12.09 -0.52 -60.03
C THR E 224 13.20 0.44 -59.55
N SER E 225 13.50 1.47 -60.33
CA SER E 225 14.48 2.46 -59.87
C SER E 225 13.94 3.30 -58.67
N PHE E 226 12.62 3.42 -58.61
CA PHE E 226 12.00 4.07 -57.48
C PHE E 226 12.21 3.22 -56.21
N THR E 227 12.20 1.90 -56.36
CA THR E 227 12.54 1.03 -55.26
C THR E 227 14.02 1.22 -54.93
N LEU E 228 14.85 1.31 -55.98
CA LEU E 228 16.28 1.48 -55.78
C LEU E 228 16.52 2.82 -55.05
N MET E 229 15.76 3.82 -55.46
CA MET E 229 15.84 5.14 -54.85
C MET E 229 15.53 5.10 -53.36
N LEU E 230 14.44 4.42 -52.99
CA LEU E 230 14.04 4.30 -51.61
C LEU E 230 15.14 3.59 -50.84
N THR E 231 15.75 2.57 -51.47
CA THR E 231 16.84 1.81 -50.84
C THR E 231 18.04 2.65 -50.49
N VAL E 232 18.52 3.42 -51.42
CA VAL E 232 19.67 4.24 -51.10
C VAL E 232 19.34 5.21 -49.92
N VAL E 233 18.13 5.80 -49.94
CA VAL E 233 17.69 6.69 -48.87
C VAL E 233 17.74 5.94 -47.57
N ALA E 234 17.14 4.77 -47.51
CA ALA E 234 17.21 3.95 -46.31
C ALA E 234 18.65 3.69 -45.90
N TYR E 235 19.55 3.47 -46.87
CA TYR E 235 20.95 3.25 -46.53
C TYR E 235 21.56 4.49 -45.89
N ALA E 236 21.17 5.65 -46.43
CA ALA E 236 21.69 6.90 -45.92
C ALA E 236 21.34 7.06 -44.44
N SER E 237 20.06 6.88 -44.11
CA SER E 237 19.59 7.07 -42.75
C SER E 237 20.20 6.05 -41.81
N TYR E 238 20.22 4.80 -42.21
CA TYR E 238 20.92 3.81 -41.43
C TYR E 238 22.38 4.30 -41.17
N THR E 239 23.10 4.73 -42.19
CA THR E 239 24.43 5.29 -41.99
C THR E 239 24.51 6.54 -41.05
N SER E 240 23.62 7.49 -41.27
CA SER E 240 23.63 8.78 -40.60
C SER E 240 23.69 8.64 -39.11
N ASN E 241 22.81 7.80 -38.62
CA ASN E 241 22.58 7.61 -37.22
C ASN E 241 23.87 7.12 -36.59
N ILE E 242 24.72 6.49 -37.39
CA ILE E 242 25.91 5.83 -36.87
C ILE E 242 27.20 6.61 -37.08
N LEU E 243 27.37 7.20 -38.25
CA LEU E 243 28.60 7.93 -38.51
C LEU E 243 28.77 9.23 -37.69
N PRO E 244 30.03 9.61 -37.41
CA PRO E 244 30.35 10.78 -36.55
C PRO E 244 29.85 12.07 -37.13
N ARG E 245 29.21 12.91 -36.32
CA ARG E 245 28.70 14.15 -36.88
C ARG E 245 29.83 15.12 -37.20
N LEU E 246 29.83 15.58 -38.45
CA LEU E 246 30.81 16.52 -38.91
C LEU E 246 29.98 17.58 -39.61
N PRO E 247 30.57 18.76 -39.88
CA PRO E 247 29.94 19.86 -40.61
C PRO E 247 30.42 19.91 -42.06
N TYR E 248 30.94 18.82 -42.56
CA TYR E 248 31.38 18.80 -43.93
C TYR E 248 31.25 17.38 -44.39
N THR E 249 31.40 17.12 -45.69
CA THR E 249 31.33 15.72 -46.17
C THR E 249 32.55 14.82 -46.00
N THR E 250 32.27 13.54 -45.82
CA THR E 250 33.27 12.48 -45.84
C THR E 250 33.26 11.70 -47.17
N VAL E 251 34.20 10.76 -47.30
CA VAL E 251 34.22 9.85 -48.44
C VAL E 251 32.91 9.09 -48.58
N ILE E 252 32.44 8.57 -47.43
CA ILE E 252 31.20 7.81 -47.40
C ILE E 252 30.05 8.74 -47.79
N ASP E 253 30.06 9.98 -47.30
CA ASP E 253 29.01 10.91 -47.68
C ASP E 253 28.91 11.00 -49.21
N GLN E 254 30.06 11.14 -49.85
CA GLN E 254 30.11 11.29 -51.28
C GLN E 254 29.67 10.04 -51.99
N MET E 255 30.00 8.88 -51.41
CA MET E 255 29.57 7.62 -51.98
C MET E 255 28.06 7.64 -52.04
N ILE E 256 27.44 8.09 -50.95
CA ILE E 256 25.98 8.18 -50.89
C ILE E 256 25.48 9.13 -51.96
N ILE E 257 26.09 10.31 -52.01
CA ILE E 257 25.78 11.26 -53.08
C ILE E 257 25.91 10.58 -54.42
N ALA E 258 27.03 9.91 -54.64
CA ALA E 258 27.24 9.25 -55.92
C ALA E 258 26.11 8.27 -56.17
N GLY E 259 25.75 7.50 -55.13
CA GLY E 259 24.71 6.50 -55.25
C GLY E 259 23.39 7.09 -55.69
N TYR E 260 23.03 8.21 -55.06
CA TYR E 260 21.84 8.91 -55.46
C TYR E 260 21.91 9.25 -56.93
N GLY E 261 23.03 9.84 -57.36
CA GLY E 261 23.19 10.30 -58.73
C GLY E 261 23.03 9.18 -59.74
N SER E 262 23.68 8.05 -59.44
CA SER E 262 23.66 6.86 -60.27
C SER E 262 22.21 6.48 -60.58
N ILE E 263 21.39 6.53 -59.54
CA ILE E 263 19.99 6.20 -59.68
C ILE E 263 19.27 7.24 -60.53
N PHE E 264 19.51 8.51 -60.24
CA PHE E 264 18.86 9.57 -60.98
C PHE E 264 19.36 9.57 -62.41
N ALA E 265 20.62 9.18 -62.62
CA ALA E 265 21.16 9.17 -63.98
C ALA E 265 20.37 8.20 -64.83
N ALA E 266 20.14 7.02 -64.26
CA ALA E 266 19.40 5.93 -64.88
C ALA E 266 17.94 6.21 -65.16
N ILE E 267 17.28 7.00 -64.30
CA ILE E 267 15.89 7.35 -64.55
C ILE E 267 15.81 8.02 -65.90
N LEU E 268 16.70 8.99 -66.10
CA LEU E 268 16.81 9.75 -67.35
C LEU E 268 17.16 8.85 -68.54
N LEU E 269 18.21 8.07 -68.38
CA LEU E 269 18.62 7.11 -69.41
C LEU E 269 17.45 6.23 -69.86
N ILE E 270 16.73 5.71 -68.87
CA ILE E 270 15.58 4.82 -69.08
C ILE E 270 14.41 5.49 -69.78
N ILE E 271 14.02 6.68 -69.32
CA ILE E 271 12.96 7.42 -70.00
C ILE E 271 13.37 7.80 -71.42
N PHE E 272 14.61 8.27 -71.58
CA PHE E 272 15.12 8.68 -72.90
C PHE E 272 15.08 7.51 -73.88
N ALA E 273 15.52 6.34 -73.42
CA ALA E 273 15.47 5.08 -74.18
C ALA E 273 14.09 4.83 -74.74
N HIS E 274 13.07 5.18 -73.96
CA HIS E 274 11.69 4.94 -74.34
C HIS E 274 11.24 5.95 -75.39
N HIS E 275 11.45 7.24 -75.14
CA HIS E 275 10.85 8.28 -76.00
C HIS E 275 11.70 8.87 -77.15
N ARG E 276 12.99 8.54 -77.21
CA ARG E 276 13.81 8.92 -78.37
C ARG E 276 13.62 7.88 -79.44
N GLN E 277 12.76 8.14 -80.41
CA GLN E 277 12.36 7.06 -81.31
C GLN E 277 12.02 7.37 -82.77
N ALA E 278 11.85 6.31 -83.54
CA ALA E 278 11.46 6.38 -84.93
C ALA E 278 10.18 5.58 -85.14
N ASN E 279 9.47 5.32 -84.06
CA ASN E 279 8.20 4.62 -84.13
C ASN E 279 7.35 5.04 -82.94
N GLY E 280 7.92 4.83 -81.77
CA GLY E 280 7.28 5.10 -80.50
C GLY E 280 8.03 4.30 -79.47
N VAL E 281 8.31 3.03 -79.80
CA VAL E 281 8.95 2.11 -78.85
C VAL E 281 10.32 1.59 -79.29
N GLU E 282 11.03 2.36 -80.10
CA GLU E 282 12.40 2.01 -80.43
C GLU E 282 13.23 2.06 -79.16
N ASP E 283 13.24 0.97 -78.40
CA ASP E 283 14.08 0.91 -77.22
C ASP E 283 15.51 0.72 -77.70
N ASP E 284 16.34 1.75 -77.51
CA ASP E 284 17.68 1.75 -78.10
C ASP E 284 18.55 0.57 -77.68
N LEU E 285 18.81 -0.33 -78.62
CA LEU E 285 19.59 -1.55 -78.41
C LEU E 285 20.86 -1.36 -77.58
N LEU E 286 21.57 -0.25 -77.75
CA LEU E 286 22.78 -0.01 -76.94
C LEU E 286 22.42 0.65 -75.63
N ILE E 287 21.55 1.65 -75.70
CA ILE E 287 21.21 2.41 -74.52
C ILE E 287 20.32 1.57 -73.59
N GLN E 288 19.50 0.67 -74.13
CA GLN E 288 18.72 -0.21 -73.26
C GLN E 288 19.67 -1.21 -72.66
N ARG E 289 20.67 -1.60 -73.46
CA ARG E 289 21.75 -2.54 -73.11
C ARG E 289 23.03 -1.83 -72.73
N CYS E 290 22.89 -0.69 -72.06
CA CYS E 290 23.99 -0.02 -71.41
C CYS E 290 24.20 -0.64 -70.02
N ARG E 291 24.06 -1.96 -70.00
CA ARG E 291 24.26 -2.83 -68.85
C ARG E 291 25.73 -2.97 -68.46
N LEU E 292 26.62 -2.63 -69.38
CA LEU E 292 28.04 -2.69 -69.13
C LEU E 292 28.52 -1.26 -69.12
N ALA E 293 27.76 -0.40 -69.79
CA ALA E 293 28.14 1.00 -69.99
C ALA E 293 28.30 1.76 -68.68
N PHE E 294 27.21 2.17 -68.07
CA PHE E 294 27.42 2.87 -66.81
C PHE E 294 27.57 2.06 -65.51
N PRO E 295 27.59 0.72 -65.59
CA PRO E 295 28.34 0.16 -64.47
C PRO E 295 29.82 0.59 -64.57
N LEU E 296 30.40 0.59 -65.76
CA LEU E 296 31.80 0.97 -65.91
C LEU E 296 31.94 2.47 -66.13
N GLY E 297 30.85 3.12 -66.49
CA GLY E 297 30.86 4.57 -66.58
C GLY E 297 30.95 5.16 -65.19
N PHE E 298 30.38 4.46 -64.22
CA PHE E 298 30.45 4.86 -62.83
C PHE E 298 31.86 4.63 -62.28
N LEU E 299 32.53 3.59 -62.78
CA LEU E 299 33.91 3.32 -62.36
C LEU E 299 34.89 4.35 -62.88
N ALA E 300 34.56 4.93 -64.03
CA ALA E 300 35.39 5.97 -64.61
C ALA E 300 35.28 7.25 -63.79
N ILE E 301 34.06 7.66 -63.50
CA ILE E 301 33.79 8.83 -62.66
C ILE E 301 34.25 8.61 -61.21
N GLY E 302 34.27 7.36 -60.77
CA GLY E 302 34.78 7.01 -59.46
C GLY E 302 36.29 7.11 -59.26
N CYS E 303 37.08 6.74 -60.26
CA CYS E 303 38.54 6.77 -60.12
C CYS E 303 39.18 8.12 -60.37
N VAL E 304 38.54 8.97 -61.17
CA VAL E 304 39.10 10.28 -61.50
C VAL E 304 38.89 11.20 -60.31
N LEU E 305 37.79 10.99 -59.59
CA LEU E 305 37.55 11.74 -58.36
C LEU E 305 38.55 11.36 -57.26
N VAL E 306 39.15 10.16 -57.38
CA VAL E 306 40.17 9.73 -56.42
C VAL E 306 41.51 10.41 -56.71
N ILE E 307 41.71 10.74 -57.98
CA ILE E 307 42.88 11.48 -58.45
C ILE E 307 42.75 12.98 -58.17
N PRO F 1 -25.91 -59.55 12.44
CA PRO F 1 -26.48 -58.23 12.67
C PRO F 1 -26.77 -58.00 14.15
N VAL F 2 -25.91 -57.22 14.80
CA VAL F 2 -26.00 -56.89 16.23
C VAL F 2 -27.21 -56.04 16.62
N ASP F 3 -28.01 -56.55 17.56
CA ASP F 3 -29.11 -55.79 18.14
C ASP F 3 -28.63 -54.89 19.26
N VAL F 4 -28.90 -53.59 19.10
CA VAL F 4 -28.57 -52.59 20.10
C VAL F 4 -29.83 -52.03 20.76
N SER F 5 -29.88 -52.11 22.09
CA SER F 5 -30.96 -51.55 22.87
C SER F 5 -30.54 -50.21 23.45
N VAL F 6 -31.42 -49.22 23.27
CA VAL F 6 -31.11 -47.83 23.60
C VAL F 6 -32.13 -47.26 24.59
N SER F 7 -31.64 -46.39 25.48
CA SER F 7 -32.49 -45.63 26.39
C SER F 7 -32.03 -44.18 26.43
N ILE F 8 -32.96 -43.24 26.25
CA ILE F 8 -32.64 -41.82 26.37
C ILE F 8 -33.31 -41.29 27.62
N PHE F 9 -32.56 -40.58 28.47
CA PHE F 9 -33.10 -39.86 29.61
C PHE F 9 -33.03 -38.34 29.38
N ILE F 10 -34.17 -37.69 29.22
CA ILE F 10 -34.22 -36.24 28.95
C ILE F 10 -34.32 -35.45 30.27
N ASN F 11 -33.28 -34.69 30.57
CA ASN F 11 -33.22 -33.95 31.82
C ASN F 11 -33.78 -32.56 31.66
N LYS F 12 -33.44 -31.92 30.55
CA LYS F 12 -33.87 -30.52 30.38
C LYS F 12 -33.94 -30.20 28.90
N ILE F 13 -35.03 -29.57 28.48
CA ILE F 13 -35.07 -29.01 27.14
C ILE F 13 -35.18 -27.52 27.37
N TYR F 14 -34.20 -26.78 26.85
CA TYR F 14 -34.14 -25.36 27.10
C TYR F 14 -33.38 -24.64 26.00
N GLY F 15 -33.23 -23.33 26.17
CA GLY F 15 -32.40 -22.57 25.26
C GLY F 15 -32.75 -22.62 23.78
N VAL F 16 -34.03 -22.50 23.44
CA VAL F 16 -34.40 -22.47 22.03
C VAL F 16 -33.75 -21.27 21.34
N ASN F 17 -33.13 -21.46 20.17
CA ASN F 17 -32.59 -20.32 19.39
C ASN F 17 -33.42 -20.11 18.15
N THR F 18 -34.34 -19.16 18.15
CA THR F 18 -35.35 -19.11 17.09
C THR F 18 -34.81 -18.90 15.71
N LEU F 19 -33.83 -18.01 15.59
CA LEU F 19 -33.27 -17.78 14.28
C LEU F 19 -32.60 -19.06 13.83
N GLU F 20 -31.86 -19.68 14.73
CA GLU F 20 -31.09 -20.87 14.36
C GLU F 20 -31.88 -22.16 14.25
N GLN F 21 -33.12 -22.18 14.77
CA GLN F 21 -33.92 -23.40 14.82
C GLN F 21 -33.18 -24.49 15.56
N THR F 22 -33.12 -24.28 16.86
CA THR F 22 -32.17 -24.95 17.74
C THR F 22 -32.73 -25.05 19.17
N TYR F 23 -32.36 -26.10 19.87
CA TYR F 23 -32.72 -26.23 21.26
C TYR F 23 -31.64 -27.01 21.98
N LYS F 24 -31.56 -26.85 23.28
CA LYS F 24 -30.58 -27.59 24.05
C LYS F 24 -31.27 -28.78 24.75
N VAL F 25 -30.60 -29.92 24.75
CA VAL F 25 -31.10 -31.05 25.48
C VAL F 25 -30.04 -31.58 26.42
N ASP F 26 -30.37 -31.67 27.72
CA ASP F 26 -29.46 -32.33 28.65
C ASP F 26 -30.05 -33.69 28.94
N GLY F 27 -29.23 -34.73 28.90
CA GLY F 27 -29.69 -36.07 29.21
C GLY F 27 -28.64 -37.16 29.18
N TYR F 28 -29.09 -38.40 29.27
CA TYR F 28 -28.21 -39.56 29.27
C TYR F 28 -28.55 -40.50 28.12
N ILE F 29 -27.53 -41.11 27.50
CA ILE F 29 -27.76 -42.27 26.65
C ILE F 29 -27.31 -43.51 27.35
N VAL F 30 -28.07 -44.58 27.16
CA VAL F 30 -27.65 -45.90 27.57
C VAL F 30 -27.83 -46.71 26.33
N ALA F 31 -26.77 -47.40 25.91
CA ALA F 31 -26.85 -48.34 24.77
C ALA F 31 -26.39 -49.71 25.25
N GLN F 32 -27.09 -50.75 24.85
CA GLN F 32 -26.78 -52.11 25.28
C GLN F 32 -26.82 -53.07 24.12
N TRP F 33 -25.88 -54.02 24.12
CA TRP F 33 -25.78 -55.05 23.10
C TRP F 33 -25.02 -56.24 23.71
N THR F 34 -25.02 -57.41 23.06
CA THR F 34 -24.32 -58.58 23.60
C THR F 34 -23.12 -59.05 22.80
N GLY F 35 -21.95 -59.11 23.45
CA GLY F 35 -20.72 -59.53 22.81
C GLY F 35 -20.29 -60.94 23.15
N LYS F 36 -18.99 -61.21 23.03
CA LYS F 36 -18.46 -62.54 23.35
C LYS F 36 -18.35 -62.59 24.85
N PRO F 37 -18.70 -63.73 25.47
CA PRO F 37 -18.58 -63.90 26.91
C PRO F 37 -17.19 -63.55 27.43
N ARG F 38 -17.10 -62.93 28.60
CA ARG F 38 -15.82 -62.42 29.08
C ARG F 38 -15.51 -62.99 30.44
N LYS F 39 -14.25 -62.84 30.84
CA LYS F 39 -13.84 -63.14 32.21
C LYS F 39 -13.84 -61.84 33.01
N THR F 40 -14.76 -61.72 33.98
CA THR F 40 -14.79 -60.55 34.84
C THR F 40 -14.27 -60.93 36.23
N PRO F 41 -13.70 -59.96 36.95
CA PRO F 41 -13.28 -60.15 38.34
C PRO F 41 -14.39 -60.78 39.19
N GLY F 42 -14.13 -61.89 39.87
CA GLY F 42 -15.19 -62.59 40.57
C GLY F 42 -16.11 -63.25 39.55
N ASP F 43 -17.30 -62.67 39.38
CA ASP F 43 -18.22 -63.05 38.30
C ASP F 43 -19.32 -62.04 38.22
N LYS F 44 -19.18 -60.96 38.98
CA LYS F 44 -20.08 -59.82 38.83
C LYS F 44 -19.62 -58.86 37.69
N PRO F 45 -20.58 -58.10 37.12
CA PRO F 45 -20.24 -57.21 36.01
C PRO F 45 -19.07 -56.28 36.36
N LEU F 46 -18.26 -55.92 35.36
CA LEU F 46 -17.09 -55.04 35.53
C LEU F 46 -17.44 -53.64 35.11
N ILE F 47 -17.02 -52.66 35.91
CA ILE F 47 -17.26 -51.24 35.60
C ILE F 47 -16.03 -50.50 35.08
N VAL F 48 -16.22 -49.74 34.03
CA VAL F 48 -15.15 -48.99 33.39
C VAL F 48 -15.67 -47.54 33.20
N GLU F 49 -15.10 -46.60 33.96
CA GLU F 49 -15.57 -45.21 33.88
C GLU F 49 -14.58 -44.37 33.09
N ASN F 50 -15.09 -43.29 32.49
CA ASN F 50 -14.28 -42.32 31.74
C ASN F 50 -12.93 -42.75 31.12
N THR F 51 -11.83 -42.20 31.65
CA THR F 51 -10.50 -42.47 31.11
C THR F 51 -10.23 -43.92 30.74
N GLN F 52 -10.71 -44.85 31.55
CA GLN F 52 -10.45 -46.25 31.28
C GLN F 52 -11.20 -46.84 30.09
N ILE F 53 -12.24 -46.19 29.56
CA ILE F 53 -13.01 -46.86 28.49
C ILE F 53 -12.21 -46.99 27.20
N GLU F 54 -11.54 -45.89 26.88
CA GLU F 54 -10.72 -45.82 25.70
C GLU F 54 -9.66 -46.94 25.80
N ARG F 55 -9.08 -47.11 26.97
CA ARG F 55 -8.10 -48.18 27.15
C ARG F 55 -8.65 -49.54 26.74
N TRP F 56 -9.91 -49.79 27.05
CA TRP F 56 -10.53 -51.06 26.65
C TRP F 56 -10.79 -51.12 25.13
N ILE F 57 -11.17 -49.99 24.54
CA ILE F 57 -11.41 -49.89 23.09
C ILE F 57 -10.10 -50.14 22.36
N ASN F 58 -9.03 -49.56 22.90
CA ASN F 58 -7.68 -49.80 22.39
C ASN F 58 -7.26 -51.25 22.40
N ASN F 59 -7.66 -52.06 23.38
CA ASN F 59 -7.31 -53.50 23.33
C ASN F 59 -8.30 -54.32 22.54
N GLY F 60 -9.17 -53.62 21.82
CA GLY F 60 -10.05 -54.22 20.84
C GLY F 60 -11.52 -54.35 21.19
N LEU F 61 -11.99 -53.65 22.20
CA LEU F 61 -13.39 -53.72 22.55
C LEU F 61 -14.24 -53.00 21.51
N TRP F 62 -15.26 -53.66 21.00
CA TRP F 62 -16.15 -53.01 20.05
C TRP F 62 -17.16 -52.12 20.80
N VAL F 63 -16.93 -50.81 20.80
CA VAL F 63 -17.93 -49.90 21.34
C VAL F 63 -18.37 -48.98 20.21
N PRO F 64 -19.45 -49.36 19.50
CA PRO F 64 -19.71 -48.64 18.25
C PRO F 64 -20.21 -47.23 18.49
N ALA F 65 -19.67 -46.28 17.74
CA ALA F 65 -20.08 -44.89 17.84
C ALA F 65 -21.46 -44.66 17.27
N LEU F 66 -22.38 -44.23 18.13
CA LEU F 66 -23.74 -43.87 17.75
C LEU F 66 -23.88 -42.34 17.65
N GLU F 67 -24.13 -41.81 16.46
CA GLU F 67 -24.20 -40.37 16.24
C GLU F 67 -25.58 -39.74 16.39
N PHE F 68 -25.61 -38.55 17.00
CA PHE F 68 -26.82 -37.74 17.02
C PHE F 68 -26.95 -37.01 15.69
N ILE F 69 -27.80 -37.54 14.81
CA ILE F 69 -27.98 -36.95 13.49
C ILE F 69 -28.24 -35.46 13.53
N ASN F 70 -29.19 -35.03 14.37
CA ASN F 70 -29.63 -33.64 14.33
C ASN F 70 -28.98 -32.73 15.36
N VAL F 71 -27.80 -33.12 15.82
CA VAL F 71 -27.00 -32.27 16.69
C VAL F 71 -26.21 -31.23 15.87
N VAL F 72 -26.25 -29.97 16.30
CA VAL F 72 -25.50 -28.94 15.60
C VAL F 72 -24.22 -28.81 16.34
N GLY F 73 -23.11 -29.29 15.80
CA GLY F 73 -21.88 -29.31 16.57
C GLY F 73 -21.78 -30.54 17.47
N SER F 74 -20.64 -30.72 18.14
CA SER F 74 -20.48 -31.93 18.91
C SER F 74 -20.79 -31.65 20.36
N PRO F 75 -21.62 -32.52 20.95
CA PRO F 75 -22.26 -32.37 22.23
C PRO F 75 -21.23 -32.43 23.35
N ASP F 76 -21.51 -31.70 24.44
CA ASP F 76 -20.65 -31.75 25.61
C ASP F 76 -20.88 -33.06 26.24
N THR F 77 -19.85 -33.89 26.31
CA THR F 77 -20.04 -35.17 26.97
C THR F 77 -19.53 -35.17 28.43
N GLY F 78 -20.39 -35.64 29.32
CA GLY F 78 -20.04 -35.81 30.72
C GLY F 78 -19.40 -37.15 31.06
N ASN F 79 -19.84 -37.78 32.15
CA ASN F 79 -19.26 -39.06 32.54
C ASN F 79 -19.64 -40.20 31.61
N LYS F 80 -18.71 -41.13 31.44
CA LYS F 80 -19.00 -42.28 30.66
C LYS F 80 -18.65 -43.48 31.50
N ARG F 81 -19.37 -44.57 31.26
CA ARG F 81 -19.18 -45.81 31.97
C ARG F 81 -19.45 -46.93 31.03
N LEU F 82 -18.60 -47.96 31.09
CA LEU F 82 -18.88 -49.23 30.42
C LEU F 82 -19.26 -50.27 31.50
N MET F 83 -20.38 -50.95 31.33
CA MET F 83 -20.64 -52.06 32.23
C MET F 83 -20.47 -53.38 31.49
N LEU F 84 -19.46 -54.17 31.86
CA LEU F 84 -19.22 -55.45 31.18
C LEU F 84 -19.69 -56.68 31.96
N PHE F 85 -20.71 -57.34 31.46
CA PHE F 85 -21.20 -58.52 32.13
C PHE F 85 -20.46 -59.74 31.58
N PRO F 86 -20.32 -60.81 32.39
CA PRO F 86 -19.52 -61.97 32.01
C PRO F 86 -20.15 -62.76 30.88
N ASP F 87 -21.48 -62.73 30.77
CA ASP F 87 -22.15 -63.49 29.74
C ASP F 87 -21.91 -62.85 28.38
N GLY F 88 -21.32 -61.66 28.41
CA GLY F 88 -20.94 -60.97 27.20
C GLY F 88 -21.50 -59.58 27.03
N ARG F 89 -22.75 -59.39 27.42
CA ARG F 89 -23.42 -58.13 27.13
C ARG F 89 -22.68 -56.91 27.69
N VAL F 90 -22.84 -55.81 26.94
CA VAL F 90 -22.18 -54.56 27.21
C VAL F 90 -23.21 -53.46 27.29
N ILE F 91 -23.10 -52.66 28.35
CA ILE F 91 -23.94 -51.49 28.51
C ILE F 91 -23.05 -50.24 28.57
N TYR F 92 -23.23 -49.37 27.58
CA TYR F 92 -22.54 -48.07 27.53
C TYR F 92 -23.43 -46.98 27.97
N ASN F 93 -22.87 -46.20 28.88
CA ASN F 93 -23.64 -45.20 29.62
C ASN F 93 -22.85 -43.90 29.67
N ALA F 94 -23.49 -42.83 29.22
CA ALA F 94 -22.83 -41.56 29.18
C ALA F 94 -23.84 -40.42 29.31
N ARG F 95 -23.43 -39.32 29.94
CA ARG F 95 -24.28 -38.14 30.01
C ARG F 95 -23.96 -37.19 28.88
N PHE F 96 -24.96 -36.42 28.41
CA PHE F 96 -24.75 -35.44 27.33
C PHE F 96 -25.50 -34.12 27.46
N LEU F 97 -24.88 -33.07 26.91
CA LEU F 97 -25.57 -31.80 26.69
C LEU F 97 -25.32 -31.43 25.26
N GLY F 98 -26.40 -31.26 24.51
CA GLY F 98 -26.29 -31.05 23.09
C GLY F 98 -27.22 -30.00 22.58
N SER F 99 -26.80 -29.39 21.47
CA SER F 99 -27.59 -28.41 20.75
C SER F 99 -28.12 -29.09 19.52
N PHE F 100 -29.44 -29.28 19.48
CA PHE F 100 -30.06 -30.06 18.43
C PHE F 100 -30.85 -29.19 17.50
N SER F 101 -31.02 -29.69 16.27
CA SER F 101 -31.68 -28.96 15.21
C SER F 101 -32.97 -29.65 14.82
N ASN F 102 -33.99 -28.85 14.51
CA ASN F 102 -35.22 -29.38 13.96
C ASN F 102 -36.02 -28.26 13.31
N ASP F 103 -36.81 -28.63 12.32
CA ASP F 103 -37.65 -27.68 11.62
C ASP F 103 -38.56 -26.99 12.60
N MET F 104 -38.49 -25.65 12.65
CA MET F 104 -39.32 -24.87 13.57
C MET F 104 -40.05 -23.67 12.98
N ASP F 105 -41.38 -23.78 12.88
CA ASP F 105 -42.22 -22.69 12.36
C ASP F 105 -42.73 -21.77 13.48
N PHE F 106 -42.33 -20.48 13.48
CA PHE F 106 -42.70 -19.58 14.60
C PHE F 106 -43.76 -18.52 14.25
N ARG F 107 -44.41 -18.66 13.10
CA ARG F 107 -45.28 -17.59 12.63
C ARG F 107 -46.47 -17.29 13.53
N LEU F 108 -46.96 -18.26 14.28
CA LEU F 108 -48.00 -17.92 15.23
C LEU F 108 -47.48 -17.73 16.63
N PHE F 109 -46.24 -17.26 16.73
CA PHE F 109 -45.72 -16.77 18.00
C PHE F 109 -46.68 -15.66 18.43
N PRO F 110 -47.02 -15.59 19.73
CA PRO F 110 -46.56 -16.44 20.82
C PRO F 110 -47.48 -17.64 21.09
N PHE F 111 -48.13 -18.13 20.04
CA PHE F 111 -49.05 -19.26 20.19
C PHE F 111 -48.61 -20.46 19.35
N ASP F 112 -47.28 -20.57 19.18
CA ASP F 112 -46.68 -21.63 18.36
C ASP F 112 -46.61 -22.91 19.14
N ARG F 113 -46.64 -24.03 18.43
CA ARG F 113 -46.27 -25.33 18.98
C ARG F 113 -44.97 -25.71 18.26
N GLN F 114 -43.99 -26.22 19.00
CA GLN F 114 -42.76 -26.67 18.40
C GLN F 114 -42.59 -28.13 18.74
N GLN F 115 -41.77 -28.87 17.98
CA GLN F 115 -41.52 -30.24 18.43
C GLN F 115 -40.04 -30.59 18.59
N PHE F 116 -39.63 -30.91 19.81
CA PHE F 116 -38.24 -31.21 20.08
C PHE F 116 -37.90 -32.63 19.65
N VAL F 117 -36.87 -32.75 18.81
CA VAL F 117 -36.51 -34.01 18.18
C VAL F 117 -35.06 -34.44 18.43
N LEU F 118 -34.85 -35.71 18.75
CA LEU F 118 -33.50 -36.28 18.81
C LEU F 118 -33.45 -37.38 17.77
N GLU F 119 -32.38 -37.42 16.99
CA GLU F 119 -32.20 -38.47 16.00
C GLU F 119 -30.87 -39.21 16.15
N LEU F 120 -30.94 -40.51 16.38
CA LEU F 120 -29.76 -41.30 16.68
C LEU F 120 -29.58 -42.30 15.55
N GLU F 121 -28.34 -42.47 15.08
CA GLU F 121 -28.01 -43.38 13.97
C GLU F 121 -26.52 -43.76 13.95
N PRO F 122 -26.22 -45.05 13.76
CA PRO F 122 -24.83 -45.50 13.76
C PRO F 122 -24.01 -44.74 12.74
N PHE F 123 -22.75 -44.50 13.07
CA PHE F 123 -21.87 -43.72 12.20
C PHE F 123 -21.23 -44.57 11.08
N SER F 124 -20.99 -45.84 11.36
CA SER F 124 -20.26 -46.69 10.41
C SER F 124 -20.93 -48.03 10.08
N TYR F 125 -21.97 -48.41 10.82
CA TYR F 125 -22.60 -49.73 10.63
C TYR F 125 -24.04 -49.71 10.10
N ASN F 126 -24.22 -50.39 8.98
CA ASN F 126 -25.51 -50.47 8.30
C ASN F 126 -26.43 -51.47 8.97
N ASN F 127 -27.71 -51.43 8.61
CA ASN F 127 -28.72 -52.26 9.27
C ASN F 127 -28.43 -53.76 9.21
N GLN F 128 -27.51 -54.15 8.33
CA GLN F 128 -27.04 -55.53 8.34
C GLN F 128 -25.88 -55.71 9.33
N GLN F 129 -25.29 -54.63 9.82
CA GLN F 129 -24.23 -54.78 10.82
C GLN F 129 -24.65 -54.49 12.27
N LEU F 130 -25.32 -53.37 12.48
CA LEU F 130 -25.77 -52.92 13.81
C LEU F 130 -27.20 -52.41 13.69
N ARG F 131 -28.11 -53.04 14.43
CA ARG F 131 -29.52 -52.76 14.24
C ARG F 131 -30.12 -52.32 15.58
N PHE F 132 -30.99 -51.32 15.54
CA PHE F 132 -31.63 -50.87 16.75
C PHE F 132 -32.82 -51.75 17.10
N SER F 133 -32.72 -52.51 18.20
CA SER F 133 -33.77 -53.48 18.59
C SER F 133 -35.01 -52.85 19.23
N ASP F 134 -34.79 -51.83 20.06
CA ASP F 134 -35.90 -51.10 20.65
C ASP F 134 -35.36 -49.84 21.28
N ILE F 135 -36.27 -48.93 21.69
CA ILE F 135 -35.88 -47.73 22.42
C ILE F 135 -36.98 -47.17 23.32
N GLN F 136 -36.70 -47.05 24.62
CA GLN F 136 -37.59 -46.29 25.51
C GLN F 136 -36.96 -44.96 25.92
N VAL F 137 -37.82 -43.94 26.03
CA VAL F 137 -37.39 -42.60 26.41
C VAL F 137 -38.13 -42.16 27.65
N TYR F 138 -37.36 -41.78 28.66
CA TYR F 138 -37.88 -41.34 29.93
C TYR F 138 -37.75 -39.83 29.99
N THR F 139 -38.89 -39.15 30.03
CA THR F 139 -38.90 -37.72 30.27
C THR F 139 -39.35 -37.47 31.68
N GLU F 140 -38.35 -37.42 32.56
CA GLU F 140 -38.48 -37.18 34.00
C GLU F 140 -39.07 -35.80 34.30
N ASN F 141 -40.22 -35.53 33.69
CA ASN F 141 -40.87 -34.24 33.77
C ASN F 141 -42.18 -34.33 34.58
N ALA F 142 -42.69 -33.15 34.97
CA ALA F 142 -43.90 -33.01 35.76
C ALA F 142 -44.11 -31.54 36.15
N ASP F 143 -45.34 -31.23 36.60
CA ASP F 143 -45.76 -30.00 37.35
C ASP F 143 -45.25 -28.64 36.88
N ASN F 144 -45.49 -27.60 37.68
CA ASN F 144 -44.95 -26.23 37.45
C ASN F 144 -44.92 -25.67 36.03
N GLU F 145 -45.93 -25.89 35.20
CA GLU F 145 -45.84 -25.39 33.84
C GLU F 145 -45.61 -23.86 33.82
N GLU F 146 -46.33 -23.13 34.66
CA GLU F 146 -46.32 -21.66 34.62
C GLU F 146 -44.98 -20.99 34.95
N ILE F 147 -44.06 -21.76 35.47
CA ILE F 147 -42.74 -21.30 35.87
C ILE F 147 -41.72 -21.49 34.74
N ASP F 148 -42.04 -22.39 33.81
CA ASP F 148 -41.19 -22.74 32.67
C ASP F 148 -41.71 -22.15 31.38
N GLU F 149 -40.78 -21.87 30.46
CA GLU F 149 -41.09 -21.21 29.19
C GLU F 149 -41.96 -22.09 28.27
N TRP F 150 -41.70 -23.40 28.28
CA TRP F 150 -42.43 -24.34 27.41
C TRP F 150 -43.31 -25.35 28.14
N TRP F 151 -44.45 -25.64 27.54
CA TRP F 151 -45.32 -26.64 28.12
C TRP F 151 -45.26 -27.93 27.31
N ILE F 152 -44.55 -28.93 27.82
CA ILE F 152 -44.50 -30.24 27.15
C ILE F 152 -45.90 -30.83 27.23
N ARG F 153 -46.39 -31.44 26.15
CA ARG F 153 -47.73 -32.00 26.16
C ARG F 153 -47.76 -33.54 26.20
N GLY F 154 -47.07 -34.19 25.28
CA GLY F 154 -47.15 -35.63 25.28
C GLY F 154 -46.10 -36.30 26.13
N LYS F 155 -45.99 -37.62 25.96
CA LYS F 155 -44.92 -38.37 26.56
C LYS F 155 -44.13 -38.62 25.31
N ALA F 156 -42.81 -38.66 25.42
CA ALA F 156 -41.94 -38.87 24.26
C ALA F 156 -42.45 -39.83 23.18
N SER F 157 -42.37 -39.40 21.92
CA SER F 157 -42.79 -40.16 20.77
C SER F 157 -41.62 -41.02 20.28
N THR F 158 -41.86 -42.21 19.76
CA THR F 158 -40.71 -43.04 19.34
C THR F 158 -40.86 -43.79 18.02
N HIS F 159 -39.78 -43.80 17.22
CA HIS F 159 -39.75 -44.55 15.96
C HIS F 159 -38.36 -45.03 15.54
N ILE F 160 -38.22 -46.36 15.45
CA ILE F 160 -37.08 -46.97 14.80
C ILE F 160 -37.45 -47.22 13.34
N SER F 161 -36.55 -46.87 12.45
CA SER F 161 -36.83 -46.96 11.03
C SER F 161 -35.51 -47.23 10.32
N ASP F 162 -35.58 -47.51 9.02
CA ASP F 162 -34.37 -47.71 8.27
C ASP F 162 -34.26 -46.58 7.27
N ILE F 163 -33.15 -45.87 7.31
CA ILE F 163 -32.92 -44.73 6.43
C ILE F 163 -32.09 -45.21 5.27
N ARG F 164 -32.56 -44.94 4.05
CA ARG F 164 -31.86 -45.41 2.88
C ARG F 164 -31.09 -44.27 2.24
N TYR F 165 -29.79 -44.51 2.00
CA TYR F 165 -28.88 -43.56 1.38
C TYR F 165 -28.50 -43.93 -0.05
N ASP F 166 -28.67 -43.01 -0.99
CA ASP F 166 -28.34 -43.29 -2.37
C ASP F 166 -26.90 -42.93 -2.74
N HIS F 167 -26.25 -42.11 -1.93
CA HIS F 167 -24.90 -41.68 -2.29
C HIS F 167 -23.86 -42.07 -1.22
N LEU F 168 -23.15 -43.17 -1.48
CA LEU F 168 -22.06 -43.64 -0.61
C LEU F 168 -20.84 -44.17 -1.37
N SER F 169 -20.27 -45.26 -0.85
CA SER F 169 -19.04 -45.88 -1.37
C SER F 169 -19.17 -46.79 -2.58
N SER F 170 -18.12 -47.60 -2.77
CA SER F 170 -18.05 -48.65 -3.79
C SER F 170 -18.72 -49.95 -3.34
N VAL F 171 -19.85 -49.82 -2.62
CA VAL F 171 -20.59 -50.95 -2.06
C VAL F 171 -21.84 -51.34 -2.88
N GLN F 172 -21.95 -52.61 -3.24
CA GLN F 172 -23.04 -53.07 -4.12
C GLN F 172 -24.12 -54.00 -3.53
N PRO F 173 -23.72 -55.07 -2.79
CA PRO F 173 -24.75 -56.02 -2.34
C PRO F 173 -25.97 -55.44 -1.59
N ASN F 174 -25.80 -54.91 -0.38
CA ASN F 174 -26.93 -54.31 0.36
C ASN F 174 -26.59 -53.36 1.53
N GLN F 175 -25.34 -52.89 1.64
CA GLN F 175 -24.93 -52.05 2.79
C GLN F 175 -25.23 -50.53 2.75
N ASN F 176 -26.49 -50.12 2.61
CA ASN F 176 -26.80 -48.69 2.42
C ASN F 176 -28.00 -48.19 3.21
N GLU F 177 -28.45 -49.01 4.15
CA GLU F 177 -29.58 -48.71 5.00
C GLU F 177 -29.06 -48.78 6.42
N PHE F 178 -29.18 -47.68 7.14
CA PHE F 178 -28.80 -47.64 8.55
C PHE F 178 -30.05 -47.61 9.41
N SER F 179 -29.99 -48.15 10.63
CA SER F 179 -31.20 -48.09 11.47
C SER F 179 -31.24 -46.82 12.31
N ARG F 180 -32.40 -46.17 12.35
CA ARG F 180 -32.50 -44.91 13.06
C ARG F 180 -33.59 -44.86 14.13
N ILE F 181 -33.19 -44.38 15.30
CA ILE F 181 -34.12 -44.02 16.36
C ILE F 181 -34.56 -42.54 16.22
N THR F 182 -35.87 -42.29 16.18
CA THR F 182 -36.37 -40.92 16.16
C THR F 182 -37.30 -40.60 17.33
N VAL F 183 -36.84 -39.74 18.23
CA VAL F 183 -37.59 -39.36 19.42
C VAL F 183 -38.28 -38.00 19.22
N ARG F 184 -39.55 -37.92 19.59
CA ARG F 184 -40.27 -36.66 19.52
C ARG F 184 -40.90 -36.23 20.86
N ILE F 185 -40.65 -35.00 21.28
CA ILE F 185 -41.23 -34.46 22.48
C ILE F 185 -42.05 -33.21 22.08
N ASP F 186 -43.34 -33.23 22.31
CA ASP F 186 -44.18 -32.11 21.92
C ASP F 186 -44.20 -30.94 22.90
N ALA F 187 -44.33 -29.73 22.34
CA ALA F 187 -44.39 -28.54 23.18
C ALA F 187 -45.30 -27.41 22.67
N VAL F 188 -45.74 -26.59 23.62
CA VAL F 188 -46.53 -25.39 23.39
C VAL F 188 -45.80 -24.27 24.09
N ARG F 189 -45.85 -23.07 23.53
CA ARG F 189 -45.22 -21.92 24.18
C ARG F 189 -46.09 -21.43 25.32
N ASN F 190 -45.46 -21.04 26.42
CA ASN F 190 -46.16 -20.36 27.49
C ASN F 190 -46.39 -18.92 27.07
N PRO F 191 -47.64 -18.60 26.67
CA PRO F 191 -48.03 -17.34 26.03
C PRO F 191 -48.28 -16.19 27.01
N SER F 192 -48.22 -16.49 28.30
CA SER F 192 -48.65 -15.53 29.29
C SER F 192 -47.95 -14.19 29.21
N TYR F 193 -46.61 -14.18 29.22
CA TYR F 193 -45.88 -12.90 29.29
C TYR F 193 -46.26 -11.99 28.13
N TYR F 194 -46.34 -12.57 26.93
CA TYR F 194 -46.60 -11.81 25.72
C TYR F 194 -48.06 -11.35 25.69
N LEU F 195 -48.96 -12.17 26.23
CA LEU F 195 -50.35 -11.77 26.36
C LEU F 195 -50.51 -10.56 27.21
N TRP F 196 -50.03 -10.61 28.45
CA TRP F 196 -50.26 -9.50 29.37
C TRP F 196 -49.37 -8.31 29.16
N SER F 197 -48.12 -8.55 28.79
CA SER F 197 -47.15 -7.47 28.69
C SER F 197 -46.94 -6.94 27.28
N PHE F 198 -47.47 -7.65 26.29
CA PHE F 198 -47.39 -7.19 24.92
C PHE F 198 -48.73 -6.98 24.27
N ILE F 199 -49.53 -8.04 24.17
CA ILE F 199 -50.82 -7.92 23.51
C ILE F 199 -51.74 -6.89 24.22
N LEU F 200 -51.87 -6.99 25.53
CA LEU F 200 -52.81 -6.14 26.26
C LEU F 200 -52.50 -4.66 26.05
N PRO F 201 -51.29 -4.21 26.41
CA PRO F 201 -51.10 -2.78 26.13
C PRO F 201 -51.17 -2.44 24.64
N LEU F 202 -50.65 -3.29 23.75
CA LEU F 202 -50.76 -3.01 22.32
C LEU F 202 -52.21 -2.84 21.95
N GLY F 203 -53.09 -3.64 22.54
CA GLY F 203 -54.51 -3.47 22.32
C GLY F 203 -55.01 -2.12 22.78
N LEU F 204 -54.65 -1.74 24.00
CA LEU F 204 -55.00 -0.45 24.59
C LEU F 204 -54.50 0.78 23.79
N ILE F 205 -53.28 0.68 23.26
CA ILE F 205 -52.75 1.69 22.38
C ILE F 205 -53.71 1.79 21.16
N ILE F 206 -53.90 0.68 20.45
CA ILE F 206 -54.76 0.67 19.28
C ILE F 206 -56.14 1.19 19.71
N ALA F 207 -56.62 0.69 20.86
CA ALA F 207 -57.93 1.09 21.36
C ALA F 207 -58.01 2.58 21.53
N ALA F 208 -57.10 3.13 22.34
CA ALA F 208 -57.11 4.57 22.62
C ALA F 208 -56.90 5.43 21.35
N SER F 209 -56.25 4.87 20.35
CA SER F 209 -56.16 5.55 19.06
C SER F 209 -57.53 5.92 18.50
N TRP F 210 -58.51 5.01 18.63
CA TRP F 210 -59.81 5.24 18.01
C TRP F 210 -60.51 6.40 18.65
N SER F 211 -60.00 6.83 19.79
CA SER F 211 -60.62 7.94 20.50
C SER F 211 -60.31 9.31 19.85
N VAL F 212 -59.54 9.28 18.77
CA VAL F 212 -59.21 10.50 18.06
C VAL F 212 -60.45 11.12 17.47
N PHE F 213 -61.46 10.30 17.20
CA PHE F 213 -62.66 10.80 16.56
C PHE F 213 -63.55 11.52 17.56
N TRP F 214 -63.28 11.33 18.85
CA TRP F 214 -64.01 12.07 19.86
C TRP F 214 -63.47 13.51 20.10
N LEU F 215 -62.40 13.88 19.39
CA LEU F 215 -61.88 15.24 19.50
C LEU F 215 -62.70 16.22 18.67
N GLU F 216 -62.88 17.43 19.20
CA GLU F 216 -63.77 18.42 18.62
C GLU F 216 -63.27 19.03 17.31
N SER F 217 -62.09 19.65 17.38
CA SER F 217 -61.50 20.39 16.26
C SER F 217 -60.85 19.54 15.18
N PHE F 218 -60.59 20.15 14.03
CA PHE F 218 -59.81 19.50 12.96
C PHE F 218 -58.33 19.55 13.28
N SER F 219 -57.87 20.71 13.72
CA SER F 219 -56.48 20.90 14.10
C SER F 219 -56.09 19.91 15.20
N GLU F 220 -56.99 19.77 16.17
CA GLU F 220 -56.79 18.82 17.28
C GLU F 220 -56.73 17.36 16.79
N ARG F 221 -57.66 16.98 15.90
CA ARG F 221 -57.75 15.61 15.41
C ARG F 221 -56.51 15.11 14.68
N LEU F 222 -56.01 15.95 13.78
CA LEU F 222 -54.88 15.60 12.92
C LEU F 222 -53.54 15.66 13.65
N GLN F 223 -53.33 16.68 14.46
CA GLN F 223 -52.06 16.74 15.18
C GLN F 223 -51.96 15.61 16.19
N THR F 224 -53.08 15.25 16.77
CA THR F 224 -53.08 14.21 17.77
C THR F 224 -52.62 12.88 17.20
N SER F 225 -53.06 12.57 15.98
CA SER F 225 -52.66 11.27 15.42
C SER F 225 -51.16 11.16 15.10
N PHE F 226 -50.47 12.28 14.98
CA PHE F 226 -49.01 12.27 14.84
C PHE F 226 -48.39 11.83 16.16
N THR F 227 -49.07 12.21 17.24
CA THR F 227 -48.65 11.79 18.55
C THR F 227 -48.87 10.31 18.71
N LEU F 228 -50.05 9.84 18.27
CA LEU F 228 -50.44 8.42 18.36
C LEU F 228 -49.47 7.55 17.57
N MET F 229 -49.15 8.05 16.37
CA MET F 229 -48.23 7.45 15.42
C MET F 229 -46.85 7.31 16.07
N LEU F 230 -46.43 8.36 16.79
CA LEU F 230 -45.15 8.37 17.49
C LEU F 230 -45.14 7.28 18.58
N THR F 231 -46.29 7.10 19.25
CA THR F 231 -46.42 6.04 20.24
C THR F 231 -46.27 4.63 19.62
N VAL F 232 -46.98 4.37 18.53
CA VAL F 232 -46.92 3.04 17.96
C VAL F 232 -45.49 2.67 17.56
N VAL F 233 -44.76 3.60 16.95
CA VAL F 233 -43.35 3.35 16.68
C VAL F 233 -42.61 3.15 18.02
N ALA F 234 -42.87 4.05 18.96
CA ALA F 234 -42.25 3.97 20.27
C ALA F 234 -42.51 2.59 20.82
N TYR F 235 -43.72 2.10 20.60
CA TYR F 235 -44.09 0.76 21.04
C TYR F 235 -43.34 -0.30 20.30
N ALA F 236 -43.24 -0.17 18.98
CA ALA F 236 -42.57 -1.16 18.15
C ALA F 236 -41.12 -1.34 18.55
N SER F 237 -40.39 -0.26 18.78
CA SER F 237 -38.97 -0.36 19.15
C SER F 237 -38.79 -1.10 20.48
N TYR F 238 -39.59 -0.71 21.47
CA TYR F 238 -39.65 -1.36 22.76
C TYR F 238 -39.82 -2.88 22.60
N THR F 239 -40.88 -3.25 21.89
CA THR F 239 -41.22 -4.61 21.53
C THR F 239 -40.10 -5.33 20.82
N SER F 240 -39.61 -4.70 19.77
CA SER F 240 -38.57 -5.27 18.94
C SER F 240 -37.37 -5.72 19.75
N ASN F 241 -36.98 -4.93 20.73
CA ASN F 241 -35.82 -5.27 21.53
C ASN F 241 -35.98 -6.56 22.32
N ILE F 242 -37.21 -6.93 22.63
CA ILE F 242 -37.41 -8.04 23.56
C ILE F 242 -37.69 -9.29 22.75
N LEU F 243 -38.52 -9.15 21.72
CA LEU F 243 -39.01 -10.28 20.93
C LEU F 243 -37.92 -11.03 20.15
N PRO F 244 -38.12 -12.36 19.94
CA PRO F 244 -37.12 -13.22 19.30
C PRO F 244 -36.95 -12.90 17.84
N ARG F 245 -35.71 -12.94 17.38
CA ARG F 245 -35.43 -12.62 15.99
C ARG F 245 -35.82 -13.75 15.04
N LEU F 246 -36.72 -13.44 14.11
CA LEU F 246 -37.22 -14.38 13.11
C LEU F 246 -37.15 -13.67 11.77
N PRO F 247 -37.21 -14.41 10.67
CA PRO F 247 -37.25 -13.80 9.35
C PRO F 247 -38.67 -13.70 8.80
N TYR F 248 -39.66 -13.67 9.68
CA TYR F 248 -41.05 -13.48 9.27
C TYR F 248 -41.86 -12.71 10.32
N THR F 249 -43.04 -12.27 9.92
CA THR F 249 -43.91 -11.58 10.85
C THR F 249 -44.51 -12.61 11.80
N THR F 250 -44.73 -12.20 13.04
CA THR F 250 -45.47 -13.01 14.01
C THR F 250 -46.90 -12.46 14.15
N VAL F 251 -47.71 -13.09 14.98
CA VAL F 251 -49.03 -12.57 15.26
C VAL F 251 -48.93 -11.12 15.81
N ILE F 252 -48.04 -10.90 16.78
CA ILE F 252 -47.81 -9.56 17.36
C ILE F 252 -47.38 -8.54 16.31
N ASP F 253 -46.46 -8.95 15.45
CA ASP F 253 -45.96 -8.11 14.36
C ASP F 253 -47.09 -7.58 13.53
N GLN F 254 -48.06 -8.45 13.27
CA GLN F 254 -49.18 -8.08 12.46
C GLN F 254 -50.02 -7.06 13.19
N MET F 255 -50.18 -7.24 14.50
CA MET F 255 -50.96 -6.30 15.30
C MET F 255 -50.38 -4.89 15.16
N ILE F 256 -49.05 -4.79 15.22
CA ILE F 256 -48.35 -3.51 15.09
C ILE F 256 -48.67 -2.84 13.75
N ILE F 257 -48.54 -3.61 12.67
CA ILE F 257 -48.87 -3.12 11.35
C ILE F 257 -50.33 -2.71 11.36
N ALA F 258 -51.18 -3.59 11.87
CA ALA F 258 -52.61 -3.28 11.95
C ALA F 258 -52.79 -1.97 12.74
N GLY F 259 -51.98 -1.78 13.77
CA GLY F 259 -52.00 -0.52 14.47
C GLY F 259 -51.58 0.66 13.62
N TYR F 260 -50.44 0.55 12.95
CA TYR F 260 -50.03 1.59 12.02
C TYR F 260 -51.14 1.75 11.01
N GLY F 261 -51.73 0.63 10.60
CA GLY F 261 -52.78 0.67 9.61
C GLY F 261 -53.93 1.53 10.07
N SER F 262 -54.41 1.26 11.28
CA SER F 262 -55.55 1.99 11.82
C SER F 262 -55.33 3.50 11.79
N ILE F 263 -54.16 3.91 12.27
CA ILE F 263 -53.82 5.33 12.37
C ILE F 263 -53.71 6.05 11.03
N PHE F 264 -53.00 5.45 10.07
CA PHE F 264 -52.85 6.04 8.74
C PHE F 264 -54.22 6.13 8.05
N ALA F 265 -55.11 5.19 8.39
CA ALA F 265 -56.47 5.20 7.88
C ALA F 265 -57.23 6.38 8.45
N ALA F 266 -57.05 6.61 9.75
CA ALA F 266 -57.68 7.74 10.42
C ALA F 266 -57.19 9.07 9.87
N ILE F 267 -55.89 9.17 9.61
CA ILE F 267 -55.34 10.39 8.99
C ILE F 267 -56.07 10.71 7.67
N LEU F 268 -56.21 9.71 6.80
CA LEU F 268 -56.94 9.88 5.53
C LEU F 268 -58.38 10.30 5.80
N LEU F 269 -59.11 9.54 6.62
CA LEU F 269 -60.49 9.91 6.96
C LEU F 269 -60.60 11.32 7.54
N ILE F 270 -59.69 11.67 8.45
CA ILE F 270 -59.74 12.99 9.07
C ILE F 270 -59.59 14.10 8.03
N ILE F 271 -58.62 13.97 7.13
CA ILE F 271 -58.48 14.97 6.07
C ILE F 271 -59.73 14.96 5.18
N PHE F 272 -60.26 13.77 4.90
CA PHE F 272 -61.43 13.67 4.04
C PHE F 272 -62.57 14.47 4.65
N ALA F 273 -62.79 14.27 5.96
CA ALA F 273 -63.80 15.05 6.67
C ALA F 273 -63.60 16.53 6.46
N HIS F 274 -62.35 16.99 6.54
CA HIS F 274 -62.07 18.43 6.48
C HIS F 274 -62.21 19.08 5.09
N HIS F 275 -61.45 18.57 4.12
CA HIS F 275 -61.36 19.26 2.85
C HIS F 275 -62.39 18.79 1.82
N ARG F 276 -63.08 17.68 2.10
CA ARG F 276 -64.21 17.29 1.26
C ARG F 276 -65.49 17.90 1.78
N GLN F 277 -65.95 18.95 1.13
CA GLN F 277 -67.08 19.71 1.64
C GLN F 277 -67.95 20.22 0.49
N ALA F 278 -69.10 20.78 0.81
CA ALA F 278 -69.97 21.38 -0.20
C ALA F 278 -70.24 22.84 0.14
N ASN F 279 -69.38 23.41 0.96
CA ASN F 279 -69.53 24.80 1.39
C ASN F 279 -68.19 25.42 1.78
N GLY F 280 -67.49 24.76 2.71
CA GLY F 280 -66.21 25.22 3.21
C GLY F 280 -65.84 24.57 4.53
N VAL F 281 -66.79 24.53 5.46
CA VAL F 281 -66.57 23.94 6.78
C VAL F 281 -67.50 22.75 7.01
N GLU F 282 -67.97 22.17 5.91
CA GLU F 282 -68.72 20.93 6.01
C GLU F 282 -67.74 19.83 6.39
N ASP F 283 -67.40 19.73 7.67
CA ASP F 283 -66.66 18.57 8.13
C ASP F 283 -67.77 17.54 8.22
N ASP F 284 -67.69 16.44 7.47
CA ASP F 284 -68.80 15.49 7.43
C ASP F 284 -69.11 15.04 8.84
N LEU F 285 -70.07 15.76 9.44
CA LEU F 285 -70.50 15.59 10.81
C LEU F 285 -70.79 14.14 11.19
N LEU F 286 -71.20 13.35 10.21
CA LEU F 286 -71.45 11.94 10.46
C LEU F 286 -70.16 11.16 10.28
N ILE F 287 -69.41 11.45 9.22
CA ILE F 287 -68.20 10.68 8.97
C ILE F 287 -67.14 10.96 10.02
N GLN F 288 -67.14 12.16 10.59
CA GLN F 288 -66.20 12.51 11.65
C GLN F 288 -66.58 11.72 12.88
N ARG F 289 -67.86 11.34 12.93
CA ARG F 289 -68.45 10.53 14.01
C ARG F 289 -68.56 9.05 13.62
N CYS F 290 -67.53 8.59 12.90
CA CYS F 290 -67.30 7.16 12.68
C CYS F 290 -66.47 6.67 13.86
N ARG F 291 -66.88 7.16 15.03
CA ARG F 291 -66.25 6.83 16.30
C ARG F 291 -66.53 5.38 16.64
N LEU F 292 -67.58 4.84 16.00
CA LEU F 292 -68.02 3.47 16.18
C LEU F 292 -67.77 2.62 14.96
N ALA F 293 -67.76 3.25 13.79
CA ALA F 293 -67.67 2.51 12.55
C ALA F 293 -66.45 1.61 12.55
N PHE F 294 -65.28 2.18 12.37
CA PHE F 294 -64.11 1.32 12.23
C PHE F 294 -63.41 0.85 13.52
N PRO F 295 -63.91 1.21 14.71
CA PRO F 295 -63.45 0.27 15.74
C PRO F 295 -64.06 -1.11 15.47
N LEU F 296 -65.32 -1.15 15.06
CA LEU F 296 -65.92 -2.44 14.76
C LEU F 296 -65.65 -2.89 13.33
N GLY F 297 -65.16 -1.98 12.50
CA GLY F 297 -64.69 -2.42 11.19
C GLY F 297 -63.33 -3.08 11.35
N PHE F 298 -62.56 -2.56 12.31
CA PHE F 298 -61.24 -3.09 12.60
C PHE F 298 -61.41 -4.41 13.31
N LEU F 299 -62.43 -4.49 14.16
CA LEU F 299 -62.67 -5.71 14.89
C LEU F 299 -63.16 -6.75 13.89
N ALA F 300 -63.80 -6.29 12.84
CA ALA F 300 -64.27 -7.21 11.81
C ALA F 300 -63.08 -7.75 11.02
N ILE F 301 -62.28 -6.84 10.48
CA ILE F 301 -61.11 -7.20 9.68
C ILE F 301 -60.06 -7.89 10.57
N GLY F 302 -60.23 -7.70 11.88
CA GLY F 302 -59.47 -8.43 12.89
C GLY F 302 -59.85 -9.90 12.92
N CYS F 303 -61.13 -10.19 12.66
CA CYS F 303 -61.60 -11.57 12.62
C CYS F 303 -61.35 -12.22 11.24
N VAL F 304 -61.15 -11.40 10.20
CA VAL F 304 -60.90 -11.88 8.84
C VAL F 304 -59.45 -12.40 8.75
N LEU F 305 -58.57 -11.72 9.46
CA LEU F 305 -57.15 -12.10 9.55
C LEU F 305 -56.98 -13.45 10.27
N VAL F 306 -57.94 -13.80 11.10
CA VAL F 306 -57.96 -15.05 11.85
C VAL F 306 -58.47 -16.26 11.04
N ILE F 307 -59.27 -15.99 10.02
CA ILE F 307 -59.73 -17.05 9.13
C ILE F 307 -58.61 -17.49 8.19
N PRO G 1 -20.17 -52.18 50.97
CA PRO G 1 -20.60 -50.82 50.58
C PRO G 1 -19.74 -49.77 51.20
N VAL G 2 -18.84 -49.22 50.38
CA VAL G 2 -17.80 -48.26 50.77
C VAL G 2 -18.47 -46.98 51.22
N ASP G 3 -18.08 -46.53 52.41
CA ASP G 3 -18.57 -45.28 52.95
C ASP G 3 -17.78 -44.16 52.35
N VAL G 4 -18.45 -43.21 51.72
CA VAL G 4 -17.76 -42.04 51.22
C VAL G 4 -18.24 -40.82 52.01
N SER G 5 -17.31 -40.12 52.65
CA SER G 5 -17.69 -38.87 53.30
C SER G 5 -17.30 -37.68 52.39
N VAL G 6 -18.22 -36.72 52.25
CA VAL G 6 -18.08 -35.62 51.30
C VAL G 6 -18.07 -34.28 52.00
N SER G 7 -17.25 -33.36 51.52
CA SER G 7 -17.26 -31.96 51.94
C SER G 7 -17.18 -31.06 50.71
N ILE G 8 -18.12 -30.12 50.61
CA ILE G 8 -18.21 -29.12 49.57
C ILE G 8 -17.85 -27.79 50.20
N PHE G 9 -17.00 -27.03 49.56
CA PHE G 9 -16.75 -25.68 50.04
C PHE G 9 -17.32 -24.74 48.98
N ILE G 10 -18.30 -23.90 49.29
CA ILE G 10 -18.88 -22.97 48.31
C ILE G 10 -18.10 -21.66 48.28
N ASN G 11 -17.46 -21.33 47.14
CA ASN G 11 -16.58 -20.14 46.97
C ASN G 11 -17.27 -18.93 46.47
N LYS G 12 -18.15 -19.10 45.50
CA LYS G 12 -18.84 -17.97 44.92
C LYS G 12 -20.11 -18.49 44.28
N ILE G 13 -21.21 -17.79 44.46
CA ILE G 13 -22.40 -18.12 43.71
C ILE G 13 -22.70 -16.87 42.96
N TYR G 14 -22.78 -16.97 41.65
CA TYR G 14 -23.05 -15.84 40.80
C TYR G 14 -23.62 -16.29 39.46
N GLY G 15 -23.88 -15.30 38.63
CA GLY G 15 -24.35 -15.53 37.30
C GLY G 15 -25.66 -16.23 37.09
N VAL G 16 -26.67 -15.87 37.87
CA VAL G 16 -27.97 -16.49 37.65
C VAL G 16 -28.46 -16.27 36.21
N ASN G 17 -28.90 -17.32 35.54
CA ASN G 17 -29.58 -17.14 34.26
C ASN G 17 -31.07 -17.42 34.38
N THR G 18 -31.90 -16.39 34.41
CA THR G 18 -33.31 -16.62 34.66
C THR G 18 -34.03 -17.45 33.59
N LEU G 19 -33.78 -17.21 32.31
CA LEU G 19 -34.55 -18.01 31.36
C LEU G 19 -34.19 -19.51 31.46
N GLU G 20 -32.90 -19.80 31.63
CA GLU G 20 -32.38 -21.15 31.72
C GLU G 20 -32.65 -21.75 33.10
N GLN G 21 -32.94 -20.89 34.08
CA GLN G 21 -33.05 -21.33 35.47
C GLN G 21 -31.73 -22.01 35.87
N THR G 22 -30.71 -21.19 36.05
CA THR G 22 -29.33 -21.63 36.06
C THR G 22 -28.51 -20.71 36.97
N TYR G 23 -27.44 -21.23 37.58
CA TYR G 23 -26.54 -20.36 38.33
C TYR G 23 -25.16 -20.99 38.40
N LYS G 24 -24.14 -20.17 38.61
CA LYS G 24 -22.78 -20.68 38.57
C LYS G 24 -22.23 -20.84 39.99
N VAL G 25 -21.59 -21.97 40.26
CA VAL G 25 -20.99 -22.16 41.55
C VAL G 25 -19.53 -22.47 41.40
N ASP G 26 -18.73 -21.71 42.11
CA ASP G 26 -17.32 -21.99 42.27
C ASP G 26 -17.14 -22.55 43.66
N GLY G 27 -16.46 -23.70 43.75
CA GLY G 27 -16.14 -24.33 45.03
C GLY G 27 -15.27 -25.57 44.91
N TYR G 28 -15.07 -26.26 46.03
CA TYR G 28 -14.25 -27.47 46.04
C TYR G 28 -15.05 -28.69 46.54
N ILE G 29 -14.81 -29.86 45.96
CA ILE G 29 -15.35 -31.09 46.52
C ILE G 29 -14.25 -31.80 47.27
N VAL G 30 -14.60 -32.41 48.38
CA VAL G 30 -13.70 -33.33 49.06
C VAL G 30 -14.42 -34.64 49.33
N ALA G 31 -13.83 -35.74 48.87
CA ALA G 31 -14.41 -37.05 49.06
C ALA G 31 -13.35 -37.79 49.81
N GLN G 32 -13.76 -38.58 50.79
CA GLN G 32 -12.83 -39.40 51.57
C GLN G 32 -13.42 -40.77 51.82
N TRP G 33 -12.59 -41.79 51.71
CA TRP G 33 -12.99 -43.16 51.93
C TRP G 33 -11.78 -44.00 52.25
N THR G 34 -12.00 -45.26 52.63
CA THR G 34 -10.88 -46.14 52.94
C THR G 34 -10.72 -47.29 51.97
N GLY G 35 -9.52 -47.46 51.44
CA GLY G 35 -9.21 -48.60 50.59
C GLY G 35 -8.30 -49.55 51.33
N LYS G 36 -7.60 -50.39 50.59
CA LYS G 36 -6.64 -51.32 51.19
C LYS G 36 -5.33 -50.58 51.48
N PRO G 37 -4.70 -50.91 52.60
CA PRO G 37 -3.43 -50.31 53.05
C PRO G 37 -2.38 -50.26 51.94
N ARG G 38 -1.55 -49.24 51.99
CA ARG G 38 -0.57 -49.02 50.93
C ARG G 38 0.84 -48.87 51.51
N LYS G 39 1.81 -49.09 50.63
CA LYS G 39 3.22 -48.80 50.90
C LYS G 39 3.49 -47.41 50.31
N THR G 40 3.71 -46.43 51.17
CA THR G 40 4.00 -45.09 50.69
C THR G 40 5.43 -44.68 50.93
N PRO G 41 5.98 -43.87 50.03
CA PRO G 41 7.30 -43.26 50.17
C PRO G 41 7.45 -42.57 51.53
N GLY G 42 8.50 -42.92 52.28
CA GLY G 42 8.67 -42.51 53.66
C GLY G 42 7.68 -43.31 54.45
N ASP G 43 6.68 -42.68 55.05
CA ASP G 43 5.58 -43.45 55.64
C ASP G 43 4.45 -42.50 55.99
N LYS G 44 4.67 -41.24 55.66
CA LYS G 44 3.61 -40.22 55.65
C LYS G 44 2.78 -40.30 54.36
N PRO G 45 1.55 -39.78 54.40
CA PRO G 45 0.65 -39.86 53.25
C PRO G 45 1.29 -39.41 51.96
N LEU G 46 0.91 -40.04 50.85
CA LEU G 46 1.47 -39.74 49.53
C LEU G 46 0.62 -38.71 48.82
N ILE G 47 1.23 -37.66 48.31
CA ILE G 47 0.42 -36.64 47.65
C ILE G 47 0.44 -36.78 46.13
N VAL G 48 -0.73 -36.78 45.50
CA VAL G 48 -0.81 -36.96 44.07
C VAL G 48 -1.68 -35.90 43.41
N GLU G 49 -1.02 -34.98 42.70
CA GLU G 49 -1.69 -33.83 42.12
C GLU G 49 -1.96 -34.02 40.63
N ASN G 50 -3.01 -33.37 40.16
CA ASN G 50 -3.44 -33.39 38.77
C ASN G 50 -3.08 -34.60 37.90
N THR G 51 -2.17 -34.36 36.96
CA THR G 51 -1.80 -35.33 35.94
C THR G 51 -1.56 -36.76 36.47
N GLN G 52 -0.86 -36.88 37.59
CA GLN G 52 -0.52 -38.18 38.13
C GLN G 52 -1.70 -39.00 38.68
N ILE G 53 -2.88 -38.42 38.75
CA ILE G 53 -3.98 -39.20 39.29
C ILE G 53 -4.34 -40.30 38.31
N GLU G 54 -4.39 -39.97 37.01
CA GLU G 54 -4.73 -40.97 35.99
C GLU G 54 -3.78 -42.14 36.01
N ARG G 55 -2.50 -41.87 36.19
CA ARG G 55 -1.50 -42.93 36.23
C ARG G 55 -1.88 -43.96 37.32
N TRP G 56 -2.37 -43.43 38.44
CA TRP G 56 -2.78 -44.26 39.56
C TRP G 56 -4.05 -44.99 39.25
N ILE G 57 -4.93 -44.37 38.48
CA ILE G 57 -6.14 -45.07 38.15
C ILE G 57 -5.79 -46.19 37.17
N ASN G 58 -4.92 -45.93 36.18
CA ASN G 58 -4.43 -46.97 35.26
C ASN G 58 -3.70 -48.15 35.87
N ASN G 59 -2.98 -47.96 36.96
CA ASN G 59 -2.44 -49.12 37.68
C ASN G 59 -3.42 -49.64 38.74
N GLY G 60 -4.66 -49.17 38.68
CA GLY G 60 -5.75 -49.75 39.45
C GLY G 60 -6.33 -49.10 40.71
N LEU G 61 -6.07 -47.82 40.96
CA LEU G 61 -6.70 -47.17 42.12
C LEU G 61 -8.17 -46.94 41.87
N TRP G 62 -9.02 -47.36 42.79
CA TRP G 62 -10.45 -47.13 42.63
C TRP G 62 -10.77 -45.71 43.02
N VAL G 63 -11.01 -44.85 42.04
CA VAL G 63 -11.54 -43.51 42.35
C VAL G 63 -12.88 -43.26 41.67
N PRO G 64 -13.96 -43.46 42.44
CA PRO G 64 -15.31 -43.53 41.87
C PRO G 64 -15.78 -42.18 41.29
N ALA G 65 -16.48 -42.23 40.17
CA ALA G 65 -17.01 -41.00 39.59
C ALA G 65 -18.18 -40.43 40.36
N LEU G 66 -18.03 -39.26 40.98
CA LEU G 66 -19.23 -38.68 41.61
C LEU G 66 -19.78 -37.54 40.73
N GLU G 67 -20.95 -37.72 40.14
CA GLU G 67 -21.52 -36.77 39.21
C GLU G 67 -22.36 -35.66 39.86
N PHE G 68 -22.27 -34.43 39.35
CA PHE G 68 -23.21 -33.40 39.79
C PHE G 68 -24.52 -33.57 39.00
N ILE G 69 -25.54 -34.14 39.66
CA ILE G 69 -26.83 -34.45 39.04
C ILE G 69 -27.41 -33.27 38.29
N ASN G 70 -27.36 -32.07 38.86
CA ASN G 70 -27.99 -30.89 38.26
C ASN G 70 -27.03 -29.92 37.57
N VAL G 71 -25.89 -30.43 37.14
CA VAL G 71 -24.98 -29.57 36.42
C VAL G 71 -25.42 -29.45 34.96
N VAL G 72 -25.41 -28.24 34.41
CA VAL G 72 -25.74 -28.13 33.00
C VAL G 72 -24.44 -28.07 32.25
N GLY G 73 -24.14 -29.09 31.46
CA GLY G 73 -22.86 -29.11 30.77
C GLY G 73 -21.77 -29.60 31.71
N SER G 74 -20.59 -29.92 31.20
CA SER G 74 -19.66 -30.54 32.14
C SER G 74 -18.69 -29.50 32.66
N PRO G 75 -18.56 -29.43 33.99
CA PRO G 75 -17.96 -28.37 34.80
C PRO G 75 -16.46 -28.25 34.65
N ASP G 76 -16.00 -27.00 34.70
CA ASP G 76 -14.60 -26.67 34.64
C ASP G 76 -13.96 -27.16 35.92
N THR G 77 -12.97 -28.03 35.77
CA THR G 77 -12.27 -28.57 36.91
C THR G 77 -10.92 -27.88 37.06
N GLY G 78 -10.59 -27.46 38.27
CA GLY G 78 -9.29 -26.85 38.55
C GLY G 78 -8.32 -27.95 38.92
N ASN G 79 -7.51 -27.74 39.96
CA ASN G 79 -6.53 -28.76 40.34
C ASN G 79 -7.23 -29.93 40.95
N LYS G 80 -6.61 -31.09 40.81
CA LYS G 80 -7.09 -32.27 41.46
C LYS G 80 -5.95 -32.78 42.29
N ARG G 81 -6.27 -33.46 43.38
CA ARG G 81 -5.25 -34.02 44.24
C ARG G 81 -5.77 -35.32 44.85
N LEU G 82 -4.90 -36.32 44.95
CA LEU G 82 -5.22 -37.49 45.72
C LEU G 82 -4.23 -37.50 46.86
N MET G 83 -4.72 -37.71 48.07
CA MET G 83 -3.86 -37.98 49.22
C MET G 83 -4.02 -39.43 49.60
N LEU G 84 -2.96 -40.21 49.41
CA LEU G 84 -2.99 -41.62 49.76
C LEU G 84 -2.25 -41.80 51.06
N PHE G 85 -2.98 -42.24 52.09
CA PHE G 85 -2.37 -42.59 53.36
C PHE G 85 -2.07 -44.09 53.35
N PRO G 86 -1.03 -44.52 54.11
CA PRO G 86 -0.57 -45.91 54.12
C PRO G 86 -1.56 -46.88 54.73
N ASP G 87 -2.37 -46.40 55.68
CA ASP G 87 -3.34 -47.23 56.39
C ASP G 87 -4.53 -47.61 55.51
N GLY G 88 -4.58 -47.06 54.31
CA GLY G 88 -5.63 -47.44 53.37
C GLY G 88 -6.46 -46.27 52.89
N ARG G 89 -6.69 -45.29 53.75
CA ARG G 89 -7.59 -44.21 53.41
C ARG G 89 -7.09 -43.36 52.22
N VAL G 90 -8.05 -42.81 51.50
CA VAL G 90 -7.83 -42.05 50.29
C VAL G 90 -8.69 -40.78 50.31
N ILE G 91 -8.10 -39.61 50.03
CA ILE G 91 -8.90 -38.39 49.99
C ILE G 91 -8.78 -37.70 48.62
N TYR G 92 -9.91 -37.54 47.93
CA TYR G 92 -9.95 -36.83 46.66
C TYR G 92 -10.35 -35.38 46.88
N ASN G 93 -9.62 -34.49 46.24
CA ASN G 93 -9.73 -33.05 46.46
C ASN G 93 -9.69 -32.31 45.12
N ALA G 94 -10.70 -31.48 44.89
CA ALA G 94 -10.88 -30.95 43.56
C ALA G 94 -11.47 -29.56 43.53
N ARG G 95 -11.03 -28.71 42.62
CA ARG G 95 -11.76 -27.45 42.52
C ARG G 95 -12.75 -27.51 41.39
N PHE G 96 -13.91 -26.90 41.55
CA PHE G 96 -14.87 -26.96 40.47
C PHE G 96 -15.55 -25.63 40.29
N LEU G 97 -15.89 -25.32 39.04
CA LEU G 97 -16.79 -24.23 38.70
C LEU G 97 -17.74 -24.87 37.74
N GLY G 98 -19.03 -24.80 38.03
CA GLY G 98 -20.00 -25.47 37.20
C GLY G 98 -21.25 -24.64 37.08
N SER G 99 -22.01 -24.86 36.00
CA SER G 99 -23.29 -24.19 35.89
C SER G 99 -24.31 -25.19 36.33
N PHE G 100 -25.03 -24.83 37.39
CA PHE G 100 -25.98 -25.74 38.01
C PHE G 100 -27.45 -25.33 37.76
N SER G 101 -28.32 -26.32 37.85
CA SER G 101 -29.72 -26.17 37.51
C SER G 101 -30.63 -26.32 38.69
N ASN G 102 -31.71 -25.54 38.71
CA ASN G 102 -32.73 -25.71 39.73
C ASN G 102 -34.00 -24.98 39.41
N ASP G 103 -35.14 -25.49 39.88
CA ASP G 103 -36.40 -24.83 39.64
C ASP G 103 -36.32 -23.41 40.21
N MET G 104 -36.62 -22.41 39.38
CA MET G 104 -36.57 -21.01 39.79
C MET G 104 -37.81 -20.17 39.42
N ASP G 105 -38.57 -19.80 40.46
CA ASP G 105 -39.76 -18.95 40.30
C ASP G 105 -39.28 -17.47 40.44
N PHE G 106 -39.49 -16.68 39.38
CA PHE G 106 -39.07 -15.28 39.38
C PHE G 106 -40.22 -14.28 39.35
N ARG G 107 -41.43 -14.78 39.63
CA ARG G 107 -42.64 -13.97 39.48
C ARG G 107 -42.76 -12.82 40.45
N LEU G 108 -42.20 -12.95 41.65
CA LEU G 108 -42.24 -11.78 42.52
C LEU G 108 -40.92 -10.98 42.63
N PHE G 109 -40.15 -11.05 41.55
CA PHE G 109 -39.02 -10.20 41.30
C PHE G 109 -39.51 -8.78 41.35
N PRO G 110 -38.72 -7.87 41.93
CA PRO G 110 -37.39 -8.01 42.52
C PRO G 110 -37.39 -8.37 43.97
N PHE G 111 -38.38 -9.12 44.42
CA PHE G 111 -38.37 -9.51 45.79
C PHE G 111 -38.38 -11.03 45.96
N ASP G 112 -37.87 -11.74 44.98
CA ASP G 112 -37.90 -13.19 44.99
C ASP G 112 -36.90 -13.77 45.94
N ARG G 113 -37.20 -14.96 46.44
CA ARG G 113 -36.25 -15.74 47.18
C ARG G 113 -35.90 -16.85 46.23
N GLN G 114 -34.63 -17.18 46.15
CA GLN G 114 -34.22 -18.32 45.34
C GLN G 114 -33.45 -19.37 46.18
N GLN G 115 -33.33 -20.60 45.70
CA GLN G 115 -32.38 -21.46 46.39
C GLN G 115 -31.40 -22.22 45.47
N PHE G 116 -30.13 -21.91 45.67
CA PHE G 116 -29.05 -22.47 44.90
C PHE G 116 -28.84 -23.86 45.46
N VAL G 117 -28.82 -24.82 44.55
CA VAL G 117 -28.77 -26.23 44.91
C VAL G 117 -27.61 -26.97 44.26
N LEU G 118 -26.98 -27.88 44.99
CA LEU G 118 -26.01 -28.74 44.38
C LEU G 118 -26.54 -30.16 44.65
N GLU G 119 -26.55 -31.03 43.65
CA GLU G 119 -26.97 -32.42 43.86
C GLU G 119 -25.88 -33.41 43.42
N LEU G 120 -25.36 -34.23 44.33
CA LEU G 120 -24.22 -35.10 44.08
C LEU G 120 -24.62 -36.61 44.11
N GLU G 121 -24.15 -37.41 43.16
CA GLU G 121 -24.54 -38.80 43.09
C GLU G 121 -23.53 -39.59 42.29
N PRO G 122 -23.09 -40.74 42.82
CA PRO G 122 -22.14 -41.64 42.15
C PRO G 122 -22.67 -42.00 40.78
N PHE G 123 -21.76 -42.09 39.82
CA PHE G 123 -22.20 -42.24 38.45
C PHE G 123 -22.46 -43.69 38.17
N SER G 124 -21.60 -44.53 38.74
CA SER G 124 -21.59 -45.94 38.34
C SER G 124 -21.78 -46.96 39.44
N TYR G 125 -21.81 -46.50 40.69
CA TYR G 125 -21.98 -47.38 41.86
C TYR G 125 -23.27 -47.19 42.67
N ASN G 126 -24.01 -48.30 42.86
CA ASN G 126 -25.30 -48.26 43.56
C ASN G 126 -25.05 -48.28 45.07
N ASN G 127 -26.08 -47.95 45.83
CA ASN G 127 -25.94 -47.78 47.29
C ASN G 127 -25.39 -48.98 48.02
N GLN G 128 -25.43 -50.14 47.38
CA GLN G 128 -24.91 -51.33 48.01
C GLN G 128 -23.44 -51.48 47.73
N GLN G 129 -22.93 -50.67 46.79
CA GLN G 129 -21.50 -50.56 46.46
C GLN G 129 -20.81 -49.35 47.12
N LEU G 130 -21.48 -48.19 47.05
CA LEU G 130 -20.99 -46.92 47.58
C LEU G 130 -22.10 -46.12 48.24
N ARG G 131 -21.88 -45.72 49.50
CA ARG G 131 -22.85 -45.02 50.34
C ARG G 131 -22.26 -43.68 50.84
N PHE G 132 -23.03 -42.60 50.78
CA PHE G 132 -22.57 -41.34 51.33
C PHE G 132 -22.79 -41.34 52.86
N SER G 133 -21.70 -41.37 53.61
CA SER G 133 -21.81 -41.51 55.05
C SER G 133 -22.24 -40.26 55.74
N ASP G 134 -21.79 -39.12 55.24
CA ASP G 134 -22.17 -37.79 55.77
C ASP G 134 -21.77 -36.72 54.80
N ILE G 135 -22.17 -35.48 55.12
CA ILE G 135 -21.68 -34.34 54.35
C ILE G 135 -21.64 -33.02 55.12
N GLN G 136 -20.49 -32.36 55.20
CA GLN G 136 -20.53 -30.95 55.61
C GLN G 136 -20.34 -30.00 54.39
N VAL G 137 -20.96 -28.84 54.47
CA VAL G 137 -20.81 -27.81 53.47
C VAL G 137 -20.35 -26.49 54.04
N TYR G 138 -19.27 -25.98 53.51
CA TYR G 138 -18.75 -24.71 53.98
C TYR G 138 -19.14 -23.56 53.12
N THR G 139 -19.88 -22.65 53.72
CA THR G 139 -20.02 -21.34 53.14
C THR G 139 -19.17 -20.49 54.03
N GLU G 140 -17.99 -20.19 53.51
CA GLU G 140 -17.04 -19.22 54.05
C GLU G 140 -17.65 -17.79 54.01
N ASN G 141 -18.79 -17.63 54.66
CA ASN G 141 -19.59 -16.44 54.46
C ASN G 141 -19.61 -15.43 55.61
N ALA G 142 -19.99 -14.19 55.25
CA ALA G 142 -20.01 -13.03 56.14
C ALA G 142 -20.31 -11.69 55.38
N ASP G 143 -20.49 -10.62 56.18
CA ASP G 143 -20.42 -9.16 55.84
C ASP G 143 -21.13 -8.53 54.65
N ASN G 144 -20.50 -7.45 54.17
CA ASN G 144 -20.72 -6.75 52.87
C ASN G 144 -22.09 -6.64 52.24
N GLU G 145 -22.81 -7.75 52.11
CA GLU G 145 -24.13 -7.86 51.47
C GLU G 145 -24.61 -6.68 50.64
N GLU G 146 -24.44 -5.45 51.14
CA GLU G 146 -24.99 -4.24 50.51
C GLU G 146 -24.46 -4.09 49.10
N ILE G 147 -23.28 -4.69 48.91
CA ILE G 147 -22.43 -4.67 47.73
C ILE G 147 -22.70 -5.79 46.76
N ASP G 148 -23.29 -6.86 47.29
CA ASP G 148 -23.47 -8.11 46.58
C ASP G 148 -24.89 -8.18 45.99
N GLU G 149 -25.06 -8.89 44.88
CA GLU G 149 -26.35 -9.01 44.20
C GLU G 149 -27.37 -9.84 44.93
N TRP G 150 -26.91 -10.97 45.49
CA TRP G 150 -27.74 -11.91 46.27
C TRP G 150 -27.37 -11.95 47.75
N TRP G 151 -28.39 -12.09 48.57
CA TRP G 151 -28.24 -12.22 50.01
C TRP G 151 -28.45 -13.66 50.51
N ILE G 152 -27.34 -14.29 50.91
CA ILE G 152 -27.34 -15.63 51.51
C ILE G 152 -27.92 -15.57 52.91
N ARG G 153 -28.86 -16.49 53.19
CA ARG G 153 -29.50 -16.53 54.49
C ARG G 153 -29.07 -17.74 55.36
N GLY G 154 -29.15 -18.97 54.87
CA GLY G 154 -28.83 -20.02 55.82
C GLY G 154 -27.35 -20.35 55.93
N LYS G 155 -26.99 -21.48 56.56
CA LYS G 155 -25.59 -21.86 56.54
C LYS G 155 -25.37 -23.05 55.59
N ALA G 156 -26.46 -23.44 54.93
CA ALA G 156 -26.52 -24.53 53.95
C ALA G 156 -27.18 -25.79 54.58
N SER G 157 -28.17 -26.27 53.83
CA SER G 157 -29.04 -27.37 54.14
C SER G 157 -28.52 -28.74 53.67
N THR G 158 -29.25 -29.77 54.09
CA THR G 158 -28.91 -31.16 53.75
C THR G 158 -30.06 -32.12 53.34
N HIS G 159 -29.63 -33.02 52.48
CA HIS G 159 -30.38 -34.20 52.24
C HIS G 159 -29.36 -35.26 51.74
N ILE G 160 -29.09 -36.23 52.61
CA ILE G 160 -28.59 -37.52 52.18
C ILE G 160 -29.86 -38.41 52.22
N SER G 161 -30.07 -39.16 51.14
CA SER G 161 -31.21 -40.05 50.96
C SER G 161 -30.80 -40.96 49.85
N ASP G 162 -31.68 -41.89 49.48
CA ASP G 162 -31.40 -42.87 48.42
C ASP G 162 -32.42 -42.75 47.28
N ILE G 163 -31.93 -42.67 46.03
CA ILE G 163 -32.85 -42.54 44.90
C ILE G 163 -33.03 -43.91 44.27
N ARG G 164 -34.29 -44.28 44.12
CA ARG G 164 -34.61 -45.59 43.61
C ARG G 164 -35.09 -45.36 42.19
N TYR G 165 -34.41 -46.02 41.25
CA TYR G 165 -34.72 -45.88 39.85
C TYR G 165 -35.43 -47.14 39.40
N ASP G 166 -36.54 -46.99 38.67
CA ASP G 166 -37.31 -48.15 38.25
C ASP G 166 -36.80 -48.77 36.96
N HIS G 167 -36.16 -47.96 36.13
CA HIS G 167 -35.68 -48.44 34.85
C HIS G 167 -34.23 -48.05 34.59
N LEU G 168 -33.39 -49.08 34.68
CA LEU G 168 -31.96 -49.02 34.43
C LEU G 168 -31.60 -50.20 33.54
N SER G 169 -30.53 -50.89 33.93
CA SER G 169 -30.03 -52.03 33.19
C SER G 169 -30.85 -53.30 33.45
N SER G 170 -30.28 -54.43 33.09
CA SER G 170 -30.87 -55.75 33.32
C SER G 170 -30.60 -56.25 34.74
N VAL G 171 -30.70 -55.35 35.72
CA VAL G 171 -30.41 -55.66 37.11
C VAL G 171 -31.66 -55.87 37.99
N GLN G 172 -31.70 -56.99 38.72
CA GLN G 172 -32.91 -57.36 39.50
C GLN G 172 -32.81 -57.43 41.05
N PRO G 173 -31.72 -58.01 41.62
CA PRO G 173 -31.72 -58.21 43.09
C PRO G 173 -32.07 -56.94 43.90
N ASN G 174 -31.21 -55.92 43.88
CA ASN G 174 -31.53 -54.66 44.56
C ASN G 174 -30.69 -53.44 44.12
N GLN G 175 -29.94 -53.54 43.01
CA GLN G 175 -29.01 -52.48 42.59
C GLN G 175 -29.59 -51.31 41.78
N ASN G 176 -30.63 -50.67 42.31
CA ASN G 176 -31.38 -49.66 41.56
C ASN G 176 -31.68 -48.47 42.43
N GLU G 177 -30.93 -48.39 43.52
CA GLU G 177 -30.99 -47.31 44.49
C GLU G 177 -29.58 -46.74 44.52
N PHE G 178 -29.48 -45.43 44.33
CA PHE G 178 -28.17 -44.74 44.45
C PHE G 178 -28.13 -43.72 45.58
N SER G 179 -27.01 -43.57 46.29
CA SER G 179 -27.11 -42.58 47.37
C SER G 179 -26.75 -41.15 46.92
N ARG G 180 -27.56 -40.22 47.40
CA ARG G 180 -27.44 -38.85 46.98
C ARG G 180 -27.32 -37.80 48.07
N ILE G 181 -26.29 -36.98 47.92
CA ILE G 181 -26.13 -35.78 48.71
C ILE G 181 -26.81 -34.60 48.00
N THR G 182 -27.65 -33.89 48.72
CA THR G 182 -28.24 -32.67 48.19
C THR G 182 -27.93 -31.48 49.07
N VAL G 183 -27.24 -30.49 48.53
CA VAL G 183 -26.90 -29.28 49.28
C VAL G 183 -27.86 -28.14 48.94
N ARG G 184 -28.41 -27.46 49.94
CA ARG G 184 -29.24 -26.30 49.62
C ARG G 184 -28.76 -25.00 50.27
N ILE G 185 -28.69 -23.92 49.47
CA ILE G 185 -28.33 -22.56 49.95
C ILE G 185 -29.48 -21.57 49.64
N ASP G 186 -30.12 -21.00 50.67
CA ASP G 186 -31.28 -20.11 50.49
C ASP G 186 -30.86 -18.68 50.26
N ALA G 187 -31.57 -17.96 49.39
CA ALA G 187 -31.19 -16.56 49.11
C ALA G 187 -32.33 -15.62 48.78
N VAL G 188 -32.06 -14.33 48.97
CA VAL G 188 -32.98 -13.25 48.56
C VAL G 188 -32.33 -12.29 47.60
N ARG G 189 -33.11 -11.75 46.68
CA ARG G 189 -32.56 -10.75 45.77
C ARG G 189 -32.45 -9.43 46.55
N ASN G 190 -31.32 -8.76 46.36
CA ASN G 190 -31.08 -7.42 46.90
C ASN G 190 -31.94 -6.46 46.10
N PRO G 191 -33.05 -5.99 46.69
CA PRO G 191 -34.08 -5.27 45.93
C PRO G 191 -33.81 -3.78 45.76
N SER G 192 -32.79 -3.31 46.47
CA SER G 192 -32.52 -1.88 46.58
C SER G 192 -32.42 -1.18 45.22
N TYR G 193 -31.69 -1.72 44.24
CA TYR G 193 -31.62 -1.00 42.97
C TYR G 193 -32.99 -0.86 42.30
N TYR G 194 -33.78 -1.92 42.28
CA TYR G 194 -35.01 -1.91 41.52
C TYR G 194 -36.07 -1.08 42.23
N LEU G 195 -35.98 -1.01 43.56
CA LEU G 195 -36.91 -0.17 44.32
C LEU G 195 -36.82 1.29 43.90
N TRP G 196 -35.61 1.84 44.02
CA TRP G 196 -35.39 3.26 43.81
C TRP G 196 -35.39 3.71 42.38
N SER G 197 -34.90 2.85 41.49
CA SER G 197 -34.72 3.28 40.12
C SER G 197 -35.81 2.83 39.18
N PHE G 198 -36.55 1.78 39.57
CA PHE G 198 -37.68 1.23 38.79
C PHE G 198 -39.02 1.41 39.49
N ILE G 199 -39.13 0.87 40.70
CA ILE G 199 -40.39 0.96 41.43
C ILE G 199 -40.79 2.43 41.69
N LEU G 200 -39.91 3.19 42.36
CA LEU G 200 -40.29 4.55 42.78
C LEU G 200 -40.72 5.49 41.64
N PRO G 201 -39.83 5.77 40.65
CA PRO G 201 -40.33 6.68 39.62
C PRO G 201 -41.57 6.16 38.87
N LEU G 202 -41.66 4.84 38.61
CA LEU G 202 -42.87 4.34 37.94
C LEU G 202 -44.09 4.69 38.77
N GLY G 203 -43.97 4.62 40.09
CA GLY G 203 -45.04 5.07 40.95
C GLY G 203 -45.38 6.54 40.75
N LEU G 204 -44.34 7.36 40.75
CA LEU G 204 -44.50 8.79 40.49
C LEU G 204 -45.08 9.10 39.11
N ILE G 205 -44.67 8.37 38.07
CA ILE G 205 -45.24 8.61 36.77
C ILE G 205 -46.74 8.31 36.89
N ILE G 206 -47.07 7.11 37.38
CA ILE G 206 -48.47 6.64 37.52
C ILE G 206 -49.29 7.70 38.23
N ALA G 207 -48.75 8.19 39.36
CA ALA G 207 -49.42 9.18 40.18
C ALA G 207 -49.67 10.47 39.39
N ALA G 208 -48.58 11.04 38.89
CA ALA G 208 -48.63 12.30 38.22
C ALA G 208 -49.49 12.24 36.97
N SER G 209 -49.57 11.07 36.38
CA SER G 209 -50.50 10.84 35.29
C SER G 209 -51.93 11.24 35.72
N TRP G 210 -52.28 10.97 36.97
CA TRP G 210 -53.63 11.25 37.41
C TRP G 210 -53.92 12.75 37.43
N SER G 211 -52.85 13.56 37.35
CA SER G 211 -53.00 15.00 37.42
C SER G 211 -53.59 15.55 36.13
N VAL G 212 -53.95 14.65 35.23
CA VAL G 212 -54.62 15.04 34.01
C VAL G 212 -55.99 15.65 34.36
N PHE G 213 -56.54 15.26 35.50
CA PHE G 213 -57.88 15.71 35.90
C PHE G 213 -57.92 17.13 36.46
N TRP G 214 -56.76 17.67 36.84
CA TRP G 214 -56.65 19.06 37.25
C TRP G 214 -56.56 20.06 36.06
N LEU G 215 -56.61 19.54 34.83
CA LEU G 215 -56.64 20.41 33.66
C LEU G 215 -58.05 20.92 33.41
N GLU G 216 -58.14 22.17 32.95
CA GLU G 216 -59.42 22.87 32.77
C GLU G 216 -60.26 22.43 31.56
N SER G 217 -59.65 22.36 30.39
CA SER G 217 -60.36 22.02 29.15
C SER G 217 -60.69 20.53 29.02
N PHE G 218 -61.56 20.20 28.06
CA PHE G 218 -61.79 18.81 27.67
C PHE G 218 -60.65 18.36 26.79
N SER G 219 -60.30 19.20 25.81
CA SER G 219 -59.19 18.90 24.93
C SER G 219 -57.89 18.77 25.71
N GLU G 220 -57.62 19.72 26.61
CA GLU G 220 -56.39 19.63 27.39
C GLU G 220 -56.38 18.31 28.14
N ARG G 221 -57.54 17.94 28.70
CA ARG G 221 -57.62 16.67 29.40
C ARG G 221 -57.34 15.47 28.48
N LEU G 222 -57.94 15.42 27.28
CA LEU G 222 -57.82 14.24 26.42
C LEU G 222 -56.47 14.13 25.75
N GLN G 223 -56.01 15.24 25.20
CA GLN G 223 -54.77 15.21 24.48
C GLN G 223 -53.60 14.88 25.40
N THR G 224 -53.64 15.42 26.60
CA THR G 224 -52.53 15.22 27.52
C THR G 224 -52.30 13.76 27.93
N SER G 225 -53.36 12.99 28.06
CA SER G 225 -53.18 11.60 28.44
C SER G 225 -52.48 10.76 27.33
N PHE G 226 -52.44 11.28 26.11
CA PHE G 226 -51.63 10.65 25.06
C PHE G 226 -50.13 10.85 25.26
N THR G 227 -49.73 11.97 25.85
CA THR G 227 -48.34 12.12 26.23
C THR G 227 -48.05 11.14 27.36
N LEU G 228 -48.98 11.06 28.30
CA LEU G 228 -48.85 10.18 29.44
C LEU G 228 -48.71 8.73 28.95
N MET G 229 -49.61 8.32 28.06
CA MET G 229 -49.60 7.00 27.48
C MET G 229 -48.25 6.76 26.78
N LEU G 230 -47.78 7.75 26.04
CA LEU G 230 -46.50 7.63 25.36
C LEU G 230 -45.41 7.46 26.42
N THR G 231 -45.56 8.12 27.57
CA THR G 231 -44.61 7.93 28.68
C THR G 231 -44.59 6.51 29.24
N VAL G 232 -45.77 5.93 29.46
CA VAL G 232 -45.79 4.54 29.94
C VAL G 232 -45.09 3.63 28.90
N VAL G 233 -45.33 3.83 27.60
CA VAL G 233 -44.59 3.06 26.59
C VAL G 233 -43.10 3.32 26.71
N ALA G 234 -42.74 4.59 26.88
CA ALA G 234 -41.34 4.90 27.11
C ALA G 234 -40.85 4.16 28.35
N TYR G 235 -41.64 4.18 29.40
CA TYR G 235 -41.17 3.55 30.62
C TYR G 235 -41.02 2.07 30.45
N ALA G 236 -41.97 1.49 29.72
CA ALA G 236 -41.97 0.06 29.48
C ALA G 236 -40.65 -0.36 28.86
N SER G 237 -40.22 0.34 27.82
CA SER G 237 -38.98 0.02 27.15
C SER G 237 -37.81 0.28 28.08
N TYR G 238 -37.79 1.41 28.78
CA TYR G 238 -36.70 1.64 29.72
C TYR G 238 -36.57 0.40 30.61
N THR G 239 -37.71 -0.01 31.16
CA THR G 239 -37.80 -1.19 31.98
C THR G 239 -37.25 -2.46 31.34
N SER G 240 -37.79 -2.81 30.17
CA SER G 240 -37.49 -4.04 29.44
C SER G 240 -36.03 -4.29 29.23
N ASN G 241 -35.33 -3.26 28.83
CA ASN G 241 -33.95 -3.45 28.51
C ASN G 241 -33.17 -3.92 29.72
N ILE G 242 -33.58 -3.53 30.92
CA ILE G 242 -32.75 -3.80 32.10
C ILE G 242 -33.23 -5.07 32.87
N LEU G 243 -34.54 -5.26 32.95
CA LEU G 243 -35.12 -6.42 33.61
C LEU G 243 -34.78 -7.73 32.89
N PRO G 244 -34.65 -8.82 33.67
CA PRO G 244 -34.27 -10.16 33.21
C PRO G 244 -35.37 -10.80 32.35
N ARG G 245 -35.00 -11.57 31.31
CA ARG G 245 -36.04 -12.23 30.50
C ARG G 245 -36.67 -13.48 31.15
N LEU G 246 -38.00 -13.49 31.24
CA LEU G 246 -38.75 -14.55 31.88
C LEU G 246 -39.90 -14.95 30.96
N PRO G 247 -40.59 -16.05 31.24
CA PRO G 247 -41.81 -16.27 30.44
C PRO G 247 -43.10 -15.83 31.16
N TYR G 248 -42.98 -15.04 32.23
CA TYR G 248 -44.14 -14.63 33.00
C TYR G 248 -44.02 -13.20 33.49
N THR G 249 -45.13 -12.59 33.90
CA THR G 249 -45.09 -11.21 34.35
C THR G 249 -44.42 -11.13 35.71
N THR G 250 -43.68 -10.05 35.95
CA THR G 250 -43.15 -9.82 37.28
C THR G 250 -44.00 -8.75 37.91
N VAL G 251 -43.70 -8.45 39.18
CA VAL G 251 -44.40 -7.42 39.93
C VAL G 251 -44.28 -6.09 39.16
N ILE G 252 -43.05 -5.76 38.76
CA ILE G 252 -42.78 -4.55 38.00
C ILE G 252 -43.54 -4.47 36.69
N ASP G 253 -43.56 -5.60 36.00
CA ASP G 253 -44.31 -5.74 34.75
C ASP G 253 -45.78 -5.43 35.00
N GLN G 254 -46.28 -5.92 36.13
CA GLN G 254 -47.66 -5.71 36.49
C GLN G 254 -47.92 -4.24 36.80
N MET G 255 -46.96 -3.59 37.45
CA MET G 255 -47.02 -2.15 37.67
C MET G 255 -47.10 -1.44 36.32
N ILE G 256 -46.31 -1.91 35.35
CA ILE G 256 -46.39 -1.36 34.00
C ILE G 256 -47.77 -1.52 33.38
N ILE G 257 -48.33 -2.72 33.43
CA ILE G 257 -49.69 -2.85 32.96
C ILE G 257 -50.61 -1.86 33.68
N ALA G 258 -50.39 -1.65 34.98
CA ALA G 258 -51.24 -0.73 35.76
C ALA G 258 -51.26 0.67 35.18
N GLY G 259 -50.11 1.15 34.71
CA GLY G 259 -50.03 2.44 34.08
C GLY G 259 -50.82 2.57 32.81
N TYR G 260 -50.65 1.60 31.92
CA TYR G 260 -51.43 1.50 30.69
C TYR G 260 -52.89 1.47 31.09
N GLY G 261 -53.17 0.71 32.14
CA GLY G 261 -54.51 0.59 32.66
C GLY G 261 -55.08 1.89 33.17
N SER G 262 -54.32 2.58 34.02
CA SER G 262 -54.76 3.84 34.64
C SER G 262 -55.11 4.87 33.61
N ILE G 263 -54.18 5.02 32.68
CA ILE G 263 -54.27 6.01 31.63
C ILE G 263 -55.39 5.67 30.65
N PHE G 264 -55.51 4.41 30.24
CA PHE G 264 -56.59 4.06 29.34
C PHE G 264 -57.92 4.32 30.01
N ALA G 265 -57.93 4.20 31.34
CA ALA G 265 -59.15 4.46 32.10
C ALA G 265 -59.51 5.93 32.10
N ALA G 266 -58.52 6.79 32.36
CA ALA G 266 -58.75 8.23 32.38
C ALA G 266 -59.25 8.74 31.02
N ILE G 267 -58.71 8.19 29.93
CA ILE G 267 -59.18 8.48 28.57
C ILE G 267 -60.69 8.26 28.53
N LEU G 268 -61.12 7.08 28.98
CA LEU G 268 -62.54 6.76 29.04
C LEU G 268 -63.31 7.72 29.96
N LEU G 269 -62.83 7.93 31.18
CA LEU G 269 -63.46 8.90 32.08
C LEU G 269 -63.58 10.29 31.46
N ILE G 270 -62.48 10.75 30.87
CA ILE G 270 -62.43 12.07 30.25
C ILE G 270 -63.43 12.18 29.08
N ILE G 271 -63.49 11.13 28.24
CA ILE G 271 -64.48 11.09 27.18
C ILE G 271 -65.89 10.95 27.77
N PHE G 272 -66.06 10.09 28.78
CA PHE G 272 -67.39 9.87 29.35
C PHE G 272 -67.93 11.17 29.95
N ALA G 273 -67.07 11.86 30.71
CA ALA G 273 -67.39 13.16 31.30
C ALA G 273 -68.00 14.12 30.29
N HIS G 274 -67.46 14.10 29.08
CA HIS G 274 -67.88 15.01 28.03
C HIS G 274 -69.31 14.71 27.55
N HIS G 275 -69.58 13.47 27.14
CA HIS G 275 -70.81 13.20 26.39
C HIS G 275 -72.06 12.65 27.11
N ARG G 276 -71.96 12.13 28.33
CA ARG G 276 -73.18 11.74 29.05
C ARG G 276 -73.74 12.83 29.91
N GLN G 277 -74.84 13.44 29.47
CA GLN G 277 -75.30 14.67 30.09
C GLN G 277 -76.82 14.78 30.21
N ALA G 278 -77.23 15.84 30.90
CA ALA G 278 -78.62 16.22 31.07
C ALA G 278 -78.87 17.61 30.50
N ASN G 279 -78.00 18.04 29.60
CA ASN G 279 -78.19 19.33 28.95
C ASN G 279 -77.56 19.35 27.56
N GLY G 280 -76.25 19.12 27.50
CA GLY G 280 -75.54 19.13 26.24
C GLY G 280 -74.03 19.24 26.36
N VAL G 281 -73.54 20.21 27.14
CA VAL G 281 -72.10 20.36 27.28
C VAL G 281 -71.65 20.27 28.73
N GLU G 282 -72.48 19.68 29.59
CA GLU G 282 -72.07 19.52 30.97
C GLU G 282 -70.98 18.48 31.15
N ASP G 283 -69.72 18.90 31.10
CA ASP G 283 -68.68 18.00 31.58
C ASP G 283 -68.94 18.01 33.08
N ASP G 284 -69.18 16.83 33.65
CA ASP G 284 -69.50 16.75 35.06
C ASP G 284 -68.42 17.41 35.89
N LEU G 285 -68.70 18.66 36.27
CA LEU G 285 -67.83 19.48 37.11
C LEU G 285 -67.36 18.66 38.31
N LEU G 286 -68.21 17.71 38.69
CA LEU G 286 -67.97 16.78 39.77
C LEU G 286 -67.16 15.57 39.31
N ILE G 287 -67.52 14.96 38.18
CA ILE G 287 -66.76 13.79 37.75
C ILE G 287 -65.36 14.18 37.34
N GLN G 288 -65.21 15.41 36.83
CA GLN G 288 -63.90 15.91 36.47
C GLN G 288 -63.18 16.17 37.81
N ARG G 289 -63.94 16.28 38.89
CA ARG G 289 -63.34 16.35 40.21
C ARG G 289 -63.26 14.95 40.85
N CYS G 290 -62.91 13.98 40.00
CA CYS G 290 -62.43 12.67 40.44
C CYS G 290 -60.90 12.73 40.57
N ARG G 291 -60.42 13.87 41.03
CA ARG G 291 -59.00 14.14 41.29
C ARG G 291 -58.53 13.36 42.52
N LEU G 292 -59.50 12.92 43.32
CA LEU G 292 -59.26 12.09 44.50
C LEU G 292 -59.84 10.69 44.30
N ALA G 293 -60.77 10.55 43.37
CA ALA G 293 -61.49 9.30 43.19
C ALA G 293 -60.54 8.14 42.97
N PHE G 294 -60.05 7.97 41.76
CA PHE G 294 -59.19 6.81 41.48
C PHE G 294 -57.68 6.89 41.85
N PRO G 295 -57.23 8.02 42.46
CA PRO G 295 -56.02 7.87 43.26
C PRO G 295 -56.21 6.89 44.44
N LEU G 296 -57.37 6.92 45.10
CA LEU G 296 -57.64 5.98 46.19
C LEU G 296 -58.25 4.66 45.70
N GLY G 297 -58.73 4.65 44.46
CA GLY G 297 -59.16 3.43 43.80
C GLY G 297 -58.04 2.56 43.27
N PHE G 298 -56.98 3.21 42.75
CA PHE G 298 -55.79 2.51 42.27
C PHE G 298 -54.99 2.02 43.47
N LEU G 299 -55.02 2.81 44.52
CA LEU G 299 -54.27 2.52 45.72
C LEU G 299 -54.88 1.31 46.42
N ALA G 300 -56.20 1.19 46.35
CA ALA G 300 -56.94 0.07 46.94
C ALA G 300 -56.81 -1.23 46.12
N ILE G 301 -56.93 -1.11 44.80
CA ILE G 301 -56.76 -2.24 43.90
C ILE G 301 -55.34 -2.81 44.03
N GLY G 302 -54.39 -1.95 44.39
CA GLY G 302 -53.01 -2.35 44.65
C GLY G 302 -52.79 -3.20 45.88
N CYS G 303 -53.56 -2.93 46.94
CA CYS G 303 -53.42 -3.61 48.23
C CYS G 303 -54.06 -4.99 48.17
N VAL G 304 -54.87 -5.21 47.14
CA VAL G 304 -55.52 -6.48 46.89
C VAL G 304 -54.54 -7.49 46.25
N LEU G 305 -53.58 -6.99 45.47
CA LEU G 305 -52.58 -7.87 44.84
C LEU G 305 -51.80 -8.63 45.91
N VAL G 306 -51.73 -8.06 47.11
CA VAL G 306 -51.07 -8.72 48.24
C VAL G 306 -52.00 -9.77 48.88
N ILE G 307 -53.31 -9.60 48.68
CA ILE G 307 -54.29 -10.61 49.09
C ILE G 307 -54.36 -11.81 48.12
N PRO H 1 11.21 -28.06 54.77
CA PRO H 1 10.16 -27.14 54.29
C PRO H 1 10.64 -26.30 53.13
N VAL H 2 10.29 -26.70 51.91
CA VAL H 2 10.81 -26.12 50.67
C VAL H 2 10.46 -24.66 50.46
N ASP H 3 11.51 -23.84 50.27
CA ASP H 3 11.39 -22.40 49.92
C ASP H 3 11.14 -22.18 48.42
N VAL H 4 10.01 -21.57 48.12
CA VAL H 4 9.64 -21.21 46.75
C VAL H 4 9.67 -19.72 46.63
N SER H 5 10.43 -19.24 45.67
CA SER H 5 10.42 -17.83 45.35
C SER H 5 9.46 -17.58 44.17
N VAL H 6 8.68 -16.51 44.23
CA VAL H 6 7.69 -16.25 43.18
C VAL H 6 7.89 -14.86 42.52
N SER H 7 7.59 -14.74 41.23
CA SER H 7 7.49 -13.42 40.57
C SER H 7 6.27 -13.34 39.64
N ILE H 8 5.45 -12.30 39.80
CA ILE H 8 4.26 -12.18 38.96
C ILE H 8 4.46 -10.98 38.03
N PHE H 9 4.25 -11.17 36.73
CA PHE H 9 4.36 -10.09 35.77
C PHE H 9 2.97 -9.76 35.19
N ILE H 10 2.43 -8.58 35.49
CA ILE H 10 1.08 -8.19 35.06
C ILE H 10 1.09 -7.55 33.67
N ASN H 11 0.46 -8.20 32.68
CA ASN H 11 0.47 -7.73 31.29
C ASN H 11 -0.67 -6.86 30.90
N LYS H 12 -1.83 -7.20 31.37
CA LYS H 12 -3.03 -6.45 31.02
C LYS H 12 -4.05 -6.76 32.11
N ILE H 13 -4.70 -5.73 32.62
CA ILE H 13 -5.83 -5.89 33.51
C ILE H 13 -7.03 -5.29 32.80
N TYR H 14 -8.04 -6.08 32.56
CA TYR H 14 -9.14 -5.58 31.79
C TYR H 14 -10.42 -6.37 32.02
N GLY H 15 -11.42 -5.96 31.31
CA GLY H 15 -12.70 -6.63 31.36
C GLY H 15 -13.41 -6.73 32.69
N VAL H 16 -13.41 -5.67 33.51
CA VAL H 16 -14.11 -5.74 34.80
C VAL H 16 -15.58 -6.09 34.63
N ASN H 17 -16.06 -7.08 35.38
CA ASN H 17 -17.47 -7.44 35.32
C ASN H 17 -18.16 -7.02 36.60
N THR H 18 -19.00 -5.99 36.50
CA THR H 18 -19.59 -5.41 37.69
C THR H 18 -20.51 -6.34 38.48
N LEU H 19 -21.42 -7.00 37.78
CA LEU H 19 -22.35 -7.82 38.51
C LEU H 19 -21.56 -8.99 39.14
N GLU H 20 -20.51 -9.43 38.47
CA GLU H 20 -19.69 -10.55 38.94
C GLU H 20 -18.60 -10.22 39.93
N GLN H 21 -18.19 -8.97 40.02
CA GLN H 21 -17.01 -8.62 40.82
C GLN H 21 -15.82 -9.44 40.34
N THR H 22 -15.39 -9.10 39.12
CA THR H 22 -14.53 -9.92 38.27
C THR H 22 -13.68 -8.98 37.38
N TYR H 23 -12.47 -9.41 37.07
CA TYR H 23 -11.62 -8.68 36.17
C TYR H 23 -10.63 -9.64 35.49
N LYS H 24 -10.09 -9.27 34.33
CA LYS H 24 -9.16 -10.17 33.67
C LYS H 24 -7.72 -9.74 33.90
N VAL H 25 -6.85 -10.71 34.18
CA VAL H 25 -5.44 -10.41 34.40
C VAL H 25 -4.61 -11.27 33.46
N ASP H 26 -3.78 -10.65 32.65
CA ASP H 26 -2.84 -11.40 31.82
C ASP H 26 -1.48 -11.26 32.46
N GLY H 27 -0.75 -12.36 32.61
CA GLY H 27 0.60 -12.24 33.12
C GLY H 27 1.36 -13.53 33.21
N TYR H 28 2.55 -13.49 33.81
CA TYR H 28 3.32 -14.72 33.90
C TYR H 28 3.58 -14.99 35.37
N ILE H 29 3.51 -16.27 35.79
CA ILE H 29 3.94 -16.63 37.14
C ILE H 29 5.31 -17.22 36.95
N VAL H 30 6.17 -16.95 37.91
CA VAL H 30 7.47 -17.59 37.91
C VAL H 30 7.73 -18.14 39.29
N ALA H 31 8.03 -19.44 39.33
CA ALA H 31 8.31 -20.10 40.59
C ALA H 31 9.71 -20.64 40.56
N GLN H 32 10.42 -20.46 41.67
CA GLN H 32 11.76 -20.97 41.76
C GLN H 32 11.92 -21.61 43.14
N TRP H 33 12.56 -22.77 43.16
CA TRP H 33 12.84 -23.48 44.40
C TRP H 33 14.04 -24.36 44.13
N THR H 34 14.68 -24.88 45.17
CA THR H 34 15.86 -25.72 44.94
C THR H 34 15.66 -27.16 45.36
N GLY H 35 15.93 -28.09 44.46
CA GLY H 35 15.88 -29.51 44.75
C GLY H 35 17.27 -30.09 44.90
N LYS H 36 17.39 -31.40 44.74
CA LYS H 36 18.70 -32.03 44.82
C LYS H 36 19.38 -31.97 43.46
N PRO H 37 20.71 -31.72 43.45
CA PRO H 37 21.51 -31.56 42.21
C PRO H 37 21.26 -32.64 41.16
N ARG H 38 21.31 -32.22 39.90
CA ARG H 38 20.98 -33.10 38.79
C ARG H 38 22.14 -33.04 37.85
N LYS H 39 22.26 -34.02 36.97
CA LYS H 39 23.22 -33.89 35.88
C LYS H 39 22.47 -33.41 34.64
N THR H 40 22.89 -32.26 34.12
CA THR H 40 22.31 -31.70 32.93
C THR H 40 23.30 -31.94 31.78
N PRO H 41 22.81 -32.00 30.53
CA PRO H 41 23.70 -32.05 29.36
C PRO H 41 24.78 -30.94 29.38
N GLY H 42 26.03 -31.35 29.26
CA GLY H 42 27.13 -30.42 29.44
C GLY H 42 27.22 -30.11 30.93
N ASP H 43 26.84 -28.89 31.28
CA ASP H 43 26.72 -28.50 32.67
C ASP H 43 25.98 -27.20 32.68
N LYS H 44 25.62 -26.75 31.49
CA LYS H 44 24.72 -25.61 31.43
C LYS H 44 23.28 -26.12 31.63
N PRO H 45 22.43 -25.31 32.30
CA PRO H 45 21.05 -25.65 32.67
C PRO H 45 20.18 -26.12 31.53
N LEU H 46 19.26 -27.03 31.84
CA LEU H 46 18.40 -27.69 30.86
C LEU H 46 17.00 -27.06 30.79
N ILE H 47 16.55 -26.79 29.58
CA ILE H 47 15.22 -26.21 29.36
C ILE H 47 14.18 -27.24 28.91
N VAL H 48 13.01 -27.21 29.53
CA VAL H 48 11.93 -28.16 29.22
C VAL H 48 10.64 -27.38 28.96
N GLU H 49 10.10 -27.45 27.75
CA GLU H 49 8.93 -26.62 27.46
C GLU H 49 7.67 -27.42 27.42
N ASN H 50 6.53 -26.76 27.67
CA ASN H 50 5.19 -27.35 27.57
C ASN H 50 5.02 -28.87 27.60
N THR H 51 4.69 -29.45 26.45
CA THR H 51 4.44 -30.89 26.38
C THR H 51 5.46 -31.76 27.12
N GLN H 52 6.74 -31.49 27.01
CA GLN H 52 7.69 -32.34 27.73
C GLN H 52 7.67 -32.20 29.25
N ILE H 53 6.95 -31.23 29.81
CA ILE H 53 7.01 -31.09 31.28
C ILE H 53 6.28 -32.23 31.97
N GLU H 54 5.12 -32.59 31.44
CA GLU H 54 4.35 -33.70 32.00
C GLU H 54 5.22 -34.91 32.03
N ARG H 55 5.90 -35.15 30.92
CA ARG H 55 6.83 -36.27 30.82
C ARG H 55 7.91 -36.25 31.91
N TRP H 56 8.41 -35.09 32.31
CA TRP H 56 9.40 -35.09 33.38
C TRP H 56 8.76 -35.43 34.74
N ILE H 57 7.53 -34.94 34.93
CA ILE H 57 6.75 -35.13 36.16
C ILE H 57 6.32 -36.59 36.43
N ASN H 58 5.94 -37.30 35.37
CA ASN H 58 5.59 -38.72 35.41
C ASN H 58 6.74 -39.55 35.94
N ASN H 59 7.94 -39.11 35.64
CA ASN H 59 9.13 -39.76 36.12
C ASN H 59 9.63 -39.20 37.45
N GLY H 60 8.81 -38.38 38.10
CA GLY H 60 9.06 -38.00 39.48
C GLY H 60 9.67 -36.66 39.79
N LEU H 61 9.63 -35.71 38.86
CA LEU H 61 10.12 -34.34 39.15
C LEU H 61 9.07 -33.71 40.03
N TRP H 62 9.45 -33.22 41.19
CA TRP H 62 8.46 -32.60 42.04
C TRP H 62 8.18 -31.18 41.61
N VAL H 63 7.01 -31.00 41.01
CA VAL H 63 6.55 -29.67 40.61
C VAL H 63 5.26 -29.30 41.31
N PRO H 64 5.37 -28.50 42.37
CA PRO H 64 4.19 -28.26 43.21
C PRO H 64 3.15 -27.37 42.56
N ALA H 65 1.89 -27.77 42.61
CA ALA H 65 0.80 -26.98 42.05
C ALA H 65 0.49 -25.74 42.89
N LEU H 66 0.65 -24.55 42.32
CA LEU H 66 0.27 -23.32 43.00
C LEU H 66 -1.07 -22.84 42.42
N GLU H 67 -2.11 -22.76 43.24
CA GLU H 67 -3.42 -22.36 42.76
C GLU H 67 -3.64 -20.85 42.93
N PHE H 68 -4.34 -20.26 41.98
CA PHE H 68 -4.79 -18.89 42.14
C PHE H 68 -6.06 -18.95 43.01
N ILE H 69 -5.97 -18.60 44.28
CA ILE H 69 -7.16 -18.64 45.15
C ILE H 69 -8.39 -17.90 44.57
N ASN H 70 -8.19 -16.69 44.05
CA ASN H 70 -9.37 -15.92 43.63
C ASN H 70 -9.71 -15.97 42.18
N VAL H 71 -9.24 -17.00 41.49
CA VAL H 71 -9.60 -17.18 40.09
C VAL H 71 -10.96 -17.85 39.89
N VAL H 72 -11.80 -17.29 39.04
CA VAL H 72 -13.08 -17.88 38.75
C VAL H 72 -12.99 -18.68 37.48
N GLY H 73 -13.09 -20.00 37.59
CA GLY H 73 -12.82 -20.85 36.43
C GLY H 73 -11.34 -21.10 36.30
N SER H 74 -10.91 -22.03 35.46
CA SER H 74 -9.50 -22.28 35.53
C SER H 74 -8.83 -21.49 34.43
N PRO H 75 -7.70 -20.84 34.76
CA PRO H 75 -7.06 -19.86 33.92
C PRO H 75 -6.61 -20.50 32.64
N ASP H 76 -6.68 -19.75 31.55
CA ASP H 76 -6.14 -20.14 30.25
C ASP H 76 -4.62 -20.09 30.34
N THR H 77 -3.97 -21.22 30.14
CA THR H 77 -2.52 -21.26 30.24
C THR H 77 -1.79 -21.25 28.88
N GLY H 78 -0.75 -20.45 28.79
CA GLY H 78 0.06 -20.44 27.62
C GLY H 78 1.22 -21.39 27.77
N ASN H 79 2.40 -20.95 27.35
CA ASN H 79 3.60 -21.78 27.40
C ASN H 79 4.05 -21.99 28.80
N LYS H 80 4.61 -23.15 29.03
CA LYS H 80 5.16 -23.44 30.32
C LYS H 80 6.61 -23.85 30.06
N ARG H 81 7.48 -23.54 30.99
CA ARG H 81 8.86 -23.89 30.79
C ARG H 81 9.39 -24.33 32.14
N LEU H 82 10.18 -25.39 32.13
CA LEU H 82 10.91 -25.78 33.31
C LEU H 82 12.40 -25.53 33.02
N MET H 83 13.07 -24.85 33.93
CA MET H 83 14.50 -24.73 33.81
C MET H 83 15.19 -25.48 34.94
N LEU H 84 15.88 -26.56 34.55
CA LEU H 84 16.53 -27.45 35.50
C LEU H 84 18.01 -27.09 35.52
N PHE H 85 18.47 -26.57 36.65
CA PHE H 85 19.88 -26.23 36.83
C PHE H 85 20.62 -27.39 37.44
N PRO H 86 21.92 -27.51 37.17
CA PRO H 86 22.62 -28.65 37.75
C PRO H 86 22.78 -28.52 39.24
N ASP H 87 22.86 -27.29 39.76
CA ASP H 87 23.10 -27.11 41.20
C ASP H 87 21.87 -27.50 42.06
N GLY H 88 20.78 -27.86 41.38
CA GLY H 88 19.57 -28.37 42.04
C GLY H 88 18.33 -27.57 41.73
N ARG H 89 18.47 -26.25 41.72
CA ARG H 89 17.33 -25.38 41.62
C ARG H 89 16.50 -25.60 40.37
N VAL H 90 15.22 -25.27 40.50
CA VAL H 90 14.30 -25.45 39.40
C VAL H 90 13.47 -24.17 39.28
N ILE H 91 13.32 -23.68 38.07
CA ILE H 91 12.50 -22.51 37.84
C ILE H 91 11.34 -22.89 36.95
N TYR H 92 10.14 -22.62 37.45
CA TYR H 92 8.91 -22.79 36.68
C TYR H 92 8.43 -21.45 36.15
N ASN H 93 8.08 -21.45 34.87
CA ASN H 93 7.77 -20.23 34.15
C ASN H 93 6.59 -20.49 33.22
N ALA H 94 5.54 -19.71 33.38
CA ALA H 94 4.35 -19.94 32.57
C ALA H 94 3.51 -18.69 32.46
N ARG H 95 2.84 -18.55 31.34
CA ARG H 95 1.94 -17.45 31.17
C ARG H 95 0.48 -17.85 31.36
N PHE H 96 -0.31 -16.92 31.89
CA PHE H 96 -1.71 -17.13 32.21
C PHE H 96 -2.66 -15.99 31.84
N LEU H 97 -3.89 -16.33 31.55
CA LEU H 97 -4.91 -15.31 31.49
C LEU H 97 -6.11 -15.83 32.26
N GLY H 98 -6.47 -15.16 33.35
CA GLY H 98 -7.51 -15.64 34.24
C GLY H 98 -8.48 -14.57 34.69
N SER H 99 -9.69 -14.97 35.05
CA SER H 99 -10.67 -14.04 35.58
C SER H 99 -10.61 -14.10 37.09
N PHE H 100 -10.24 -12.99 37.72
CA PHE H 100 -10.06 -13.04 39.15
C PHE H 100 -11.22 -12.31 39.87
N SER H 101 -11.45 -12.76 41.10
CA SER H 101 -12.58 -12.31 41.83
C SER H 101 -12.03 -11.54 42.98
N ASN H 102 -12.78 -10.50 43.34
CA ASN H 102 -12.54 -9.68 44.50
C ASN H 102 -13.76 -8.83 44.77
N ASP H 103 -13.95 -8.46 46.03
CA ASP H 103 -15.05 -7.64 46.45
C ASP H 103 -14.99 -6.32 45.73
N MET H 104 -16.06 -5.98 45.03
CA MET H 104 -16.08 -4.70 44.32
C MET H 104 -17.33 -3.82 44.55
N ASP H 105 -17.08 -2.73 45.30
CA ASP H 105 -18.04 -1.70 45.71
C ASP H 105 -18.08 -0.67 44.60
N PHE H 106 -19.22 -0.57 43.91
CA PHE H 106 -19.33 0.29 42.73
C PHE H 106 -20.20 1.52 42.97
N ARG H 107 -20.47 1.79 44.25
CA ARG H 107 -21.45 2.80 44.58
C ARG H 107 -21.16 4.25 44.20
N LEU H 108 -19.90 4.68 44.18
CA LEU H 108 -19.64 6.05 43.65
C LEU H 108 -19.19 6.10 42.21
N PHE H 109 -19.63 5.13 41.42
CA PHE H 109 -19.47 5.17 39.98
C PHE H 109 -20.14 6.44 39.54
N PRO H 110 -19.52 7.17 38.60
CA PRO H 110 -18.28 6.82 37.90
C PRO H 110 -17.03 7.35 38.59
N PHE H 111 -17.04 7.45 39.90
CA PHE H 111 -15.84 7.95 40.56
C PHE H 111 -15.24 6.92 41.53
N ASP H 112 -15.37 5.63 41.20
CA ASP H 112 -14.93 4.56 42.13
C ASP H 112 -13.45 4.31 42.17
N ARG H 113 -12.96 3.84 43.30
CA ARG H 113 -11.59 3.35 43.34
C ARG H 113 -11.77 1.84 43.50
N GLN H 114 -11.03 1.04 42.77
CA GLN H 114 -11.13 -0.39 42.86
C GLN H 114 -9.77 -1.01 43.18
N GLN H 115 -9.69 -2.22 43.73
CA GLN H 115 -8.35 -2.81 43.77
C GLN H 115 -8.21 -4.25 43.16
N PHE H 116 -7.42 -4.34 42.10
CA PHE H 116 -7.21 -5.62 41.47
C PHE H 116 -6.22 -6.47 42.26
N VAL H 117 -6.69 -7.66 42.64
CA VAL H 117 -5.97 -8.54 43.55
C VAL H 117 -5.74 -9.94 42.97
N LEU H 118 -4.56 -10.47 43.23
CA LEU H 118 -4.22 -11.83 42.90
C LEU H 118 -3.84 -12.49 44.21
N GLU H 119 -4.35 -13.70 44.43
CA GLU H 119 -4.00 -14.49 45.64
C GLU H 119 -3.49 -15.88 45.25
N LEU H 120 -2.28 -16.20 45.67
CA LEU H 120 -1.60 -17.42 45.23
C LEU H 120 -1.36 -18.29 46.42
N GLU H 121 -1.65 -19.59 46.31
CA GLU H 121 -1.47 -20.50 47.44
C GLU H 121 -1.35 -21.95 46.99
N PRO H 122 -0.33 -22.69 47.47
CA PRO H 122 -0.16 -24.11 47.06
C PRO H 122 -1.44 -24.90 47.28
N PHE H 123 -1.69 -25.87 46.41
CA PHE H 123 -2.94 -26.61 46.44
C PHE H 123 -2.92 -27.71 47.49
N SER H 124 -1.72 -28.27 47.69
CA SER H 124 -1.57 -29.46 48.53
C SER H 124 -0.48 -29.45 49.60
N TYR H 125 0.44 -28.53 49.57
CA TYR H 125 1.50 -28.60 50.56
C TYR H 125 1.38 -27.44 51.52
N ASN H 126 1.30 -27.75 52.81
CA ASN H 126 1.13 -26.74 53.85
C ASN H 126 2.45 -26.08 54.21
N ASN H 127 2.38 -25.02 55.03
CA ASN H 127 3.56 -24.19 55.36
C ASN H 127 4.72 -24.95 55.94
N GLN H 128 4.44 -26.14 56.45
CA GLN H 128 5.52 -26.97 56.92
C GLN H 128 6.02 -27.90 55.84
N GLN H 129 5.31 -27.94 54.70
CA GLN H 129 5.79 -28.66 53.51
C GLN H 129 6.39 -27.67 52.48
N LEU H 130 5.65 -26.61 52.13
CA LEU H 130 6.08 -25.57 51.16
C LEU H 130 5.75 -24.13 51.62
N ARG H 131 6.78 -23.30 51.63
CA ARG H 131 6.68 -21.92 52.09
C ARG H 131 7.23 -20.89 51.04
N PHE H 132 6.47 -19.81 50.85
CA PHE H 132 6.81 -18.74 49.93
C PHE H 132 7.85 -17.82 50.55
N SER H 133 9.05 -17.84 49.96
CA SER H 133 10.21 -17.14 50.50
C SER H 133 10.24 -15.62 50.31
N ASP H 134 9.74 -15.15 49.18
CA ASP H 134 9.64 -13.72 48.89
C ASP H 134 8.84 -13.51 47.62
N ILE H 135 8.43 -12.29 47.32
CA ILE H 135 7.75 -12.08 46.05
C ILE H 135 7.79 -10.65 45.47
N GLN H 136 8.24 -10.51 44.21
CA GLN H 136 8.12 -9.27 43.42
C GLN H 136 7.09 -9.33 42.29
N VAL H 137 6.38 -8.23 42.10
CA VAL H 137 5.39 -8.14 41.04
C VAL H 137 5.84 -6.98 40.20
N TYR H 138 5.93 -7.21 38.90
CA TYR H 138 6.31 -6.17 37.96
C TYR H 138 5.09 -5.78 37.10
N THR H 139 4.67 -4.52 37.16
CA THR H 139 3.63 -4.05 36.25
C THR H 139 4.29 -3.23 35.16
N GLU H 140 4.53 -3.89 34.01
CA GLU H 140 5.10 -3.28 32.81
C GLU H 140 4.13 -2.18 32.26
N ASN H 141 3.66 -1.34 33.17
CA ASN H 141 2.61 -0.39 32.88
C ASN H 141 3.17 1.02 33.04
N ALA H 142 2.45 2.00 32.46
CA ALA H 142 2.86 3.40 32.43
C ALA H 142 1.88 4.18 31.53
N ASP H 143 2.01 5.51 31.54
CA ASP H 143 1.47 6.48 30.53
C ASP H 143 0.03 6.37 29.98
N ASN H 144 -0.24 7.22 28.97
CA ASN H 144 -1.46 7.20 28.14
C ASN H 144 -2.74 6.83 28.86
N GLU H 145 -2.86 7.22 30.11
CA GLU H 145 -4.01 6.84 30.90
C GLU H 145 -5.29 7.27 30.20
N GLU H 146 -5.28 8.49 29.63
CA GLU H 146 -6.47 9.12 29.06
C GLU H 146 -7.09 8.33 27.92
N ILE H 147 -6.39 7.29 27.48
CA ILE H 147 -6.84 6.35 26.46
C ILE H 147 -7.46 5.08 27.07
N ASP H 148 -7.06 4.81 28.32
CA ASP H 148 -7.42 3.62 29.11
C ASP H 148 -8.55 3.90 30.10
N GLU H 149 -9.35 2.86 30.37
CA GLU H 149 -10.51 2.93 31.24
C GLU H 149 -10.12 3.14 32.70
N TRP H 150 -9.11 2.39 33.14
CA TRP H 150 -8.66 2.39 34.54
C TRP H 150 -7.28 2.99 34.66
N TRP H 151 -7.08 3.78 35.71
CA TRP H 151 -5.79 4.36 35.94
C TRP H 151 -5.13 3.64 37.11
N ILE H 152 -4.16 2.76 36.82
CA ILE H 152 -3.47 2.03 37.90
C ILE H 152 -2.66 3.03 38.72
N ARG H 153 -2.75 2.97 40.04
CA ARG H 153 -2.13 4.03 40.81
C ARG H 153 -0.84 3.75 41.54
N GLY H 154 -0.78 2.69 42.32
CA GLY H 154 0.42 2.43 43.09
C GLY H 154 1.44 1.63 42.29
N LYS H 155 2.37 0.97 42.97
CA LYS H 155 3.28 0.13 42.21
C LYS H 155 2.97 -1.35 42.42
N ALA H 156 1.94 -1.60 43.23
CA ALA H 156 1.36 -2.92 43.57
C ALA H 156 1.79 -3.44 44.93
N SER H 157 0.82 -3.81 45.76
CA SER H 157 1.04 -4.20 47.13
C SER H 157 1.39 -5.68 47.25
N THR H 158 2.24 -6.00 48.22
CA THR H 158 2.71 -7.38 48.39
C THR H 158 2.71 -7.84 49.83
N HIS H 159 2.08 -8.98 50.08
CA HIS H 159 2.18 -9.59 51.41
C HIS H 159 2.11 -11.12 51.42
N ILE H 160 3.19 -11.73 51.86
CA ILE H 160 3.25 -13.15 52.15
C ILE H 160 2.78 -13.41 53.57
N SER H 161 1.84 -14.33 53.72
CA SER H 161 1.19 -14.57 55.00
C SER H 161 0.80 -16.03 55.19
N ASP H 162 0.37 -16.34 56.40
CA ASP H 162 0.01 -17.69 56.78
C ASP H 162 -1.48 -17.73 57.09
N ILE H 163 -2.20 -18.56 56.34
CA ILE H 163 -3.63 -18.73 56.48
C ILE H 163 -3.87 -20.02 57.19
N ARG H 164 -4.68 -19.98 58.25
CA ARG H 164 -5.01 -21.18 59.03
C ARG H 164 -6.42 -21.69 58.69
N TYR H 165 -6.53 -22.99 58.42
CA TYR H 165 -7.80 -23.62 58.12
C TYR H 165 -8.21 -24.53 59.31
N ASP H 166 -9.43 -24.34 59.81
CA ASP H 166 -9.88 -25.11 60.96
C ASP H 166 -10.61 -26.44 60.64
N HIS H 167 -11.13 -26.55 59.43
CA HIS H 167 -11.82 -27.76 59.02
C HIS H 167 -11.24 -28.24 57.70
N LEU H 168 -10.47 -29.31 57.76
CA LEU H 168 -9.90 -29.91 56.56
C LEU H 168 -10.10 -31.41 56.57
N SER H 169 -9.04 -32.10 56.15
CA SER H 169 -9.00 -33.55 56.04
C SER H 169 -8.75 -34.22 57.41
N SER H 170 -8.27 -35.47 57.42
CA SER H 170 -7.93 -36.17 58.67
C SER H 170 -6.55 -35.81 59.24
N VAL H 171 -6.10 -34.58 59.00
CA VAL H 171 -4.83 -34.11 59.55
C VAL H 171 -4.98 -33.02 60.63
N GLN H 172 -4.37 -33.25 61.80
CA GLN H 172 -4.54 -32.36 62.97
C GLN H 172 -3.34 -31.57 63.56
N PRO H 173 -2.12 -32.19 63.67
CA PRO H 173 -1.02 -31.57 64.45
C PRO H 173 -0.77 -30.09 64.21
N ASN H 174 -0.35 -29.72 63.00
CA ASN H 174 -0.16 -28.32 62.65
C ASN H 174 -0.22 -28.11 61.15
N GLN H 175 -0.71 -29.10 60.42
CA GLN H 175 -0.77 -28.97 58.96
C GLN H 175 -2.00 -28.21 58.49
N ASN H 176 -2.22 -27.00 59.02
CA ASN H 176 -3.46 -26.30 58.73
C ASN H 176 -3.20 -24.85 58.42
N GLU H 177 -1.92 -24.55 58.21
CA GLU H 177 -1.49 -23.25 57.80
C GLU H 177 -0.79 -23.36 56.44
N PHE H 178 -1.39 -22.75 55.43
CA PHE H 178 -0.77 -22.74 54.10
C PHE H 178 -0.20 -21.36 53.87
N SER H 179 0.92 -21.24 53.17
CA SER H 179 1.44 -19.90 53.02
C SER H 179 0.80 -19.26 51.81
N ARG H 180 0.38 -18.00 51.95
CA ARG H 180 -0.30 -17.33 50.86
C ARG H 180 0.30 -15.96 50.44
N ILE H 181 0.58 -15.84 49.14
CA ILE H 181 0.97 -14.59 48.52
C ILE H 181 -0.27 -13.84 48.07
N THR H 182 -0.36 -12.59 48.51
CA THR H 182 -1.44 -11.72 48.11
C THR H 182 -0.87 -10.50 47.42
N VAL H 183 -1.18 -10.36 46.15
CA VAL H 183 -0.76 -9.22 45.36
C VAL H 183 -1.90 -8.27 45.10
N ARG H 184 -1.72 -7.00 45.46
CA ARG H 184 -2.75 -5.97 45.28
C ARG H 184 -2.36 -4.80 44.36
N ILE H 185 -3.24 -4.45 43.45
CA ILE H 185 -3.01 -3.36 42.49
C ILE H 185 -4.10 -2.26 42.56
N ASP H 186 -3.77 -1.05 42.97
CA ASP H 186 -4.80 -0.02 43.11
C ASP H 186 -5.19 0.71 41.82
N ALA H 187 -6.46 1.05 41.66
CA ALA H 187 -6.86 1.78 40.46
C ALA H 187 -7.99 2.77 40.67
N VAL H 188 -8.13 3.70 39.74
CA VAL H 188 -9.24 4.65 39.75
C VAL H 188 -9.95 4.61 38.44
N ARG H 189 -11.26 4.79 38.45
CA ARG H 189 -11.95 4.84 37.18
C ARG H 189 -11.63 6.18 36.54
N ASN H 190 -11.49 6.15 35.21
CA ASN H 190 -11.44 7.34 34.39
C ASN H 190 -12.85 7.92 34.20
N PRO H 191 -13.17 9.03 34.88
CA PRO H 191 -14.57 9.48 34.96
C PRO H 191 -15.08 10.25 33.75
N SER H 192 -14.12 10.58 32.88
CA SER H 192 -14.33 11.56 31.85
C SER H 192 -15.53 11.33 30.95
N TYR H 193 -15.68 10.10 30.44
CA TYR H 193 -16.77 9.84 29.49
C TYR H 193 -18.09 10.20 30.11
N TYR H 194 -18.23 9.82 31.38
CA TYR H 194 -19.49 9.99 32.10
C TYR H 194 -19.72 11.42 32.53
N LEU H 195 -18.64 12.09 32.93
CA LEU H 195 -18.77 13.49 33.32
C LEU H 195 -19.36 14.26 32.15
N TRP H 196 -18.77 14.10 30.98
CA TRP H 196 -19.21 14.84 29.82
C TRP H 196 -20.44 14.33 29.11
N SER H 197 -20.61 13.03 28.95
CA SER H 197 -21.75 12.55 28.18
C SER H 197 -22.92 12.07 29.00
N PHE H 198 -22.76 12.04 30.32
CA PHE H 198 -23.87 11.67 31.22
C PHE H 198 -24.29 12.74 32.22
N ILE H 199 -23.39 13.14 33.12
CA ILE H 199 -23.74 14.11 34.15
C ILE H 199 -24.21 15.46 33.58
N LEU H 200 -23.35 16.08 32.77
CA LEU H 200 -23.59 17.42 32.21
C LEU H 200 -24.90 17.49 31.42
N PRO H 201 -25.07 16.65 30.38
CA PRO H 201 -26.39 16.79 29.73
C PRO H 201 -27.58 16.42 30.65
N LEU H 202 -27.41 15.43 31.56
CA LEU H 202 -28.46 15.15 32.55
C LEU H 202 -28.67 16.41 33.38
N GLY H 203 -27.59 17.12 33.66
CA GLY H 203 -27.72 18.42 34.32
C GLY H 203 -28.53 19.45 33.55
N LEU H 204 -28.25 19.60 32.28
CA LEU H 204 -28.99 20.55 31.47
C LEU H 204 -30.47 20.22 31.46
N ILE H 205 -30.83 18.94 31.41
CA ILE H 205 -32.25 18.59 31.48
C ILE H 205 -32.85 19.11 32.80
N ILE H 206 -32.24 18.72 33.93
CA ILE H 206 -32.73 19.09 35.26
C ILE H 206 -32.91 20.59 35.39
N ALA H 207 -31.89 21.34 34.98
CA ALA H 207 -31.94 22.80 35.02
C ALA H 207 -33.07 23.30 34.14
N ALA H 208 -33.05 22.88 32.87
CA ALA H 208 -34.02 23.35 31.89
C ALA H 208 -35.44 23.03 32.30
N SER H 209 -35.58 21.95 33.06
CA SER H 209 -36.84 21.59 33.67
C SER H 209 -37.43 22.77 34.42
N TRP H 210 -36.56 23.51 35.10
CA TRP H 210 -36.95 24.64 35.93
C TRP H 210 -37.49 25.81 35.11
N SER H 211 -37.30 25.76 33.81
CA SER H 211 -37.79 26.82 32.95
C SER H 211 -39.29 26.69 32.78
N VAL H 212 -39.88 25.68 33.40
CA VAL H 212 -41.31 25.51 33.30
C VAL H 212 -42.04 26.67 33.94
N PHE H 213 -41.42 27.29 34.95
CA PHE H 213 -42.13 28.29 35.70
C PHE H 213 -42.16 29.65 35.00
N TRP H 214 -41.31 29.84 34.02
CA TRP H 214 -41.36 31.07 33.24
C TRP H 214 -42.48 31.09 32.20
N LEU H 215 -43.26 30.01 32.16
CA LEU H 215 -44.37 29.93 31.22
C LEU H 215 -45.57 30.69 31.78
N GLU H 216 -46.33 31.31 30.88
CA GLU H 216 -47.43 32.17 31.30
C GLU H 216 -48.60 31.39 31.87
N SER H 217 -49.21 30.54 31.05
CA SER H 217 -50.43 29.85 31.43
C SER H 217 -50.23 28.65 32.36
N PHE H 218 -51.33 28.21 32.97
CA PHE H 218 -51.36 27.00 33.81
C PHE H 218 -51.39 25.77 32.91
N SER H 219 -52.10 25.87 31.80
CA SER H 219 -52.15 24.81 30.80
C SER H 219 -50.74 24.50 30.33
N GLU H 220 -50.02 25.56 29.96
CA GLU H 220 -48.65 25.43 29.48
C GLU H 220 -47.74 24.85 30.55
N ARG H 221 -47.86 25.37 31.77
CA ARG H 221 -47.05 24.88 32.89
C ARG H 221 -47.26 23.40 33.22
N LEU H 222 -48.51 22.95 33.21
CA LEU H 222 -48.77 21.56 33.50
C LEU H 222 -48.44 20.69 32.27
N GLN H 223 -48.91 21.08 31.08
CA GLN H 223 -48.69 20.26 29.88
C GLN H 223 -47.21 20.10 29.52
N THR H 224 -46.46 21.17 29.68
CA THR H 224 -45.03 21.15 29.45
C THR H 224 -44.25 20.21 30.39
N SER H 225 -44.68 20.14 31.64
CA SER H 225 -44.01 19.30 32.62
C SER H 225 -44.16 17.81 32.31
N PHE H 226 -45.15 17.48 31.49
CA PHE H 226 -45.28 16.11 31.04
C PHE H 226 -44.24 15.84 29.98
N THR H 227 -43.92 16.84 29.19
CA THR H 227 -42.81 16.65 28.27
C THR H 227 -41.52 16.55 29.08
N LEU H 228 -41.38 17.38 30.10
CA LEU H 228 -40.17 17.36 30.92
C LEU H 228 -40.07 15.98 31.54
N MET H 229 -41.24 15.47 31.97
CA MET H 229 -41.38 14.12 32.51
C MET H 229 -40.97 13.04 31.49
N LEU H 230 -41.51 13.13 30.27
CA LEU H 230 -41.22 12.15 29.20
C LEU H 230 -39.72 12.10 28.90
N THR H 231 -39.09 13.26 28.97
CA THR H 231 -37.65 13.45 28.80
C THR H 231 -36.80 12.74 29.82
N VAL H 232 -37.13 12.84 31.09
CA VAL H 232 -36.30 12.12 32.04
C VAL H 232 -36.39 10.58 31.80
N VAL H 233 -37.57 10.05 31.50
CA VAL H 233 -37.64 8.63 31.14
C VAL H 233 -36.82 8.32 29.90
N ALA H 234 -36.97 9.14 28.87
CA ALA H 234 -36.20 8.98 27.65
C ALA H 234 -34.74 8.96 28.01
N TYR H 235 -34.34 9.88 28.87
CA TYR H 235 -32.95 9.94 29.28
C TYR H 235 -32.55 8.72 30.10
N ALA H 236 -33.42 8.30 31.00
CA ALA H 236 -33.11 7.20 31.91
C ALA H 236 -32.77 5.92 31.17
N SER H 237 -33.59 5.59 30.19
CA SER H 237 -33.37 4.41 29.40
C SER H 237 -32.03 4.49 28.65
N TYR H 238 -31.75 5.64 28.02
CA TYR H 238 -30.44 5.89 27.39
C TYR H 238 -29.28 5.60 28.39
N THR H 239 -29.37 6.18 29.57
CA THR H 239 -28.39 5.99 30.63
C THR H 239 -28.18 4.53 30.98
N SER H 240 -29.29 3.86 31.29
CA SER H 240 -29.31 2.48 31.73
C SER H 240 -28.64 1.57 30.78
N ASN H 241 -29.00 1.74 29.51
CA ASN H 241 -28.55 0.87 28.46
C ASN H 241 -27.04 0.86 28.31
N ILE H 242 -26.41 1.93 28.77
CA ILE H 242 -24.99 2.06 28.58
C ILE H 242 -24.22 1.71 29.83
N LEU H 243 -24.73 2.16 30.96
CA LEU H 243 -24.05 2.01 32.24
C LEU H 243 -23.97 0.56 32.68
N PRO H 244 -22.96 0.21 33.51
CA PRO H 244 -22.69 -1.15 34.01
C PRO H 244 -23.84 -1.67 34.85
N ARG H 245 -24.17 -2.96 34.79
CA ARG H 245 -25.27 -3.44 35.64
C ARG H 245 -24.81 -3.67 37.09
N LEU H 246 -25.53 -3.08 38.04
CA LEU H 246 -25.19 -3.15 39.47
C LEU H 246 -26.45 -3.51 40.26
N PRO H 247 -26.26 -3.95 41.50
CA PRO H 247 -27.49 -4.26 42.25
C PRO H 247 -27.92 -3.12 43.19
N TYR H 248 -27.34 -1.94 42.96
CA TYR H 248 -27.61 -0.74 43.74
C TYR H 248 -27.56 0.51 42.89
N THR H 249 -28.03 1.63 43.44
CA THR H 249 -28.01 2.90 42.74
C THR H 249 -26.64 3.50 42.75
N THR H 250 -26.28 4.14 41.64
CA THR H 250 -25.04 4.92 41.52
C THR H 250 -25.32 6.40 41.65
N VAL H 251 -24.27 7.22 41.74
CA VAL H 251 -24.47 8.67 41.81
C VAL H 251 -25.34 9.16 40.64
N ILE H 252 -25.01 8.71 39.44
CA ILE H 252 -25.77 9.04 38.23
C ILE H 252 -27.23 8.64 38.34
N ASP H 253 -27.44 7.45 38.88
CA ASP H 253 -28.80 6.95 39.08
C ASP H 253 -29.50 7.90 40.04
N GLN H 254 -28.74 8.36 41.04
CA GLN H 254 -29.27 9.24 42.06
C GLN H 254 -29.70 10.54 41.41
N MET H 255 -28.92 10.95 40.43
CA MET H 255 -29.28 12.12 39.67
C MET H 255 -30.59 11.94 38.94
N ILE H 256 -30.76 10.82 38.23
CA ILE H 256 -32.00 10.60 37.45
C ILE H 256 -33.22 10.71 38.36
N ILE H 257 -33.12 10.10 39.54
CA ILE H 257 -34.15 10.23 40.58
C ILE H 257 -34.48 11.69 40.86
N ALA H 258 -33.44 12.49 41.11
CA ALA H 258 -33.61 13.91 41.42
C ALA H 258 -34.36 14.61 40.31
N GLY H 259 -34.10 14.19 39.08
CA GLY H 259 -34.81 14.75 37.96
C GLY H 259 -36.27 14.42 38.07
N TYR H 260 -36.55 13.14 38.30
CA TYR H 260 -37.91 12.73 38.52
C TYR H 260 -38.51 13.52 39.67
N GLY H 261 -37.72 13.69 40.74
CA GLY H 261 -38.19 14.40 41.93
C GLY H 261 -38.50 15.87 41.68
N SER H 262 -37.53 16.55 41.08
CA SER H 262 -37.64 17.96 40.78
C SER H 262 -38.87 18.19 39.91
N ILE H 263 -39.05 17.34 38.90
CA ILE H 263 -40.21 17.48 38.04
C ILE H 263 -41.56 17.23 38.74
N PHE H 264 -41.66 16.15 39.52
CA PHE H 264 -42.92 15.80 40.19
C PHE H 264 -43.30 16.84 41.21
N ALA H 265 -42.32 17.41 41.89
CA ALA H 265 -42.61 18.43 42.91
C ALA H 265 -43.20 19.63 42.20
N ALA H 266 -42.59 19.97 41.07
CA ALA H 266 -43.05 21.06 40.23
C ALA H 266 -44.49 20.81 39.73
N ILE H 267 -44.80 19.55 39.37
CA ILE H 267 -46.17 19.17 39.01
C ILE H 267 -47.12 19.51 40.17
N LEU H 268 -46.72 19.14 41.39
CA LEU H 268 -47.49 19.47 42.59
C LEU H 268 -47.69 20.98 42.76
N LEU H 269 -46.59 21.72 42.77
CA LEU H 269 -46.62 23.19 42.95
C LEU H 269 -47.52 23.88 41.93
N ILE H 270 -47.37 23.48 40.67
CA ILE H 270 -48.14 24.04 39.57
C ILE H 270 -49.64 23.82 39.72
N ILE H 271 -50.02 22.59 40.05
CA ILE H 271 -51.41 22.26 40.29
C ILE H 271 -51.88 23.02 41.53
N PHE H 272 -51.00 23.07 42.54
CA PHE H 272 -51.33 23.75 43.78
C PHE H 272 -51.59 25.26 43.61
N ALA H 273 -50.69 25.93 42.88
CA ALA H 273 -50.83 27.35 42.54
C ALA H 273 -52.19 27.65 41.94
N HIS H 274 -52.67 26.75 41.09
CA HIS H 274 -53.93 26.99 40.40
C HIS H 274 -55.07 26.97 41.39
N HIS H 275 -55.18 25.89 42.17
CA HIS H 275 -56.35 25.69 43.03
C HIS H 275 -56.16 26.21 44.46
N ARG H 276 -54.98 26.79 44.74
CA ARG H 276 -54.81 27.57 45.96
C ARG H 276 -55.29 28.97 45.65
N GLN H 277 -56.56 29.21 45.96
CA GLN H 277 -57.23 30.42 45.55
C GLN H 277 -58.43 30.80 46.43
N ALA H 278 -58.98 31.96 46.11
CA ALA H 278 -60.23 32.44 46.68
C ALA H 278 -61.16 32.73 45.52
N ASN H 279 -60.83 32.17 44.35
CA ASN H 279 -61.60 32.34 43.12
C ASN H 279 -61.46 31.18 42.13
N GLY H 280 -60.22 30.87 41.78
CA GLY H 280 -59.94 29.84 40.79
C GLY H 280 -58.52 29.89 40.25
N VAL H 281 -58.03 31.08 39.91
CA VAL H 281 -56.66 31.24 39.40
C VAL H 281 -55.82 32.24 40.22
N GLU H 282 -56.14 32.44 41.50
CA GLU H 282 -55.32 33.31 42.36
C GLU H 282 -53.97 32.68 42.70
N ASP H 283 -52.98 32.87 41.83
CA ASP H 283 -51.60 32.43 42.06
C ASP H 283 -50.82 33.30 43.07
N ASP H 284 -50.27 32.63 44.08
CA ASP H 284 -49.42 33.28 45.08
C ASP H 284 -48.29 33.99 44.35
N LEU H 285 -48.31 35.32 44.31
CA LEU H 285 -47.29 36.10 43.58
C LEU H 285 -45.86 35.61 43.79
N LEU H 286 -45.59 35.02 44.95
CA LEU H 286 -44.27 34.48 45.25
C LEU H 286 -44.10 33.05 44.69
N ILE H 287 -45.14 32.21 44.87
CA ILE H 287 -45.09 30.80 44.46
C ILE H 287 -45.08 30.49 42.97
N GLN H 288 -45.76 31.30 42.16
CA GLN H 288 -45.72 31.07 40.72
C GLN H 288 -44.32 31.46 40.29
N ARG H 289 -43.68 32.30 41.13
CA ARG H 289 -42.27 32.73 41.03
C ARG H 289 -41.27 31.95 41.88
N CYS H 290 -41.36 30.62 41.89
CA CYS H 290 -40.29 29.80 42.42
C CYS H 290 -39.24 29.51 41.34
N ARG H 291 -39.04 30.53 40.49
CA ARG H 291 -38.03 30.50 39.43
C ARG H 291 -36.63 30.67 39.99
N LEU H 292 -36.53 31.24 41.17
CA LEU H 292 -35.23 31.39 41.78
C LEU H 292 -35.19 30.43 42.93
N ALA H 293 -36.38 30.20 43.50
CA ALA H 293 -36.50 29.48 44.76
C ALA H 293 -35.91 28.06 44.74
N PHE H 294 -36.67 27.11 44.21
CA PHE H 294 -36.19 25.74 44.30
C PHE H 294 -35.15 25.29 43.26
N PRO H 295 -34.72 26.19 42.35
CA PRO H 295 -33.40 25.87 41.79
C PRO H 295 -32.29 25.95 42.87
N LEU H 296 -32.38 26.88 43.84
CA LEU H 296 -31.37 26.97 44.90
C LEU H 296 -31.70 26.05 46.09
N GLY H 297 -32.95 25.58 46.14
CA GLY H 297 -33.30 24.53 47.08
C GLY H 297 -32.77 23.20 46.57
N PHE H 298 -32.70 23.07 45.25
CA PHE H 298 -32.15 21.88 44.61
C PHE H 298 -30.63 21.88 44.77
N LEU H 299 -30.04 23.08 44.71
CA LEU H 299 -28.60 23.21 44.92
C LEU H 299 -28.19 23.01 46.38
N ALA H 300 -29.08 23.35 47.31
CA ALA H 300 -28.79 23.15 48.74
C ALA H 300 -28.81 21.67 49.06
N ILE H 301 -29.85 20.98 48.59
CA ILE H 301 -30.01 19.54 48.77
C ILE H 301 -28.90 18.76 48.04
N GLY H 302 -28.34 19.36 47.00
CA GLY H 302 -27.22 18.77 46.29
C GLY H 302 -25.96 18.74 47.14
N CYS H 303 -25.78 19.78 47.95
CA CYS H 303 -24.63 19.89 48.83
C CYS H 303 -24.85 19.12 50.12
N VAL H 304 -26.11 18.77 50.36
CA VAL H 304 -26.52 17.98 51.52
C VAL H 304 -26.08 16.53 51.29
N LEU H 305 -25.99 16.15 50.02
CA LEU H 305 -25.47 14.84 49.62
C LEU H 305 -23.98 14.68 50.01
N VAL H 306 -23.31 15.79 50.31
CA VAL H 306 -21.94 15.75 50.85
C VAL H 306 -21.91 15.44 52.35
N ILE H 307 -22.81 16.04 53.12
CA ILE H 307 -22.96 15.67 54.53
C ILE H 307 -23.82 14.40 54.65
N PRO I 1 24.40 -19.95 18.41
CA PRO I 1 23.10 -19.25 18.41
C PRO I 1 22.27 -19.53 17.14
N VAL I 2 21.23 -20.35 17.26
CA VAL I 2 20.44 -20.78 16.10
C VAL I 2 19.69 -19.66 15.38
N ASP I 3 19.96 -19.49 14.09
CA ASP I 3 19.26 -18.47 13.30
C ASP I 3 17.87 -18.97 12.87
N VAL I 4 16.82 -18.28 13.31
CA VAL I 4 15.46 -18.60 12.89
C VAL I 4 14.90 -17.57 11.97
N SER I 5 14.51 -17.99 10.77
CA SER I 5 13.79 -17.16 9.81
C SER I 5 12.31 -17.39 9.95
N VAL I 6 11.55 -16.31 10.01
CA VAL I 6 10.12 -16.44 10.26
C VAL I 6 9.32 -15.78 9.13
N SER I 7 8.15 -16.35 8.81
CA SER I 7 7.19 -15.73 7.89
C SER I 7 5.82 -15.79 8.52
N ILE I 8 5.12 -14.65 8.53
CA ILE I 8 3.77 -14.57 9.06
C ILE I 8 2.92 -14.31 7.83
N PHE I 9 1.84 -15.03 7.67
CA PHE I 9 0.93 -14.71 6.60
C PHE I 9 -0.34 -14.22 7.25
N ILE I 10 -0.73 -12.96 7.03
CA ILE I 10 -1.94 -12.43 7.64
C ILE I 10 -3.15 -12.68 6.73
N ASN I 11 -4.12 -13.46 7.20
CA ASN I 11 -5.28 -13.84 6.36
C ASN I 11 -6.42 -12.88 6.47
N LYS I 12 -6.66 -12.42 7.69
CA LYS I 12 -7.81 -11.56 7.96
C LYS I 12 -7.51 -10.80 9.23
N ILE I 13 -7.82 -9.49 9.26
CA ILE I 13 -7.80 -8.76 10.50
C ILE I 13 -9.23 -8.33 10.78
N TYR I 14 -9.78 -8.71 11.91
CA TYR I 14 -11.19 -8.43 12.13
C TYR I 14 -11.58 -8.38 13.62
N GLY I 15 -12.87 -8.12 13.85
CA GLY I 15 -13.36 -8.13 15.21
C GLY I 15 -12.65 -7.18 16.16
N VAL I 16 -12.45 -5.92 15.76
CA VAL I 16 -11.84 -4.96 16.69
C VAL I 16 -12.72 -4.83 17.92
N ASN I 17 -12.12 -4.94 19.11
CA ASN I 17 -12.82 -4.76 20.37
C ASN I 17 -12.36 -3.49 21.02
N THR I 18 -13.16 -2.44 20.88
CA THR I 18 -12.71 -1.11 21.30
C THR I 18 -12.40 -1.00 22.75
N LEU I 19 -13.29 -1.54 23.58
CA LEU I 19 -13.07 -1.48 25.02
C LEU I 19 -11.83 -2.26 25.44
N GLU I 20 -11.66 -3.45 24.88
CA GLU I 20 -10.51 -4.26 25.23
C GLU I 20 -9.22 -3.80 24.61
N GLN I 21 -9.31 -2.98 23.56
CA GLN I 21 -8.14 -2.58 22.76
C GLN I 21 -7.44 -3.81 22.21
N THR I 22 -8.19 -4.49 21.32
CA THR I 22 -8.02 -5.88 20.93
C THR I 22 -8.49 -6.08 19.51
N TYR I 23 -7.83 -6.96 18.75
CA TYR I 23 -8.27 -7.21 17.38
C TYR I 23 -7.94 -8.66 17.01
N LYS I 24 -8.71 -9.22 16.06
CA LYS I 24 -8.49 -10.62 15.69
C LYS I 24 -7.71 -10.82 14.43
N VAL I 25 -6.64 -11.61 14.53
CA VAL I 25 -5.84 -11.96 13.35
C VAL I 25 -5.72 -13.47 13.12
N ASP I 26 -6.21 -13.88 11.94
CA ASP I 26 -6.11 -15.24 11.39
C ASP I 26 -4.96 -15.29 10.40
N GLY I 27 -4.06 -16.25 10.59
CA GLY I 27 -2.96 -16.45 9.67
C GLY I 27 -2.04 -17.61 9.97
N TYR I 28 -0.95 -17.74 9.21
CA TYR I 28 -0.03 -18.86 9.39
C TYR I 28 1.33 -18.33 9.84
N ILE I 29 2.00 -19.02 10.78
CA ILE I 29 3.40 -18.74 11.14
C ILE I 29 4.20 -19.74 10.38
N VAL I 30 5.39 -19.35 9.96
CA VAL I 30 6.37 -20.30 9.46
C VAL I 30 7.72 -19.99 10.08
N ALA I 31 8.32 -20.96 10.78
CA ALA I 31 9.62 -20.73 11.37
C ALA I 31 10.56 -21.75 10.78
N GLN I 32 11.77 -21.33 10.42
CA GLN I 32 12.72 -22.23 9.76
C GLN I 32 14.07 -22.09 10.38
N TRP I 33 14.78 -23.21 10.53
CA TRP I 33 16.12 -23.19 11.08
C TRP I 33 16.86 -24.44 10.69
N THR I 34 18.18 -24.45 10.84
CA THR I 34 18.95 -25.63 10.45
C THR I 34 19.70 -26.36 11.57
N GLY I 35 19.38 -27.65 11.71
CA GLY I 35 20.03 -28.50 12.68
C GLY I 35 21.01 -29.39 11.99
N LYS I 36 21.34 -30.52 12.61
CA LYS I 36 22.27 -31.45 11.99
C LYS I 36 21.48 -32.35 11.04
N PRO I 37 22.07 -32.66 9.88
CA PRO I 37 21.45 -33.44 8.82
C PRO I 37 20.84 -34.76 9.29
N ARG I 38 19.76 -35.18 8.63
CA ARG I 38 18.97 -36.31 9.06
C ARG I 38 18.88 -37.30 7.92
N LYS I 39 18.53 -38.55 8.23
CA LYS I 39 18.18 -39.52 7.19
C LYS I 39 16.67 -39.58 7.09
N THR I 40 16.15 -39.16 5.94
CA THR I 40 14.71 -39.17 5.75
C THR I 40 14.46 -40.38 4.89
N PRO I 41 13.20 -40.88 4.85
CA PRO I 41 12.95 -41.91 3.85
C PRO I 41 13.42 -41.41 2.48
N GLY I 42 14.40 -42.09 1.91
CA GLY I 42 15.07 -41.64 0.70
C GLY I 42 16.02 -40.48 0.94
N ASP I 43 15.65 -39.33 0.43
CA ASP I 43 16.44 -38.13 0.64
C ASP I 43 15.47 -37.04 0.26
N LYS I 44 14.23 -37.46 0.04
CA LYS I 44 13.15 -36.51 -0.15
C LYS I 44 12.76 -35.95 1.24
N PRO I 45 12.30 -34.69 1.26
CA PRO I 45 11.96 -34.05 2.54
C PRO I 45 10.93 -34.87 3.27
N LEU I 46 11.00 -34.91 4.59
CA LEU I 46 10.02 -35.65 5.34
C LEU I 46 8.95 -34.71 5.89
N ILE I 47 7.68 -35.04 5.66
CA ILE I 47 6.57 -34.28 6.20
C ILE I 47 6.01 -34.97 7.45
N VAL I 48 5.77 -34.17 8.49
CA VAL I 48 5.21 -34.62 9.76
C VAL I 48 4.08 -33.69 10.21
N GLU I 49 2.86 -34.17 10.16
CA GLU I 49 1.70 -33.31 10.41
C GLU I 49 1.21 -33.50 11.85
N ASN I 50 0.45 -32.50 12.33
CA ASN I 50 -0.24 -32.51 13.63
C ASN I 50 0.25 -33.48 14.70
N THR I 51 -0.59 -34.49 14.96
CA THR I 51 -0.41 -35.51 15.98
C THR I 51 1.02 -36.03 16.06
N GLN I 52 1.62 -36.25 14.91
CA GLN I 52 2.95 -36.81 14.86
C GLN I 52 4.04 -35.87 15.29
N ILE I 53 3.73 -34.59 15.42
CA ILE I 53 4.82 -33.67 15.69
C ILE I 53 5.32 -33.93 17.10
N GLU I 54 4.38 -34.19 18.01
CA GLU I 54 4.76 -34.47 19.41
C GLU I 54 5.59 -35.73 19.50
N ARG I 55 5.23 -36.75 18.74
CA ARG I 55 5.99 -37.99 18.77
C ARG I 55 7.47 -37.72 18.47
N TRP I 56 7.71 -36.80 17.53
CA TRP I 56 9.07 -36.42 17.16
C TRP I 56 9.75 -35.61 18.25
N ILE I 57 8.95 -34.80 18.94
CA ILE I 57 9.48 -33.97 20.01
C ILE I 57 9.90 -34.85 21.19
N ASN I 58 9.07 -35.86 21.49
CA ASN I 58 9.36 -36.90 22.50
C ASN I 58 10.68 -37.65 22.25
N ASN I 59 11.03 -37.88 20.98
CA ASN I 59 12.33 -38.47 20.69
C ASN I 59 13.45 -37.44 20.62
N GLY I 60 13.15 -36.21 21.02
CA GLY I 60 14.22 -35.22 21.19
C GLY I 60 14.38 -34.15 20.13
N LEU I 61 13.35 -33.91 19.33
CA LEU I 61 13.41 -32.84 18.35
C LEU I 61 13.28 -31.50 19.06
N TRP I 62 14.17 -30.58 18.73
CA TRP I 62 14.09 -29.22 19.22
C TRP I 62 13.15 -28.41 18.33
N VAL I 63 11.95 -28.14 18.83
CA VAL I 63 11.04 -27.19 18.17
C VAL I 63 10.70 -26.09 19.16
N PRO I 64 11.41 -24.95 19.11
CA PRO I 64 11.23 -23.97 20.18
C PRO I 64 9.84 -23.28 20.18
N ALA I 65 9.38 -23.00 21.39
CA ALA I 65 8.14 -22.27 21.57
C ALA I 65 8.43 -20.82 21.27
N LEU I 66 7.82 -20.35 20.19
CA LEU I 66 7.84 -18.94 19.83
C LEU I 66 6.48 -18.35 20.19
N GLU I 67 6.45 -17.57 21.27
CA GLU I 67 5.24 -16.97 21.84
C GLU I 67 4.86 -15.64 21.17
N PHE I 68 3.58 -15.44 20.93
CA PHE I 68 3.12 -14.15 20.44
C PHE I 68 2.99 -13.20 21.67
N ILE I 69 4.03 -12.40 21.94
CA ILE I 69 4.09 -11.47 23.06
C ILE I 69 2.74 -10.77 23.33
N ASN I 70 2.11 -10.24 22.30
CA ASN I 70 0.95 -9.40 22.51
C ASN I 70 -0.36 -10.05 22.24
N VAL I 71 -0.40 -11.37 22.36
CA VAL I 71 -1.69 -12.05 22.22
C VAL I 71 -2.45 -12.17 23.54
N VAL I 72 -3.75 -11.96 23.51
CA VAL I 72 -4.49 -12.08 24.75
C VAL I 72 -5.15 -13.46 24.91
N GLY I 73 -4.52 -14.28 25.75
CA GLY I 73 -4.97 -15.64 25.88
C GLY I 73 -4.33 -16.46 24.80
N SER I 74 -4.53 -17.76 24.84
CA SER I 74 -3.79 -18.60 23.92
C SER I 74 -4.62 -18.94 22.69
N PRO I 75 -4.01 -18.73 21.53
CA PRO I 75 -4.57 -18.72 20.18
C PRO I 75 -5.05 -20.09 19.70
N ASP I 76 -6.14 -20.09 18.92
CA ASP I 76 -6.71 -21.24 18.23
C ASP I 76 -5.79 -21.68 17.10
N THR I 77 -5.30 -22.90 17.22
CA THR I 77 -4.37 -23.43 16.23
C THR I 77 -4.98 -24.42 15.22
N GLY I 78 -4.71 -24.23 13.93
CA GLY I 78 -5.17 -25.15 12.91
C GLY I 78 -4.15 -26.26 12.73
N ASN I 79 -3.89 -26.71 11.51
CA ASN I 79 -2.96 -27.83 11.35
C ASN I 79 -1.52 -27.40 11.58
N LYS I 80 -0.69 -28.28 12.07
CA LYS I 80 0.71 -27.92 12.26
C LYS I 80 1.43 -28.87 11.35
N ARG I 81 2.64 -28.51 10.96
CA ARG I 81 3.40 -29.38 10.11
C ARG I 81 4.86 -29.20 10.43
N LEU I 82 5.64 -30.27 10.38
CA LEU I 82 7.07 -30.16 10.38
C LEU I 82 7.52 -30.65 9.03
N MET I 83 8.42 -29.92 8.36
CA MET I 83 9.10 -30.47 7.17
C MET I 83 10.58 -30.67 7.47
N LEU I 84 10.99 -31.92 7.63
CA LEU I 84 12.37 -32.22 7.97
C LEU I 84 13.16 -32.59 6.75
N PHE I 85 14.12 -31.74 6.43
CA PHE I 85 14.94 -31.96 5.25
C PHE I 85 16.17 -32.69 5.68
N PRO I 86 16.73 -33.51 4.76
CA PRO I 86 17.90 -34.29 5.12
C PRO I 86 19.10 -33.38 5.32
N ASP I 87 19.12 -32.24 4.64
CA ASP I 87 20.27 -31.33 4.71
C ASP I 87 20.47 -30.62 6.06
N GLY I 88 19.52 -30.81 6.97
CA GLY I 88 19.58 -30.27 8.33
C GLY I 88 18.40 -29.37 8.72
N ARG I 89 17.98 -28.54 7.76
CA ARG I 89 16.97 -27.55 8.01
C ARG I 89 15.62 -28.16 8.35
N VAL I 90 14.88 -27.41 9.16
CA VAL I 90 13.56 -27.76 9.70
C VAL I 90 12.59 -26.61 9.47
N ILE I 91 11.41 -26.91 8.96
CA ILE I 91 10.44 -25.86 8.77
C ILE I 91 9.17 -26.14 9.56
N TYR I 92 8.83 -25.23 10.46
CA TYR I 92 7.59 -25.36 11.21
C TYR I 92 6.50 -24.55 10.51
N ASN I 93 5.31 -25.11 10.45
CA ASN I 93 4.20 -24.51 9.75
C ASN I 93 2.91 -24.75 10.58
N ALA I 94 2.19 -23.69 10.89
CA ALA I 94 1.03 -23.80 11.75
C ALA I 94 0.04 -22.70 11.40
N ARG I 95 -1.25 -23.01 11.38
CA ARG I 95 -2.22 -21.94 11.22
C ARG I 95 -2.62 -21.48 12.59
N PHE I 96 -2.99 -20.20 12.70
CA PHE I 96 -3.36 -19.65 13.99
C PHE I 96 -4.51 -18.69 13.85
N LEU I 97 -5.33 -18.58 14.88
CA LEU I 97 -6.32 -17.51 14.97
C LEU I 97 -6.24 -16.94 16.39
N GLY I 98 -5.88 -15.67 16.51
CA GLY I 98 -5.59 -15.11 17.81
C GLY I 98 -6.21 -13.76 17.99
N SER I 99 -6.47 -13.41 19.25
CA SER I 99 -6.91 -12.08 19.62
C SER I 99 -5.71 -11.41 20.20
N PHE I 100 -5.25 -10.39 19.49
CA PHE I 100 -4.03 -9.71 19.84
C PHE I 100 -4.32 -8.33 20.41
N SER I 101 -3.28 -7.82 21.08
CA SER I 101 -3.32 -6.59 21.82
C SER I 101 -2.52 -5.45 21.22
N ASN I 102 -3.08 -4.25 21.24
CA ASN I 102 -2.26 -3.06 21.01
C ASN I 102 -2.99 -1.80 21.44
N ASP I 103 -2.21 -0.77 21.79
CA ASP I 103 -2.74 0.49 22.27
C ASP I 103 -3.65 1.09 21.26
N MET I 104 -4.92 1.29 21.57
CA MET I 104 -5.83 1.80 20.56
C MET I 104 -6.60 3.00 21.02
N ASP I 105 -6.16 4.16 20.50
CA ASP I 105 -6.73 5.47 20.78
C ASP I 105 -7.89 5.66 19.83
N PHE I 106 -9.10 5.78 20.35
CA PHE I 106 -10.31 5.87 19.52
C PHE I 106 -11.01 7.21 19.60
N ARG I 107 -10.34 8.21 20.15
CA ARG I 107 -10.95 9.50 20.40
C ARG I 107 -11.38 10.27 19.13
N LEU I 108 -10.71 10.02 18.01
CA LEU I 108 -11.10 10.66 16.78
C LEU I 108 -12.03 9.82 15.92
N PHE I 109 -12.71 8.89 16.56
CA PHE I 109 -13.77 8.13 15.91
C PHE I 109 -14.76 9.16 15.41
N PRO I 110 -15.30 8.97 14.20
CA PRO I 110 -15.11 7.87 13.27
C PRO I 110 -14.05 8.18 12.26
N PHE I 111 -13.01 8.90 12.64
CA PHE I 111 -11.93 9.19 11.70
C PHE I 111 -10.59 8.66 12.24
N ASP I 112 -10.64 7.56 13.02
CA ASP I 112 -9.43 7.11 13.67
C ASP I 112 -8.55 6.33 12.76
N ARG I 113 -7.28 6.34 13.10
CA ARG I 113 -6.28 5.50 12.50
C ARG I 113 -5.91 4.51 13.58
N GLN I 114 -5.83 3.24 13.25
CA GLN I 114 -5.34 2.28 14.21
C GLN I 114 -4.15 1.52 13.62
N GLN I 115 -3.35 0.85 14.46
CA GLN I 115 -2.34 -0.03 13.90
C GLN I 115 -2.27 -1.46 14.47
N PHE I 116 -2.60 -2.42 13.62
CA PHE I 116 -2.64 -3.83 13.97
C PHE I 116 -1.22 -4.41 14.06
N VAL I 117 -0.90 -4.94 15.22
CA VAL I 117 0.47 -5.35 15.53
C VAL I 117 0.56 -6.85 15.90
N LEU I 118 1.61 -7.50 15.45
CA LEU I 118 1.93 -8.81 15.94
C LEU I 118 3.34 -8.71 16.55
N GLU I 119 3.53 -9.25 17.74
CA GLU I 119 4.85 -9.32 18.38
C GLU I 119 5.24 -10.76 18.76
N LEU I 120 6.38 -11.21 18.29
CA LEU I 120 6.84 -12.59 18.39
C LEU I 120 8.18 -12.66 19.11
N GLU I 121 8.35 -13.59 20.02
CA GLU I 121 9.59 -13.69 20.79
C GLU I 121 9.63 -15.10 21.40
N PRO I 122 10.80 -15.76 21.36
CA PRO I 122 10.98 -17.10 21.90
C PRO I 122 10.53 -17.15 23.36
N PHE I 123 9.95 -18.27 23.76
CA PHE I 123 9.47 -18.35 25.14
C PHE I 123 10.62 -18.67 26.08
N SER I 124 11.59 -19.48 25.64
CA SER I 124 12.59 -20.01 26.59
C SER I 124 14.05 -19.71 26.30
N TYR I 125 14.33 -19.28 25.08
CA TYR I 125 15.71 -19.07 24.67
C TYR I 125 16.07 -17.61 24.46
N ASN I 126 17.20 -17.16 25.00
CA ASN I 126 17.64 -15.77 24.79
C ASN I 126 18.40 -15.58 23.46
N ASN I 127 18.67 -14.33 23.09
CA ASN I 127 19.30 -14.04 21.81
C ASN I 127 20.67 -14.72 21.59
N GLN I 128 21.34 -15.13 22.65
CA GLN I 128 22.59 -15.84 22.43
C GLN I 128 22.31 -17.30 22.16
N GLN I 129 21.08 -17.72 22.37
CA GLN I 129 20.68 -19.08 22.02
C GLN I 129 19.91 -19.11 20.70
N LEU I 130 18.94 -18.23 20.55
CA LEU I 130 18.05 -18.22 19.40
C LEU I 130 17.90 -16.79 18.92
N ARG I 131 18.18 -16.57 17.64
CA ARG I 131 18.14 -15.23 17.10
C ARG I 131 17.26 -15.18 15.84
N PHE I 132 16.43 -14.14 15.74
CA PHE I 132 15.60 -13.95 14.56
C PHE I 132 16.45 -13.32 13.43
N SER I 133 16.68 -14.12 12.40
CA SER I 133 17.54 -13.77 11.29
C SER I 133 16.85 -12.87 10.29
N ASP I 134 15.55 -13.09 10.12
CA ASP I 134 14.76 -12.22 9.25
C ASP I 134 13.29 -12.51 9.39
N ILE I 135 12.45 -11.67 8.81
CA ILE I 135 11.03 -11.91 8.87
C ILE I 135 10.26 -11.31 7.71
N GLN I 136 9.60 -12.16 6.90
CA GLN I 136 8.70 -11.59 5.89
C GLN I 136 7.26 -11.77 6.26
N VAL I 137 6.45 -10.81 5.87
CA VAL I 137 5.02 -10.77 6.17
C VAL I 137 4.24 -10.70 4.87
N TYR I 138 3.27 -11.58 4.66
CA TYR I 138 2.53 -11.46 3.41
C TYR I 138 1.16 -10.98 3.77
N THR I 139 0.77 -9.80 3.31
CA THR I 139 -0.61 -9.37 3.54
C THR I 139 -1.34 -9.48 2.25
N GLU I 140 -1.85 -10.68 2.03
CA GLU I 140 -2.56 -11.03 0.81
C GLU I 140 -3.79 -10.12 0.62
N ASN I 141 -3.57 -8.82 0.74
CA ASN I 141 -4.64 -7.84 0.68
C ASN I 141 -4.49 -6.87 -0.51
N ALA I 142 -5.60 -6.22 -0.84
CA ALA I 142 -5.75 -5.20 -1.90
C ALA I 142 -7.24 -4.92 -2.06
N ASP I 143 -7.60 -3.81 -2.69
CA ASP I 143 -8.98 -3.55 -3.18
C ASP I 143 -10.16 -3.78 -2.22
N ASN I 144 -11.34 -4.07 -2.80
CA ASN I 144 -12.62 -4.28 -2.07
C ASN I 144 -12.80 -3.24 -0.96
N GLU I 145 -12.38 -2.02 -1.26
CA GLU I 145 -12.32 -0.96 -0.28
C GLU I 145 -13.64 -0.41 0.26
N GLU I 146 -14.36 0.40 -0.51
CA GLU I 146 -15.51 1.09 0.09
C GLU I 146 -16.63 0.20 0.62
N ILE I 147 -16.42 -1.12 0.54
CA ILE I 147 -17.22 -2.11 1.23
C ILE I 147 -16.56 -2.43 2.55
N ASP I 148 -15.27 -2.14 2.65
CA ASP I 148 -14.57 -2.56 3.86
C ASP I 148 -14.43 -1.50 4.93
N GLU I 149 -14.44 -2.02 6.15
CA GLU I 149 -14.46 -1.25 7.37
C GLU I 149 -13.17 -0.51 7.62
N TRP I 150 -12.07 -1.22 7.37
CA TRP I 150 -10.72 -0.67 7.53
C TRP I 150 -9.96 -0.58 6.23
N TRP I 151 -9.26 0.53 6.02
CA TRP I 151 -8.39 0.78 4.87
C TRP I 151 -6.94 0.56 5.27
N ILE I 152 -6.37 -0.56 4.83
CA ILE I 152 -4.95 -0.84 5.02
C ILE I 152 -4.12 0.11 4.17
N ARG I 153 -3.08 0.67 4.78
CA ARG I 153 -2.31 1.74 4.14
C ARG I 153 -1.29 1.25 3.15
N GLY I 154 -0.56 0.23 3.52
CA GLY I 154 0.45 -0.35 2.67
C GLY I 154 0.78 -1.76 3.09
N LYS I 155 1.91 -2.23 2.64
CA LYS I 155 2.37 -3.54 3.02
C LYS I 155 2.70 -3.52 4.48
N ALA I 156 2.96 -4.67 5.07
CA ALA I 156 3.29 -4.68 6.49
C ALA I 156 4.67 -4.19 6.74
N SER I 157 4.82 -3.40 7.80
CA SER I 157 6.14 -2.96 8.23
C SER I 157 6.75 -3.85 9.34
N THR I 158 8.07 -3.85 9.44
CA THR I 158 8.75 -4.75 10.34
C THR I 158 9.92 -4.20 11.20
N HIS I 159 10.05 -4.74 12.41
CA HIS I 159 11.16 -4.39 13.29
C HIS I 159 11.64 -5.61 14.08
N ILE I 160 12.88 -6.00 13.81
CA ILE I 160 13.56 -6.99 14.63
C ILE I 160 14.42 -6.21 15.59
N SER I 161 14.36 -6.59 16.87
CA SER I 161 15.11 -5.89 17.89
C SER I 161 15.51 -6.86 18.97
N ASP I 162 16.30 -6.38 19.93
CA ASP I 162 16.69 -7.22 21.04
C ASP I 162 16.08 -6.60 22.27
N ILE I 163 15.25 -7.36 22.97
CA ILE I 163 14.57 -6.81 24.12
C ILE I 163 15.40 -7.17 25.34
N ARG I 164 15.73 -6.15 26.13
CA ARG I 164 16.57 -6.33 27.29
C ARG I 164 15.70 -6.28 28.50
N TYR I 165 15.83 -7.33 29.31
CA TYR I 165 15.06 -7.45 30.54
C TYR I 165 15.96 -7.21 31.75
N ASP I 166 15.53 -6.30 32.62
CA ASP I 166 16.34 -5.86 33.75
C ASP I 166 16.22 -6.76 34.99
N HIS I 167 15.12 -7.49 35.08
CA HIS I 167 14.86 -8.41 36.19
C HIS I 167 14.40 -9.79 35.72
N LEU I 168 15.26 -10.78 35.92
CA LEU I 168 14.90 -12.18 35.63
C LEU I 168 15.32 -13.20 36.71
N SER I 169 15.86 -14.31 36.22
CA SER I 169 16.24 -15.47 37.04
C SER I 169 17.55 -15.25 37.81
N SER I 170 18.13 -16.36 38.26
CA SER I 170 19.43 -16.39 38.93
C SER I 170 20.61 -16.38 37.95
N VAL I 171 20.41 -15.74 36.80
CA VAL I 171 21.45 -15.64 35.77
C VAL I 171 22.09 -14.25 35.68
N GLN I 172 23.42 -14.22 35.72
CA GLN I 172 24.17 -12.96 35.70
C GLN I 172 25.06 -12.68 34.47
N PRO I 173 25.72 -13.72 33.86
CA PRO I 173 26.62 -13.39 32.74
C PRO I 173 26.01 -12.49 31.62
N ASN I 174 25.07 -12.99 30.82
CA ASN I 174 24.41 -12.14 29.81
C ASN I 174 23.10 -12.66 29.22
N GLN I 175 22.48 -13.66 29.83
CA GLN I 175 21.29 -14.28 29.22
C GLN I 175 19.97 -13.55 29.42
N ASN I 176 19.89 -12.28 29.03
CA ASN I 176 18.67 -11.53 29.34
C ASN I 176 18.16 -10.62 28.25
N GLU I 177 18.67 -10.84 27.04
CA GLU I 177 18.22 -10.11 25.88
C GLU I 177 17.58 -11.14 24.99
N PHE I 178 16.32 -10.92 24.64
CA PHE I 178 15.58 -11.82 23.75
C PHE I 178 15.31 -11.20 22.39
N SER I 179 15.32 -11.98 21.32
CA SER I 179 15.05 -11.38 20.02
C SER I 179 13.57 -11.37 19.65
N ARG I 180 13.09 -10.21 19.20
CA ARG I 180 11.67 -10.00 18.93
C ARG I 180 11.31 -9.50 17.51
N ILE I 181 10.38 -10.19 16.89
CA ILE I 181 9.81 -9.74 15.64
C ILE I 181 8.55 -8.93 15.88
N THR I 182 8.53 -7.72 15.35
CA THR I 182 7.38 -6.87 15.51
C THR I 182 6.81 -6.56 14.15
N VAL I 183 5.58 -6.93 13.94
CA VAL I 183 4.93 -6.63 12.68
C VAL I 183 3.86 -5.57 12.88
N ARG I 184 3.90 -4.53 12.06
CA ARG I 184 2.95 -3.43 12.17
C ARG I 184 2.15 -3.25 10.88
N ILE I 185 0.83 -3.17 10.99
CA ILE I 185 -0.01 -3.01 9.82
C ILE I 185 -0.88 -1.79 10.03
N ASP I 186 -0.63 -0.70 9.28
CA ASP I 186 -1.33 0.55 9.50
C ASP I 186 -2.68 0.55 8.83
N ALA I 187 -3.70 1.08 9.51
CA ALA I 187 -5.05 1.07 8.96
C ALA I 187 -5.82 2.32 9.24
N VAL I 188 -6.80 2.60 8.41
CA VAL I 188 -7.59 3.82 8.53
C VAL I 188 -9.07 3.55 8.52
N ARG I 189 -9.83 4.20 9.39
CA ARG I 189 -11.26 3.92 9.40
C ARG I 189 -11.94 4.60 8.23
N ASN I 190 -12.73 3.83 7.52
CA ASN I 190 -13.60 4.35 6.49
C ASN I 190 -14.85 5.03 7.09
N PRO I 191 -14.84 6.35 7.16
CA PRO I 191 -15.86 7.07 7.92
C PRO I 191 -17.18 7.21 7.22
N SER I 192 -17.29 6.65 6.02
CA SER I 192 -18.47 6.90 5.19
C SER I 192 -19.77 6.65 5.93
N TYR I 193 -19.86 5.47 6.55
CA TYR I 193 -21.08 5.03 7.24
C TYR I 193 -21.50 5.98 8.33
N TYR I 194 -20.51 6.44 9.09
CA TYR I 194 -20.79 7.32 10.20
C TYR I 194 -21.13 8.70 9.70
N LEU I 195 -20.56 9.08 8.58
CA LEU I 195 -20.87 10.39 8.02
C LEU I 195 -22.35 10.47 7.64
N TRP I 196 -22.78 9.52 6.82
CA TRP I 196 -24.14 9.58 6.31
C TRP I 196 -25.23 9.24 7.32
N SER I 197 -24.97 8.26 8.17
CA SER I 197 -25.99 7.68 9.04
C SER I 197 -25.99 8.20 10.46
N PHE I 198 -24.90 8.85 10.85
CA PHE I 198 -24.81 9.42 12.18
C PHE I 198 -24.55 10.92 12.12
N ILE I 199 -23.46 11.32 11.44
CA ILE I 199 -23.15 12.73 11.40
C ILE I 199 -24.28 13.56 10.74
N LEU I 200 -24.70 13.14 9.55
CA LEU I 200 -25.73 13.88 8.78
C LEU I 200 -27.06 14.07 9.53
N PRO I 201 -27.71 12.96 9.95
CA PRO I 201 -29.00 13.29 10.57
C PRO I 201 -28.85 14.10 11.85
N LEU I 202 -27.80 13.85 12.63
CA LEU I 202 -27.59 14.61 13.87
C LEU I 202 -27.54 16.10 13.54
N GLY I 203 -26.82 16.43 12.46
CA GLY I 203 -26.77 17.79 11.95
C GLY I 203 -28.13 18.35 11.55
N LEU I 204 -28.92 17.56 10.83
CA LEU I 204 -30.27 17.97 10.47
C LEU I 204 -31.10 18.25 11.74
N ILE I 205 -30.94 17.43 12.78
CA ILE I 205 -31.59 17.68 14.06
C ILE I 205 -31.08 18.99 14.65
N ILE I 206 -29.76 19.13 14.78
CA ILE I 206 -29.20 20.36 15.34
C ILE I 206 -29.70 21.58 14.55
N ALA I 207 -29.68 21.45 13.21
CA ALA I 207 -30.09 22.53 12.32
C ALA I 207 -31.51 22.97 12.58
N ALA I 208 -32.44 22.02 12.52
CA ALA I 208 -33.85 22.33 12.71
C ALA I 208 -34.11 22.91 14.11
N SER I 209 -33.22 22.60 15.05
CA SER I 209 -33.29 23.21 16.37
C SER I 209 -33.41 24.71 16.28
N TRP I 210 -32.65 25.26 15.34
CA TRP I 210 -32.57 26.69 15.13
C TRP I 210 -33.86 27.27 14.53
N SER I 211 -34.73 26.40 14.03
CA SER I 211 -35.97 26.90 13.43
C SER I 211 -36.95 27.28 14.51
N VAL I 212 -36.53 27.14 15.76
CA VAL I 212 -37.37 27.53 16.89
C VAL I 212 -37.65 29.04 16.84
N PHE I 213 -36.73 29.77 16.25
CA PHE I 213 -36.80 31.22 16.23
C PHE I 213 -37.69 31.81 15.16
N TRP I 214 -38.06 31.02 14.16
CA TRP I 214 -39.00 31.50 13.16
C TRP I 214 -40.43 31.39 13.70
N LEU I 215 -40.54 30.92 14.96
CA LEU I 215 -41.82 30.77 15.63
C LEU I 215 -42.34 32.07 16.19
N GLU I 216 -43.65 32.24 16.06
CA GLU I 216 -44.25 33.51 16.37
C GLU I 216 -44.39 33.81 17.89
N SER I 217 -45.11 32.97 18.63
CA SER I 217 -45.32 33.24 20.06
C SER I 217 -44.11 32.89 20.94
N PHE I 218 -44.10 33.40 22.18
CA PHE I 218 -43.09 33.03 23.18
C PHE I 218 -43.35 31.65 23.73
N SER I 219 -44.62 31.35 24.01
CA SER I 219 -44.99 30.03 24.49
C SER I 219 -44.49 29.04 23.50
N GLU I 220 -44.74 29.34 22.24
CA GLU I 220 -44.32 28.45 21.16
C GLU I 220 -42.82 28.30 21.14
N ARG I 221 -42.11 29.40 21.34
CA ARG I 221 -40.66 29.34 21.32
C ARG I 221 -40.16 28.45 22.44
N LEU I 222 -40.67 28.64 23.65
CA LEU I 222 -40.16 27.93 24.80
C LEU I 222 -40.59 26.48 24.78
N GLN I 223 -41.88 26.24 24.52
CA GLN I 223 -42.42 24.88 24.50
C GLN I 223 -41.88 24.02 23.35
N THR I 224 -41.70 24.60 22.17
CA THR I 224 -41.13 23.86 21.04
C THR I 224 -39.70 23.42 21.37
N SER I 225 -39.02 24.19 22.20
CA SER I 225 -37.64 23.82 22.55
C SER I 225 -37.53 22.59 23.46
N PHE I 226 -38.60 22.29 24.19
CA PHE I 226 -38.63 21.07 25.00
C PHE I 226 -38.77 19.82 24.16
N THR I 227 -39.54 19.94 23.09
CA THR I 227 -39.71 18.86 22.14
C THR I 227 -38.34 18.59 21.60
N LEU I 228 -37.61 19.68 21.37
CA LEU I 228 -36.26 19.65 20.80
C LEU I 228 -35.28 18.88 21.66
N MET I 229 -35.34 19.19 22.95
CA MET I 229 -34.50 18.59 23.96
C MET I 229 -34.74 17.04 23.97
N LEU I 230 -36.02 16.68 23.90
CA LEU I 230 -36.45 15.30 23.87
C LEU I 230 -35.97 14.56 22.63
N THR I 231 -36.04 15.21 21.48
CA THR I 231 -35.54 14.63 20.22
C THR I 231 -34.01 14.38 20.26
N VAL I 232 -33.24 15.32 20.82
CA VAL I 232 -31.80 15.11 20.94
C VAL I 232 -31.46 13.92 21.82
N VAL I 233 -32.17 13.80 22.96
CA VAL I 233 -31.99 12.64 23.83
C VAL I 233 -32.34 11.38 23.08
N ALA I 234 -33.48 11.36 22.41
CA ALA I 234 -33.89 10.22 21.61
C ALA I 234 -32.81 9.86 20.59
N TYR I 235 -32.21 10.86 19.94
CA TYR I 235 -31.09 10.60 19.04
C TYR I 235 -29.91 10.03 19.85
N ALA I 236 -29.65 10.63 21.01
CA ALA I 236 -28.56 10.19 21.89
C ALA I 236 -28.74 8.72 22.29
N SER I 237 -29.94 8.37 22.72
CA SER I 237 -30.17 7.02 23.15
C SER I 237 -29.98 6.05 22.00
N TYR I 238 -30.68 6.24 20.88
CA TYR I 238 -30.58 5.34 19.70
C TYR I 238 -29.11 5.07 19.29
N THR I 239 -28.33 6.14 19.18
CA THR I 239 -26.90 6.14 18.85
C THR I 239 -25.98 5.29 19.74
N SER I 240 -26.10 5.49 21.06
CA SER I 240 -25.27 4.88 22.11
C SER I 240 -25.20 3.39 21.95
N ASN I 241 -26.39 2.87 21.72
CA ASN I 241 -26.65 1.48 21.60
C ASN I 241 -25.84 0.83 20.48
N ILE I 242 -25.50 1.62 19.47
CA ILE I 242 -24.90 1.17 18.24
C ILE I 242 -23.40 1.47 18.17
N LEU I 243 -23.01 2.68 18.57
CA LEU I 243 -21.61 3.12 18.45
C LEU I 243 -20.72 2.34 19.43
N PRO I 244 -19.41 2.25 19.16
CA PRO I 244 -18.53 1.46 20.03
C PRO I 244 -18.45 2.01 21.42
N ARG I 245 -18.38 1.10 22.39
CA ARG I 245 -18.22 1.46 23.79
C ARG I 245 -16.77 1.86 24.04
N LEU I 246 -16.58 3.08 24.51
CA LEU I 246 -15.26 3.63 24.78
C LEU I 246 -15.23 4.24 26.17
N PRO I 247 -14.03 4.55 26.67
CA PRO I 247 -13.91 5.21 27.96
C PRO I 247 -13.69 6.69 27.76
N TYR I 248 -13.99 7.20 26.57
CA TYR I 248 -13.91 8.64 26.29
C TYR I 248 -14.92 9.12 25.27
N THR I 249 -15.09 10.44 25.19
CA THR I 249 -15.99 10.98 24.19
C THR I 249 -15.32 10.89 22.85
N THR I 250 -16.13 10.65 21.82
CA THR I 250 -15.72 10.73 20.44
C THR I 250 -16.24 12.01 19.82
N VAL I 251 -15.86 12.22 18.56
CA VAL I 251 -16.34 13.35 17.79
C VAL I 251 -17.85 13.37 17.75
N ILE I 252 -18.45 12.20 17.55
CA ILE I 252 -19.91 12.11 17.61
C ILE I 252 -20.44 12.44 19.03
N ASP I 253 -19.75 11.93 20.06
CA ASP I 253 -20.14 12.23 21.42
C ASP I 253 -20.19 13.73 21.66
N GLN I 254 -19.19 14.42 21.12
CA GLN I 254 -19.08 15.86 21.30
C GLN I 254 -20.17 16.64 20.57
N MET I 255 -20.57 16.17 19.39
CA MET I 255 -21.68 16.79 18.69
C MET I 255 -22.98 16.82 19.52
N ILE I 256 -23.29 15.70 20.17
CA ILE I 256 -24.51 15.63 20.96
C ILE I 256 -24.48 16.71 22.04
N ILE I 257 -23.39 16.78 22.81
CA ILE I 257 -23.23 17.78 23.89
C ILE I 257 -23.56 19.15 23.33
N ALA I 258 -23.01 19.41 22.15
CA ALA I 258 -23.20 20.63 21.39
C ALA I 258 -24.66 20.86 21.00
N GLY I 259 -25.34 19.79 20.61
CA GLY I 259 -26.76 19.84 20.32
C GLY I 259 -27.60 20.20 21.54
N TYR I 260 -27.27 19.52 22.64
CA TYR I 260 -27.82 19.87 23.94
C TYR I 260 -27.46 21.32 24.26
N GLY I 261 -26.23 21.69 23.95
CA GLY I 261 -25.72 23.02 24.21
C GLY I 261 -26.48 24.09 23.48
N SER I 262 -26.71 23.90 22.18
CA SER I 262 -27.49 24.88 21.43
C SER I 262 -28.88 25.03 22.05
N ILE I 263 -29.50 23.90 22.33
CA ILE I 263 -30.87 23.88 22.83
C ILE I 263 -31.02 24.55 24.20
N PHE I 264 -30.15 24.21 25.15
CA PHE I 264 -30.20 24.81 26.49
C PHE I 264 -29.94 26.30 26.35
N ALA I 265 -29.08 26.63 25.40
CA ALA I 265 -28.71 28.01 25.18
C ALA I 265 -29.91 28.78 24.68
N ALA I 266 -30.59 28.23 23.67
CA ALA I 266 -31.75 28.90 23.08
C ALA I 266 -32.87 29.14 24.08
N ILE I 267 -33.07 28.20 25.00
CA ILE I 267 -34.02 28.40 26.08
C ILE I 267 -33.67 29.70 26.81
N LEU I 268 -32.39 29.84 27.15
CA LEU I 268 -31.89 31.02 27.88
C LEU I 268 -32.24 32.29 27.14
N LEU I 269 -31.84 32.37 25.88
CA LEU I 269 -32.18 33.54 25.09
C LEU I 269 -33.68 33.77 25.01
N ILE I 270 -34.43 32.71 24.69
CA ILE I 270 -35.88 32.81 24.49
C ILE I 270 -36.60 33.37 25.71
N ILE I 271 -36.28 32.83 26.89
CA ILE I 271 -36.79 33.36 28.15
C ILE I 271 -36.24 34.76 28.34
N PHE I 272 -34.97 34.97 27.98
CA PHE I 272 -34.39 36.29 28.16
C PHE I 272 -35.09 37.39 27.34
N ALA I 273 -35.34 37.14 26.05
CA ALA I 273 -36.11 38.06 25.19
C ALA I 273 -37.47 38.45 25.76
N HIS I 274 -38.17 37.51 26.37
CA HIS I 274 -39.51 37.75 26.87
C HIS I 274 -39.47 38.70 28.07
N HIS I 275 -38.62 38.39 29.03
CA HIS I 275 -38.62 39.16 30.26
C HIS I 275 -37.59 40.31 30.28
N ARG I 276 -36.71 40.37 29.29
CA ARG I 276 -35.88 41.57 29.09
C ARG I 276 -36.61 42.54 28.16
N GLN I 277 -37.28 43.51 28.76
CA GLN I 277 -38.21 44.33 28.01
C GLN I 277 -38.30 45.76 28.52
N ALA I 278 -39.05 46.58 27.79
CA ALA I 278 -39.38 47.93 28.22
C ALA I 278 -40.90 48.11 28.22
N ASN I 279 -41.64 47.01 28.22
CA ASN I 279 -43.11 47.04 28.22
C ASN I 279 -43.76 45.81 28.86
N GLY I 280 -43.42 44.63 28.35
CA GLY I 280 -44.00 43.38 28.82
C GLY I 280 -43.75 42.23 27.85
N VAL I 281 -44.02 42.47 26.57
CA VAL I 281 -43.72 41.50 25.52
C VAL I 281 -42.84 42.09 24.42
N GLU I 282 -42.01 43.06 24.79
CA GLU I 282 -40.99 43.53 23.87
C GLU I 282 -40.02 42.37 23.69
N ASP I 283 -40.37 41.43 22.83
CA ASP I 283 -39.39 40.41 22.51
C ASP I 283 -38.43 41.08 21.49
N ASP I 284 -37.15 41.15 21.87
CA ASP I 284 -36.08 41.90 21.19
C ASP I 284 -35.88 41.65 19.67
N LEU I 285 -36.27 42.63 18.85
CA LEU I 285 -36.21 42.51 17.38
C LEU I 285 -34.95 41.85 16.80
N LEU I 286 -33.79 42.08 17.40
CA LEU I 286 -32.57 41.40 16.94
C LEU I 286 -32.45 40.03 17.61
N ILE I 287 -32.74 40.00 18.91
CA ILE I 287 -32.55 38.78 19.66
C ILE I 287 -33.57 37.76 19.19
N GLN I 288 -34.75 38.20 18.76
CA GLN I 288 -35.74 37.28 18.21
C GLN I 288 -35.29 36.83 16.82
N ARG I 289 -34.52 37.68 16.15
CA ARG I 289 -33.92 37.32 14.85
C ARG I 289 -32.49 36.89 15.05
N CYS I 290 -32.24 36.12 16.11
CA CYS I 290 -30.98 35.42 16.24
C CYS I 290 -31.11 34.09 15.46
N ARG I 291 -31.85 34.18 14.36
CA ARG I 291 -32.02 33.13 13.38
C ARG I 291 -30.77 32.99 12.53
N LEU I 292 -29.96 34.05 12.52
CA LEU I 292 -28.71 34.03 11.79
C LEU I 292 -27.55 34.03 12.76
N ALA I 293 -27.78 34.61 13.94
CA ALA I 293 -26.70 34.80 14.90
C ALA I 293 -26.02 33.47 15.23
N PHE I 294 -26.63 32.68 16.11
CA PHE I 294 -25.95 31.46 16.51
C PHE I 294 -26.10 30.18 15.64
N PRO I 295 -26.85 30.25 14.50
CA PRO I 295 -26.56 29.16 13.57
C PRO I 295 -25.12 29.27 13.07
N LEU I 296 -24.67 30.49 12.82
CA LEU I 296 -23.29 30.68 12.41
C LEU I 296 -22.41 30.82 13.66
N GLY I 297 -23.05 31.06 14.80
CA GLY I 297 -22.35 31.04 16.07
C GLY I 297 -22.05 29.59 16.45
N PHE I 298 -22.93 28.70 16.05
CA PHE I 298 -22.68 27.29 16.26
C PHE I 298 -21.61 26.88 15.27
N LEU I 299 -21.66 27.49 14.09
CA LEU I 299 -20.69 27.17 13.04
C LEU I 299 -19.32 27.73 13.37
N ALA I 300 -19.27 28.84 14.10
CA ALA I 300 -17.98 29.40 14.48
C ALA I 300 -17.34 28.53 15.57
N ILE I 301 -18.11 28.32 16.63
CA ILE I 301 -17.66 27.54 17.76
C ILE I 301 -17.39 26.12 17.31
N GLY I 302 -18.15 25.68 16.32
CA GLY I 302 -17.99 24.36 15.75
C GLY I 302 -16.68 24.17 15.02
N CYS I 303 -16.23 25.24 14.36
CA CYS I 303 -14.98 25.18 13.61
C CYS I 303 -13.77 25.44 14.50
N VAL I 304 -14.00 26.11 15.62
CA VAL I 304 -12.93 26.40 16.55
C VAL I 304 -12.59 25.15 17.35
N LEU I 305 -13.62 24.37 17.66
CA LEU I 305 -13.45 23.12 18.40
C LEU I 305 -12.65 22.09 17.57
N VAL I 306 -12.61 22.31 16.26
CA VAL I 306 -11.77 21.50 15.36
C VAL I 306 -10.31 22.06 15.33
N ILE I 307 -10.10 23.30 15.76
CA ILE I 307 -8.73 23.80 15.94
C ILE I 307 -8.08 23.08 17.12
N PRO J 1 1.52 -39.46 -7.95
CA PRO J 1 0.66 -38.31 -7.58
C PRO J 1 -0.68 -38.82 -7.14
N VAL J 2 -0.93 -38.89 -5.83
CA VAL J 2 -2.13 -39.52 -5.28
C VAL J 2 -3.44 -38.79 -5.65
N ASP J 3 -4.33 -39.52 -6.32
CA ASP J 3 -5.65 -38.99 -6.64
C ASP J 3 -6.59 -39.14 -5.45
N VAL J 4 -7.10 -38.02 -4.95
CA VAL J 4 -8.06 -38.04 -3.84
C VAL J 4 -9.44 -37.63 -4.31
N SER J 5 -10.45 -38.47 -4.12
CA SER J 5 -11.80 -38.03 -4.47
C SER J 5 -12.56 -37.59 -3.23
N VAL J 6 -13.22 -36.44 -3.31
CA VAL J 6 -13.87 -35.83 -2.16
C VAL J 6 -15.39 -35.65 -2.32
N SER J 7 -16.12 -35.82 -1.22
CA SER J 7 -17.55 -35.54 -1.18
C SER J 7 -17.90 -34.75 0.07
N ILE J 8 -18.63 -33.65 -0.09
CA ILE J 8 -19.08 -32.89 1.05
C ILE J 8 -20.59 -33.02 1.12
N PHE J 9 -21.12 -33.28 2.30
CA PHE J 9 -22.56 -33.27 2.50
C PHE J 9 -22.92 -32.08 3.37
N ILE J 10 -23.60 -31.09 2.82
CA ILE J 10 -23.91 -29.84 3.52
C ILE J 10 -25.23 -30.00 4.25
N ASN J 11 -25.19 -30.05 5.60
CA ASN J 11 -26.39 -30.30 6.43
C ASN J 11 -27.14 -29.09 6.83
N LYS J 12 -26.41 -28.05 7.16
CA LYS J 12 -27.05 -26.87 7.67
C LYS J 12 -26.13 -25.71 7.38
N ILE J 13 -26.71 -24.62 6.89
CA ILE J 13 -26.01 -23.35 6.83
C ILE J 13 -26.80 -22.32 7.65
N TYR J 14 -26.13 -21.73 8.63
CA TYR J 14 -26.82 -20.80 9.49
C TYR J 14 -25.82 -19.86 10.13
N GLY J 15 -26.31 -18.94 10.96
CA GLY J 15 -25.44 -18.06 11.72
C GLY J 15 -24.51 -17.10 10.98
N VAL J 16 -25.08 -16.43 9.99
CA VAL J 16 -24.33 -15.42 9.28
C VAL J 16 -23.98 -14.27 10.25
N ASN J 17 -22.70 -13.90 10.29
CA ASN J 17 -22.26 -12.75 11.06
C ASN J 17 -21.92 -11.63 10.09
N THR J 18 -22.78 -10.61 9.97
CA THR J 18 -22.54 -9.59 8.96
C THR J 18 -21.26 -8.80 9.22
N LEU J 19 -20.97 -8.49 10.47
CA LEU J 19 -19.74 -7.73 10.71
C LEU J 19 -18.49 -8.52 10.37
N GLU J 20 -18.50 -9.79 10.69
CA GLU J 20 -17.35 -10.60 10.45
C GLU J 20 -17.26 -11.16 9.04
N GLN J 21 -18.36 -11.06 8.28
CA GLN J 21 -18.45 -11.68 6.94
C GLN J 21 -18.10 -13.17 7.09
N THR J 22 -19.04 -13.89 7.70
CA THR J 22 -18.85 -15.21 8.27
C THR J 22 -20.19 -15.94 8.30
N TYR J 23 -20.14 -17.25 8.14
CA TYR J 23 -21.35 -18.06 8.26
C TYR J 23 -20.98 -19.45 8.74
N LYS J 24 -21.93 -20.14 9.36
CA LYS J 24 -21.72 -21.47 9.93
C LYS J 24 -22.21 -22.59 9.01
N VAL J 25 -21.39 -23.63 8.86
CA VAL J 25 -21.75 -24.81 8.07
C VAL J 25 -21.65 -26.16 8.81
N ASP J 26 -22.75 -26.91 8.84
CA ASP J 26 -22.74 -28.25 9.39
C ASP J 26 -22.77 -29.24 8.23
N GLY J 27 -21.86 -30.22 8.29
CA GLY J 27 -21.81 -31.28 7.31
C GLY J 27 -20.68 -32.27 7.55
N TYR J 28 -20.49 -33.18 6.59
CA TYR J 28 -19.49 -34.22 6.73
C TYR J 28 -18.55 -34.11 5.55
N ILE J 29 -17.23 -34.41 5.70
CA ILE J 29 -16.39 -34.62 4.51
C ILE J 29 -16.20 -36.10 4.29
N VAL J 30 -16.01 -36.49 3.03
CA VAL J 30 -15.56 -37.83 2.74
C VAL J 30 -14.40 -37.72 1.76
N ALA J 31 -13.24 -38.28 2.13
CA ALA J 31 -12.04 -38.27 1.28
C ALA J 31 -11.68 -39.68 0.96
N GLN J 32 -11.34 -39.95 -0.29
CA GLN J 32 -11.03 -41.31 -0.65
C GLN J 32 -9.79 -41.35 -1.53
N TRP J 33 -8.94 -42.33 -1.27
CA TRP J 33 -7.74 -42.55 -2.06
C TRP J 33 -7.34 -44.03 -1.96
N THR J 34 -6.44 -44.49 -2.81
CA THR J 34 -6.05 -45.91 -2.77
C THR J 34 -4.60 -46.09 -2.35
N GLY J 35 -4.37 -46.90 -1.32
CA GLY J 35 -3.03 -47.19 -0.84
C GLY J 35 -2.53 -48.57 -1.24
N LYS J 36 -1.55 -49.09 -0.52
CA LYS J 36 -1.04 -50.42 -0.82
C LYS J 36 -2.05 -51.34 -0.18
N PRO J 37 -2.42 -52.44 -0.86
CA PRO J 37 -3.38 -53.41 -0.34
C PRO J 37 -3.07 -53.90 1.06
N ARG J 38 -4.13 -54.15 1.83
CA ARG J 38 -4.02 -54.56 3.24
C ARG J 38 -4.74 -55.88 3.38
N LYS J 39 -4.47 -56.61 4.46
CA LYS J 39 -5.26 -57.79 4.76
C LYS J 39 -6.27 -57.36 5.82
N THR J 40 -7.54 -57.39 5.48
CA THR J 40 -8.57 -57.00 6.44
C THR J 40 -9.33 -58.26 6.91
N PRO J 41 -9.94 -58.21 8.13
CA PRO J 41 -10.69 -59.35 8.67
C PRO J 41 -11.64 -59.95 7.64
N GLY J 42 -11.49 -61.22 7.33
CA GLY J 42 -12.23 -61.77 6.22
C GLY J 42 -11.63 -61.18 4.96
N ASP J 43 -12.38 -60.28 4.33
CA ASP J 43 -11.91 -59.60 3.14
C ASP J 43 -12.87 -58.44 2.91
N LYS J 44 -13.78 -58.31 3.87
CA LYS J 44 -14.73 -57.21 3.92
C LYS J 44 -13.99 -55.99 4.52
N PRO J 45 -14.34 -54.79 4.07
CA PRO J 45 -13.64 -53.57 4.47
C PRO J 45 -13.54 -53.45 6.00
N LEU J 46 -12.46 -52.81 6.49
CA LEU J 46 -12.20 -52.67 7.93
C LEU J 46 -12.65 -51.31 8.39
N ILE J 47 -13.39 -51.24 9.48
CA ILE J 47 -13.84 -49.95 9.99
C ILE J 47 -13.02 -49.53 11.22
N VAL J 48 -12.61 -48.27 11.25
CA VAL J 48 -11.85 -47.71 12.36
C VAL J 48 -12.43 -46.34 12.75
N GLU J 49 -13.04 -46.23 13.94
CA GLU J 49 -13.72 -45.00 14.33
C GLU J 49 -12.88 -44.20 15.32
N ASN J 50 -13.15 -42.89 15.36
CA ASN J 50 -12.51 -41.90 16.25
C ASN J 50 -11.12 -42.16 16.82
N THR J 51 -11.05 -42.34 18.14
CA THR J 51 -9.78 -42.44 18.85
C THR J 51 -8.79 -43.39 18.22
N GLN J 52 -9.34 -44.41 17.60
CA GLN J 52 -8.57 -45.41 16.92
C GLN J 52 -7.86 -44.97 15.61
N ILE J 53 -8.22 -43.84 15.00
CA ILE J 53 -7.58 -43.48 13.73
C ILE J 53 -6.16 -43.07 13.96
N GLU J 54 -5.99 -42.23 14.97
CA GLU J 54 -4.69 -41.73 15.31
C GLU J 54 -3.75 -42.88 15.67
N ARG J 55 -4.29 -43.87 16.38
CA ARG J 55 -3.52 -45.05 16.71
C ARG J 55 -2.96 -45.72 15.47
N TRP J 56 -3.74 -45.70 14.40
CA TRP J 56 -3.29 -46.27 13.13
C TRP J 56 -2.22 -45.41 12.49
N ILE J 57 -2.35 -44.10 12.65
CA ILE J 57 -1.41 -43.16 12.05
C ILE J 57 -0.02 -43.31 12.65
N ASN J 58 0.09 -43.55 13.95
CA ASN J 58 1.38 -43.83 14.57
C ASN J 58 2.05 -45.03 13.92
N ASN J 59 1.27 -45.98 13.42
CA ASN J 59 1.88 -47.10 12.73
C ASN J 59 2.13 -46.83 11.26
N GLY J 60 1.94 -45.58 10.85
CA GLY J 60 2.38 -45.18 9.53
C GLY J 60 1.29 -45.09 8.48
N LEU J 61 0.04 -45.04 8.91
CA LEU J 61 -1.05 -44.90 7.97
C LEU J 61 -0.99 -43.47 7.49
N TRP J 62 -0.96 -43.29 6.18
CA TRP J 62 -0.93 -41.93 5.63
C TRP J 62 -2.34 -41.33 5.59
N VAL J 63 -2.65 -40.44 6.52
CA VAL J 63 -3.93 -39.80 6.37
C VAL J 63 -3.70 -38.32 6.25
N PRO J 64 -3.63 -37.85 5.01
CA PRO J 64 -3.16 -36.50 4.74
C PRO J 64 -4.16 -35.47 5.20
N ALA J 65 -3.67 -34.44 5.89
CA ALA J 65 -4.51 -33.34 6.37
C ALA J 65 -5.02 -32.42 5.26
N LEU J 66 -6.33 -32.33 5.10
CA LEU J 66 -6.88 -31.38 4.14
C LEU J 66 -7.46 -30.15 4.86
N GLU J 67 -6.89 -28.95 4.68
CA GLU J 67 -7.35 -27.79 5.44
C GLU J 67 -8.54 -27.10 4.79
N PHE J 68 -9.46 -26.59 5.59
CA PHE J 68 -10.49 -25.72 5.06
C PHE J 68 -9.90 -24.31 4.98
N ILE J 69 -9.48 -23.90 3.78
CA ILE J 69 -8.79 -22.63 3.57
C ILE J 69 -9.50 -21.47 4.20
N ASN J 70 -10.80 -21.38 3.96
CA ASN J 70 -11.55 -20.23 4.45
C ASN J 70 -12.28 -20.43 5.75
N VAL J 71 -11.86 -21.41 6.54
CA VAL J 71 -12.50 -21.55 7.85
C VAL J 71 -11.84 -20.65 8.90
N VAL J 72 -12.68 -19.94 9.65
CA VAL J 72 -12.21 -19.08 10.73
C VAL J 72 -12.23 -19.81 12.08
N GLY J 73 -11.05 -20.11 12.61
CA GLY J 73 -10.94 -20.95 13.79
C GLY J 73 -10.94 -22.41 13.41
N SER J 74 -10.65 -23.29 14.35
CA SER J 74 -10.50 -24.66 13.94
C SER J 74 -11.81 -25.34 14.21
N PRO J 75 -12.35 -26.03 13.21
CA PRO J 75 -13.74 -26.49 13.20
C PRO J 75 -14.00 -27.54 14.26
N ASP J 76 -15.24 -27.58 14.74
CA ASP J 76 -15.69 -28.60 15.66
C ASP J 76 -15.80 -29.89 14.88
N THR J 77 -15.06 -30.89 15.30
CA THR J 77 -15.10 -32.15 14.60
C THR J 77 -15.97 -33.15 15.32
N GLY J 78 -16.83 -33.82 14.56
CA GLY J 78 -17.65 -34.87 15.13
C GLY J 78 -16.93 -36.20 15.11
N ASN J 79 -17.64 -37.24 14.69
CA ASN J 79 -17.05 -38.56 14.63
C ASN J 79 -16.13 -38.66 13.47
N LYS J 80 -15.13 -39.51 13.58
CA LYS J 80 -14.25 -39.77 12.46
C LYS J 80 -14.32 -41.25 12.19
N ARG J 81 -14.11 -41.66 10.95
CA ARG J 81 -14.15 -43.07 10.62
C ARG J 81 -13.16 -43.36 9.51
N LEU J 82 -12.49 -44.51 9.58
CA LEU J 82 -11.68 -44.97 8.46
C LEU J 82 -12.30 -46.25 7.93
N MET J 83 -12.46 -46.34 6.61
CA MET J 83 -12.86 -47.59 5.98
C MET J 83 -11.64 -48.07 5.20
N LEU J 84 -11.03 -49.15 5.65
CA LEU J 84 -9.85 -49.69 4.98
C LEU J 84 -10.29 -50.91 4.17
N PHE J 85 -10.19 -50.84 2.85
CA PHE J 85 -10.52 -51.99 2.00
C PHE J 85 -9.25 -52.77 1.70
N PRO J 86 -9.38 -54.05 1.39
CA PRO J 86 -8.14 -54.78 1.19
C PRO J 86 -7.46 -54.39 -0.12
N ASP J 87 -8.24 -53.92 -1.10
CA ASP J 87 -7.69 -53.59 -2.42
C ASP J 87 -6.84 -52.32 -2.43
N GLY J 88 -6.79 -51.65 -1.29
CA GLY J 88 -5.94 -50.48 -1.15
C GLY J 88 -6.74 -49.24 -0.80
N ARG J 89 -7.93 -49.14 -1.37
CA ARG J 89 -8.70 -47.92 -1.27
C ARG J 89 -8.97 -47.60 0.19
N VAL J 90 -8.97 -46.32 0.51
CA VAL J 90 -9.11 -45.89 1.89
C VAL J 90 -10.13 -44.77 1.92
N ILE J 91 -11.09 -44.88 2.82
CA ILE J 91 -12.09 -43.85 2.93
C ILE J 91 -12.12 -43.19 4.30
N TYR J 92 -11.84 -41.88 4.30
CA TYR J 92 -11.91 -41.07 5.49
C TYR J 92 -13.26 -40.37 5.54
N ASN J 93 -13.87 -40.42 6.72
CA ASN J 93 -15.20 -39.93 6.92
C ASN J 93 -15.31 -39.18 8.22
N ALA J 94 -15.80 -37.95 8.17
CA ALA J 94 -15.79 -37.13 9.36
C ALA J 94 -16.92 -36.10 9.35
N ARG J 95 -17.46 -35.78 10.52
CA ARG J 95 -18.43 -34.70 10.59
C ARG J 95 -17.71 -33.47 11.08
N PHE J 96 -18.19 -32.31 10.63
CA PHE J 96 -17.59 -31.04 10.99
C PHE J 96 -18.64 -29.98 11.15
N LEU J 97 -18.35 -29.00 12.00
CA LEU J 97 -19.07 -27.74 12.06
C LEU J 97 -18.02 -26.63 12.11
N GLY J 98 -18.02 -25.76 11.11
CA GLY J 98 -17.01 -24.72 11.05
C GLY J 98 -17.61 -23.35 10.74
N SER J 99 -16.89 -22.29 11.13
CA SER J 99 -17.32 -20.96 10.73
C SER J 99 -16.51 -20.58 9.50
N PHE J 100 -17.20 -20.39 8.40
CA PHE J 100 -16.48 -20.13 7.17
C PHE J 100 -16.56 -18.64 6.83
N SER J 101 -15.53 -18.15 6.13
CA SER J 101 -15.36 -16.74 5.87
C SER J 101 -15.48 -16.53 4.39
N ASN J 102 -16.14 -15.45 3.98
CA ASN J 102 -16.21 -15.08 2.56
C ASN J 102 -16.60 -13.63 2.35
N ASP J 103 -16.12 -13.02 1.27
CA ASP J 103 -16.50 -11.65 0.99
C ASP J 103 -18.00 -11.48 0.84
N MET J 104 -18.58 -10.66 1.72
CA MET J 104 -20.02 -10.43 1.71
C MET J 104 -20.42 -8.94 1.68
N ASP J 105 -21.00 -8.56 0.54
CA ASP J 105 -21.51 -7.23 0.30
C ASP J 105 -22.93 -7.20 0.85
N PHE J 106 -23.21 -6.35 1.82
CA PHE J 106 -24.56 -6.30 2.38
C PHE J 106 -25.28 -5.01 1.97
N ARG J 107 -24.76 -4.28 0.98
CA ARG J 107 -25.32 -2.97 0.67
C ARG J 107 -26.79 -2.96 0.22
N LEU J 108 -27.29 -3.99 -0.47
CA LEU J 108 -28.75 -3.95 -0.70
C LEU J 108 -29.62 -4.80 0.19
N PHE J 109 -29.16 -5.00 1.43
CA PHE J 109 -29.97 -5.62 2.46
C PHE J 109 -31.27 -4.86 2.51
N PRO J 110 -32.39 -5.57 2.67
CA PRO J 110 -32.59 -7.01 2.83
C PRO J 110 -32.82 -7.71 1.51
N PHE J 111 -32.23 -7.20 0.45
CA PHE J 111 -32.42 -7.82 -0.83
C PHE J 111 -31.08 -8.29 -1.36
N ASP J 112 -30.17 -8.61 -0.46
CA ASP J 112 -28.85 -9.04 -0.87
C ASP J 112 -28.91 -10.48 -1.31
N ARG J 113 -28.03 -10.85 -2.23
CA ARG J 113 -27.84 -12.22 -2.60
C ARG J 113 -26.42 -12.50 -2.13
N GLN J 114 -26.22 -13.65 -1.50
CA GLN J 114 -24.91 -14.06 -0.98
C GLN J 114 -24.45 -15.39 -1.53
N GLN J 115 -23.18 -15.71 -1.36
CA GLN J 115 -22.76 -17.07 -1.70
C GLN J 115 -21.92 -17.73 -0.62
N PHE J 116 -22.46 -18.78 -0.02
CA PHE J 116 -21.76 -19.53 1.02
C PHE J 116 -20.77 -20.48 0.32
N VAL J 117 -19.50 -20.36 0.71
CA VAL J 117 -18.42 -21.00 0.00
C VAL J 117 -17.56 -21.84 0.92
N LEU J 118 -17.18 -23.04 0.46
CA LEU J 118 -16.23 -23.86 1.17
C LEU J 118 -15.04 -24.04 0.26
N GLU J 119 -13.84 -23.89 0.81
CA GLU J 119 -12.61 -24.08 0.05
C GLU J 119 -11.70 -25.12 0.68
N LEU J 120 -11.31 -26.15 -0.06
CA LEU J 120 -10.53 -27.27 0.48
C LEU J 120 -9.17 -27.41 -0.22
N GLU J 121 -8.09 -27.60 0.53
CA GLU J 121 -6.74 -27.71 -0.04
C GLU J 121 -5.75 -28.37 0.92
N PRO J 122 -5.00 -29.37 0.45
CA PRO J 122 -4.03 -30.11 1.28
C PRO J 122 -3.08 -29.20 2.00
N PHE J 123 -2.77 -29.53 3.23
CA PHE J 123 -1.98 -28.64 4.06
C PHE J 123 -0.51 -28.73 3.74
N SER J 124 -0.05 -29.92 3.37
CA SER J 124 1.38 -30.16 3.23
C SER J 124 1.81 -30.81 1.93
N TYR J 125 0.84 -31.30 1.16
CA TYR J 125 1.16 -31.97 -0.09
C TYR J 125 0.69 -31.14 -1.28
N ASN J 126 1.60 -30.90 -2.20
CA ASN J 126 1.29 -30.19 -3.41
C ASN J 126 0.66 -31.09 -4.48
N ASN J 127 0.15 -30.46 -5.54
CA ASN J 127 -0.54 -31.12 -6.66
C ASN J 127 0.21 -32.24 -7.38
N GLN J 128 1.52 -32.30 -7.15
CA GLN J 128 2.30 -33.39 -7.69
C GLN J 128 2.33 -34.55 -6.74
N GLN J 129 2.06 -34.22 -5.48
CA GLN J 129 2.06 -35.22 -4.41
C GLN J 129 0.65 -35.75 -4.19
N LEU J 130 -0.31 -34.82 -4.10
CA LEU J 130 -1.74 -35.09 -3.89
C LEU J 130 -2.60 -34.15 -4.79
N ARG J 131 -3.48 -34.74 -5.60
CA ARG J 131 -4.35 -34.02 -6.55
C ARG J 131 -5.78 -34.44 -6.30
N PHE J 132 -6.71 -33.48 -6.33
CA PHE J 132 -8.13 -33.80 -6.15
C PHE J 132 -8.74 -34.28 -7.47
N SER J 133 -9.12 -35.56 -7.52
CA SER J 133 -9.53 -36.16 -8.78
C SER J 133 -10.90 -35.70 -9.20
N ASP J 134 -11.79 -35.45 -8.25
CA ASP J 134 -13.09 -34.86 -8.56
C ASP J 134 -13.81 -34.49 -7.26
N ILE J 135 -14.92 -33.78 -7.36
CA ILE J 135 -15.68 -33.53 -6.16
C ILE J 135 -17.17 -33.32 -6.38
N GLN J 136 -17.96 -34.13 -5.68
CA GLN J 136 -19.40 -33.95 -5.63
C GLN J 136 -19.85 -33.39 -4.25
N VAL J 137 -20.83 -32.50 -4.29
CA VAL J 137 -21.38 -31.90 -3.10
C VAL J 137 -22.86 -32.14 -3.05
N TYR J 138 -23.30 -32.78 -1.99
CA TYR J 138 -24.69 -33.10 -1.86
C TYR J 138 -25.30 -32.07 -0.94
N THR J 139 -26.31 -31.37 -1.42
CA THR J 139 -27.08 -30.54 -0.53
C THR J 139 -28.40 -31.25 -0.31
N GLU J 140 -28.50 -32.01 0.78
CA GLU J 140 -29.74 -32.71 1.16
C GLU J 140 -30.86 -31.69 1.43
N ASN J 141 -31.06 -30.81 0.45
CA ASN J 141 -31.97 -29.69 0.57
C ASN J 141 -33.20 -29.82 -0.32
N ALA J 142 -34.23 -29.04 0.04
CA ALA J 142 -35.51 -28.99 -0.65
C ALA J 142 -36.55 -28.17 0.16
N ASP J 143 -37.66 -27.89 -0.52
CA ASP J 143 -38.96 -27.46 0.02
C ASP J 143 -38.99 -26.34 1.07
N ASN J 144 -40.20 -25.98 1.51
CA ASN J 144 -40.50 -25.11 2.66
C ASN J 144 -39.58 -23.92 2.98
N GLU J 145 -39.06 -23.25 1.96
CA GLU J 145 -38.10 -22.15 2.10
C GLU J 145 -38.65 -21.09 3.05
N GLU J 146 -39.99 -20.98 3.06
CA GLU J 146 -40.72 -19.90 3.70
C GLU J 146 -40.56 -19.75 5.21
N ILE J 147 -39.95 -20.73 5.85
CA ILE J 147 -39.66 -20.73 7.28
C ILE J 147 -38.21 -20.25 7.52
N ASP J 148 -37.39 -20.31 6.48
CA ASP J 148 -35.94 -20.11 6.60
C ASP J 148 -35.48 -18.68 6.32
N GLU J 149 -34.39 -18.30 6.97
CA GLU J 149 -33.81 -16.96 6.82
C GLU J 149 -33.26 -16.80 5.42
N TRP J 150 -32.62 -17.87 4.95
CA TRP J 150 -31.99 -17.92 3.63
C TRP J 150 -32.63 -18.93 2.65
N TRP J 151 -32.68 -18.56 1.37
CA TRP J 151 -33.15 -19.46 0.30
C TRP J 151 -32.04 -19.97 -0.64
N ILE J 152 -31.61 -21.23 -0.50
CA ILE J 152 -30.60 -21.78 -1.42
C ILE J 152 -31.23 -21.86 -2.81
N ARG J 153 -30.51 -21.40 -3.83
CA ARG J 153 -31.15 -21.34 -5.14
C ARG J 153 -30.70 -22.37 -6.18
N GLY J 154 -29.41 -22.42 -6.45
CA GLY J 154 -28.89 -23.32 -7.46
C GLY J 154 -28.64 -24.68 -6.82
N LYS J 155 -27.75 -25.47 -7.40
CA LYS J 155 -27.42 -26.69 -6.71
C LYS J 155 -26.13 -26.49 -5.94
N ALA J 156 -25.01 -26.53 -6.64
CA ALA J 156 -23.75 -26.31 -5.97
C ALA J 156 -22.65 -26.18 -6.97
N SER J 157 -21.91 -25.08 -6.86
CA SER J 157 -20.86 -24.75 -7.81
C SER J 157 -19.56 -25.41 -7.37
N THR J 158 -18.93 -26.08 -8.30
CA THR J 158 -17.79 -26.90 -7.98
C THR J 158 -16.65 -26.62 -8.92
N HIS J 159 -15.46 -26.49 -8.35
CA HIS J 159 -14.28 -26.30 -9.16
C HIS J 159 -13.01 -26.80 -8.51
N ILE J 160 -12.40 -27.81 -9.14
CA ILE J 160 -11.06 -28.27 -8.76
C ILE J 160 -10.08 -27.47 -9.57
N SER J 161 -9.04 -26.95 -8.92
CA SER J 161 -8.08 -26.01 -9.51
C SER J 161 -6.69 -26.08 -8.88
N ASP J 162 -5.75 -25.33 -9.44
CA ASP J 162 -4.39 -25.23 -8.88
C ASP J 162 -3.94 -23.81 -8.48
N ILE J 163 -3.49 -23.66 -7.24
CA ILE J 163 -3.03 -22.38 -6.70
C ILE J 163 -1.51 -22.30 -6.70
N ARG J 164 -0.92 -21.24 -7.26
CA ARG J 164 0.53 -21.17 -7.22
C ARG J 164 0.98 -20.22 -6.16
N TYR J 165 1.93 -20.67 -5.36
CA TYR J 165 2.48 -19.84 -4.30
C TYR J 165 3.88 -19.39 -4.68
N ASP J 166 4.07 -18.09 -4.59
CA ASP J 166 5.26 -17.41 -5.08
C ASP J 166 6.39 -17.43 -4.07
N HIS J 167 6.05 -17.69 -2.81
CA HIS J 167 7.03 -17.87 -1.73
C HIS J 167 6.56 -18.91 -0.73
N LEU J 168 7.21 -20.08 -0.73
CA LEU J 168 6.83 -21.19 0.14
C LEU J 168 7.98 -21.81 0.93
N SER J 169 8.05 -23.14 0.89
CA SER J 169 9.04 -23.87 1.65
C SER J 169 10.40 -23.68 1.00
N SER J 170 11.39 -24.49 1.41
CA SER J 170 12.69 -24.43 0.76
C SER J 170 12.69 -25.27 -0.50
N VAL J 171 11.51 -25.38 -1.12
CA VAL J 171 11.34 -26.09 -2.39
C VAL J 171 10.97 -25.14 -3.54
N GLN J 172 11.73 -25.22 -4.65
CA GLN J 172 11.54 -24.31 -5.78
C GLN J 172 11.07 -24.91 -7.13
N PRO J 173 11.62 -26.08 -7.56
CA PRO J 173 11.38 -26.57 -8.93
C PRO J 173 9.92 -26.51 -9.42
N ASN J 174 9.01 -27.23 -8.77
CA ASN J 174 7.62 -27.12 -9.18
C ASN J 174 6.64 -27.50 -8.08
N GLN J 175 7.15 -27.63 -6.86
CA GLN J 175 6.30 -28.03 -5.75
C GLN J 175 5.64 -26.82 -5.12
N ASN J 176 4.98 -26.01 -5.94
CA ASN J 176 4.49 -24.72 -5.49
C ASN J 176 3.11 -24.45 -5.98
N GLU J 177 2.47 -25.54 -6.40
CA GLU J 177 1.09 -25.50 -6.83
C GLU J 177 0.32 -26.53 -5.96
N PHE J 178 -0.67 -26.08 -5.21
CA PHE J 178 -1.49 -27.00 -4.41
C PHE J 178 -2.84 -27.12 -5.08
N SER J 179 -3.48 -28.30 -5.00
CA SER J 179 -4.81 -28.44 -5.62
C SER J 179 -5.98 -28.08 -4.69
N ARG J 180 -6.94 -27.31 -5.20
CA ARG J 180 -8.01 -26.74 -4.38
C ARG J 180 -9.43 -27.02 -4.86
N ILE J 181 -10.26 -27.57 -3.96
CA ILE J 181 -11.67 -27.74 -4.23
C ILE J 181 -12.41 -26.52 -3.74
N THR J 182 -13.22 -25.91 -4.60
CA THR J 182 -14.02 -24.78 -4.14
C THR J 182 -15.49 -25.06 -4.38
N VAL J 183 -16.26 -25.10 -3.29
CA VAL J 183 -17.69 -25.32 -3.40
C VAL J 183 -18.43 -24.01 -3.16
N ARG J 184 -19.31 -23.66 -4.10
CA ARG J 184 -20.11 -22.45 -4.01
C ARG J 184 -21.61 -22.71 -4.00
N ILE J 185 -22.30 -22.12 -3.02
CA ILE J 185 -23.74 -22.26 -2.86
C ILE J 185 -24.44 -20.90 -2.86
N ASP J 186 -25.29 -20.65 -3.85
CA ASP J 186 -25.97 -19.36 -3.93
C ASP J 186 -27.21 -19.26 -3.05
N ALA J 187 -27.42 -18.07 -2.50
CA ALA J 187 -28.57 -17.88 -1.65
C ALA J 187 -29.13 -16.47 -1.78
N VAL J 188 -30.39 -16.33 -1.40
CA VAL J 188 -31.04 -15.03 -1.31
C VAL J 188 -31.58 -14.87 0.09
N ARG J 189 -31.60 -13.64 0.57
CA ARG J 189 -32.17 -13.35 1.88
C ARG J 189 -33.68 -13.36 1.81
N ASN J 190 -34.33 -13.96 2.80
CA ASN J 190 -35.79 -13.90 2.90
C ASN J 190 -36.18 -12.52 3.38
N PRO J 191 -36.74 -11.68 2.47
CA PRO J 191 -36.96 -10.27 2.78
C PRO J 191 -38.25 -10.02 3.54
N SER J 192 -39.08 -11.06 3.69
CA SER J 192 -40.46 -10.87 4.14
C SER J 192 -40.61 -10.06 5.44
N TYR J 193 -39.83 -10.39 6.47
CA TYR J 193 -39.96 -9.65 7.71
C TYR J 193 -39.71 -8.16 7.48
N TYR J 194 -38.64 -7.85 6.74
CA TYR J 194 -38.26 -6.45 6.56
C TYR J 194 -39.27 -5.75 5.65
N LEU J 195 -39.85 -6.51 4.73
CA LEU J 195 -40.85 -5.92 3.84
C LEU J 195 -42.04 -5.40 4.61
N TRP J 196 -42.70 -6.29 5.33
CA TRP J 196 -43.94 -5.92 5.99
C TRP J 196 -43.74 -5.14 7.28
N SER J 197 -42.65 -5.39 8.00
CA SER J 197 -42.46 -4.73 9.28
C SER J 197 -41.48 -3.53 9.33
N PHE J 198 -40.70 -3.31 8.26
CA PHE J 198 -39.78 -2.15 8.21
C PHE J 198 -40.08 -1.19 7.08
N ILE J 199 -40.11 -1.70 5.85
CA ILE J 199 -40.38 -0.85 4.70
C ILE J 199 -41.81 -0.24 4.76
N LEU J 200 -42.84 -1.09 4.87
CA LEU J 200 -44.24 -0.63 4.83
C LEU J 200 -44.55 0.44 5.89
N PRO J 201 -44.31 0.15 7.19
CA PRO J 201 -44.61 1.25 8.10
C PRO J 201 -43.79 2.52 7.83
N LEU J 202 -42.51 2.38 7.52
CA LEU J 202 -41.65 3.53 7.26
C LEU J 202 -42.16 4.42 6.10
N GLY J 203 -42.67 3.80 5.04
CA GLY J 203 -43.31 4.53 3.97
C GLY J 203 -44.52 5.31 4.47
N LEU J 204 -45.40 4.64 5.22
CA LEU J 204 -46.57 5.29 5.80
C LEU J 204 -46.18 6.43 6.73
N ILE J 205 -45.10 6.26 7.48
CA ILE J 205 -44.54 7.33 8.30
C ILE J 205 -44.19 8.51 7.41
N ILE J 206 -43.32 8.28 6.41
CA ILE J 206 -42.91 9.34 5.50
C ILE J 206 -44.13 9.95 4.85
N ALA J 207 -45.01 9.09 4.36
CA ALA J 207 -46.22 9.54 3.68
C ALA J 207 -47.07 10.38 4.63
N ALA J 208 -47.45 9.83 5.78
CA ALA J 208 -48.28 10.57 6.73
C ALA J 208 -47.55 11.80 7.29
N SER J 209 -46.22 11.74 7.32
CA SER J 209 -45.42 12.92 7.66
C SER J 209 -45.74 14.09 6.75
N TRP J 210 -45.95 13.81 5.47
CA TRP J 210 -46.23 14.87 4.51
C TRP J 210 -47.60 15.51 4.74
N SER J 211 -48.47 14.87 5.53
CA SER J 211 -49.80 15.45 5.72
C SER J 211 -49.69 16.64 6.68
N VAL J 212 -48.45 16.92 7.09
CA VAL J 212 -48.14 18.07 7.92
C VAL J 212 -48.51 19.35 7.17
N PHE J 213 -48.51 19.29 5.83
CA PHE J 213 -48.85 20.44 4.99
C PHE J 213 -50.35 20.68 4.86
N TRP J 214 -51.16 19.72 5.26
CA TRP J 214 -52.60 19.93 5.28
C TRP J 214 -53.11 20.73 6.48
N LEU J 215 -52.19 21.15 7.35
CA LEU J 215 -52.58 21.94 8.51
C LEU J 215 -52.79 23.42 8.15
N GLU J 216 -53.71 24.07 8.88
CA GLU J 216 -54.16 25.44 8.58
C GLU J 216 -53.19 26.59 8.92
N SER J 217 -52.72 26.67 10.15
CA SER J 217 -51.76 27.69 10.56
C SER J 217 -50.33 27.41 10.15
N PHE J 218 -49.49 28.42 10.26
CA PHE J 218 -48.06 28.30 10.10
C PHE J 218 -47.49 27.66 11.35
N SER J 219 -47.94 28.18 12.48
CA SER J 219 -47.50 27.70 13.79
C SER J 219 -47.84 26.23 14.01
N GLU J 220 -49.03 25.78 13.62
CA GLU J 220 -49.33 24.34 13.68
C GLU J 220 -48.37 23.55 12.78
N ARG J 221 -48.23 24.05 11.56
CA ARG J 221 -47.41 23.39 10.57
C ARG J 221 -46.00 23.22 11.07
N LEU J 222 -45.43 24.29 11.61
CA LEU J 222 -44.03 24.28 11.99
C LEU J 222 -43.77 23.45 13.24
N GLN J 223 -44.62 23.62 14.25
CA GLN J 223 -44.47 22.86 15.47
C GLN J 223 -44.71 21.36 15.30
N THR J 224 -45.70 20.99 14.48
CA THR J 224 -46.03 19.58 14.27
C THR J 224 -44.88 18.74 13.64
N SER J 225 -44.13 19.33 12.72
CA SER J 225 -43.06 18.60 12.09
C SER J 225 -41.89 18.25 13.05
N PHE J 226 -41.84 18.93 14.21
CA PHE J 226 -40.87 18.53 15.23
C PHE J 226 -41.25 17.19 15.83
N THR J 227 -42.56 16.97 15.95
CA THR J 227 -43.06 15.70 16.38
C THR J 227 -42.72 14.71 15.30
N LEU J 228 -42.95 15.12 14.05
CA LEU J 228 -42.61 14.29 12.90
C LEU J 228 -41.14 13.99 12.90
N MET J 229 -40.32 14.99 13.20
CA MET J 229 -38.88 14.78 13.27
C MET J 229 -38.57 13.75 14.33
N LEU J 230 -39.26 13.86 15.46
CA LEU J 230 -39.13 12.94 16.62
C LEU J 230 -39.59 11.51 16.29
N THR J 231 -40.64 11.36 15.49
CA THR J 231 -41.14 10.05 15.02
C THR J 231 -40.07 9.28 14.21
N VAL J 232 -39.46 9.97 13.27
CA VAL J 232 -38.42 9.35 12.53
C VAL J 232 -37.28 8.93 13.47
N VAL J 233 -36.93 9.75 14.46
CA VAL J 233 -35.81 9.42 15.34
C VAL J 233 -36.10 8.14 16.06
N ALA J 234 -37.32 8.03 16.59
CA ALA J 234 -37.75 6.81 17.27
C ALA J 234 -37.61 5.63 16.33
N TYR J 235 -38.02 5.84 15.09
CA TYR J 235 -38.01 4.79 14.10
C TYR J 235 -36.58 4.37 13.79
N ALA J 236 -35.68 5.34 13.77
CA ALA J 236 -34.27 5.06 13.51
C ALA J 236 -33.80 4.07 14.54
N SER J 237 -34.18 4.29 15.80
CA SER J 237 -33.77 3.42 16.89
C SER J 237 -34.31 2.00 16.72
N TYR J 238 -35.61 1.89 16.46
CA TYR J 238 -36.26 0.62 16.16
C TYR J 238 -35.52 -0.08 15.01
N THR J 239 -35.17 0.64 13.96
CA THR J 239 -34.36 0.05 12.90
C THR J 239 -33.04 -0.52 13.48
N SER J 240 -32.33 0.33 14.21
CA SER J 240 -30.98 0.07 14.74
C SER J 240 -30.87 -1.16 15.56
N ASN J 241 -31.87 -1.26 16.40
CA ASN J 241 -31.92 -2.28 17.38
C ASN J 241 -32.01 -3.65 16.70
N ILE J 242 -32.62 -3.66 15.53
CA ILE J 242 -32.96 -4.91 14.88
C ILE J 242 -31.97 -5.31 13.79
N LEU J 243 -31.64 -4.37 12.91
CA LEU J 243 -30.81 -4.63 11.75
C LEU J 243 -29.37 -5.04 12.05
N PRO J 244 -28.75 -5.86 11.18
CA PRO J 244 -27.41 -6.41 11.40
C PRO J 244 -26.37 -5.31 11.50
N ARG J 245 -25.34 -5.47 12.32
CA ARG J 245 -24.32 -4.42 12.35
C ARG J 245 -23.37 -4.42 11.12
N LEU J 246 -23.29 -3.30 10.43
CA LEU J 246 -22.47 -3.20 9.24
C LEU J 246 -21.66 -1.91 9.24
N PRO J 247 -20.64 -1.82 8.39
CA PRO J 247 -19.88 -0.58 8.23
C PRO J 247 -20.20 0.26 6.97
N TYR J 248 -21.39 0.08 6.41
CA TYR J 248 -21.81 0.91 5.30
C TYR J 248 -23.32 1.00 5.34
N THR J 249 -23.92 1.93 4.62
CA THR J 249 -25.38 2.01 4.70
C THR J 249 -26.02 0.93 3.88
N THR J 250 -27.17 0.44 4.35
CA THR J 250 -28.02 -0.48 3.60
C THR J 250 -29.22 0.27 3.00
N VAL J 251 -30.01 -0.43 2.19
CA VAL J 251 -31.22 0.14 1.59
C VAL J 251 -32.15 0.73 2.66
N ILE J 252 -32.32 0.00 3.76
CA ILE J 252 -33.10 0.51 4.86
C ILE J 252 -32.44 1.73 5.51
N ASP J 253 -31.12 1.67 5.74
CA ASP J 253 -30.39 2.81 6.32
C ASP J 253 -30.65 4.05 5.49
N GLN J 254 -30.67 3.86 4.18
CA GLN J 254 -30.91 4.93 3.25
C GLN J 254 -32.32 5.48 3.33
N MET J 255 -33.30 4.62 3.57
CA MET J 255 -34.69 5.06 3.69
C MET J 255 -34.83 6.06 4.84
N ILE J 256 -34.18 5.77 5.95
CA ILE J 256 -34.11 6.66 7.10
C ILE J 256 -33.51 8.02 6.80
N ILE J 257 -32.33 8.03 6.18
CA ILE J 257 -31.72 9.29 5.75
C ILE J 257 -32.79 10.05 4.93
N ALA J 258 -33.42 9.34 4.01
CA ALA J 258 -34.48 9.91 3.17
C ALA J 258 -35.63 10.46 4.01
N GLY J 259 -35.98 9.75 5.08
CA GLY J 259 -36.99 10.22 5.99
C GLY J 259 -36.60 11.48 6.73
N TYR J 260 -35.39 11.48 7.26
CA TYR J 260 -34.79 12.67 7.87
C TYR J 260 -34.73 13.84 6.88
N GLY J 261 -34.40 13.54 5.63
CA GLY J 261 -34.35 14.57 4.61
C GLY J 261 -35.72 15.20 4.38
N SER J 262 -36.73 14.34 4.18
CA SER J 262 -38.08 14.81 3.84
C SER J 262 -38.69 15.78 4.86
N ILE J 263 -38.50 15.48 6.14
CA ILE J 263 -39.01 16.32 7.21
C ILE J 263 -38.31 17.67 7.35
N PHE J 264 -36.99 17.65 7.34
CA PHE J 264 -36.18 18.86 7.40
C PHE J 264 -36.42 19.73 6.16
N ALA J 265 -36.72 19.07 5.05
CA ALA J 265 -37.06 19.78 3.84
C ALA J 265 -38.36 20.51 4.07
N ALA J 266 -39.33 19.79 4.62
CA ALA J 266 -40.65 20.33 4.88
C ALA J 266 -40.59 21.54 5.80
N ILE J 267 -39.67 21.52 6.77
CA ILE J 267 -39.42 22.67 7.64
C ILE J 267 -39.03 23.88 6.82
N LEU J 268 -38.03 23.70 5.95
CA LEU J 268 -37.58 24.78 5.07
C LEU J 268 -38.74 25.28 4.18
N LEU J 269 -39.40 24.37 3.47
CA LEU J 269 -40.58 24.73 2.69
C LEU J 269 -41.62 25.45 3.54
N ILE J 270 -41.86 24.95 4.76
CA ILE J 270 -42.83 25.55 5.67
C ILE J 270 -42.47 26.96 6.14
N ILE J 271 -41.24 27.16 6.56
CA ILE J 271 -40.85 28.50 6.94
C ILE J 271 -40.91 29.42 5.73
N PHE J 272 -40.42 28.94 4.59
CA PHE J 272 -40.37 29.77 3.39
C PHE J 272 -41.76 30.26 2.95
N ALA J 273 -42.75 29.38 2.95
CA ALA J 273 -44.14 29.75 2.66
C ALA J 273 -44.59 30.97 3.43
N HIS J 274 -44.19 31.03 4.69
CA HIS J 274 -44.60 32.09 5.58
C HIS J 274 -43.81 33.38 5.32
N HIS J 275 -42.49 33.28 5.33
CA HIS J 275 -41.66 34.47 5.32
C HIS J 275 -41.23 34.97 3.93
N ARG J 276 -41.64 34.28 2.87
CA ARG J 276 -41.50 34.84 1.53
C ARG J 276 -42.73 35.73 1.31
N GLN J 277 -42.59 37.00 1.70
CA GLN J 277 -43.70 37.94 1.78
C GLN J 277 -43.26 39.39 1.61
N ALA J 278 -44.22 40.30 1.63
CA ALA J 278 -43.93 41.72 1.69
C ALA J 278 -44.59 42.29 2.94
N ASN J 279 -44.92 41.40 3.88
CA ASN J 279 -45.60 41.78 5.13
C ASN J 279 -45.28 40.91 6.35
N GLY J 280 -45.55 39.60 6.28
CA GLY J 280 -45.32 38.73 7.41
C GLY J 280 -46.09 37.42 7.42
N VAL J 281 -47.39 37.50 7.12
CA VAL J 281 -48.25 36.31 7.12
C VAL J 281 -48.84 36.07 5.72
N GLU J 282 -48.18 36.58 4.69
CA GLU J 282 -48.54 36.23 3.32
C GLU J 282 -48.07 34.79 3.08
N ASP J 283 -48.88 33.83 3.51
CA ASP J 283 -48.60 32.42 3.27
C ASP J 283 -48.87 32.08 1.80
N ASP J 284 -47.82 31.65 1.09
CA ASP J 284 -47.91 31.36 -0.34
C ASP J 284 -48.96 30.31 -0.63
N LEU J 285 -50.15 30.74 -1.06
CA LEU J 285 -51.28 29.86 -1.33
C LEU J 285 -50.95 28.60 -2.15
N LEU J 286 -49.97 28.73 -3.05
CA LEU J 286 -49.58 27.60 -3.85
C LEU J 286 -48.56 26.74 -3.12
N ILE J 287 -47.56 27.34 -2.50
CA ILE J 287 -46.55 26.53 -1.84
C ILE J 287 -47.09 25.80 -0.60
N GLN J 288 -48.08 26.38 0.08
CA GLN J 288 -48.74 25.70 1.20
C GLN J 288 -49.56 24.56 0.59
N ARG J 289 -49.83 24.65 -0.72
CA ARG J 289 -50.44 23.56 -1.50
C ARG J 289 -49.40 22.67 -2.18
N CYS J 290 -48.25 22.48 -1.53
CA CYS J 290 -47.31 21.44 -1.93
C CYS J 290 -47.75 20.15 -1.23
N ARG J 291 -49.06 20.01 -1.12
CA ARG J 291 -49.72 18.82 -0.66
C ARG J 291 -49.69 17.75 -1.77
N LEU J 292 -49.50 18.19 -3.02
CA LEU J 292 -49.35 17.30 -4.17
C LEU J 292 -47.93 17.34 -4.77
N ALA J 293 -47.23 18.45 -4.54
CA ALA J 293 -45.89 18.67 -5.11
C ALA J 293 -44.87 17.61 -4.71
N PHE J 294 -44.33 17.71 -3.50
CA PHE J 294 -43.24 16.79 -3.11
C PHE J 294 -43.59 15.37 -2.59
N PRO J 295 -44.89 15.01 -2.51
CA PRO J 295 -45.10 13.56 -2.47
C PRO J 295 -44.65 12.80 -3.74
N LEU J 296 -44.88 13.36 -4.92
CA LEU J 296 -44.46 12.73 -6.17
C LEU J 296 -43.05 13.16 -6.60
N GLY J 297 -42.51 14.19 -5.95
CA GLY J 297 -41.12 14.57 -6.15
C GLY J 297 -40.18 13.59 -5.46
N PHE J 298 -40.65 12.99 -4.37
CA PHE J 298 -39.88 12.00 -3.62
C PHE J 298 -39.79 10.75 -4.50
N LEU J 299 -40.71 10.64 -5.46
CA LEU J 299 -40.76 9.52 -6.40
C LEU J 299 -39.60 9.51 -7.40
N ALA J 300 -39.09 10.70 -7.74
CA ALA J 300 -37.94 10.79 -8.63
C ALA J 300 -36.69 10.36 -7.85
N ILE J 301 -36.56 10.91 -6.65
CA ILE J 301 -35.49 10.59 -5.70
C ILE J 301 -35.56 9.11 -5.27
N GLY J 302 -36.74 8.52 -5.39
CA GLY J 302 -36.89 7.10 -5.14
C GLY J 302 -36.12 6.28 -6.17
N CYS J 303 -36.09 6.75 -7.41
CA CYS J 303 -35.35 6.06 -8.48
C CYS J 303 -33.86 6.39 -8.46
N VAL J 304 -33.35 6.78 -7.30
CA VAL J 304 -31.92 7.00 -7.12
C VAL J 304 -31.21 5.65 -6.93
N LEU J 305 -31.83 4.76 -6.16
CA LEU J 305 -31.30 3.39 -5.98
C LEU J 305 -31.43 2.52 -7.23
N VAL J 306 -32.34 2.91 -8.13
CA VAL J 306 -32.52 2.21 -9.40
C VAL J 306 -31.46 2.61 -10.41
N ILE J 307 -30.93 3.82 -10.26
CA ILE J 307 -29.86 4.33 -11.11
C ILE J 307 -28.55 3.68 -10.71
#